data_9OG5
#
_entry.id   9OG5
#
_cell.length_a   1.00
_cell.length_b   1.00
_cell.length_c   1.00
_cell.angle_alpha   90.00
_cell.angle_beta   90.00
_cell.angle_gamma   90.00
#
_symmetry.space_group_name_H-M   'P 1'
#
loop_
_entity.id
_entity.type
_entity.pdbx_description
1 polymer 'Spike glycoprotein'
2 branched 2-acetamido-2-deoxy-beta-D-glucopyranose-(1-4)-2-acetamido-2-deoxy-beta-D-glucopyranose
3 branched beta-D-mannopyranose-(1-4)-2-acetamido-2-deoxy-beta-D-glucopyranose-(1-4)-2-acetamido-2-deoxy-beta-D-glucopyranose
4 non-polymer 2-acetamido-2-deoxy-beta-D-glucopyranose
#
_entity_poly.entity_id   1
_entity_poly.type   'polypeptide(L)'
_entity_poly.pdbx_seq_one_letter_code
;MFVFLVLLPLVSSQCVNLTTRTQLPPAYTNSFTRGVYYPDKVFRSSVLHSTQDLFLPFFSNVTWFHAIHVSGTNGTKRFD
NPVLPFNDGVYFASTEKSNIIRGWIFGTTLDSKTQSLLIVNNATNVVIKVCEFQFCNDPFLGVYYHKNNKSWMESEFRVY
SSANNCTFEYVSQPFLMDLEGKQGNFKNLREFVFKNIDGYFKIYSKHTPINLVRDLPQGFSALEPLVDLPIGINITRFQT
LLALHRSYLTPGDSSSGWTAGAAAYYVGYLQPRTFLLKYNENGTITDAVDCALDPLSETKCTLKSFTVEKGIYQTSNFRV
QPTESIVRFPNITNLCPFGEVFNATRFASVYAWNRKRISNCVADYSVLYNSASFSTFKCYGVSPTKLNDLCFTNVYADSF
VIRGDEVRQIAPGQTGKIADYNYKLPDDFTGCVIAWNSNNLDSKVGGNYNYLYRLFRKSNLKPFERDISTEIYQAGSTPC
NGVEGFNCYFPLQSYGFQPTNGVGYQPYRVVVLSFELLHAPATVCGPKKSTNLVKNKCVNFNFNGLTGTGVLTESNKKFL
PFQQFGRDIADTTDAVRDPQTLEILDITPCSFGGVSVITPGTNTSNQVAVLYQDVNCTEVPVAIHADQLTPTWRVYSTGS
NVFQTRAGCLIGAEHVNNSYECDIPIGAGICASYQTQTNSPGSASSVASQSIIAYTMSLGAENSCAYSNNSIAIPTNFTI
SVTTEILPVSMTKTSVDCTMYICGDSTECSNLLLQYGSFCTQLNRALTGIAVEQDKNTQEVFAQVKQIYKTPPIKDFGGF
NFSQILPDPSKPSKRSPIEDLLFNKVTLADAGFIKQYGDCLGDIAARDLICAQKFNGLTVLPPLLTDEMIAQYTSALLAG
TICSGWTFGAGPALQIPFPMQMAYRFNGIGVTQNVLYENQKLIANQFNSAIGKIQDSLSSTPSALGKLQDVVNQNAQALN
TLVKQLSSNFGAISSVLNDILSRLDPPEAEVQIDRLITGRLQSLQTYVTQQLIRAAEIRASANLAATKMSECVLGQSKRV
DFCGKGYHLMSFPQSAPHGVVFLHVTYVPAQEKNFTTAPAICHDGKAHFPREGVFVSNGTHWFVTQRNFYEPQIITTDNT
FVSGNCDVVIGIVNNTVYDPLQPELDSFKEELDKYFKNHTSPDVDLGDISGINASVVNIQKEIDRLNEVAKNLNESLIDL
QELGKYEQGSGYIPEAPRDGQAYVRKDGEWVLLSTFLGRSLEVLFQGPGSAWSHPQFEKGGGSGGGGSGGSAWSHPQFEK
;
_entity_poly.pdbx_strand_id   A,C,B
#
loop_
_chem_comp.id
_chem_comp.type
_chem_comp.name
_chem_comp.formula
BMA D-saccharide, beta linking beta-D-mannopyranose 'C6 H12 O6'
NAG D-saccharide, beta linking 2-acetamido-2-deoxy-beta-D-glucopyranose 'C8 H15 N O6'
#
# COMPACT_ATOMS: atom_id res chain seq x y z
N CYS A 15 51.30 -10.40 -53.93
CA CYS A 15 50.71 -11.55 -53.25
C CYS A 15 50.49 -12.71 -54.20
N VAL A 16 49.99 -13.82 -53.68
CA VAL A 16 49.66 -14.99 -54.48
C VAL A 16 48.19 -14.91 -54.85
N ASN A 17 47.90 -14.78 -56.15
CA ASN A 17 46.53 -14.71 -56.64
C ASN A 17 45.79 -16.03 -56.51
N LEU A 18 46.48 -17.12 -56.19
CA LEU A 18 45.86 -18.43 -56.15
C LEU A 18 44.77 -18.50 -55.08
N THR A 19 43.64 -19.08 -55.44
CA THR A 19 42.52 -19.25 -54.51
C THR A 19 42.06 -20.70 -54.49
N THR A 20 40.90 -20.95 -53.87
CA THR A 20 40.28 -22.27 -53.78
C THR A 20 41.28 -23.33 -53.28
N ARG A 21 41.74 -23.11 -52.05
CA ARG A 21 42.62 -24.08 -51.41
C ARG A 21 41.93 -25.42 -51.24
N THR A 22 40.67 -25.41 -50.82
CA THR A 22 39.88 -26.63 -50.70
C THR A 22 38.43 -26.28 -50.98
N GLN A 23 37.92 -26.69 -52.14
CA GLN A 23 36.56 -26.38 -52.55
C GLN A 23 35.61 -27.36 -51.87
N LEU A 24 35.04 -26.96 -50.74
CA LEU A 24 34.13 -27.79 -49.97
C LEU A 24 32.93 -26.96 -49.54
N PRO A 25 31.76 -27.58 -49.41
CA PRO A 25 30.60 -26.85 -48.90
C PRO A 25 30.77 -26.52 -47.44
N PRO A 26 30.12 -25.46 -46.94
CA PRO A 26 30.27 -25.12 -45.52
C PRO A 26 29.56 -26.13 -44.63
N ALA A 27 30.30 -26.69 -43.68
CA ALA A 27 29.76 -27.63 -42.72
C ALA A 27 29.26 -26.89 -41.48
N TYR A 28 28.40 -27.57 -40.72
CA TYR A 28 27.84 -27.02 -39.49
C TYR A 28 27.97 -28.06 -38.38
N THR A 29 28.41 -27.61 -37.21
CA THR A 29 28.52 -28.43 -36.01
C THR A 29 27.65 -27.83 -34.91
N ASN A 30 27.74 -28.43 -33.73
CA ASN A 30 26.94 -28.02 -32.57
C ASN A 30 27.79 -27.13 -31.67
N SER A 31 27.28 -25.94 -31.37
CA SER A 31 28.01 -24.99 -30.54
C SER A 31 28.12 -25.43 -29.09
N PHE A 32 27.19 -26.26 -28.62
CA PHE A 32 27.20 -26.82 -27.26
C PHE A 32 27.13 -25.66 -26.26
N THR A 33 27.68 -25.87 -25.07
CA THR A 33 27.60 -24.88 -23.99
C THR A 33 28.77 -23.89 -24.02
N ARG A 34 29.72 -24.04 -24.92
CA ARG A 34 30.88 -23.18 -24.96
C ARG A 34 30.50 -21.76 -25.40
N GLY A 35 31.32 -20.79 -24.99
CA GLY A 35 31.15 -19.43 -25.45
C GLY A 35 30.53 -18.49 -24.43
N VAL A 36 30.96 -18.57 -23.18
CA VAL A 36 30.47 -17.70 -22.11
C VAL A 36 31.66 -16.99 -21.48
N TYR A 37 31.57 -15.67 -21.36
CA TYR A 37 32.66 -14.84 -20.86
C TYR A 37 32.19 -14.02 -19.66
N TYR A 38 33.14 -13.43 -18.96
CA TYR A 38 32.82 -12.51 -17.88
C TYR A 38 32.34 -11.18 -18.46
N PRO A 39 31.12 -10.74 -18.15
CA PRO A 39 30.57 -9.53 -18.80
C PRO A 39 30.90 -8.22 -18.11
N ASP A 40 31.76 -8.21 -17.10
CA ASP A 40 32.08 -6.98 -16.38
C ASP A 40 33.45 -7.15 -15.72
N LYS A 41 33.79 -6.21 -14.85
CA LYS A 41 35.04 -6.24 -14.08
C LYS A 41 34.75 -6.31 -12.59
N VAL A 42 33.81 -7.17 -12.22
CA VAL A 42 33.34 -7.27 -10.84
C VAL A 42 33.44 -8.73 -10.40
N PHE A 43 34.00 -8.95 -9.22
CA PHE A 43 34.15 -10.29 -8.65
C PHE A 43 32.94 -10.60 -7.77
N ARG A 44 32.26 -11.70 -8.08
CA ARG A 44 31.13 -12.16 -7.30
C ARG A 44 31.34 -13.62 -6.92
N SER A 45 31.06 -13.96 -5.67
CA SER A 45 31.30 -15.31 -5.14
C SER A 45 29.97 -15.90 -4.70
N SER A 46 29.63 -17.07 -5.26
CA SER A 46 28.43 -17.82 -4.89
C SER A 46 27.17 -16.95 -5.05
N VAL A 47 27.10 -16.19 -6.15
CA VAL A 47 25.99 -15.30 -6.42
C VAL A 47 25.49 -15.59 -7.84
N LEU A 48 24.18 -15.74 -7.97
CA LEU A 48 23.53 -15.91 -9.28
C LEU A 48 23.14 -14.54 -9.79
N HIS A 49 23.78 -14.11 -10.88
CA HIS A 49 23.59 -12.78 -11.45
C HIS A 49 22.97 -12.89 -12.83
N SER A 50 22.10 -11.95 -13.15
CA SER A 50 21.45 -11.87 -14.46
C SER A 50 22.05 -10.70 -15.22
N THR A 51 22.63 -10.99 -16.38
CA THR A 51 23.31 -9.99 -17.21
C THR A 51 22.72 -9.97 -18.61
N GLN A 52 22.57 -8.77 -19.16
CA GLN A 52 22.10 -8.57 -20.53
C GLN A 52 23.29 -8.12 -21.36
N ASP A 53 23.82 -9.02 -22.18
CA ASP A 53 24.99 -8.74 -22.99
C ASP A 53 24.98 -9.67 -24.20
N LEU A 54 25.82 -9.35 -25.18
CA LEU A 54 25.93 -10.18 -26.38
C LEU A 54 26.57 -11.51 -26.02
N PHE A 55 25.76 -12.57 -25.97
CA PHE A 55 26.22 -13.89 -25.59
C PHE A 55 25.92 -14.87 -26.72
N LEU A 56 26.74 -15.90 -26.82
CA LEU A 56 26.53 -16.94 -27.83
C LEU A 56 25.35 -17.82 -27.41
N PRO A 57 24.33 -17.97 -28.26
CA PRO A 57 23.19 -18.82 -27.89
C PRO A 57 23.61 -20.26 -27.66
N PHE A 58 22.99 -20.90 -26.67
CA PHE A 58 23.28 -22.29 -26.35
C PHE A 58 22.67 -23.22 -27.38
N PHE A 59 23.41 -24.29 -27.70
CA PHE A 59 22.96 -25.32 -28.63
C PHE A 59 22.57 -24.72 -29.98
N SER A 60 23.48 -23.93 -30.54
CA SER A 60 23.27 -23.25 -31.80
C SER A 60 24.09 -23.93 -32.89
N ASN A 61 23.98 -23.40 -34.11
CA ASN A 61 24.69 -23.91 -35.27
C ASN A 61 25.91 -23.03 -35.52
N VAL A 62 27.10 -23.57 -35.26
CA VAL A 62 28.36 -22.85 -35.45
C VAL A 62 29.00 -23.35 -36.74
N THR A 63 29.40 -22.42 -37.59
CA THR A 63 29.86 -22.75 -38.93
C THR A 63 31.29 -23.30 -38.89
N TRP A 64 31.50 -24.42 -39.57
CA TRP A 64 32.81 -25.05 -39.70
C TRP A 64 33.39 -24.78 -41.08
N PHE A 65 34.70 -24.59 -41.13
CA PHE A 65 35.42 -24.32 -42.38
C PHE A 65 36.54 -25.34 -42.53
N HIS A 66 36.29 -26.39 -43.30
CA HIS A 66 37.30 -27.42 -43.55
C HIS A 66 37.28 -27.86 -45.02
N PHE A 79 43.05 -24.57 -44.96
CA PHE A 79 42.26 -25.23 -45.99
C PHE A 79 41.29 -24.25 -46.64
N ASP A 80 40.75 -23.32 -45.84
CA ASP A 80 39.85 -22.29 -46.33
C ASP A 80 40.18 -20.97 -45.66
N ASN A 81 40.14 -19.89 -46.45
CA ASN A 81 40.30 -18.52 -45.93
C ASN A 81 39.24 -17.62 -46.53
N PRO A 82 37.98 -17.80 -46.13
CA PRO A 82 36.91 -16.90 -46.60
C PRO A 82 36.71 -15.71 -45.68
N VAL A 83 36.14 -14.66 -46.26
CA VAL A 83 35.83 -13.45 -45.51
C VAL A 83 34.40 -13.56 -45.00
N LEU A 84 34.21 -13.37 -43.70
CA LEU A 84 32.93 -13.63 -43.06
C LEU A 84 32.34 -12.35 -42.47
N PRO A 85 31.02 -12.23 -42.43
CA PRO A 85 30.41 -11.06 -41.81
C PRO A 85 30.61 -11.05 -40.30
N PHE A 86 30.59 -9.84 -39.73
CA PHE A 86 30.79 -9.66 -38.30
C PHE A 86 29.48 -9.64 -37.53
N ASN A 87 28.43 -9.06 -38.11
CA ASN A 87 27.13 -8.92 -37.46
C ASN A 87 27.26 -8.18 -36.13
N ASP A 88 27.20 -8.91 -35.02
CA ASP A 88 27.37 -8.35 -33.69
C ASP A 88 28.61 -8.86 -32.98
N GLY A 89 29.03 -10.10 -33.23
CA GLY A 89 30.21 -10.65 -32.60
C GLY A 89 30.60 -11.93 -33.30
N VAL A 90 31.76 -12.45 -32.90
CA VAL A 90 32.32 -13.66 -33.49
C VAL A 90 32.95 -14.51 -32.38
N TYR A 91 32.69 -15.81 -32.43
CA TYR A 91 33.27 -16.78 -31.49
C TYR A 91 34.22 -17.67 -32.29
N PHE A 92 35.47 -17.24 -32.39
CA PHE A 92 36.50 -17.97 -33.10
C PHE A 92 36.99 -19.11 -32.21
N ALA A 93 36.90 -20.34 -32.70
CA ALA A 93 37.11 -21.53 -31.87
C ALA A 93 37.99 -22.57 -32.57
N SER A 94 39.11 -22.13 -33.12
CA SER A 94 40.06 -23.07 -33.73
C SER A 94 40.69 -23.95 -32.66
N THR A 95 40.93 -25.22 -33.01
CA THR A 95 41.65 -26.14 -32.14
C THR A 95 42.80 -26.75 -32.93
N GLU A 96 44.02 -26.57 -32.44
CA GLU A 96 45.23 -27.06 -33.09
C GLU A 96 46.39 -26.93 -32.14
N LYS A 97 47.50 -27.58 -32.49
CA LYS A 97 48.73 -27.52 -31.72
C LYS A 97 49.89 -26.87 -32.48
N SER A 98 49.95 -27.07 -33.79
CA SER A 98 51.03 -26.51 -34.61
C SER A 98 50.92 -25.00 -34.77
N ASN A 99 49.81 -24.39 -34.35
CA ASN A 99 49.61 -22.94 -34.40
C ASN A 99 49.64 -22.42 -35.83
N ILE A 100 48.79 -23.01 -36.68
CA ILE A 100 48.67 -22.53 -38.06
C ILE A 100 48.04 -21.15 -38.09
N ILE A 101 46.96 -20.96 -37.32
CA ILE A 101 46.24 -19.69 -37.30
C ILE A 101 46.87 -18.78 -36.25
N ARG A 102 47.35 -17.62 -36.69
CA ARG A 102 47.94 -16.64 -35.77
C ARG A 102 47.48 -15.21 -36.02
N GLY A 103 46.87 -14.91 -37.18
CA GLY A 103 46.48 -13.56 -37.52
C GLY A 103 44.98 -13.34 -37.45
N TRP A 104 44.60 -12.07 -37.61
CA TRP A 104 43.20 -11.66 -37.56
C TRP A 104 43.07 -10.34 -38.31
N ILE A 105 42.17 -10.30 -39.29
CA ILE A 105 41.93 -9.11 -40.10
C ILE A 105 40.52 -8.61 -39.82
N PHE A 106 40.39 -7.30 -39.65
CA PHE A 106 39.11 -6.65 -39.39
C PHE A 106 38.97 -5.45 -40.30
N GLY A 107 37.75 -4.94 -40.40
CA GLY A 107 37.47 -3.73 -41.16
C GLY A 107 36.12 -3.81 -41.82
N THR A 108 35.90 -2.90 -42.77
CA THR A 108 34.65 -2.83 -43.52
C THR A 108 34.86 -3.20 -44.99
N THR A 109 35.77 -2.52 -45.68
CA THR A 109 36.08 -2.83 -47.07
C THR A 109 37.39 -3.58 -47.23
N LEU A 110 38.30 -3.47 -46.26
CA LEU A 110 39.56 -4.19 -46.20
C LEU A 110 40.53 -3.80 -47.31
N ASP A 111 40.22 -2.79 -48.12
CA ASP A 111 41.07 -2.37 -49.23
C ASP A 111 41.22 -0.86 -49.23
N SER A 112 42.18 -0.37 -48.43
CA SER A 112 42.63 1.03 -48.45
C SER A 112 41.49 2.04 -48.47
N LYS A 113 40.39 1.71 -47.80
CA LYS A 113 39.25 2.62 -47.74
C LYS A 113 38.76 2.79 -46.32
N THR A 114 38.99 1.78 -45.48
CA THR A 114 38.63 1.82 -44.08
C THR A 114 39.79 1.28 -43.25
N GLN A 115 39.88 1.73 -42.01
CA GLN A 115 40.94 1.28 -41.11
C GLN A 115 40.81 -0.23 -40.87
N SER A 116 41.80 -1.00 -41.33
CA SER A 116 41.77 -2.45 -41.24
C SER A 116 42.59 -2.90 -40.05
N LEU A 117 41.92 -3.35 -39.00
CA LEU A 117 42.60 -3.85 -37.81
C LEU A 117 43.32 -5.16 -38.12
N LEU A 118 44.50 -5.32 -37.55
CA LEU A 118 45.28 -6.55 -37.73
C LEU A 118 45.82 -6.98 -36.37
N ILE A 119 45.64 -8.25 -36.04
CA ILE A 119 46.09 -8.82 -34.78
C ILE A 119 46.81 -10.13 -35.10
N VAL A 120 48.14 -10.12 -34.99
CA VAL A 120 48.96 -11.27 -35.34
C VAL A 120 49.83 -11.64 -34.14
N ASN A 121 49.99 -12.95 -33.92
CA ASN A 121 50.85 -13.48 -32.87
C ASN A 121 52.05 -14.15 -33.52
N ASN A 122 53.25 -13.70 -33.17
CA ASN A 122 54.50 -14.26 -33.70
C ASN A 122 55.34 -14.88 -32.59
N ALA A 123 54.70 -15.36 -31.54
CA ALA A 123 55.32 -16.03 -30.40
C ALA A 123 56.28 -15.13 -29.62
N THR A 124 56.32 -13.84 -29.94
CA THR A 124 57.17 -12.90 -29.20
C THR A 124 56.36 -11.69 -28.75
N ASN A 125 55.35 -11.32 -29.54
CA ASN A 125 54.53 -10.15 -29.26
C ASN A 125 53.27 -10.24 -30.11
N VAL A 126 52.39 -9.26 -29.93
CA VAL A 126 51.17 -9.12 -30.72
C VAL A 126 51.20 -7.76 -31.40
N VAL A 127 51.06 -7.74 -32.72
CA VAL A 127 51.09 -6.52 -33.50
C VAL A 127 49.65 -6.15 -33.79
N ILE A 128 49.15 -5.13 -33.08
CA ILE A 128 47.80 -4.60 -33.29
C ILE A 128 47.96 -3.25 -33.96
N LYS A 129 47.44 -3.12 -35.19
CA LYS A 129 47.60 -1.92 -35.99
C LYS A 129 46.24 -1.49 -36.51
N VAL A 130 45.80 -0.29 -36.13
CA VAL A 130 44.58 0.31 -36.66
C VAL A 130 45.02 1.28 -37.75
N CYS A 131 45.07 0.79 -38.99
CA CYS A 131 45.56 1.60 -40.10
C CYS A 131 44.91 1.10 -41.39
N GLU A 132 44.51 2.04 -42.24
CA GLU A 132 43.92 1.66 -43.52
C GLU A 132 44.94 0.90 -44.35
N PHE A 133 44.54 -0.27 -44.82
CA PHE A 133 45.44 -1.18 -45.53
C PHE A 133 44.72 -1.79 -46.72
N GLN A 134 45.42 -1.86 -47.86
CA GLN A 134 44.94 -2.59 -49.01
C GLN A 134 45.38 -4.05 -48.87
N PHE A 135 44.43 -4.97 -49.02
CA PHE A 135 44.68 -6.37 -48.73
C PHE A 135 44.41 -7.23 -49.97
N CYS A 136 45.27 -8.22 -50.17
CA CYS A 136 45.11 -9.16 -51.26
C CYS A 136 44.00 -10.15 -50.92
N ASN A 137 43.39 -10.72 -51.97
CA ASN A 137 42.31 -11.69 -51.78
C ASN A 137 42.79 -12.90 -50.98
N ASP A 138 44.00 -13.38 -51.26
CA ASP A 138 44.69 -14.30 -50.37
C ASP A 138 45.83 -13.54 -49.73
N PRO A 139 45.55 -12.77 -48.66
CA PRO A 139 46.41 -11.63 -48.30
C PRO A 139 47.86 -11.98 -47.98
N PHE A 140 48.10 -12.79 -46.95
CA PHE A 140 49.45 -13.01 -46.48
C PHE A 140 49.47 -14.26 -45.59
N LEU A 141 50.54 -14.40 -44.80
CA LEU A 141 50.78 -15.57 -43.94
C LEU A 141 50.98 -16.83 -44.79
N GLY A 142 52.01 -16.78 -45.63
CA GLY A 142 52.45 -17.94 -46.39
C GLY A 142 53.90 -18.27 -46.12
N VAL A 143 54.16 -19.44 -45.56
CA VAL A 143 55.52 -19.84 -45.22
C VAL A 143 56.33 -20.15 -46.47
N SER A 155 59.68 -15.22 -40.60
CA SER A 155 59.88 -13.79 -40.75
C SER A 155 58.62 -13.12 -41.29
N GLU A 156 58.75 -11.86 -41.69
CA GLU A 156 57.62 -11.13 -42.25
C GLU A 156 57.22 -11.71 -43.60
N PHE A 157 55.91 -11.83 -43.82
CA PHE A 157 55.37 -12.38 -45.06
C PHE A 157 54.31 -11.39 -45.57
N ARG A 158 54.77 -10.39 -46.32
CA ARG A 158 53.92 -9.34 -46.91
C ARG A 158 52.79 -8.93 -45.97
N VAL A 159 53.19 -8.51 -44.76
CA VAL A 159 52.21 -8.23 -43.71
C VAL A 159 51.26 -7.12 -44.14
N TYR A 160 51.76 -6.12 -44.85
CA TYR A 160 50.95 -5.02 -45.36
C TYR A 160 51.21 -4.89 -46.85
N SER A 161 50.21 -5.26 -47.66
CA SER A 161 50.36 -5.17 -49.11
C SER A 161 50.54 -3.73 -49.56
N SER A 162 49.77 -2.80 -49.00
CA SER A 162 49.89 -1.39 -49.32
C SER A 162 49.59 -0.57 -48.07
N ALA A 163 50.43 0.43 -47.80
CA ALA A 163 50.29 1.26 -46.61
C ALA A 163 49.60 2.57 -46.95
N ASN A 164 49.14 3.24 -45.90
CA ASN A 164 48.44 4.51 -46.03
C ASN A 164 48.55 5.25 -44.70
N ASN A 165 47.72 6.28 -44.51
CA ASN A 165 47.72 7.04 -43.26
C ASN A 165 47.21 6.20 -42.10
N CYS A 166 48.09 5.83 -41.18
CA CYS A 166 47.73 5.00 -40.04
C CYS A 166 47.59 5.81 -38.76
N THR A 167 47.31 5.10 -37.68
CA THR A 167 46.86 5.66 -36.41
C THR A 167 47.43 4.79 -35.30
N PHE A 168 46.85 4.88 -34.10
CA PHE A 168 47.34 4.22 -32.89
C PHE A 168 47.62 2.74 -33.13
N GLU A 169 48.72 2.27 -32.55
CA GLU A 169 49.15 0.89 -32.63
C GLU A 169 49.46 0.39 -31.22
N TYR A 170 49.11 -0.86 -30.95
CA TYR A 170 49.27 -1.47 -29.63
C TYR A 170 50.10 -2.74 -29.76
N VAL A 171 51.05 -2.92 -28.85
CA VAL A 171 51.89 -4.12 -28.78
C VAL A 171 51.79 -4.70 -27.37
N SER A 172 51.74 -6.03 -27.29
CA SER A 172 51.61 -6.71 -26.00
C SER A 172 52.21 -8.10 -26.12
N GLN A 173 52.08 -8.87 -25.04
CA GLN A 173 52.60 -10.22 -25.03
C GLN A 173 51.74 -11.14 -25.91
N PRO A 174 52.32 -12.22 -26.43
CA PRO A 174 51.54 -13.15 -27.24
C PRO A 174 50.44 -13.80 -26.42
N PHE A 175 49.33 -14.10 -27.09
CA PHE A 175 48.16 -14.68 -26.43
C PHE A 175 48.44 -16.10 -25.98
N ASN A 185 42.71 -35.68 -33.43
CA ASN A 185 42.36 -34.97 -32.19
C ASN A 185 43.47 -34.02 -31.77
N PHE A 186 43.08 -32.86 -31.25
CA PHE A 186 44.02 -31.86 -30.76
C PHE A 186 43.83 -31.67 -29.26
N LYS A 187 44.86 -31.14 -28.61
CA LYS A 187 44.86 -30.95 -27.16
C LYS A 187 44.85 -29.48 -26.76
N ASN A 188 44.57 -28.57 -27.70
CA ASN A 188 44.56 -27.13 -27.41
C ASN A 188 43.38 -26.50 -28.14
N LEU A 189 42.31 -26.21 -27.39
CA LEU A 189 41.14 -25.55 -27.95
C LEU A 189 41.27 -24.06 -27.71
N ARG A 190 41.46 -23.30 -28.79
CA ARG A 190 41.62 -21.85 -28.73
C ARG A 190 40.25 -21.20 -28.87
N GLU A 191 39.81 -20.51 -27.82
CA GLU A 191 38.52 -19.82 -27.84
C GLU A 191 38.77 -18.31 -27.73
N PHE A 192 38.24 -17.57 -28.69
CA PHE A 192 38.36 -16.11 -28.72
C PHE A 192 37.01 -15.52 -29.12
N VAL A 193 36.62 -14.43 -28.48
CA VAL A 193 35.41 -13.70 -28.84
C VAL A 193 35.75 -12.22 -28.94
N PHE A 194 35.34 -11.59 -30.04
CA PHE A 194 35.61 -10.18 -30.29
C PHE A 194 34.28 -9.44 -30.31
N LYS A 195 34.16 -8.42 -29.46
CA LYS A 195 32.95 -7.61 -29.35
C LYS A 195 33.31 -6.15 -29.54
N ASN A 196 32.54 -5.45 -30.37
CA ASN A 196 32.80 -4.06 -30.74
C ASN A 196 31.57 -3.23 -30.44
N ILE A 197 31.46 -2.73 -29.21
CA ILE A 197 30.36 -1.86 -28.81
C ILE A 197 30.91 -0.79 -27.88
N ASP A 198 30.35 0.42 -28.01
CA ASP A 198 30.70 1.58 -27.19
C ASP A 198 32.20 1.86 -27.33
N GLY A 199 32.57 2.23 -28.56
CA GLY A 199 33.92 2.63 -28.91
C GLY A 199 35.04 1.78 -28.34
N TYR A 200 34.83 0.48 -28.22
CA TYR A 200 35.79 -0.41 -27.59
C TYR A 200 35.90 -1.70 -28.38
N PHE A 201 37.10 -2.25 -28.46
CA PHE A 201 37.34 -3.59 -28.99
C PHE A 201 37.77 -4.48 -27.84
N LYS A 202 36.98 -5.52 -27.58
CA LYS A 202 37.19 -6.40 -26.43
C LYS A 202 37.47 -7.82 -26.93
N ILE A 203 38.51 -8.44 -26.38
CA ILE A 203 38.90 -9.79 -26.72
C ILE A 203 38.97 -10.62 -25.45
N TYR A 204 38.29 -11.76 -25.44
CA TYR A 204 38.28 -12.67 -24.30
C TYR A 204 38.81 -14.03 -24.75
N SER A 205 39.61 -14.65 -23.90
CA SER A 205 40.21 -15.94 -24.24
C SER A 205 40.33 -16.80 -22.99
N LYS A 206 40.27 -18.11 -23.18
CA LYS A 206 40.48 -19.07 -22.10
C LYS A 206 40.98 -20.36 -22.73
N HIS A 207 42.26 -20.67 -22.51
CA HIS A 207 42.88 -21.83 -23.13
C HIS A 207 42.53 -23.08 -22.33
N THR A 208 42.03 -24.11 -23.03
CA THR A 208 41.58 -25.31 -22.34
C THR A 208 42.21 -26.55 -22.96
N PRO A 209 42.60 -27.52 -22.13
CA PRO A 209 43.15 -28.78 -22.65
C PRO A 209 42.06 -29.73 -23.12
N ILE A 210 41.63 -29.57 -24.37
CA ILE A 210 40.56 -30.42 -24.91
C ILE A 210 41.00 -31.87 -24.93
N ASN A 211 40.15 -32.75 -24.39
CA ASN A 211 40.42 -34.17 -24.32
C ASN A 211 40.08 -34.85 -25.64
N LEU A 212 39.96 -36.19 -25.61
CA LEU A 212 39.73 -36.99 -26.81
C LEU A 212 38.28 -36.84 -27.29
N VAL A 213 38.01 -35.68 -27.89
CA VAL A 213 36.74 -35.38 -28.53
C VAL A 213 37.03 -34.83 -29.93
N ARG A 214 36.33 -35.35 -30.93
CA ARG A 214 36.57 -34.90 -32.29
C ARG A 214 36.08 -33.47 -32.52
N ASP A 215 35.14 -33.00 -31.70
CA ASP A 215 34.56 -31.68 -31.86
C ASP A 215 34.64 -30.89 -30.55
N LEU A 216 33.94 -29.76 -30.49
CA LEU A 216 33.93 -28.96 -29.27
C LEU A 216 33.34 -29.78 -28.12
N PRO A 217 34.04 -29.87 -27.00
CA PRO A 217 33.59 -30.74 -25.91
C PRO A 217 32.47 -30.08 -25.10
N GLN A 218 31.84 -30.92 -24.26
CA GLN A 218 30.82 -30.44 -23.34
C GLN A 218 31.48 -29.82 -22.11
N GLY A 219 30.69 -29.54 -21.09
CA GLY A 219 31.21 -28.91 -19.89
C GLY A 219 31.02 -27.40 -19.90
N PHE A 220 32.02 -26.66 -19.46
CA PHE A 220 31.93 -25.21 -19.43
C PHE A 220 33.33 -24.61 -19.45
N SER A 221 33.41 -23.35 -19.85
CA SER A 221 34.66 -22.61 -19.84
C SER A 221 34.31 -21.13 -19.79
N ALA A 222 35.03 -20.38 -18.95
CA ALA A 222 34.78 -18.96 -18.75
C ALA A 222 35.88 -18.18 -19.47
N LEU A 223 35.47 -17.42 -20.49
CA LEU A 223 36.42 -16.64 -21.30
C LEU A 223 36.79 -15.39 -20.52
N GLU A 224 37.99 -15.39 -19.94
CA GLU A 224 38.43 -14.26 -19.15
C GLU A 224 38.77 -13.07 -20.05
N PRO A 225 38.51 -11.85 -19.59
CA PRO A 225 38.97 -10.67 -20.33
C PRO A 225 40.49 -10.66 -20.46
N LEU A 226 40.97 -10.28 -21.64
CA LEU A 226 42.40 -10.32 -21.93
C LEU A 226 42.99 -8.99 -22.34
N VAL A 227 42.25 -8.17 -23.10
CA VAL A 227 42.73 -6.85 -23.49
C VAL A 227 41.53 -6.02 -23.93
N ASP A 228 41.66 -4.70 -23.80
CA ASP A 228 40.64 -3.74 -24.21
C ASP A 228 41.33 -2.57 -24.89
N LEU A 229 40.86 -2.20 -26.07
CA LEU A 229 41.59 -1.18 -26.86
C LEU A 229 40.73 0.03 -27.22
N PRO A 230 41.31 1.25 -27.32
CA PRO A 230 40.58 2.44 -27.78
C PRO A 230 40.32 2.41 -29.28
N ILE A 231 39.23 1.75 -29.68
CA ILE A 231 38.87 1.53 -31.08
C ILE A 231 37.49 2.17 -31.28
N GLY A 232 36.88 1.93 -32.44
CA GLY A 232 35.68 2.65 -32.82
C GLY A 232 35.59 2.85 -34.32
N ILE A 233 36.59 2.35 -35.04
CA ILE A 233 36.49 2.27 -36.49
C ILE A 233 35.30 1.39 -36.88
N ASN A 234 34.74 1.68 -38.05
CA ASN A 234 33.60 0.91 -38.54
C ASN A 234 33.99 -0.55 -38.77
N ILE A 235 33.14 -1.46 -38.30
CA ILE A 235 33.37 -2.89 -38.42
C ILE A 235 32.16 -3.52 -39.11
N THR A 236 32.42 -4.28 -40.18
CA THR A 236 31.35 -5.01 -40.85
C THR A 236 31.74 -6.45 -41.16
N ARG A 237 33.02 -6.69 -41.45
CA ARG A 237 33.50 -7.99 -41.86
C ARG A 237 34.83 -8.29 -41.18
N PHE A 238 35.28 -9.54 -41.31
CA PHE A 238 36.54 -9.97 -40.72
C PHE A 238 37.03 -11.20 -41.48
N GLN A 239 38.30 -11.52 -41.25
CA GLN A 239 38.95 -12.63 -41.94
C GLN A 239 40.04 -13.19 -41.05
N THR A 240 40.19 -14.52 -41.05
CA THR A 240 41.24 -15.18 -40.29
C THR A 240 42.48 -15.38 -41.17
N LEU A 241 43.60 -15.66 -40.50
CA LEU A 241 44.88 -15.87 -41.19
C LEU A 241 45.51 -17.17 -40.70
N LEU A 242 45.89 -18.03 -41.64
CA LEU A 242 46.58 -19.26 -41.33
C LEU A 242 47.83 -19.38 -42.21
N ALA A 243 48.80 -20.15 -41.71
CA ALA A 243 50.09 -20.27 -42.37
C ALA A 243 50.01 -21.30 -43.49
N LEU A 244 50.16 -20.84 -44.74
CA LEU A 244 50.20 -21.75 -45.88
C LEU A 244 51.54 -22.47 -45.91
N HIS A 245 51.49 -23.76 -46.25
CA HIS A 245 52.70 -24.59 -46.30
C HIS A 245 53.46 -24.27 -47.58
N ARG A 246 54.45 -23.40 -47.48
CA ARG A 246 55.30 -23.03 -48.62
C ARG A 246 56.75 -22.96 -48.18
N SER A 247 57.15 -23.86 -47.30
CA SER A 247 58.52 -23.88 -46.79
C SER A 247 59.50 -24.33 -47.86
N ALA A 262 44.42 -27.83 -42.14
CA ALA A 262 44.95 -26.51 -41.81
C ALA A 262 43.86 -25.62 -41.20
N ALA A 263 42.72 -25.54 -41.88
CA ALA A 263 41.59 -24.76 -41.41
C ALA A 263 40.71 -25.67 -40.55
N ALA A 264 40.79 -25.48 -39.23
CA ALA A 264 40.00 -26.25 -38.28
C ALA A 264 39.38 -25.31 -37.24
N TYR A 265 38.79 -24.22 -37.72
CA TYR A 265 38.23 -23.18 -36.86
C TYR A 265 36.73 -23.08 -37.08
N TYR A 266 35.99 -22.96 -35.97
CA TYR A 266 34.55 -22.76 -35.99
C TYR A 266 34.23 -21.32 -35.61
N VAL A 267 33.31 -20.71 -36.34
CA VAL A 267 32.94 -19.31 -36.13
C VAL A 267 31.47 -19.25 -35.76
N GLY A 268 31.18 -18.63 -34.62
CA GLY A 268 29.81 -18.42 -34.20
C GLY A 268 29.47 -16.95 -34.12
N TYR A 269 28.19 -16.61 -34.19
CA TYR A 269 27.74 -15.21 -34.20
C TYR A 269 27.07 -14.89 -32.87
N LEU A 270 27.49 -13.78 -32.26
CA LEU A 270 26.93 -13.36 -30.99
C LEU A 270 25.55 -12.73 -31.17
N GLN A 271 24.68 -12.96 -30.20
CA GLN A 271 23.33 -12.40 -30.19
C GLN A 271 23.03 -11.80 -28.83
N PRO A 272 22.14 -10.81 -28.76
CA PRO A 272 21.78 -10.23 -27.47
C PRO A 272 20.82 -11.13 -26.70
N ARG A 273 21.33 -11.76 -25.64
CA ARG A 273 20.55 -12.69 -24.84
C ARG A 273 20.89 -12.49 -23.36
N THR A 274 19.91 -12.81 -22.51
CA THR A 274 20.08 -12.67 -21.07
C THR A 274 20.54 -13.99 -20.46
N PHE A 275 21.60 -13.92 -19.66
CA PHE A 275 22.19 -15.11 -19.04
C PHE A 275 22.11 -15.00 -17.53
N LEU A 276 21.99 -16.15 -16.88
CA LEU A 276 22.02 -16.27 -15.43
C LEU A 276 23.32 -16.99 -15.06
N LEU A 277 24.40 -16.23 -14.94
CA LEU A 277 25.70 -16.81 -14.66
C LEU A 277 25.77 -17.31 -13.22
N LYS A 278 26.31 -18.51 -13.04
CA LYS A 278 26.44 -19.14 -11.73
C LYS A 278 27.90 -19.00 -11.28
N TYR A 279 28.16 -18.05 -10.38
CA TYR A 279 29.47 -17.92 -9.79
C TYR A 279 29.63 -18.90 -8.64
N ASN A 280 30.76 -19.59 -8.59
CA ASN A 280 31.08 -20.50 -7.50
C ASN A 280 31.87 -19.76 -6.42
N GLU A 281 32.35 -20.49 -5.41
CA GLU A 281 32.96 -19.86 -4.24
C GLU A 281 34.21 -19.07 -4.63
N ASN A 282 35.01 -19.60 -5.54
CA ASN A 282 36.20 -18.93 -6.05
C ASN A 282 35.88 -17.85 -7.08
N GLY A 283 34.60 -17.51 -7.26
CA GLY A 283 34.22 -16.49 -8.23
C GLY A 283 34.44 -16.87 -9.68
N THR A 284 34.23 -18.13 -10.02
CA THR A 284 34.39 -18.62 -11.38
C THR A 284 33.04 -19.05 -11.94
N ILE A 285 32.79 -18.73 -13.21
CA ILE A 285 31.54 -19.09 -13.86
C ILE A 285 31.55 -20.58 -14.15
N THR A 286 30.84 -21.36 -13.33
CA THR A 286 30.79 -22.81 -13.48
C THR A 286 29.70 -23.24 -14.45
N ASP A 287 28.55 -22.56 -14.44
CA ASP A 287 27.44 -22.90 -15.31
C ASP A 287 26.64 -21.65 -15.59
N ALA A 288 25.83 -21.71 -16.65
CA ALA A 288 24.96 -20.61 -17.03
C ALA A 288 23.78 -21.17 -17.81
N VAL A 289 22.65 -20.48 -17.72
CA VAL A 289 21.45 -20.86 -18.44
C VAL A 289 21.04 -19.70 -19.34
N ASP A 290 20.96 -19.95 -20.64
CA ASP A 290 20.46 -18.97 -21.59
C ASP A 290 18.95 -18.87 -21.44
N CYS A 291 18.44 -17.67 -21.12
CA CYS A 291 17.03 -17.54 -20.86
C CYS A 291 16.25 -17.33 -22.16
N ALA A 292 16.56 -18.14 -23.17
CA ALA A 292 15.79 -18.18 -24.40
C ALA A 292 15.65 -19.58 -24.99
N LEU A 293 16.43 -20.56 -24.53
CA LEU A 293 16.54 -21.84 -25.23
C LEU A 293 15.23 -22.61 -25.16
N ASP A 294 14.67 -22.77 -23.97
CA ASP A 294 13.47 -23.57 -23.79
C ASP A 294 12.72 -23.05 -22.58
N PRO A 295 11.43 -23.37 -22.44
CA PRO A 295 10.67 -22.87 -21.28
C PRO A 295 11.26 -23.25 -19.94
N LEU A 296 11.96 -24.40 -19.85
CA LEU A 296 12.60 -24.76 -18.59
C LEU A 296 13.67 -23.75 -18.21
N SER A 297 14.47 -23.29 -19.18
CA SER A 297 15.47 -22.27 -18.90
C SER A 297 14.81 -20.96 -18.48
N GLU A 298 13.70 -20.60 -19.13
CA GLU A 298 12.98 -19.38 -18.74
C GLU A 298 12.46 -19.49 -17.31
N THR A 299 11.93 -20.65 -16.93
CA THR A 299 11.49 -20.86 -15.56
C THR A 299 12.65 -20.76 -14.57
N LYS A 300 13.80 -21.36 -14.93
CA LYS A 300 14.96 -21.28 -14.07
C LYS A 300 15.41 -19.84 -13.88
N CYS A 301 15.38 -19.06 -14.96
CA CYS A 301 15.79 -17.66 -14.88
C CYS A 301 14.81 -16.84 -14.05
N THR A 302 13.51 -17.08 -14.23
CA THR A 302 12.50 -16.32 -13.48
C THR A 302 12.62 -16.57 -11.99
N LEU A 303 12.79 -17.83 -11.59
CA LEU A 303 12.97 -18.17 -10.18
C LEU A 303 14.37 -17.87 -9.67
N LYS A 304 15.30 -17.52 -10.55
CA LYS A 304 16.68 -17.23 -10.18
C LYS A 304 17.31 -18.41 -9.45
N SER A 305 17.20 -19.60 -10.06
CA SER A 305 17.80 -20.80 -9.50
C SER A 305 17.96 -21.84 -10.59
N PHE A 306 18.97 -22.68 -10.44
CA PHE A 306 19.20 -23.78 -11.38
C PHE A 306 18.41 -25.02 -11.06
N THR A 307 17.70 -25.05 -9.93
CA THR A 307 16.85 -26.16 -9.54
C THR A 307 15.41 -25.67 -9.44
N VAL A 308 14.50 -26.40 -10.08
CA VAL A 308 13.08 -26.06 -10.09
C VAL A 308 12.32 -27.26 -9.54
N GLU A 309 11.47 -27.02 -8.54
CA GLU A 309 10.65 -28.09 -7.98
C GLU A 309 9.37 -28.25 -8.79
N LYS A 310 8.62 -29.30 -8.47
CA LYS A 310 7.40 -29.61 -9.19
C LYS A 310 6.37 -28.50 -9.01
N GLY A 311 5.63 -28.21 -10.07
CA GLY A 311 4.61 -27.19 -10.03
C GLY A 311 4.48 -26.50 -11.37
N ILE A 312 3.55 -25.55 -11.42
CA ILE A 312 3.28 -24.74 -12.60
C ILE A 312 3.64 -23.30 -12.27
N TYR A 313 4.55 -22.72 -13.04
CA TYR A 313 5.08 -21.38 -12.79
C TYR A 313 4.75 -20.48 -13.96
N GLN A 314 4.23 -19.29 -13.67
CA GLN A 314 4.02 -18.29 -14.70
C GLN A 314 5.35 -17.67 -15.09
N THR A 315 5.66 -17.69 -16.39
CA THR A 315 6.97 -17.29 -16.88
C THR A 315 6.94 -15.98 -17.66
N SER A 316 6.10 -15.88 -18.69
CA SER A 316 6.07 -14.69 -19.54
C SER A 316 4.62 -14.38 -19.89
N ASN A 317 4.43 -13.47 -20.84
CA ASN A 317 3.11 -13.04 -21.26
C ASN A 317 3.04 -13.10 -22.79
N PHE A 318 2.19 -13.98 -23.31
CA PHE A 318 1.94 -14.01 -24.74
C PHE A 318 1.14 -12.79 -25.14
N ARG A 319 1.40 -12.27 -26.33
CA ARG A 319 0.72 -11.07 -26.82
C ARG A 319 0.82 -11.02 -28.33
N VAL A 320 -0.33 -10.98 -29.01
CA VAL A 320 -0.35 -10.89 -30.46
C VAL A 320 0.13 -9.50 -30.86
N GLN A 321 1.07 -9.46 -31.80
CA GLN A 321 1.60 -8.16 -32.19
C GLN A 321 0.91 -7.67 -33.47
N PRO A 322 0.75 -6.36 -33.63
CA PRO A 322 0.11 -5.84 -34.84
C PRO A 322 0.90 -6.21 -36.09
N THR A 323 0.16 -6.47 -37.17
CA THR A 323 0.77 -6.91 -38.42
C THR A 323 0.59 -5.93 -39.58
N GLU A 324 -0.52 -5.19 -39.61
CA GLU A 324 -0.69 -4.08 -40.55
C GLU A 324 -0.84 -2.78 -39.76
N SER A 325 -1.13 -1.70 -40.49
CA SER A 325 -1.37 -0.40 -39.90
C SER A 325 -2.50 0.26 -40.70
N ILE A 326 -3.66 0.42 -40.07
CA ILE A 326 -4.85 0.95 -40.72
C ILE A 326 -5.06 2.38 -40.22
N VAL A 327 -5.25 3.30 -41.16
CA VAL A 327 -5.54 4.70 -40.86
C VAL A 327 -6.72 5.12 -41.71
N ARG A 328 -7.81 5.52 -41.07
CA ARG A 328 -8.99 6.00 -41.76
C ARG A 328 -9.34 7.40 -41.29
N PHE A 329 -9.67 8.26 -42.24
CA PHE A 329 -9.97 9.66 -41.98
C PHE A 329 -11.21 10.05 -42.78
N PRO A 330 -11.91 11.11 -42.36
CA PRO A 330 -13.05 11.58 -43.17
C PRO A 330 -12.61 11.94 -44.58
N ASN A 331 -13.49 11.61 -45.54
CA ASN A 331 -13.16 11.82 -46.96
C ASN A 331 -12.77 13.26 -47.23
N ILE A 332 -11.84 13.46 -48.15
CA ILE A 332 -11.35 14.79 -48.47
C ILE A 332 -12.35 15.51 -49.35
N THR A 333 -13.11 16.43 -48.76
CA THR A 333 -14.06 17.28 -49.47
C THR A 333 -13.80 18.73 -49.06
N ASN A 334 -14.58 19.64 -49.65
CA ASN A 334 -14.42 21.07 -49.42
C ASN A 334 -13.00 21.53 -49.74
N LEU A 335 -12.52 21.10 -50.91
CA LEU A 335 -11.18 21.44 -51.35
C LEU A 335 -11.05 22.94 -51.53
N CYS A 336 -9.87 23.48 -51.22
CA CYS A 336 -9.61 24.88 -51.49
C CYS A 336 -9.65 25.11 -53.00
N PRO A 337 -10.24 26.23 -53.51
CA PRO A 337 -10.16 26.50 -54.93
C PRO A 337 -8.68 26.58 -55.22
N PHE A 338 -7.95 27.40 -54.44
CA PHE A 338 -6.48 27.58 -54.63
C PHE A 338 -6.21 28.07 -56.05
N GLY A 339 -7.26 28.48 -56.76
CA GLY A 339 -7.11 29.04 -58.11
C GLY A 339 -7.36 30.52 -58.06
N GLU A 340 -7.78 31.13 -59.18
CA GLU A 340 -7.94 32.60 -59.21
C GLU A 340 -6.61 33.23 -58.77
N VAL A 341 -5.65 32.40 -58.33
CA VAL A 341 -4.29 32.94 -57.99
C VAL A 341 -3.31 32.09 -58.80
N PHE A 342 -3.54 30.78 -58.87
CA PHE A 342 -2.71 29.92 -59.71
C PHE A 342 -3.06 30.02 -61.19
N ASN A 343 -4.29 30.40 -61.50
CA ASN A 343 -4.74 30.67 -62.85
C ASN A 343 -5.50 31.99 -62.90
N ALA A 344 -4.93 33.02 -62.27
CA ALA A 344 -5.55 34.33 -62.26
C ALA A 344 -5.72 34.86 -63.67
N THR A 345 -6.87 35.48 -63.93
CA THR A 345 -7.26 35.81 -65.30
C THR A 345 -6.32 36.81 -65.97
N ARG A 346 -6.31 38.06 -65.53
CA ARG A 346 -5.51 39.08 -66.19
C ARG A 346 -4.51 39.77 -65.28
N PHE A 347 -4.94 40.34 -64.16
CA PHE A 347 -4.12 41.33 -63.48
C PHE A 347 -4.41 41.33 -61.99
N ALA A 348 -3.43 41.82 -61.22
CA ALA A 348 -3.60 42.02 -59.78
C ALA A 348 -2.94 43.30 -59.28
N SER A 349 -2.42 44.14 -60.18
CA SER A 349 -1.77 45.42 -59.86
C SER A 349 -0.45 45.23 -59.12
N VAL A 350 0.48 46.16 -59.31
CA VAL A 350 1.79 46.09 -58.66
C VAL A 350 1.82 47.00 -57.44
N TYR A 351 1.04 48.08 -57.50
CA TYR A 351 0.93 48.97 -56.34
C TYR A 351 0.03 48.36 -55.26
N ALA A 352 -1.00 47.63 -55.66
CA ALA A 352 -1.83 46.86 -54.74
C ALA A 352 -1.33 45.42 -54.69
N TRP A 353 -1.86 44.65 -53.76
CA TRP A 353 -1.46 43.27 -53.56
C TRP A 353 -2.68 42.37 -53.45
N ASN A 354 -2.51 41.11 -53.85
CA ASN A 354 -3.56 40.11 -53.74
C ASN A 354 -3.49 39.47 -52.37
N ARG A 355 -4.46 39.77 -51.51
CA ARG A 355 -4.53 39.25 -50.16
C ARG A 355 -5.88 38.60 -49.91
N LYS A 356 -6.29 37.76 -50.87
CA LYS A 356 -7.57 37.06 -50.75
C LYS A 356 -7.57 36.17 -49.52
N ARG A 357 -8.65 36.26 -48.73
CA ARG A 357 -8.79 35.48 -47.50
C ARG A 357 -9.45 34.16 -47.85
N ILE A 358 -8.64 33.13 -48.06
CA ILE A 358 -9.12 31.77 -48.30
C ILE A 358 -8.85 30.94 -47.05
N SER A 359 -9.86 30.22 -46.59
CA SER A 359 -9.77 29.48 -45.33
C SER A 359 -10.89 28.45 -45.29
N ASN A 360 -10.95 27.71 -44.19
CA ASN A 360 -11.97 26.69 -43.96
C ASN A 360 -12.03 25.68 -45.11
N CYS A 361 -10.85 25.24 -45.56
CA CYS A 361 -10.76 24.26 -46.62
C CYS A 361 -9.48 23.48 -46.47
N VAL A 362 -9.45 22.30 -47.10
CA VAL A 362 -8.30 21.41 -47.06
C VAL A 362 -7.82 21.18 -48.49
N ALA A 363 -6.54 21.45 -48.74
CA ALA A 363 -5.96 21.26 -50.07
C ALA A 363 -4.56 20.68 -49.91
N ASP A 364 -4.09 20.04 -50.98
CA ASP A 364 -2.77 19.42 -51.00
C ASP A 364 -1.77 20.40 -51.57
N TYR A 365 -0.86 20.88 -50.72
CA TYR A 365 0.25 21.70 -51.20
C TYR A 365 1.21 20.89 -52.07
N SER A 366 1.29 19.58 -51.83
CA SER A 366 2.15 18.72 -52.65
C SER A 366 1.66 18.65 -54.09
N VAL A 367 0.36 18.87 -54.32
CA VAL A 367 -0.16 18.87 -55.68
C VAL A 367 0.48 19.98 -56.49
N LEU A 368 0.57 21.17 -55.92
CA LEU A 368 1.25 22.28 -56.60
C LEU A 368 2.77 22.13 -56.53
N TYR A 369 3.28 21.48 -55.48
CA TYR A 369 4.73 21.27 -55.39
C TYR A 369 5.23 20.39 -56.53
N ASN A 370 4.51 19.31 -56.82
CA ASN A 370 4.92 18.37 -57.87
C ASN A 370 4.82 19.00 -59.25
N SER A 371 3.84 19.86 -59.47
CA SER A 371 3.70 20.54 -60.75
C SER A 371 4.90 21.45 -61.00
N ALA A 372 5.40 21.42 -62.23
CA ALA A 372 6.56 22.20 -62.62
C ALA A 372 6.19 23.48 -63.36
N SER A 373 4.91 23.86 -63.34
CA SER A 373 4.50 25.09 -64.02
C SER A 373 5.12 26.33 -63.39
N PHE A 374 5.24 26.36 -62.07
CA PHE A 374 5.81 27.50 -61.38
C PHE A 374 7.30 27.63 -61.72
N SER A 375 7.85 28.81 -61.43
CA SER A 375 9.23 29.10 -61.78
C SER A 375 10.21 28.66 -60.69
N THR A 376 10.02 29.12 -59.47
CA THR A 376 10.96 28.77 -58.41
C THR A 376 10.26 28.67 -57.07
N PHE A 377 10.88 27.92 -56.16
CA PHE A 377 10.37 27.67 -54.82
C PHE A 377 11.38 28.20 -53.82
N LYS A 378 10.97 29.19 -53.03
CA LYS A 378 11.79 29.72 -51.95
C LYS A 378 10.96 29.77 -50.67
N CYS A 379 10.28 28.67 -50.36
CA CYS A 379 9.35 28.65 -49.25
C CYS A 379 10.07 28.85 -47.92
N TYR A 380 9.43 29.60 -47.03
CA TYR A 380 10.00 29.89 -45.72
C TYR A 380 9.33 29.11 -44.59
N GLY A 381 8.06 28.74 -44.76
CA GLY A 381 7.34 28.06 -43.69
C GLY A 381 7.76 26.63 -43.45
N VAL A 382 7.58 25.76 -44.45
CA VAL A 382 7.86 24.34 -44.30
C VAL A 382 9.33 24.09 -44.60
N SER A 383 10.00 23.35 -43.73
CA SER A 383 11.37 22.98 -44.01
C SER A 383 11.47 21.81 -45.01
N PRO A 384 10.94 20.60 -44.71
CA PRO A 384 11.27 19.45 -45.57
C PRO A 384 10.71 19.50 -46.99
N THR A 385 9.38 19.42 -47.16
CA THR A 385 8.84 19.44 -48.51
C THR A 385 7.54 20.22 -48.69
N LYS A 386 6.64 20.25 -47.70
CA LYS A 386 5.27 20.69 -47.97
C LYS A 386 4.51 20.90 -46.67
N LEU A 387 3.44 21.68 -46.76
CA LEU A 387 2.63 22.07 -45.61
C LEU A 387 1.53 21.06 -45.26
N ASN A 388 1.43 19.95 -45.99
CA ASN A 388 0.32 19.02 -45.77
C ASN A 388 0.37 18.33 -44.41
N ASP A 389 1.48 18.43 -43.69
CA ASP A 389 1.62 17.80 -42.37
C ASP A 389 1.32 18.76 -41.23
N LEU A 390 0.89 20.00 -41.52
CA LEU A 390 0.63 20.99 -40.49
C LEU A 390 -0.67 21.72 -40.81
N CYS A 391 -1.30 22.25 -39.76
CA CYS A 391 -2.53 23.01 -39.88
C CYS A 391 -2.30 24.44 -39.38
N PHE A 392 -3.04 25.38 -39.96
CA PHE A 392 -2.89 26.78 -39.64
C PHE A 392 -4.28 27.40 -39.48
N THR A 393 -4.33 28.74 -39.43
CA THR A 393 -5.58 29.45 -39.19
C THR A 393 -6.28 29.86 -40.48
N ASN A 394 -5.61 30.67 -41.31
CA ASN A 394 -6.22 31.16 -42.54
C ASN A 394 -5.12 31.49 -43.53
N VAL A 395 -5.38 31.21 -44.81
CA VAL A 395 -4.41 31.37 -45.87
C VAL A 395 -4.71 32.63 -46.67
N TYR A 396 -3.67 33.41 -46.95
CA TYR A 396 -3.81 34.60 -47.76
C TYR A 396 -3.15 34.44 -49.13
N PHE A 400 -0.42 38.29 -58.17
CA PHE A 400 0.10 39.61 -57.85
C PHE A 400 1.05 40.11 -58.93
N VAL A 401 0.65 41.19 -59.60
CA VAL A 401 1.46 41.77 -60.67
C VAL A 401 2.74 42.35 -60.08
N ILE A 402 3.87 42.01 -60.67
CA ILE A 402 5.15 42.54 -60.24
C ILE A 402 6.17 42.40 -61.37
N ARG A 403 6.93 43.48 -61.62
CA ARG A 403 7.95 43.50 -62.65
C ARG A 403 9.33 43.43 -62.01
N GLY A 404 10.36 43.41 -62.86
CA GLY A 404 11.73 43.34 -62.38
C GLY A 404 12.23 41.95 -62.04
N ASP A 405 11.42 40.92 -62.26
CA ASP A 405 11.75 39.52 -62.02
C ASP A 405 11.98 39.20 -60.55
N GLU A 406 11.76 40.16 -59.66
CA GLU A 406 11.92 39.98 -58.21
C GLU A 406 13.31 39.44 -57.88
N VAL A 407 14.32 40.26 -58.18
CA VAL A 407 15.70 39.85 -57.92
C VAL A 407 15.92 39.65 -56.43
N ARG A 408 15.52 40.64 -55.61
CA ARG A 408 15.65 40.53 -54.16
C ARG A 408 14.44 41.02 -53.39
N GLN A 409 13.47 41.69 -54.03
CA GLN A 409 12.35 42.27 -53.31
C GLN A 409 11.24 41.25 -53.06
N ILE A 410 11.60 40.12 -52.46
CA ILE A 410 10.62 39.09 -52.09
C ILE A 410 10.89 38.66 -50.65
N ALA A 411 12.00 39.13 -50.09
CA ALA A 411 12.37 38.74 -48.73
C ALA A 411 11.37 39.29 -47.73
N PRO A 412 11.00 38.53 -46.70
CA PRO A 412 10.07 38.96 -45.66
C PRO A 412 10.63 40.08 -44.79
N PHE A 429 7.92 35.69 -42.90
CA PHE A 429 6.71 35.45 -43.65
C PHE A 429 5.76 34.54 -42.88
N THR A 430 4.50 34.97 -42.74
CA THR A 430 3.51 34.15 -42.06
C THR A 430 3.25 32.85 -42.81
N GLY A 431 3.18 32.93 -44.14
CA GLY A 431 2.90 31.75 -44.94
C GLY A 431 4.07 31.33 -45.82
N CYS A 432 3.79 30.99 -47.08
CA CYS A 432 4.78 30.48 -48.02
C CYS A 432 4.70 31.28 -49.31
N VAL A 433 5.83 31.42 -49.98
CA VAL A 433 5.93 32.21 -51.20
C VAL A 433 6.21 31.31 -52.38
N ILE A 434 5.53 31.57 -53.48
CA ILE A 434 5.77 30.95 -54.78
C ILE A 434 5.98 32.02 -55.83
N ALA A 435 6.54 31.59 -56.97
CA ALA A 435 6.88 32.48 -58.06
C ALA A 435 6.37 31.92 -59.37
N TRP A 436 6.12 32.83 -60.31
CA TRP A 436 5.56 32.51 -61.60
C TRP A 436 5.91 33.65 -62.55
N ASN A 437 5.91 33.34 -63.85
CA ASN A 437 6.23 34.35 -64.84
C ASN A 437 5.10 34.40 -65.86
N SER A 438 4.63 35.60 -66.16
CA SER A 438 3.54 35.80 -67.11
C SER A 438 4.00 36.32 -68.45
N ASN A 439 5.31 36.56 -68.63
CA ASN A 439 5.81 36.97 -69.94
C ASN A 439 5.62 35.86 -70.96
N ASN A 440 5.80 34.61 -70.54
CA ASN A 440 5.52 33.48 -71.42
C ASN A 440 4.05 33.40 -71.78
N LEU A 441 3.18 33.72 -70.83
CA LEU A 441 1.74 33.70 -71.06
C LEU A 441 1.32 34.71 -72.12
N SER A 494 0.60 51.54 -62.66
CA SER A 494 1.19 50.21 -62.77
C SER A 494 1.54 49.88 -64.22
N TYR A 495 2.72 49.29 -64.43
CA TYR A 495 3.15 48.90 -65.77
C TYR A 495 2.41 47.62 -66.15
N GLY A 496 1.37 47.78 -66.97
CA GLY A 496 0.51 46.66 -67.32
C GLY A 496 0.81 46.01 -68.66
N PHE A 497 1.03 46.83 -69.69
CA PHE A 497 1.22 46.34 -71.04
C PHE A 497 2.65 45.86 -71.22
N GLN A 498 2.83 44.54 -71.36
CA GLN A 498 4.12 43.93 -71.63
C GLN A 498 3.96 42.92 -72.77
N PRO A 499 3.71 43.40 -74.00
CA PRO A 499 3.50 42.45 -75.10
C PRO A 499 4.74 41.65 -75.45
N THR A 500 5.86 42.31 -75.71
CA THR A 500 7.10 41.63 -76.07
C THR A 500 8.26 42.50 -75.61
N ASN A 501 9.01 42.01 -74.63
CA ASN A 501 10.12 42.76 -74.06
C ASN A 501 11.41 41.95 -74.08
N GLY A 502 12.43 42.41 -73.35
CA GLY A 502 13.70 41.71 -73.31
C GLY A 502 13.74 40.58 -72.31
N VAL A 503 14.79 40.53 -71.50
CA VAL A 503 14.95 39.46 -70.53
C VAL A 503 14.76 39.93 -69.09
N GLY A 504 14.94 41.22 -68.80
CA GLY A 504 14.76 41.73 -67.46
C GLY A 504 13.45 42.46 -67.26
N TYR A 505 12.89 43.00 -68.35
CA TYR A 505 11.64 43.74 -68.30
C TYR A 505 10.46 42.80 -68.58
N GLN A 506 10.40 41.72 -67.81
CA GLN A 506 9.40 40.69 -67.99
C GLN A 506 8.46 40.63 -66.79
N PRO A 507 7.15 40.59 -67.01
CA PRO A 507 6.23 40.43 -65.86
C PRO A 507 6.39 39.05 -65.23
N TYR A 508 6.41 39.03 -63.91
CA TYR A 508 6.74 37.86 -63.12
C TYR A 508 5.74 37.67 -61.97
N ARG A 509 4.45 37.68 -62.32
CA ARG A 509 3.36 37.54 -61.37
C ARG A 509 3.68 36.52 -60.28
N VAL A 510 3.59 36.96 -59.02
CA VAL A 510 3.94 36.16 -57.86
C VAL A 510 2.67 35.88 -57.06
N VAL A 511 2.49 34.61 -56.70
CA VAL A 511 1.36 34.19 -55.89
C VAL A 511 1.82 34.21 -54.44
N VAL A 512 1.18 35.03 -53.61
CA VAL A 512 1.58 35.22 -52.21
C VAL A 512 0.58 34.53 -51.31
N LEU A 513 1.08 33.67 -50.42
CA LEU A 513 0.27 32.94 -49.47
C LEU A 513 0.76 33.26 -48.05
N SER A 514 -0.17 33.57 -47.16
CA SER A 514 0.14 33.91 -45.77
C SER A 514 -0.78 33.10 -44.85
N PHE A 515 -0.27 31.98 -44.34
CA PHE A 515 -1.05 31.14 -43.44
C PHE A 515 -0.48 31.17 -42.03
N ALA A 522 -7.86 25.82 -36.34
CA ALA A 522 -7.25 24.95 -37.34
C ALA A 522 -8.22 24.65 -38.47
N THR A 523 -8.73 25.71 -39.10
CA THR A 523 -9.69 25.54 -40.18
C THR A 523 -9.06 25.07 -41.48
N VAL A 524 -7.74 25.26 -41.64
CA VAL A 524 -7.04 24.86 -42.85
C VAL A 524 -5.94 23.88 -42.48
N CYS A 525 -5.86 22.78 -43.21
CA CYS A 525 -4.81 21.78 -43.00
C CYS A 525 -4.68 20.95 -44.27
N GLY A 526 -3.63 20.14 -44.32
CA GLY A 526 -3.36 19.31 -45.47
C GLY A 526 -4.30 18.13 -45.58
N PRO A 527 -4.25 17.42 -46.70
CA PRO A 527 -5.13 16.26 -46.89
C PRO A 527 -4.77 15.13 -45.94
N LYS A 528 -5.78 14.32 -45.62
CA LYS A 528 -5.63 13.18 -44.73
C LYS A 528 -5.73 11.91 -45.58
N LYS A 529 -4.58 11.31 -45.88
CA LYS A 529 -4.56 10.07 -46.64
C LYS A 529 -5.16 8.93 -45.82
N SER A 530 -5.97 8.10 -46.46
CA SER A 530 -6.63 6.98 -45.81
C SER A 530 -6.21 5.68 -46.47
N THR A 531 -5.74 4.73 -45.67
CA THR A 531 -5.38 3.41 -46.16
C THR A 531 -6.62 2.52 -46.28
N ASN A 532 -6.43 1.35 -46.88
CA ASN A 532 -7.53 0.40 -47.00
C ASN A 532 -7.87 -0.19 -45.63
N LEU A 533 -8.94 -0.97 -45.60
CA LEU A 533 -9.46 -1.53 -44.36
C LEU A 533 -9.30 -3.05 -44.36
N VAL A 534 -8.94 -3.60 -43.20
CA VAL A 534 -8.78 -5.04 -43.01
C VAL A 534 -9.62 -5.46 -41.82
N LYS A 535 -9.93 -6.75 -41.76
CA LYS A 535 -10.80 -7.30 -40.73
C LYS A 535 -10.18 -8.57 -40.14
N ASN A 536 -10.48 -8.81 -38.87
CA ASN A 536 -10.04 -10.01 -38.15
C ASN A 536 -8.52 -10.14 -38.12
N LYS A 537 -7.82 -9.01 -38.19
CA LYS A 537 -6.36 -8.97 -38.07
C LYS A 537 -5.97 -7.87 -37.11
N CYS A 538 -5.03 -8.18 -36.21
CA CYS A 538 -4.61 -7.21 -35.21
C CYS A 538 -3.85 -6.06 -35.89
N VAL A 539 -4.42 -4.85 -35.82
CA VAL A 539 -3.88 -3.71 -36.54
C VAL A 539 -3.80 -2.50 -35.62
N ASN A 540 -3.00 -1.52 -36.04
CA ASN A 540 -2.85 -0.25 -35.33
C ASN A 540 -3.86 0.76 -35.90
N PHE A 541 -5.13 0.51 -35.60
CA PHE A 541 -6.20 1.35 -36.15
C PHE A 541 -6.06 2.78 -35.64
N ASN A 542 -6.29 3.72 -36.54
CA ASN A 542 -6.18 5.16 -36.25
C ASN A 542 -7.38 5.90 -36.81
N PHE A 543 -8.58 5.37 -36.53
CA PHE A 543 -9.82 5.96 -37.00
C PHE A 543 -9.98 7.39 -36.49
N ASN A 544 -9.92 8.37 -37.40
CA ASN A 544 -9.98 9.78 -37.04
C ASN A 544 -8.91 10.12 -36.01
N GLY A 545 -9.33 10.65 -34.86
CA GLY A 545 -8.43 10.96 -33.77
C GLY A 545 -8.27 9.87 -32.75
N LEU A 546 -8.81 8.68 -32.99
CA LEU A 546 -8.78 7.56 -32.05
C LEU A 546 -7.59 6.67 -32.37
N THR A 547 -6.64 6.58 -31.45
CA THR A 547 -5.51 5.69 -31.59
C THR A 547 -5.83 4.36 -30.89
N GLY A 548 -4.83 3.50 -30.75
CA GLY A 548 -4.97 2.24 -30.05
C GLY A 548 -4.63 1.05 -30.93
N THR A 549 -4.87 -0.13 -30.38
CA THR A 549 -4.57 -1.39 -31.06
C THR A 549 -5.71 -2.36 -30.78
N GLY A 550 -6.22 -2.99 -31.83
CA GLY A 550 -7.30 -3.95 -31.67
C GLY A 550 -7.64 -4.59 -32.99
N VAL A 551 -8.55 -5.55 -32.92
CA VAL A 551 -9.03 -6.27 -34.09
C VAL A 551 -10.33 -5.62 -34.55
N LEU A 552 -10.63 -5.75 -35.84
CA LEU A 552 -11.78 -5.08 -36.45
C LEU A 552 -12.74 -6.15 -36.98
N THR A 553 -13.92 -6.23 -36.37
CA THR A 553 -14.95 -7.18 -36.77
C THR A 553 -16.26 -6.42 -37.01
N GLU A 554 -17.13 -7.02 -37.82
CA GLU A 554 -18.44 -6.44 -38.04
C GLU A 554 -19.25 -6.43 -36.75
N SER A 555 -20.00 -5.34 -36.55
CA SER A 555 -20.78 -5.14 -35.33
C SER A 555 -22.25 -4.95 -35.69
N ASN A 556 -23.13 -5.46 -34.84
CA ASN A 556 -24.57 -5.30 -35.00
C ASN A 556 -25.13 -4.13 -34.20
N LYS A 557 -24.26 -3.33 -33.58
CA LYS A 557 -24.71 -2.19 -32.80
C LYS A 557 -25.33 -1.14 -33.71
N LYS A 558 -26.38 -0.47 -33.22
CA LYS A 558 -27.12 0.53 -34.00
C LYS A 558 -26.68 1.91 -33.53
N PHE A 559 -25.67 2.46 -34.21
CA PHE A 559 -25.20 3.80 -33.91
C PHE A 559 -26.24 4.84 -34.32
N LEU A 560 -26.31 5.91 -33.56
CA LEU A 560 -27.11 7.06 -33.99
C LEU A 560 -26.35 7.84 -35.05
N PRO A 561 -27.06 8.58 -35.91
CA PRO A 561 -26.38 9.24 -37.04
C PRO A 561 -25.27 10.19 -36.62
N PHE A 562 -25.40 10.88 -35.49
CA PHE A 562 -24.39 11.85 -35.08
C PHE A 562 -23.28 11.25 -34.21
N GLN A 563 -23.41 10.00 -33.78
CA GLN A 563 -22.42 9.37 -32.92
C GLN A 563 -21.29 8.78 -33.74
N GLN A 564 -20.06 8.95 -33.24
CA GLN A 564 -18.86 8.50 -33.94
C GLN A 564 -18.34 7.17 -33.39
N PHE A 565 -18.07 7.10 -32.09
CA PHE A 565 -17.53 5.90 -31.47
C PHE A 565 -18.32 5.56 -30.22
N GLY A 566 -18.28 4.28 -29.85
CA GLY A 566 -18.99 3.78 -28.69
C GLY A 566 -18.09 3.61 -27.48
N ARG A 567 -18.73 3.28 -26.36
CA ARG A 567 -18.03 3.10 -25.10
C ARG A 567 -18.84 2.18 -24.21
N ASP A 568 -18.21 1.72 -23.13
CA ASP A 568 -18.88 0.84 -22.17
C ASP A 568 -18.77 1.40 -20.76
N ILE A 569 -19.14 0.59 -19.76
CA ILE A 569 -19.13 1.06 -18.38
C ILE A 569 -17.72 1.44 -17.94
N ALA A 570 -16.73 0.63 -18.33
CA ALA A 570 -15.35 0.87 -17.93
C ALA A 570 -14.68 1.99 -18.73
N ASP A 571 -15.43 2.67 -19.60
CA ASP A 571 -14.91 3.78 -20.40
C ASP A 571 -13.74 3.33 -21.28
N THR A 572 -13.99 2.28 -22.06
CA THR A 572 -13.03 1.79 -23.04
C THR A 572 -13.74 1.62 -24.38
N THR A 573 -13.08 2.07 -25.44
CA THR A 573 -13.70 2.05 -26.79
C THR A 573 -14.02 0.64 -27.18
N ASP A 574 -15.26 0.38 -27.57
CA ASP A 574 -15.68 -1.00 -27.90
C ASP A 574 -16.39 -1.00 -29.26
N ALA A 575 -16.42 0.15 -29.93
CA ALA A 575 -17.03 0.22 -31.27
C ALA A 575 -16.59 1.51 -31.94
N VAL A 576 -16.26 1.45 -33.23
CA VAL A 576 -15.85 2.64 -33.96
C VAL A 576 -16.57 2.65 -35.31
N ARG A 577 -17.08 3.82 -35.70
CA ARG A 577 -17.70 4.00 -37.00
C ARG A 577 -16.63 4.46 -37.99
N ASP A 578 -16.49 3.72 -39.09
CA ASP A 578 -15.50 4.08 -40.09
C ASP A 578 -15.88 5.41 -40.74
N PRO A 579 -14.94 6.34 -40.90
CA PRO A 579 -15.32 7.67 -41.44
C PRO A 579 -15.83 7.61 -42.86
N GLN A 580 -15.07 7.03 -43.79
CA GLN A 580 -15.45 7.06 -45.20
C GLN A 580 -16.76 6.30 -45.44
N THR A 581 -16.76 5.01 -45.14
CA THR A 581 -17.95 4.18 -45.25
C THR A 581 -18.59 4.03 -43.89
N LEU A 582 -19.88 4.35 -43.80
CA LEU A 582 -20.58 4.38 -42.52
C LEU A 582 -20.93 2.95 -42.08
N GLU A 583 -19.94 2.30 -41.48
CA GLU A 583 -20.11 0.97 -40.90
C GLU A 583 -19.72 1.01 -39.44
N ILE A 584 -20.24 0.08 -38.66
CA ILE A 584 -19.96 -0.04 -37.24
C ILE A 584 -19.09 -1.27 -37.04
N LEU A 585 -17.87 -1.06 -36.55
CA LEU A 585 -16.90 -2.12 -36.34
C LEU A 585 -16.57 -2.23 -34.86
N ASP A 586 -16.73 -3.42 -34.30
CA ASP A 586 -16.38 -3.65 -32.91
C ASP A 586 -14.87 -3.69 -32.73
N ILE A 587 -14.43 -3.30 -31.54
CA ILE A 587 -13.02 -3.32 -31.17
C ILE A 587 -12.82 -4.44 -30.16
N THR A 588 -12.12 -5.49 -30.56
CA THR A 588 -11.78 -6.59 -29.67
C THR A 588 -10.28 -6.64 -29.52
N PRO A 589 -9.73 -6.51 -28.31
CA PRO A 589 -8.28 -6.47 -28.16
C PRO A 589 -7.63 -7.80 -28.51
N CYS A 590 -6.37 -7.72 -28.93
CA CYS A 590 -5.62 -8.92 -29.27
C CYS A 590 -5.47 -9.82 -28.05
N SER A 591 -5.49 -11.13 -28.28
CA SER A 591 -5.32 -12.08 -27.19
C SER A 591 -3.97 -11.88 -26.51
N PHE A 592 -3.99 -11.83 -25.18
CA PHE A 592 -2.80 -11.50 -24.40
C PHE A 592 -2.68 -12.40 -23.17
N GLY A 593 -3.14 -13.64 -23.29
CA GLY A 593 -3.06 -14.55 -22.17
C GLY A 593 -1.62 -14.84 -21.76
N GLY A 594 -1.43 -15.09 -20.47
CA GLY A 594 -0.12 -15.37 -19.95
C GLY A 594 0.41 -16.74 -20.33
N VAL A 595 1.67 -16.98 -20.01
CA VAL A 595 2.36 -18.23 -20.31
C VAL A 595 2.79 -18.88 -19.01
N SER A 596 2.47 -20.16 -18.86
CA SER A 596 2.84 -20.93 -17.68
C SER A 596 3.62 -22.17 -18.11
N VAL A 597 4.56 -22.57 -17.27
CA VAL A 597 5.42 -23.72 -17.52
C VAL A 597 5.08 -24.79 -16.50
N ILE A 598 4.72 -25.98 -16.99
CA ILE A 598 4.37 -27.12 -16.15
C ILE A 598 5.56 -28.07 -16.14
N THR A 599 6.21 -28.21 -15.00
CA THR A 599 7.40 -29.04 -14.89
C THR A 599 7.29 -29.97 -13.68
N PRO A 600 7.68 -31.24 -13.84
CA PRO A 600 7.69 -32.17 -12.71
C PRO A 600 8.92 -32.06 -11.81
N GLY A 601 9.73 -31.03 -11.98
CA GLY A 601 10.94 -30.89 -11.20
C GLY A 601 12.19 -31.27 -11.97
N THR A 602 13.23 -30.42 -11.89
CA THR A 602 14.47 -30.71 -12.59
C THR A 602 15.13 -31.98 -12.05
N ASN A 603 15.04 -32.20 -10.74
CA ASN A 603 15.61 -33.41 -10.16
C ASN A 603 14.94 -34.66 -10.71
N THR A 604 13.61 -34.63 -10.84
CA THR A 604 12.91 -35.81 -11.34
C THR A 604 13.20 -36.05 -12.82
N SER A 605 13.10 -35.01 -13.64
CA SER A 605 13.28 -35.13 -15.08
C SER A 605 13.53 -33.73 -15.65
N ASN A 606 13.49 -33.63 -16.97
CA ASN A 606 13.66 -32.34 -17.64
C ASN A 606 12.54 -32.01 -18.62
N GLN A 607 11.53 -32.86 -18.75
CA GLN A 607 10.43 -32.58 -19.65
C GLN A 607 9.58 -31.43 -19.12
N VAL A 608 8.97 -30.69 -20.04
CA VAL A 608 8.23 -29.48 -19.70
C VAL A 608 7.03 -29.34 -20.62
N ALA A 609 5.90 -28.97 -20.05
CA ALA A 609 4.71 -28.58 -20.79
C ALA A 609 4.52 -27.08 -20.66
N VAL A 610 3.72 -26.52 -21.57
CA VAL A 610 3.48 -25.08 -21.61
C VAL A 610 1.98 -24.85 -21.75
N LEU A 611 1.42 -23.95 -20.93
CA LEU A 611 0.02 -23.61 -20.97
C LEU A 611 -0.14 -22.13 -21.22
N TYR A 612 -0.79 -21.77 -22.33
CA TYR A 612 -1.17 -20.40 -22.60
C TYR A 612 -2.56 -20.16 -22.00
N GLN A 613 -2.70 -19.05 -21.26
CA GLN A 613 -3.76 -18.95 -20.27
C GLN A 613 -5.15 -19.07 -20.88
N ASP A 614 -5.45 -18.24 -21.88
CA ASP A 614 -6.78 -18.29 -22.49
C ASP A 614 -6.75 -18.00 -23.99
N VAL A 615 -5.67 -18.35 -24.67
CA VAL A 615 -5.44 -17.94 -26.05
C VAL A 615 -5.15 -19.19 -26.87
N ASN A 616 -6.18 -19.79 -27.47
CA ASN A 616 -5.98 -20.73 -28.56
C ASN A 616 -6.88 -20.44 -29.76
N CYS A 617 -8.13 -20.06 -29.52
CA CYS A 617 -9.14 -19.88 -30.57
C CYS A 617 -9.09 -21.02 -31.58
N THR A 618 -8.82 -20.71 -32.85
CA THR A 618 -8.57 -21.78 -33.82
C THR A 618 -7.10 -22.20 -33.75
N GLU A 619 -6.19 -21.30 -34.14
CA GLU A 619 -4.75 -21.48 -33.89
C GLU A 619 -4.13 -20.09 -33.78
N VAL A 620 -4.12 -19.55 -32.56
CA VAL A 620 -3.40 -18.31 -32.25
C VAL A 620 -1.93 -18.53 -31.90
N PRO A 621 -1.59 -19.49 -31.01
CA PRO A 621 -0.28 -19.40 -30.33
C PRO A 621 0.93 -19.44 -31.25
N VAL A 622 0.81 -20.03 -32.44
CA VAL A 622 1.95 -20.04 -33.36
C VAL A 622 1.98 -18.70 -34.08
N ALA A 623 2.69 -17.74 -33.49
CA ALA A 623 2.83 -16.40 -34.07
C ALA A 623 4.25 -15.86 -34.03
N ILE A 624 5.10 -16.34 -33.13
CA ILE A 624 6.49 -15.89 -33.03
C ILE A 624 7.39 -17.11 -33.09
N HIS A 625 8.54 -16.96 -33.76
CA HIS A 625 9.49 -18.05 -33.94
C HIS A 625 10.64 -17.82 -32.97
N ALA A 626 10.65 -18.60 -31.89
CA ALA A 626 11.68 -18.50 -30.86
C ALA A 626 12.54 -19.75 -30.83
N TRP A 633 10.96 -22.32 -27.07
CA TRP A 633 11.47 -23.19 -28.14
C TRP A 633 10.36 -23.57 -29.11
N ARG A 634 10.49 -24.76 -29.69
CA ARG A 634 9.48 -25.32 -30.58
C ARG A 634 9.18 -26.79 -30.32
N VAL A 635 10.00 -27.49 -29.54
CA VAL A 635 9.77 -28.91 -29.29
C VAL A 635 8.51 -29.11 -28.45
N TYR A 636 8.50 -28.56 -27.24
CA TYR A 636 7.36 -28.64 -26.34
C TYR A 636 6.82 -27.26 -26.01
N SER A 637 6.87 -26.35 -26.98
CA SER A 637 6.37 -24.99 -26.80
C SER A 637 5.20 -24.69 -27.73
N THR A 638 5.34 -24.95 -29.03
CA THR A 638 4.27 -24.66 -29.98
C THR A 638 4.11 -25.78 -31.00
N GLY A 639 4.71 -26.95 -30.77
CA GLY A 639 4.63 -28.04 -31.72
C GLY A 639 3.35 -28.84 -31.65
N SER A 640 3.45 -30.16 -31.77
CA SER A 640 2.29 -31.03 -31.78
C SER A 640 1.87 -31.33 -30.34
N ASN A 641 0.97 -32.31 -30.17
CA ASN A 641 0.42 -32.68 -28.87
C ASN A 641 -0.30 -31.49 -28.22
N VAL A 642 -1.13 -30.83 -29.02
CA VAL A 642 -1.90 -29.68 -28.54
C VAL A 642 -3.23 -30.19 -27.99
N PHE A 643 -3.52 -29.85 -26.74
CA PHE A 643 -4.75 -30.26 -26.07
C PHE A 643 -5.41 -28.99 -25.54
N GLN A 644 -6.58 -28.66 -26.07
CA GLN A 644 -7.27 -27.42 -25.75
C GLN A 644 -8.14 -27.63 -24.51
N THR A 645 -7.94 -26.79 -23.51
CA THR A 645 -8.70 -26.85 -22.26
C THR A 645 -9.48 -25.56 -22.07
N ARG A 646 -10.41 -25.59 -21.12
CA ARG A 646 -11.12 -24.38 -20.73
C ARG A 646 -10.16 -23.35 -20.17
N ALA A 647 -9.06 -23.80 -19.55
CA ALA A 647 -8.03 -22.93 -19.03
C ALA A 647 -6.92 -22.66 -20.04
N GLY A 648 -7.26 -22.66 -21.34
CA GLY A 648 -6.35 -22.27 -22.38
C GLY A 648 -5.66 -23.45 -23.04
N CYS A 649 -4.88 -23.13 -24.08
CA CYS A 649 -4.16 -24.15 -24.82
C CYS A 649 -3.06 -24.77 -23.98
N LEU A 650 -2.91 -26.08 -24.08
CA LEU A 650 -1.87 -26.82 -23.37
C LEU A 650 -1.05 -27.59 -24.40
N ILE A 651 0.22 -27.25 -24.53
CA ILE A 651 1.12 -27.85 -25.51
C ILE A 651 2.21 -28.61 -24.78
N GLY A 652 2.46 -29.84 -25.20
CA GLY A 652 3.44 -30.69 -24.57
C GLY A 652 2.91 -31.70 -23.59
N ALA A 653 1.59 -31.81 -23.45
CA ALA A 653 0.96 -32.76 -22.54
C ALA A 653 0.03 -33.68 -23.31
N GLU A 654 0.09 -34.97 -23.01
CA GLU A 654 -0.71 -35.97 -23.69
C GLU A 654 -2.01 -36.18 -22.91
N HIS A 655 -3.14 -36.00 -23.58
CA HIS A 655 -4.45 -36.07 -22.94
C HIS A 655 -4.87 -37.53 -22.85
N VAL A 656 -4.90 -38.06 -21.63
CA VAL A 656 -5.36 -39.42 -21.39
C VAL A 656 -6.85 -39.40 -21.07
N ASN A 657 -7.49 -40.56 -21.22
CA ASN A 657 -8.91 -40.69 -20.92
C ASN A 657 -9.18 -41.18 -19.50
N ASN A 658 -8.14 -41.40 -18.71
CA ASN A 658 -8.30 -41.86 -17.33
C ASN A 658 -8.52 -40.67 -16.41
N SER A 659 -8.49 -40.92 -15.10
CA SER A 659 -8.71 -39.85 -14.12
C SER A 659 -8.03 -40.27 -12.82
N TYR A 660 -6.92 -39.62 -12.49
CA TYR A 660 -6.18 -39.87 -11.26
C TYR A 660 -6.30 -38.66 -10.33
N GLU A 661 -5.63 -38.77 -9.18
CA GLU A 661 -5.59 -37.65 -8.24
C GLU A 661 -4.75 -36.51 -8.82
N CYS A 662 -5.22 -35.28 -8.59
CA CYS A 662 -4.54 -34.11 -9.13
C CYS A 662 -3.13 -33.98 -8.57
N ASP A 663 -2.18 -33.70 -9.45
CA ASP A 663 -0.77 -33.51 -9.07
C ASP A 663 -0.31 -32.07 -9.29
N ILE A 664 -0.46 -31.56 -10.51
CA ILE A 664 -0.13 -30.19 -10.83
C ILE A 664 -1.40 -29.51 -11.34
N PRO A 665 -2.05 -28.68 -10.51
CA PRO A 665 -3.31 -28.07 -10.93
C PRO A 665 -3.12 -27.15 -12.13
N ILE A 666 -4.14 -27.13 -12.99
CA ILE A 666 -4.14 -26.30 -14.20
C ILE A 666 -5.32 -25.34 -14.21
N GLY A 667 -6.52 -25.86 -14.01
CA GLY A 667 -7.73 -25.07 -14.00
C GLY A 667 -8.86 -25.81 -14.69
N ALA A 668 -10.09 -25.52 -14.26
CA ALA A 668 -11.30 -26.11 -14.82
C ALA A 668 -11.29 -27.63 -14.76
N GLY A 669 -10.72 -28.17 -13.68
CA GLY A 669 -10.70 -29.60 -13.46
C GLY A 669 -9.60 -30.36 -14.16
N ILE A 670 -8.70 -29.68 -14.85
CA ILE A 670 -7.60 -30.34 -15.55
C ILE A 670 -6.36 -30.31 -14.68
N CYS A 671 -5.61 -31.40 -14.68
CA CYS A 671 -4.38 -31.52 -13.90
C CYS A 671 -3.35 -32.29 -14.71
N ALA A 672 -2.08 -32.08 -14.35
CA ALA A 672 -0.97 -32.68 -15.07
C ALA A 672 -0.05 -33.41 -14.11
N SER A 673 0.68 -34.39 -14.63
CA SER A 673 1.61 -35.17 -13.84
C SER A 673 2.59 -35.85 -14.78
N TYR A 674 3.64 -36.41 -14.19
CA TYR A 674 4.68 -37.14 -14.92
C TYR A 674 4.47 -38.63 -14.69
N GLN A 675 3.84 -39.29 -15.65
CA GLN A 675 3.57 -40.72 -15.57
C GLN A 675 3.61 -41.31 -16.98
N THR A 676 3.13 -42.54 -17.11
CA THR A 676 3.10 -43.22 -18.40
C THR A 676 1.81 -42.90 -19.15
N SER A 689 8.87 -45.01 -21.37
CA SER A 689 7.96 -44.04 -21.97
C SER A 689 7.34 -43.14 -20.91
N GLN A 690 8.08 -42.11 -20.52
CA GLN A 690 7.64 -41.15 -19.51
C GLN A 690 7.34 -39.82 -20.19
N SER A 691 6.18 -39.24 -19.90
CA SER A 691 5.78 -37.99 -20.51
C SER A 691 4.75 -37.31 -19.61
N ILE A 692 4.56 -36.01 -19.85
CA ILE A 692 3.57 -35.24 -19.10
C ILE A 692 2.18 -35.58 -19.63
N ILE A 693 1.27 -35.93 -18.72
CA ILE A 693 -0.08 -36.34 -19.07
C ILE A 693 -1.06 -35.38 -18.43
N ALA A 694 -2.05 -34.93 -19.22
CA ALA A 694 -3.09 -34.04 -18.75
C ALA A 694 -4.42 -34.79 -18.74
N TYR A 695 -5.09 -34.78 -17.59
CA TYR A 695 -6.35 -35.51 -17.45
C TYR A 695 -7.40 -34.68 -16.73
N THR A 696 -8.53 -35.29 -16.41
CA THR A 696 -9.55 -34.69 -15.56
C THR A 696 -9.40 -35.26 -14.16
N MET A 697 -9.25 -34.38 -13.18
CA MET A 697 -8.95 -34.83 -11.82
C MET A 697 -10.11 -35.65 -11.26
N SER A 698 -9.76 -36.56 -10.36
CA SER A 698 -10.72 -37.44 -9.71
C SER A 698 -10.94 -36.97 -8.27
N LEU A 699 -12.19 -36.99 -7.83
CA LEU A 699 -12.57 -36.49 -6.53
C LEU A 699 -12.46 -37.53 -5.42
N GLY A 700 -12.01 -38.73 -5.74
CA GLY A 700 -11.84 -39.79 -4.75
C GLY A 700 -12.30 -41.12 -5.29
N ALA A 701 -11.93 -42.18 -4.57
CA ALA A 701 -12.32 -43.53 -4.97
C ALA A 701 -13.83 -43.70 -4.83
N GLU A 702 -14.44 -44.34 -5.83
CA GLU A 702 -15.88 -44.53 -5.85
C GLU A 702 -16.26 -45.63 -4.87
N ASN A 703 -17.04 -45.26 -3.86
CA ASN A 703 -17.57 -46.19 -2.87
C ASN A 703 -19.06 -46.37 -3.07
N SER A 704 -19.64 -47.30 -2.31
CA SER A 704 -21.06 -47.58 -2.39
C SER A 704 -21.56 -47.95 -1.00
N CYS A 705 -22.42 -47.12 -0.44
CA CYS A 705 -23.06 -47.42 0.84
C CYS A 705 -24.35 -48.18 0.56
N ALA A 706 -24.40 -49.44 0.99
CA ALA A 706 -25.55 -50.30 0.72
C ALA A 706 -26.63 -50.01 1.76
N TYR A 707 -27.36 -48.92 1.52
CA TYR A 707 -28.47 -48.57 2.40
C TYR A 707 -29.56 -49.63 2.34
N SER A 708 -30.06 -50.01 3.51
CA SER A 708 -31.15 -50.98 3.59
C SER A 708 -31.80 -50.85 4.96
N ASN A 709 -33.10 -50.53 4.98
CA ASN A 709 -33.81 -50.48 6.24
C ASN A 709 -33.83 -51.86 6.88
N ASN A 710 -33.74 -51.87 8.22
CA ASN A 710 -33.68 -53.05 9.11
C ASN A 710 -32.31 -53.71 9.13
N SER A 711 -31.26 -53.04 8.62
CA SER A 711 -29.91 -53.59 8.64
C SER A 711 -28.94 -52.54 9.17
N ILE A 712 -28.06 -52.95 10.08
CA ILE A 712 -27.06 -52.07 10.65
C ILE A 712 -25.71 -52.77 10.61
N ALA A 713 -24.64 -51.99 10.55
CA ALA A 713 -23.28 -52.50 10.49
C ALA A 713 -22.53 -52.05 11.74
N ILE A 714 -22.01 -53.00 12.50
CA ILE A 714 -21.31 -52.74 13.76
C ILE A 714 -19.87 -53.19 13.59
N PRO A 715 -18.89 -52.35 13.92
CA PRO A 715 -17.50 -52.77 13.83
C PRO A 715 -17.17 -53.86 14.84
N THR A 716 -16.22 -54.72 14.48
CA THR A 716 -15.75 -55.77 15.36
C THR A 716 -14.28 -55.60 15.75
N ASN A 717 -13.66 -54.50 15.38
CA ASN A 717 -12.26 -54.25 15.67
C ASN A 717 -12.02 -52.74 15.57
N PHE A 718 -10.76 -52.34 15.77
CA PHE A 718 -10.40 -50.93 15.70
C PHE A 718 -8.97 -50.80 15.22
N THR A 719 -8.51 -49.57 15.09
CA THR A 719 -7.16 -49.26 14.64
C THR A 719 -6.75 -47.92 15.25
N ILE A 720 -5.92 -47.97 16.28
CA ILE A 720 -5.40 -46.76 16.90
C ILE A 720 -4.41 -46.12 15.93
N SER A 721 -4.76 -44.96 15.38
CA SER A 721 -3.95 -44.29 14.38
C SER A 721 -3.51 -42.93 14.90
N VAL A 722 -2.24 -42.60 14.70
CA VAL A 722 -1.66 -41.35 15.15
C VAL A 722 -1.39 -40.51 13.90
N THR A 723 -2.16 -39.44 13.73
CA THR A 723 -1.97 -38.53 12.61
C THR A 723 -1.02 -37.41 13.03
N THR A 724 -0.86 -36.40 12.17
CA THR A 724 -0.01 -35.27 12.48
C THR A 724 -0.65 -34.00 11.94
N GLU A 725 -0.25 -32.86 12.53
CA GLU A 725 -0.80 -31.58 12.14
C GLU A 725 0.24 -30.50 12.46
N ILE A 726 0.71 -29.82 11.44
CA ILE A 726 1.71 -28.76 11.58
C ILE A 726 1.02 -27.42 11.46
N LEU A 727 1.32 -26.50 12.39
CA LEU A 727 0.68 -25.20 12.40
C LEU A 727 1.68 -24.09 12.64
N PRO A 728 1.77 -23.11 11.75
CA PRO A 728 2.62 -21.93 12.03
C PRO A 728 2.14 -21.20 13.26
N VAL A 729 3.09 -20.70 14.04
CA VAL A 729 2.81 -20.01 15.30
C VAL A 729 3.37 -18.59 15.30
N SER A 730 4.63 -18.45 14.90
CA SER A 730 5.30 -17.15 14.97
C SER A 730 6.07 -16.91 13.68
N MET A 731 6.63 -15.71 13.57
CA MET A 731 7.41 -15.32 12.40
C MET A 731 8.79 -14.83 12.83
N THR A 732 9.54 -14.27 11.89
CA THR A 732 10.82 -13.66 12.19
C THR A 732 10.59 -12.22 12.61
N LYS A 733 11.05 -11.87 13.81
CA LYS A 733 10.87 -10.52 14.34
C LYS A 733 11.89 -9.61 13.67
N THR A 734 11.47 -8.93 12.61
CA THR A 734 12.35 -8.10 11.80
C THR A 734 12.08 -6.64 12.09
N SER A 735 13.14 -5.89 12.39
CA SER A 735 13.06 -4.45 12.60
C SER A 735 13.91 -3.76 11.54
N VAL A 736 13.36 -2.73 10.91
CA VAL A 736 14.01 -2.02 9.82
C VAL A 736 14.17 -0.56 10.22
N ASP A 737 15.41 -0.07 10.16
CA ASP A 737 15.68 1.34 10.42
C ASP A 737 15.30 2.16 9.19
N CYS A 738 14.37 3.09 9.35
CA CYS A 738 13.87 3.86 8.22
C CYS A 738 14.93 4.82 7.69
N THR A 739 15.60 5.54 8.59
CA THR A 739 16.60 6.52 8.16
C THR A 739 17.79 5.84 7.50
N MET A 740 18.27 4.74 8.10
CA MET A 740 19.43 4.05 7.53
C MET A 740 19.11 3.40 6.20
N TYR A 741 17.84 3.05 5.97
CA TYR A 741 17.46 2.42 4.71
C TYR A 741 17.24 3.46 3.62
N ILE A 742 16.49 4.51 3.92
CA ILE A 742 16.18 5.52 2.90
C ILE A 742 17.40 6.37 2.60
N CYS A 743 17.93 7.03 3.62
CA CYS A 743 19.10 7.91 3.47
C CYS A 743 20.21 7.34 4.36
N GLY A 744 20.98 6.41 3.82
CA GLY A 744 22.00 5.72 4.61
C GLY A 744 23.27 6.52 4.80
N ASP A 745 23.47 7.03 6.01
CA ASP A 745 24.67 7.78 6.38
C ASP A 745 24.85 8.98 5.44
N SER A 746 23.89 9.90 5.51
CA SER A 746 23.95 11.11 4.69
C SER A 746 23.07 12.16 5.35
N THR A 747 23.70 13.24 5.84
CA THR A 747 22.94 14.29 6.48
C THR A 747 22.09 15.07 5.48
N GLU A 748 22.59 15.25 4.26
CA GLU A 748 21.83 15.98 3.25
C GLU A 748 20.52 15.29 2.93
N CYS A 749 20.54 13.96 2.80
CA CYS A 749 19.32 13.21 2.54
C CYS A 749 18.45 13.11 3.79
N SER A 750 19.07 12.94 4.95
CA SER A 750 18.30 12.83 6.19
C SER A 750 17.56 14.13 6.50
N ASN A 751 18.08 15.26 6.03
CA ASN A 751 17.40 16.53 6.25
C ASN A 751 16.16 16.64 5.37
N LEU A 752 16.21 16.08 4.16
CA LEU A 752 15.01 16.03 3.32
C LEU A 752 14.01 15.00 3.83
N LEU A 753 14.49 13.94 4.48
CA LEU A 753 13.57 12.95 5.04
C LEU A 753 12.66 13.55 6.10
N LEU A 754 13.06 14.64 6.73
CA LEU A 754 12.21 15.30 7.71
C LEU A 754 11.04 16.04 7.07
N GLN A 755 11.13 16.34 5.78
CA GLN A 755 10.03 17.03 5.11
C GLN A 755 8.80 16.15 5.00
N TYR A 756 8.98 14.83 4.88
CA TYR A 756 7.87 13.91 4.66
C TYR A 756 7.14 13.53 5.95
N GLY A 757 7.37 14.26 7.04
CA GLY A 757 6.62 14.02 8.27
C GLY A 757 7.20 12.93 9.15
N SER A 758 6.33 12.08 9.69
CA SER A 758 6.71 11.04 10.64
C SER A 758 6.41 9.65 10.06
N PHE A 759 6.70 9.45 8.78
CA PHE A 759 6.50 8.14 8.17
C PHE A 759 7.39 7.09 8.81
N CYS A 760 8.65 7.46 9.08
CA CYS A 760 9.60 6.52 9.68
C CYS A 760 9.10 6.06 11.04
N THR A 761 8.55 6.98 11.83
CA THR A 761 8.01 6.61 13.14
C THR A 761 6.87 5.61 13.00
N GLN A 762 5.99 5.82 12.02
CA GLN A 762 4.88 4.90 11.81
C GLN A 762 5.38 3.51 11.41
N LEU A 763 6.36 3.46 10.51
CA LEU A 763 6.89 2.16 10.09
C LEU A 763 7.56 1.44 11.24
N ASN A 764 8.36 2.17 12.03
CA ASN A 764 9.03 1.56 13.18
C ASN A 764 8.01 1.04 14.19
N ARG A 765 6.95 1.82 14.45
CA ARG A 765 5.94 1.39 15.39
C ARG A 765 5.20 0.15 14.90
N ALA A 766 4.89 0.10 13.59
CA ALA A 766 4.23 -1.07 13.04
C ALA A 766 5.09 -2.32 13.17
N LEU A 767 6.39 -2.21 12.85
CA LEU A 767 7.26 -3.37 12.96
C LEU A 767 7.44 -3.80 14.41
N THR A 768 7.55 -2.84 15.33
CA THR A 768 7.64 -3.17 16.74
C THR A 768 6.39 -3.90 17.23
N GLY A 769 5.21 -3.41 16.81
CA GLY A 769 3.98 -4.09 17.17
C GLY A 769 3.91 -5.50 16.60
N ILE A 770 4.41 -5.69 15.37
CA ILE A 770 4.42 -7.02 14.79
C ILE A 770 5.31 -7.95 15.61
N ALA A 771 6.50 -7.47 16.00
CA ALA A 771 7.39 -8.31 16.80
C ALA A 771 6.78 -8.66 18.15
N VAL A 772 6.16 -7.68 18.81
CA VAL A 772 5.50 -7.93 20.09
C VAL A 772 4.36 -8.94 19.92
N GLU A 773 3.64 -8.84 18.81
CA GLU A 773 2.57 -9.79 18.53
C GLU A 773 3.13 -11.21 18.33
N GLN A 774 4.27 -11.33 17.65
CA GLN A 774 4.89 -12.64 17.49
C GLN A 774 5.27 -13.23 18.85
N ASP A 775 5.86 -12.40 19.72
CA ASP A 775 6.19 -12.87 21.06
C ASP A 775 4.94 -13.30 21.82
N LYS A 776 3.87 -12.53 21.71
CA LYS A 776 2.62 -12.88 22.38
C LYS A 776 2.04 -14.19 21.85
N ASN A 777 2.14 -14.40 20.54
CA ASN A 777 1.67 -15.66 19.95
C ASN A 777 2.45 -16.84 20.50
N THR A 778 3.79 -16.71 20.54
CA THR A 778 4.61 -17.80 21.06
C THR A 778 4.29 -18.07 22.53
N GLN A 779 4.06 -17.00 23.31
CA GLN A 779 3.69 -17.18 24.71
C GLN A 779 2.34 -17.87 24.84
N GLU A 780 1.38 -17.49 24.02
CA GLU A 780 0.03 -18.03 24.15
C GLU A 780 -0.03 -19.51 23.78
N VAL A 781 0.67 -19.89 22.71
CA VAL A 781 0.53 -21.26 22.21
C VAL A 781 1.07 -22.27 23.23
N PHE A 782 2.25 -22.00 23.80
CA PHE A 782 2.95 -22.98 24.61
C PHE A 782 2.78 -22.80 26.11
N ALA A 783 2.82 -21.56 26.60
CA ALA A 783 2.78 -21.31 28.05
C ALA A 783 1.33 -21.30 28.53
N GLN A 784 0.74 -22.48 28.55
CA GLN A 784 -0.63 -22.65 29.02
C GLN A 784 -0.69 -22.92 30.52
N VAL A 785 -0.03 -23.98 30.96
CA VAL A 785 0.06 -24.30 32.39
C VAL A 785 1.42 -23.86 32.89
N LYS A 786 1.43 -23.06 33.96
CA LYS A 786 2.67 -22.56 34.54
C LYS A 786 3.18 -23.47 35.64
N GLN A 787 3.27 -24.76 35.34
CA GLN A 787 3.81 -25.77 36.26
C GLN A 787 4.67 -26.71 35.45
N ILE A 788 5.98 -26.67 35.68
CA ILE A 788 6.93 -27.46 34.88
C ILE A 788 7.01 -28.84 35.52
N TYR A 789 6.24 -29.79 34.99
CA TYR A 789 6.29 -31.16 35.47
C TYR A 789 7.54 -31.86 34.95
N LYS A 790 7.94 -32.90 35.67
CA LYS A 790 9.14 -33.67 35.34
C LYS A 790 8.74 -35.02 34.74
N THR A 791 9.46 -35.41 33.69
CA THR A 791 9.19 -36.70 33.07
C THR A 791 9.48 -37.82 34.04
N PRO A 792 8.55 -38.76 34.25
CA PRO A 792 8.77 -39.83 35.23
C PRO A 792 9.97 -40.68 34.85
N PRO A 793 10.75 -41.14 35.83
CA PRO A 793 11.91 -41.98 35.52
C PRO A 793 11.56 -43.39 35.10
N ILE A 794 10.40 -43.91 35.52
CA ILE A 794 10.00 -45.26 35.13
C ILE A 794 9.44 -45.22 33.71
N LYS A 795 9.41 -46.40 33.08
CA LYS A 795 8.92 -46.53 31.71
C LYS A 795 7.85 -47.61 31.58
N ASP A 796 7.28 -48.09 32.69
CA ASP A 796 6.24 -49.11 32.65
C ASP A 796 4.87 -48.44 32.63
N PHE A 797 4.57 -47.84 31.48
CA PHE A 797 3.26 -47.21 31.27
C PHE A 797 2.26 -48.22 30.72
N GLY A 798 2.16 -49.37 31.38
CA GLY A 798 1.25 -50.40 30.94
C GLY A 798 1.55 -51.03 29.60
N GLY A 799 2.70 -50.72 29.00
CA GLY A 799 3.04 -51.26 27.70
C GLY A 799 3.29 -50.20 26.65
N PHE A 800 2.79 -48.98 26.90
CA PHE A 800 2.97 -47.89 25.96
C PHE A 800 4.43 -47.43 25.96
N ASN A 801 4.92 -47.05 24.77
CA ASN A 801 6.35 -46.77 24.60
C ASN A 801 6.70 -45.37 25.08
N PHE A 802 6.17 -44.34 24.41
CA PHE A 802 6.40 -42.93 24.73
C PHE A 802 7.86 -42.52 24.62
N SER A 803 8.73 -43.38 24.07
CA SER A 803 10.14 -43.06 23.98
C SER A 803 10.45 -42.11 22.82
N GLN A 804 9.56 -41.99 21.85
CA GLN A 804 9.82 -41.16 20.68
C GLN A 804 9.25 -39.75 20.81
N ILE A 805 8.59 -39.43 21.92
CA ILE A 805 8.07 -38.09 22.14
C ILE A 805 8.57 -37.47 23.43
N LEU A 806 9.04 -38.25 24.40
CA LEU A 806 9.64 -37.69 25.59
C LEU A 806 11.04 -37.16 25.28
N PRO A 807 11.50 -36.16 26.03
CA PRO A 807 12.83 -35.59 25.76
C PRO A 807 13.93 -36.63 25.92
N ASP A 808 14.96 -36.50 25.08
CA ASP A 808 16.09 -37.43 25.10
C ASP A 808 17.25 -36.78 25.84
N PRO A 809 17.65 -37.29 27.00
CA PRO A 809 18.72 -36.64 27.76
C PRO A 809 20.12 -36.87 27.19
N SER A 810 20.31 -37.89 26.36
CA SER A 810 21.64 -38.18 25.83
C SER A 810 22.13 -37.05 24.92
N LYS A 811 21.25 -36.50 24.09
CA LYS A 811 21.64 -35.44 23.18
C LYS A 811 21.99 -34.17 23.95
N PRO A 812 22.90 -33.35 23.43
CA PRO A 812 23.22 -32.08 24.11
C PRO A 812 22.02 -31.18 24.28
N SER A 813 21.12 -31.16 23.30
CA SER A 813 19.84 -30.47 23.42
C SER A 813 18.77 -31.47 23.81
N LYS A 814 18.00 -31.15 24.85
CA LYS A 814 16.99 -32.06 25.38
C LYS A 814 15.75 -31.98 24.49
N ARG A 815 15.81 -32.67 23.36
CA ARG A 815 14.73 -32.73 22.39
C ARG A 815 14.37 -34.18 22.12
N SER A 816 13.08 -34.45 21.92
CA SER A 816 12.63 -35.78 21.58
C SER A 816 13.11 -36.14 20.18
N PRO A 817 13.19 -37.44 19.86
CA PRO A 817 13.62 -37.83 18.50
C PRO A 817 12.75 -37.22 17.41
N ILE A 818 11.44 -37.14 17.63
CA ILE A 818 10.56 -36.51 16.65
C ILE A 818 10.85 -35.01 16.55
N GLU A 819 11.09 -34.36 17.69
CA GLU A 819 11.46 -32.95 17.68
C GLU A 819 12.78 -32.73 16.94
N ASP A 820 13.75 -33.61 17.15
CA ASP A 820 15.02 -33.50 16.44
C ASP A 820 14.83 -33.69 14.95
N LEU A 821 13.97 -34.63 14.55
CA LEU A 821 13.68 -34.81 13.13
C LEU A 821 13.01 -33.59 12.54
N LEU A 822 12.09 -32.97 13.29
CA LEU A 822 11.40 -31.78 12.80
C LEU A 822 12.35 -30.60 12.68
N PHE A 823 13.31 -30.49 13.61
CA PHE A 823 14.19 -29.33 13.63
C PHE A 823 15.22 -29.37 12.51
N ASN A 824 15.49 -30.54 11.93
CA ASN A 824 16.45 -30.67 10.85
C ASN A 824 15.80 -30.65 9.47
N LYS A 825 14.48 -30.50 9.40
CA LYS A 825 13.77 -30.49 8.13
C LYS A 825 13.36 -29.09 7.68
N VAL A 826 13.58 -28.08 8.50
CA VAL A 826 13.25 -26.70 8.16
C VAL A 826 14.57 -25.92 8.05
N THR A 827 14.82 -25.36 6.87
CA THR A 827 16.05 -24.62 6.64
C THR A 827 15.76 -23.33 5.88
N ASP A 848 25.94 -16.77 5.85
CA ASP A 848 24.60 -16.21 5.98
C ASP A 848 24.46 -14.92 5.19
N LEU A 849 23.38 -14.82 4.41
CA LEU A 849 23.11 -13.60 3.66
C LEU A 849 22.79 -12.43 4.57
N ILE A 850 22.36 -12.70 5.81
CA ILE A 850 21.97 -11.64 6.72
C ILE A 850 23.13 -10.72 7.07
N CYS A 851 24.37 -11.18 6.84
CA CYS A 851 25.52 -10.30 7.08
C CYS A 851 25.51 -9.11 6.13
N ALA A 852 25.22 -9.34 4.85
CA ALA A 852 25.14 -8.24 3.89
C ALA A 852 23.83 -7.47 4.05
N GLN A 853 22.74 -8.15 4.38
CA GLN A 853 21.46 -7.47 4.53
C GLN A 853 21.44 -6.57 5.74
N LYS A 854 22.21 -6.91 6.78
CA LYS A 854 22.22 -6.11 8.01
C LYS A 854 22.75 -4.71 7.76
N PHE A 855 23.66 -4.55 6.80
CA PHE A 855 24.31 -3.26 6.57
C PHE A 855 23.39 -2.20 6.00
N ASN A 856 22.18 -2.58 5.58
CA ASN A 856 21.19 -1.64 5.06
C ASN A 856 20.12 -1.30 6.09
N GLY A 857 20.41 -1.49 7.38
CA GLY A 857 19.45 -1.21 8.43
C GLY A 857 18.45 -2.30 8.69
N LEU A 858 18.60 -3.47 8.07
CA LEU A 858 17.65 -4.57 8.21
C LEU A 858 18.22 -5.57 9.21
N THR A 859 17.74 -5.49 10.45
CA THR A 859 18.20 -6.35 11.53
C THR A 859 17.07 -7.25 12.01
N VAL A 860 17.43 -8.45 12.44
CA VAL A 860 16.47 -9.44 12.92
C VAL A 860 16.68 -9.61 14.42
N LEU A 861 15.64 -9.31 15.19
CA LEU A 861 15.67 -9.47 16.64
C LEU A 861 15.47 -10.93 17.02
N PRO A 862 16.03 -11.36 18.15
CA PRO A 862 15.87 -12.74 18.58
C PRO A 862 14.57 -12.92 19.35
N PRO A 863 13.94 -14.09 19.23
CA PRO A 863 12.70 -14.34 19.99
C PRO A 863 12.96 -14.38 21.48
N LEU A 864 11.93 -14.00 22.25
CA LEU A 864 12.05 -13.97 23.70
C LEU A 864 12.23 -15.37 24.26
N LEU A 865 11.47 -16.34 23.74
CA LEU A 865 11.54 -17.72 24.21
C LEU A 865 12.50 -18.49 23.31
N THR A 866 13.61 -18.93 23.88
CA THR A 866 14.56 -19.73 23.13
C THR A 866 13.98 -21.11 22.82
N ASP A 867 14.59 -21.80 21.86
CA ASP A 867 14.11 -23.13 21.49
C ASP A 867 14.22 -24.10 22.67
N GLU A 868 15.23 -23.92 23.53
CA GLU A 868 15.35 -24.79 24.70
C GLU A 868 14.19 -24.59 25.66
N MET A 869 13.79 -23.34 25.89
CA MET A 869 12.68 -23.08 26.79
C MET A 869 11.36 -23.51 26.19
N ILE A 870 11.20 -23.37 24.87
CA ILE A 870 10.01 -23.88 24.20
C ILE A 870 9.94 -25.40 24.31
N ALA A 871 11.08 -26.07 24.15
CA ALA A 871 11.11 -27.53 24.30
C ALA A 871 10.80 -27.94 25.74
N GLN A 872 11.27 -27.16 26.72
CA GLN A 872 10.93 -27.43 28.10
C GLN A 872 9.45 -27.25 28.37
N TYR A 873 8.84 -26.22 27.78
CA TYR A 873 7.40 -26.05 27.88
C TYR A 873 6.64 -27.22 27.26
N THR A 874 7.10 -27.67 26.10
CA THR A 874 6.46 -28.81 25.42
C THR A 874 6.60 -30.08 26.27
N SER A 875 7.77 -30.30 26.86
CA SER A 875 7.96 -31.47 27.70
C SER A 875 7.16 -31.38 28.99
N ALA A 876 6.85 -30.17 29.44
CA ALA A 876 6.02 -30.01 30.63
C ALA A 876 4.60 -30.47 30.35
N LEU A 877 4.04 -30.06 29.21
CA LEU A 877 2.71 -30.52 28.82
C LEU A 877 2.69 -32.02 28.55
N LEU A 878 3.71 -32.51 27.83
CA LEU A 878 3.74 -33.93 27.46
C LEU A 878 3.91 -34.82 28.69
N ALA A 879 4.71 -34.38 29.66
CA ALA A 879 4.88 -35.13 30.89
C ALA A 879 3.76 -34.89 31.88
N GLY A 880 2.81 -34.01 31.57
CA GLY A 880 1.66 -33.80 32.42
C GLY A 880 0.47 -34.62 31.98
N THR A 881 0.38 -34.89 30.68
CA THR A 881 -0.69 -35.73 30.16
C THR A 881 -0.52 -37.19 30.52
N ILE A 882 0.66 -37.59 31.00
CA ILE A 882 0.90 -38.98 31.35
C ILE A 882 0.64 -39.26 32.82
N CYS A 883 1.09 -38.37 33.72
CA CYS A 883 0.84 -38.56 35.13
C CYS A 883 -0.63 -38.38 35.47
N SER A 884 -1.25 -37.31 34.97
CA SER A 884 -2.62 -36.96 35.33
C SER A 884 -3.61 -37.13 34.19
N GLY A 885 -3.30 -36.61 33.01
CA GLY A 885 -4.24 -36.68 31.91
C GLY A 885 -4.80 -35.33 31.52
N TRP A 886 -6.09 -35.12 31.73
CA TRP A 886 -6.72 -33.84 31.45
C TRP A 886 -6.94 -32.99 32.70
N THR A 887 -6.58 -33.49 33.88
CA THR A 887 -6.90 -32.79 35.11
C THR A 887 -5.85 -31.73 35.48
N PHE A 888 -4.67 -31.77 34.87
CA PHE A 888 -3.68 -30.73 35.15
C PHE A 888 -3.92 -29.46 34.34
N GLY A 889 -4.82 -29.50 33.36
CA GLY A 889 -5.27 -28.32 32.66
C GLY A 889 -6.60 -27.79 33.12
N ALA A 890 -7.20 -28.39 34.15
CA ALA A 890 -8.47 -27.96 34.71
C ALA A 890 -8.40 -27.91 36.22
N GLY A 891 -7.29 -27.38 36.75
CA GLY A 891 -7.06 -27.33 38.17
C GLY A 891 -5.74 -27.98 38.54
N PRO A 892 -5.73 -28.72 39.64
CA PRO A 892 -4.52 -29.42 40.05
C PRO A 892 -4.40 -30.80 39.41
N ALA A 893 -3.17 -31.29 39.34
CA ALA A 893 -2.88 -32.55 38.68
C ALA A 893 -3.12 -33.71 39.65
N LEU A 894 -3.96 -34.66 39.23
CA LEU A 894 -4.26 -35.86 40.00
C LEU A 894 -3.68 -37.06 39.27
N GLN A 895 -2.76 -37.77 39.92
CA GLN A 895 -2.13 -38.92 39.28
C GLN A 895 -3.13 -40.05 39.04
N ILE A 896 -2.89 -40.79 37.97
CA ILE A 896 -3.73 -41.92 37.59
C ILE A 896 -2.90 -42.84 36.70
N PRO A 897 -2.99 -44.16 36.86
CA PRO A 897 -2.27 -45.05 35.94
C PRO A 897 -2.72 -44.83 34.50
N PHE A 898 -1.76 -44.88 33.58
CA PHE A 898 -2.07 -44.62 32.18
C PHE A 898 -3.10 -45.57 31.59
N PRO A 899 -3.09 -46.88 31.87
CA PRO A 899 -4.21 -47.71 31.39
C PRO A 899 -5.56 -47.22 31.85
N MET A 900 -5.66 -46.74 33.09
CA MET A 900 -6.94 -46.23 33.57
C MET A 900 -7.35 -44.96 32.85
N GLN A 901 -6.38 -44.10 32.52
CA GLN A 901 -6.67 -42.90 31.74
C GLN A 901 -7.12 -43.25 30.33
N MET A 902 -6.50 -44.26 29.72
CA MET A 902 -6.96 -44.73 28.43
C MET A 902 -8.37 -45.30 28.51
N ALA A 903 -8.69 -45.99 29.60
CA ALA A 903 -10.05 -46.47 29.79
C ALA A 903 -11.03 -45.31 29.92
N TYR A 904 -10.62 -44.25 30.62
CA TYR A 904 -11.45 -43.05 30.73
C TYR A 904 -11.71 -42.45 29.36
N ARG A 905 -10.67 -42.35 28.53
CA ARG A 905 -10.84 -41.76 27.21
C ARG A 905 -11.67 -42.65 26.30
N PHE A 906 -11.53 -43.98 26.44
CA PHE A 906 -12.39 -44.90 25.71
C PHE A 906 -13.85 -44.71 26.10
N ASN A 907 -14.12 -44.53 27.40
CA ASN A 907 -15.46 -44.18 27.84
C ASN A 907 -15.91 -42.86 27.22
N GLY A 908 -14.98 -41.91 27.12
CA GLY A 908 -15.32 -40.62 26.53
C GLY A 908 -15.77 -40.75 25.08
N ILE A 909 -15.10 -41.61 24.30
CA ILE A 909 -15.48 -41.76 22.90
C ILE A 909 -16.70 -42.64 22.71
N GLY A 910 -17.13 -43.37 23.74
CA GLY A 910 -18.33 -44.20 23.69
C GLY A 910 -18.10 -45.65 24.06
N VAL A 911 -16.93 -46.18 23.75
CA VAL A 911 -16.64 -47.58 24.04
C VAL A 911 -16.48 -47.78 25.54
N THR A 912 -16.76 -49.00 26.01
CA THR A 912 -16.74 -49.28 27.43
C THR A 912 -15.31 -49.52 27.92
N GLN A 913 -15.19 -49.83 29.21
CA GLN A 913 -13.87 -50.09 29.79
C GLN A 913 -13.35 -51.47 29.38
N ASN A 914 -14.24 -52.42 29.14
CA ASN A 914 -13.82 -53.79 28.84
C ASN A 914 -12.96 -53.88 27.60
N VAL A 915 -13.23 -53.03 26.61
CA VAL A 915 -12.52 -53.13 25.34
C VAL A 915 -11.03 -52.82 25.51
N LEU A 916 -10.70 -51.85 26.36
CA LEU A 916 -9.29 -51.53 26.57
C LEU A 916 -8.61 -52.54 27.46
N TYR A 917 -9.20 -52.83 28.63
CA TYR A 917 -8.53 -53.70 29.60
C TYR A 917 -8.36 -55.13 29.07
N GLU A 918 -9.30 -55.60 28.25
CA GLU A 918 -9.18 -56.93 27.67
C GLU A 918 -8.40 -56.94 26.36
N ASN A 919 -8.03 -55.77 25.84
CA ASN A 919 -7.21 -55.66 24.65
C ASN A 919 -6.07 -54.68 24.87
N GLN A 920 -5.48 -54.71 26.07
CA GLN A 920 -4.46 -53.73 26.42
C GLN A 920 -3.19 -53.93 25.59
N LYS A 921 -2.77 -55.18 25.42
CA LYS A 921 -1.55 -55.44 24.66
C LYS A 921 -1.70 -55.04 23.20
N LEU A 922 -2.84 -55.36 22.60
CA LEU A 922 -3.09 -55.00 21.21
C LEU A 922 -3.10 -53.48 21.02
N ILE A 923 -3.79 -52.78 21.91
CA ILE A 923 -3.87 -51.32 21.80
C ILE A 923 -2.49 -50.69 22.01
N ALA A 924 -1.73 -51.19 22.98
CA ALA A 924 -0.38 -50.66 23.20
C ALA A 924 0.51 -50.91 21.99
N ASN A 925 0.42 -52.10 21.40
CA ASN A 925 1.23 -52.39 20.22
C ASN A 925 0.86 -51.49 19.05
N GLN A 926 -0.45 -51.28 18.84
CA GLN A 926 -0.88 -50.39 17.76
C GLN A 926 -0.41 -48.96 18.00
N PHE A 927 -0.49 -48.49 19.24
CA PHE A 927 -0.02 -47.15 19.59
C PHE A 927 1.47 -47.01 19.32
N ASN A 928 2.26 -47.99 19.76
CA ASN A 928 3.70 -47.94 19.53
C ASN A 928 4.02 -47.97 18.04
N SER A 929 3.32 -48.82 17.28
CA SER A 929 3.56 -48.90 15.84
C SER A 929 3.21 -47.59 15.15
N ALA A 930 2.11 -46.96 15.55
CA ALA A 930 1.72 -45.69 14.94
C ALA A 930 2.75 -44.60 15.24
N ILE A 931 3.21 -44.52 16.49
CA ILE A 931 4.21 -43.52 16.85
C ILE A 931 5.50 -43.77 16.08
N GLY A 932 5.91 -45.04 15.96
CA GLY A 932 7.11 -45.34 15.20
C GLY A 932 6.96 -45.01 13.72
N LYS A 933 5.77 -45.21 13.17
CA LYS A 933 5.54 -44.90 11.77
C LYS A 933 5.50 -43.40 11.52
N ILE A 934 5.11 -42.63 12.53
CA ILE A 934 5.09 -41.17 12.38
C ILE A 934 6.49 -40.65 12.10
N GLN A 935 7.50 -41.17 12.80
CA GLN A 935 8.87 -40.73 12.59
C GLN A 935 9.34 -41.04 11.18
N ASP A 936 9.04 -42.24 10.67
CA ASP A 936 9.44 -42.60 9.33
C ASP A 936 8.71 -41.76 8.29
N SER A 937 7.42 -41.48 8.51
CA SER A 937 6.68 -40.64 7.59
C SER A 937 7.26 -39.23 7.55
N LEU A 938 7.68 -38.71 8.70
CA LEU A 938 8.30 -37.39 8.73
C LEU A 938 9.67 -37.40 8.06
N SER A 939 10.48 -38.45 8.31
CA SER A 939 11.81 -38.51 7.73
C SER A 939 11.77 -38.62 6.21
N SER A 940 10.96 -39.54 5.70
CA SER A 940 10.76 -39.64 4.26
C SER A 940 9.80 -38.55 3.80
N THR A 941 9.60 -38.45 2.48
CA THR A 941 8.74 -37.46 1.84
C THR A 941 8.97 -36.08 2.44
N PRO A 942 10.09 -35.41 2.08
CA PRO A 942 10.46 -34.14 2.74
C PRO A 942 9.62 -32.94 2.27
N SER A 943 8.31 -33.05 2.45
CA SER A 943 7.41 -31.92 2.22
C SER A 943 6.32 -31.83 3.28
N ALA A 944 6.39 -32.63 4.35
CA ALA A 944 5.38 -32.58 5.38
C ALA A 944 5.39 -31.24 6.11
N LEU A 945 6.57 -30.72 6.41
CA LEU A 945 6.71 -29.42 7.06
C LEU A 945 6.71 -28.33 5.99
N GLY A 946 5.59 -28.24 5.29
CA GLY A 946 5.45 -27.30 4.19
C GLY A 946 4.94 -25.93 4.62
N LYS A 947 4.24 -25.86 5.74
CA LYS A 947 3.67 -24.59 6.17
C LYS A 947 4.72 -23.69 6.79
N LEU A 948 5.53 -24.24 7.71
CA LEU A 948 6.63 -23.46 8.28
C LEU A 948 7.63 -23.05 7.22
N GLN A 949 7.96 -23.97 6.31
CA GLN A 949 8.88 -23.65 5.23
C GLN A 949 8.28 -22.57 4.31
N ASP A 950 6.97 -22.62 4.08
CA ASP A 950 6.33 -21.59 3.28
C ASP A 950 6.41 -20.23 3.98
N VAL A 951 6.21 -20.21 5.30
CA VAL A 951 6.32 -18.95 6.04
C VAL A 951 7.73 -18.39 5.93
N VAL A 952 8.73 -19.26 6.12
CA VAL A 952 10.12 -18.83 6.03
C VAL A 952 10.43 -18.31 4.63
N ASN A 953 9.97 -19.02 3.60
CA ASN A 953 10.24 -18.60 2.23
C ASN A 953 9.56 -17.27 1.91
N GLN A 954 8.33 -17.07 2.38
CA GLN A 954 7.64 -15.81 2.13
C GLN A 954 8.34 -14.65 2.81
N ASN A 955 8.76 -14.83 4.06
CA ASN A 955 9.48 -13.77 4.75
C ASN A 955 10.81 -13.46 4.06
N ALA A 956 11.53 -14.51 3.65
CA ALA A 956 12.80 -14.31 2.95
C ALA A 956 12.59 -13.60 1.62
N GLN A 957 11.54 -13.96 0.89
CA GLN A 957 11.26 -13.31 -0.39
C GLN A 957 10.93 -11.84 -0.20
N ALA A 958 10.12 -11.52 0.83
CA ALA A 958 9.80 -10.12 1.09
C ALA A 958 11.06 -9.33 1.44
N LEU A 959 11.90 -9.90 2.32
CA LEU A 959 13.13 -9.20 2.70
C LEU A 959 14.06 -9.03 1.52
N ASN A 960 14.21 -10.06 0.67
CA ASN A 960 15.08 -9.97 -0.49
C ASN A 960 14.56 -8.93 -1.48
N THR A 961 13.23 -8.86 -1.65
CA THR A 961 12.65 -7.84 -2.52
C THR A 961 12.93 -6.45 -1.99
N LEU A 962 12.85 -6.27 -0.66
CA LEU A 962 13.13 -4.97 -0.07
C LEU A 962 14.57 -4.53 -0.33
N VAL A 963 15.53 -5.45 -0.19
CA VAL A 963 16.93 -5.08 -0.37
C VAL A 963 17.24 -4.75 -1.82
N LYS A 964 16.72 -5.55 -2.75
CA LYS A 964 17.03 -5.36 -4.16
C LYS A 964 16.44 -4.08 -4.74
N GLN A 965 15.53 -3.42 -4.02
CA GLN A 965 14.96 -2.16 -4.49
C GLN A 965 15.86 -0.97 -4.18
N LEU A 966 16.98 -1.18 -3.49
CA LEU A 966 17.95 -0.12 -3.24
C LEU A 966 18.84 0.16 -4.45
N SER A 967 18.75 -0.65 -5.49
CA SER A 967 19.55 -0.47 -6.70
C SER A 967 18.74 0.11 -7.85
N SER A 968 17.56 0.67 -7.57
CA SER A 968 16.69 1.22 -8.60
C SER A 968 16.87 2.73 -8.68
N ASN A 969 16.92 3.23 -9.92
CA ASN A 969 17.12 4.67 -10.11
C ASN A 969 15.93 5.48 -9.63
N PHE A 970 14.71 4.98 -9.85
CA PHE A 970 13.46 5.69 -9.54
C PHE A 970 13.37 7.02 -10.26
N GLY A 971 14.08 7.16 -11.38
CA GLY A 971 14.13 8.41 -12.12
C GLY A 971 15.36 9.25 -11.89
N ALA A 972 16.15 8.94 -10.87
CA ALA A 972 17.36 9.68 -10.58
C ALA A 972 18.47 9.29 -11.55
N ILE A 973 19.52 10.10 -11.57
CA ILE A 973 20.66 9.82 -12.45
C ILE A 973 21.39 8.56 -12.01
N SER A 974 21.54 8.38 -10.70
CA SER A 974 22.21 7.21 -10.15
C SER A 974 21.44 6.73 -8.92
N SER A 975 21.62 5.46 -8.60
CA SER A 975 20.95 4.84 -7.46
C SER A 975 21.76 4.90 -6.18
N VAL A 976 22.91 5.56 -6.19
CA VAL A 976 23.78 5.66 -5.02
C VAL A 976 23.74 7.10 -4.53
N LEU A 977 23.42 7.28 -3.24
CA LEU A 977 23.37 8.62 -2.67
C LEU A 977 24.75 9.27 -2.63
N ASN A 978 25.81 8.47 -2.47
CA ASN A 978 27.15 9.02 -2.47
C ASN A 978 27.50 9.66 -3.81
N ASP A 979 27.12 8.98 -4.91
CA ASP A 979 27.44 9.50 -6.24
C ASP A 979 26.71 10.81 -6.51
N ILE A 980 25.41 10.86 -6.22
CA ILE A 980 24.62 12.04 -6.53
C ILE A 980 25.12 13.25 -5.76
N LEU A 981 25.40 13.07 -4.47
CA LEU A 981 25.84 14.19 -3.65
C LEU A 981 27.26 14.63 -3.98
N SER A 982 28.09 13.71 -4.47
CA SER A 982 29.49 14.01 -4.77
C SER A 982 29.73 14.41 -6.22
N ARG A 983 28.69 14.50 -7.04
CA ARG A 983 28.85 14.91 -8.43
C ARG A 983 27.85 15.97 -8.86
N LEU A 984 26.98 16.44 -7.96
CA LEU A 984 26.01 17.47 -8.29
C LEU A 984 26.02 18.55 -7.21
N ASP A 985 25.72 19.77 -7.62
CA ASP A 985 25.55 20.85 -6.67
C ASP A 985 24.30 20.61 -5.83
N PRO A 986 24.25 21.13 -4.61
CA PRO A 986 23.11 20.87 -3.71
C PRO A 986 21.77 21.20 -4.34
N PRO A 987 21.57 22.41 -4.89
CA PRO A 987 20.22 22.75 -5.37
C PRO A 987 19.73 21.85 -6.48
N GLU A 988 20.63 21.27 -7.27
CA GLU A 988 20.24 20.33 -8.32
C GLU A 988 20.18 18.89 -7.83
N ALA A 989 20.97 18.55 -6.81
CA ALA A 989 20.95 17.21 -6.25
C ALA A 989 19.75 16.96 -5.35
N GLU A 990 19.11 18.03 -4.86
CA GLU A 990 17.92 17.85 -4.03
C GLU A 990 16.84 17.09 -4.79
N VAL A 991 16.68 17.39 -6.09
CA VAL A 991 15.64 16.73 -6.88
C VAL A 991 15.91 15.23 -6.98
N GLN A 992 17.15 14.86 -7.28
CA GLN A 992 17.49 13.45 -7.45
C GLN A 992 17.33 12.70 -6.13
N ILE A 993 17.82 13.28 -5.03
CA ILE A 993 17.70 12.59 -3.75
C ILE A 993 16.24 12.54 -3.31
N ASP A 994 15.43 13.51 -3.75
CA ASP A 994 13.99 13.47 -3.45
C ASP A 994 13.31 12.33 -4.21
N ARG A 995 13.69 12.12 -5.47
CA ARG A 995 13.17 10.97 -6.21
C ARG A 995 13.55 9.67 -5.53
N LEU A 996 14.80 9.54 -5.11
CA LEU A 996 15.23 8.34 -4.41
C LEU A 996 14.49 8.15 -3.10
N ILE A 997 14.26 9.25 -2.37
CA ILE A 997 13.52 9.19 -1.11
C ILE A 997 12.10 8.69 -1.36
N THR A 998 11.45 9.22 -2.39
CA THR A 998 10.08 8.80 -2.70
C THR A 998 10.02 7.32 -3.04
N GLY A 999 10.96 6.86 -3.89
CA GLY A 999 10.97 5.45 -4.25
C GLY A 999 11.18 4.53 -3.06
N ARG A 1000 12.17 4.88 -2.21
CA ARG A 1000 12.46 4.04 -1.06
C ARG A 1000 11.33 4.07 -0.04
N LEU A 1001 10.68 5.23 0.11
CA LEU A 1001 9.52 5.31 1.00
C LEU A 1001 8.38 4.43 0.51
N GLN A 1002 8.11 4.44 -0.79
CA GLN A 1002 7.08 3.57 -1.33
C GLN A 1002 7.42 2.10 -1.12
N SER A 1003 8.68 1.73 -1.35
CA SER A 1003 9.09 0.34 -1.14
C SER A 1003 8.90 -0.08 0.32
N LEU A 1004 9.32 0.78 1.25
CA LEU A 1004 9.18 0.46 2.67
C LEU A 1004 7.72 0.36 3.08
N GLN A 1005 6.88 1.25 2.57
CA GLN A 1005 5.45 1.22 2.89
C GLN A 1005 4.81 -0.08 2.38
N THR A 1006 5.14 -0.48 1.15
CA THR A 1006 4.60 -1.73 0.63
C THR A 1006 5.05 -2.92 1.46
N TYR A 1007 6.34 -2.95 1.83
CA TYR A 1007 6.84 -4.04 2.65
C TYR A 1007 6.13 -4.09 4.00
N VAL A 1008 5.93 -2.93 4.62
CA VAL A 1008 5.28 -2.88 5.93
C VAL A 1008 3.83 -3.35 5.84
N THR A 1009 3.11 -2.92 4.80
CA THR A 1009 1.72 -3.37 4.66
C THR A 1009 1.63 -4.87 4.45
N GLN A 1010 2.48 -5.42 3.58
CA GLN A 1010 2.48 -6.86 3.36
C GLN A 1010 2.84 -7.61 4.65
N GLN A 1011 3.80 -7.08 5.41
CA GLN A 1011 4.17 -7.70 6.68
C GLN A 1011 3.01 -7.67 7.66
N LEU A 1012 2.26 -6.58 7.70
CA LEU A 1012 1.09 -6.51 8.58
C LEU A 1012 0.05 -7.55 8.22
N ILE A 1013 -0.23 -7.70 6.92
CA ILE A 1013 -1.22 -8.70 6.50
C ILE A 1013 -0.74 -10.11 6.86
N ARG A 1014 0.53 -10.40 6.58
CA ARG A 1014 1.07 -11.72 6.89
C ARG A 1014 1.06 -11.97 8.40
N ALA A 1015 1.33 -10.94 9.19
CA ALA A 1015 1.30 -11.07 10.64
C ALA A 1015 -0.11 -11.35 11.13
N ALA A 1016 -1.12 -10.72 10.50
CA ALA A 1016 -2.50 -11.03 10.87
C ALA A 1016 -2.83 -12.49 10.57
N GLU A 1017 -2.42 -12.98 9.40
CA GLU A 1017 -2.65 -14.39 9.06
C GLU A 1017 -1.95 -15.31 10.04
N ILE A 1018 -0.71 -15.00 10.39
CA ILE A 1018 0.04 -15.84 11.32
C ILE A 1018 -0.56 -15.78 12.72
N ARG A 1019 -1.11 -14.63 13.12
CA ARG A 1019 -1.79 -14.54 14.40
C ARG A 1019 -3.04 -15.40 14.41
N ALA A 1020 -3.78 -15.44 13.31
CA ALA A 1020 -4.93 -16.33 13.23
C ALA A 1020 -4.49 -17.79 13.36
N SER A 1021 -3.40 -18.15 12.68
CA SER A 1021 -2.89 -19.52 12.80
C SER A 1021 -2.47 -19.84 14.22
N ALA A 1022 -1.84 -18.88 14.90
CA ALA A 1022 -1.40 -19.09 16.28
C ALA A 1022 -2.58 -19.23 17.23
N ASN A 1023 -3.64 -18.45 17.01
CA ASN A 1023 -4.84 -18.59 17.82
C ASN A 1023 -5.46 -19.97 17.62
N LEU A 1024 -5.50 -20.44 16.37
CA LEU A 1024 -6.01 -21.78 16.12
C LEU A 1024 -5.15 -22.83 16.82
N ALA A 1025 -3.82 -22.65 16.79
CA ALA A 1025 -2.93 -23.60 17.44
C ALA A 1025 -3.12 -23.61 18.95
N ALA A 1026 -3.29 -22.43 19.56
CA ALA A 1026 -3.54 -22.36 20.99
C ALA A 1026 -4.85 -23.02 21.36
N THR A 1027 -5.90 -22.80 20.55
CA THR A 1027 -7.17 -23.47 20.80
C THR A 1027 -7.04 -24.98 20.70
N LYS A 1028 -6.32 -25.46 19.68
CA LYS A 1028 -6.12 -26.88 19.53
C LYS A 1028 -5.37 -27.47 20.72
N MET A 1029 -4.31 -26.78 21.17
CA MET A 1029 -3.59 -27.24 22.35
C MET A 1029 -4.49 -27.32 23.56
N SER A 1030 -5.25 -26.25 23.82
CA SER A 1030 -6.09 -26.21 25.02
C SER A 1030 -7.16 -27.29 24.99
N GLU A 1031 -7.79 -27.51 23.84
CA GLU A 1031 -8.94 -28.40 23.78
C GLU A 1031 -8.58 -29.84 23.41
N CYS A 1032 -7.33 -30.12 23.05
CA CYS A 1032 -6.94 -31.49 22.72
C CYS A 1032 -5.82 -32.01 23.60
N VAL A 1033 -4.76 -31.23 23.81
CA VAL A 1033 -3.68 -31.69 24.68
C VAL A 1033 -4.16 -31.77 26.13
N LEU A 1034 -4.84 -30.72 26.59
CA LEU A 1034 -5.34 -30.66 27.97
C LEU A 1034 -6.79 -31.10 28.06
N GLY A 1035 -7.13 -32.25 27.47
CA GLY A 1035 -8.48 -32.74 27.52
C GLY A 1035 -8.78 -33.65 26.35
N GLN A 1036 -10.07 -33.88 26.15
CA GLN A 1036 -10.58 -34.68 25.05
C GLN A 1036 -11.63 -33.87 24.30
N SER A 1037 -11.66 -34.01 22.98
CA SER A 1037 -12.50 -33.19 22.13
C SER A 1037 -13.59 -34.04 21.48
N LYS A 1038 -14.83 -33.57 21.58
CA LYS A 1038 -15.96 -34.18 20.89
C LYS A 1038 -16.27 -33.47 19.57
N ARG A 1039 -15.48 -32.47 19.19
CA ARG A 1039 -15.67 -31.80 17.91
C ARG A 1039 -15.18 -32.71 16.79
N VAL A 1040 -16.04 -32.97 15.81
CA VAL A 1040 -15.70 -33.89 14.74
C VAL A 1040 -14.62 -33.29 13.86
N ASP A 1041 -13.59 -34.08 13.55
CA ASP A 1041 -12.50 -33.73 12.63
C ASP A 1041 -11.63 -32.59 13.16
N PHE A 1042 -11.85 -32.13 14.40
CA PHE A 1042 -11.03 -31.05 14.93
C PHE A 1042 -9.61 -31.52 15.18
N CYS A 1043 -9.45 -32.66 15.85
CA CYS A 1043 -8.14 -33.20 16.21
C CYS A 1043 -8.05 -34.64 15.69
N GLY A 1044 -7.61 -34.79 14.45
CA GLY A 1044 -7.45 -36.11 13.87
C GLY A 1044 -8.70 -36.61 13.19
N LYS A 1045 -8.52 -37.49 12.22
CA LYS A 1045 -9.62 -38.08 11.47
C LYS A 1045 -10.07 -39.34 12.19
N GLY A 1046 -11.08 -39.21 13.04
CA GLY A 1046 -11.59 -40.31 13.82
C GLY A 1046 -12.13 -39.81 15.14
N TYR A 1047 -12.26 -40.73 16.09
CA TYR A 1047 -12.70 -40.40 17.44
C TYR A 1047 -11.47 -40.05 18.27
N HIS A 1048 -11.40 -38.80 18.71
CA HIS A 1048 -10.20 -38.32 19.39
C HIS A 1048 -10.00 -39.04 20.73
N LEU A 1049 -8.76 -39.40 21.01
CA LEU A 1049 -8.37 -40.03 22.27
C LEU A 1049 -7.43 -39.13 23.08
N MET A 1050 -6.30 -38.73 22.49
CA MET A 1050 -5.37 -37.83 23.16
C MET A 1050 -4.51 -37.17 22.09
N SER A 1051 -3.80 -36.12 22.50
CA SER A 1051 -2.88 -35.41 21.63
C SER A 1051 -1.57 -35.16 22.35
N PHE A 1052 -0.49 -35.04 21.59
CA PHE A 1052 0.84 -34.81 22.13
C PHE A 1052 1.47 -33.64 21.39
N PRO A 1053 1.89 -32.59 22.08
CA PRO A 1053 2.54 -31.46 21.39
C PRO A 1053 4.03 -31.70 21.21
N GLN A 1054 4.54 -31.26 20.06
CA GLN A 1054 5.97 -31.32 19.75
C GLN A 1054 6.38 -30.00 19.13
N SER A 1055 7.46 -29.42 19.64
CA SER A 1055 7.91 -28.13 19.13
C SER A 1055 8.55 -28.27 17.76
N ALA A 1056 8.36 -27.26 16.94
CA ALA A 1056 8.92 -27.18 15.60
C ALA A 1056 9.43 -25.77 15.38
N PRO A 1057 10.39 -25.58 14.46
CA PRO A 1057 10.89 -24.22 14.19
C PRO A 1057 9.78 -23.29 13.71
N HIS A 1058 9.46 -22.28 14.53
CA HIS A 1058 8.41 -21.30 14.21
C HIS A 1058 7.06 -21.99 14.00
N GLY A 1059 6.69 -22.87 14.92
CA GLY A 1059 5.43 -23.55 14.83
C GLY A 1059 5.34 -24.66 15.86
N VAL A 1060 4.24 -25.41 15.77
CA VAL A 1060 3.99 -26.54 16.66
C VAL A 1060 3.45 -27.69 15.82
N VAL A 1061 3.67 -28.91 16.32
CA VAL A 1061 3.24 -30.14 15.64
C VAL A 1061 2.45 -30.97 16.63
N PHE A 1062 1.27 -31.41 16.23
CA PHE A 1062 0.39 -32.22 17.06
C PHE A 1062 0.33 -33.65 16.52
N LEU A 1063 0.40 -34.61 17.43
CA LEU A 1063 0.26 -36.03 17.09
C LEU A 1063 -1.07 -36.50 17.65
N HIS A 1064 -2.12 -36.39 16.83
CA HIS A 1064 -3.47 -36.73 17.27
C HIS A 1064 -3.64 -38.24 17.27
N VAL A 1065 -3.88 -38.81 18.45
CA VAL A 1065 -4.20 -40.23 18.60
C VAL A 1065 -5.71 -40.39 18.48
N THR A 1066 -6.14 -41.26 17.58
CA THR A 1066 -7.56 -41.41 17.28
C THR A 1066 -7.95 -42.89 17.24
N TYR A 1067 -9.22 -43.13 17.48
CA TYR A 1067 -9.80 -44.47 17.48
C TYR A 1067 -10.63 -44.60 16.20
N VAL A 1068 -10.17 -45.45 15.29
CA VAL A 1068 -10.81 -45.63 13.99
C VAL A 1068 -11.39 -47.05 13.93
N PRO A 1069 -12.70 -47.20 13.76
CA PRO A 1069 -13.28 -48.54 13.68
C PRO A 1069 -12.86 -49.26 12.40
N ALA A 1070 -12.94 -50.60 12.46
CA ALA A 1070 -12.54 -51.43 11.33
C ALA A 1070 -13.20 -52.79 11.45
N GLN A 1071 -13.10 -53.58 10.38
CA GLN A 1071 -13.62 -54.94 10.33
C GLN A 1071 -15.12 -54.97 10.59
N GLU A 1072 -15.85 -54.37 9.65
CA GLU A 1072 -17.29 -54.24 9.76
C GLU A 1072 -17.97 -55.61 9.65
N LYS A 1073 -19.17 -55.69 10.20
CA LYS A 1073 -20.00 -56.90 10.10
C LYS A 1073 -21.44 -56.49 10.39
N ASN A 1074 -22.33 -56.69 9.43
CA ASN A 1074 -23.69 -56.19 9.51
C ASN A 1074 -24.67 -57.30 9.87
N PHE A 1075 -25.74 -56.92 10.56
CA PHE A 1075 -26.78 -57.83 11.00
C PHE A 1075 -28.15 -57.26 10.68
N THR A 1076 -29.21 -57.91 11.16
CA THR A 1076 -30.57 -57.40 11.03
C THR A 1076 -30.98 -56.76 12.34
N THR A 1077 -31.37 -55.49 12.28
CA THR A 1077 -31.66 -54.69 13.46
C THR A 1077 -33.13 -54.31 13.51
N ALA A 1078 -33.64 -54.13 14.72
CA ALA A 1078 -35.01 -53.70 14.94
C ALA A 1078 -35.04 -52.52 15.90
N PRO A 1079 -35.94 -51.56 15.69
CA PRO A 1079 -36.02 -50.42 16.62
C PRO A 1079 -36.38 -50.82 18.03
N ALA A 1080 -37.21 -51.85 18.22
CA ALA A 1080 -37.63 -52.27 19.55
C ALA A 1080 -38.00 -53.74 19.52
N ILE A 1081 -38.01 -54.34 20.71
CA ILE A 1081 -38.40 -55.74 20.88
C ILE A 1081 -39.42 -55.79 22.01
N CYS A 1082 -40.62 -56.29 21.72
CA CYS A 1082 -41.68 -56.36 22.72
C CYS A 1082 -41.91 -57.81 23.11
N HIS A 1083 -41.96 -58.05 24.42
CA HIS A 1083 -41.91 -59.39 25.00
C HIS A 1083 -43.30 -60.02 25.12
N ASP A 1084 -44.19 -59.39 25.87
CA ASP A 1084 -45.54 -59.91 26.10
C ASP A 1084 -46.56 -58.79 26.00
N GLY A 1085 -46.36 -57.86 25.06
CA GLY A 1085 -47.22 -56.71 24.86
C GLY A 1085 -46.54 -55.39 25.11
N LYS A 1086 -45.47 -55.39 25.90
CA LYS A 1086 -44.75 -54.16 26.26
C LYS A 1086 -43.48 -54.05 25.42
N ALA A 1087 -43.30 -52.89 24.78
CA ALA A 1087 -42.14 -52.68 23.92
C ALA A 1087 -40.92 -52.30 24.73
N HIS A 1088 -39.80 -52.98 24.47
CA HIS A 1088 -38.54 -52.73 25.16
C HIS A 1088 -37.57 -52.06 24.20
N PHE A 1089 -37.03 -50.91 24.62
CA PHE A 1089 -36.03 -50.19 23.85
C PHE A 1089 -34.67 -50.30 24.53
N PRO A 1090 -33.57 -50.27 23.78
CA PRO A 1090 -32.25 -50.41 24.42
C PRO A 1090 -31.87 -49.14 25.17
N ARG A 1091 -31.41 -49.31 26.40
CA ARG A 1091 -30.96 -48.18 27.20
C ARG A 1091 -29.77 -47.50 26.52
N GLU A 1092 -28.66 -48.22 26.38
CA GLU A 1092 -27.52 -47.79 25.57
C GLU A 1092 -27.10 -48.96 24.69
N GLY A 1093 -27.11 -48.75 23.37
CA GLY A 1093 -26.73 -49.78 22.44
C GLY A 1093 -27.76 -49.93 21.33
N VAL A 1094 -27.73 -51.07 20.69
CA VAL A 1094 -28.56 -51.34 19.51
C VAL A 1094 -28.89 -52.83 19.46
N PHE A 1095 -30.12 -53.14 19.06
CA PHE A 1095 -30.49 -54.53 18.86
C PHE A 1095 -29.92 -55.04 17.54
N VAL A 1096 -29.29 -56.22 17.58
CA VAL A 1096 -28.79 -56.88 16.40
C VAL A 1096 -29.27 -58.33 16.42
N SER A 1097 -29.02 -59.03 15.33
CA SER A 1097 -29.47 -60.43 15.23
C SER A 1097 -28.57 -61.19 14.27
N ASN A 1098 -27.89 -62.22 14.77
CA ASN A 1098 -27.22 -63.19 13.93
C ASN A 1098 -28.21 -64.33 13.68
N GLY A 1099 -28.59 -64.53 12.42
CA GLY A 1099 -29.56 -65.56 12.10
C GLY A 1099 -30.89 -65.37 12.80
N THR A 1100 -31.16 -66.21 13.80
CA THR A 1100 -32.43 -66.18 14.52
C THR A 1100 -32.34 -65.56 15.91
N HIS A 1101 -31.15 -65.56 16.52
CA HIS A 1101 -31.01 -65.05 17.88
C HIS A 1101 -30.82 -63.53 17.86
N TRP A 1102 -31.32 -62.88 18.91
CA TRP A 1102 -31.26 -61.44 19.05
C TRP A 1102 -30.38 -61.06 20.24
N PHE A 1103 -29.72 -59.91 20.12
CA PHE A 1103 -28.73 -59.49 21.12
C PHE A 1103 -28.73 -57.97 21.23
N VAL A 1104 -28.07 -57.48 22.27
CA VAL A 1104 -27.85 -56.05 22.48
C VAL A 1104 -26.34 -55.81 22.51
N THR A 1105 -25.86 -54.92 21.66
CA THR A 1105 -24.45 -54.58 21.59
C THR A 1105 -24.29 -53.06 21.60
N GLN A 1106 -23.13 -52.60 22.04
CA GLN A 1106 -22.80 -51.19 21.95
C GLN A 1106 -22.63 -50.79 20.49
N ARG A 1107 -22.84 -49.51 20.20
CA ARG A 1107 -22.91 -49.03 18.83
C ARG A 1107 -21.54 -48.85 18.19
N ASN A 1108 -20.45 -49.04 18.93
CA ASN A 1108 -19.12 -48.85 18.39
C ASN A 1108 -18.23 -50.09 18.50
N PHE A 1109 -18.76 -51.20 18.99
CA PHE A 1109 -17.98 -52.42 19.13
C PHE A 1109 -18.93 -53.58 19.32
N TYR A 1110 -18.73 -54.66 18.56
CA TYR A 1110 -19.64 -55.80 18.62
C TYR A 1110 -19.40 -56.58 19.90
N GLU A 1111 -20.26 -56.39 20.89
CA GLU A 1111 -20.21 -57.12 22.15
C GLU A 1111 -21.61 -57.61 22.47
N PRO A 1112 -22.02 -58.76 21.93
CA PRO A 1112 -23.40 -59.22 22.12
C PRO A 1112 -23.67 -59.66 23.54
N GLN A 1113 -24.85 -59.29 24.04
CA GLN A 1113 -25.33 -59.73 25.35
C GLN A 1113 -26.79 -60.13 25.22
N ILE A 1114 -27.21 -61.02 26.12
CA ILE A 1114 -28.61 -61.45 26.14
C ILE A 1114 -29.50 -60.27 26.52
N ILE A 1115 -30.67 -60.19 25.90
CA ILE A 1115 -31.59 -59.07 26.10
C ILE A 1115 -32.30 -59.30 27.43
N THR A 1116 -31.85 -58.63 28.47
CA THR A 1116 -32.46 -58.69 29.79
C THR A 1116 -33.20 -57.39 30.07
N THR A 1117 -33.83 -57.32 31.24
CA THR A 1117 -34.52 -56.10 31.66
C THR A 1117 -33.57 -55.02 32.15
N ASP A 1118 -32.28 -55.34 32.31
CA ASP A 1118 -31.31 -54.34 32.69
C ASP A 1118 -30.84 -53.54 31.48
N ASN A 1119 -30.69 -54.20 30.34
CA ASN A 1119 -30.25 -53.55 29.11
C ASN A 1119 -31.36 -52.78 28.40
N THR A 1120 -32.63 -53.03 28.76
CA THR A 1120 -33.75 -52.44 28.06
C THR A 1120 -34.72 -51.80 29.04
N PHE A 1121 -35.42 -50.77 28.57
CA PHE A 1121 -36.45 -50.09 29.32
C PHE A 1121 -37.76 -50.13 28.54
N VAL A 1122 -38.86 -50.34 29.25
CA VAL A 1122 -40.18 -50.50 28.64
C VAL A 1122 -40.82 -49.13 28.43
N SER A 1123 -41.40 -48.92 27.25
CA SER A 1123 -42.12 -47.68 26.96
C SER A 1123 -43.24 -48.01 25.97
N GLY A 1124 -44.45 -48.17 26.48
CA GLY A 1124 -45.61 -48.36 25.64
C GLY A 1124 -45.89 -49.80 25.26
N ASN A 1125 -46.48 -50.00 24.08
CA ASN A 1125 -46.82 -51.33 23.58
C ASN A 1125 -46.42 -51.43 22.12
N CYS A 1126 -46.46 -52.66 21.60
CA CYS A 1126 -46.10 -52.92 20.20
C CYS A 1126 -47.31 -52.64 19.30
N ASP A 1127 -47.70 -51.37 19.28
CA ASP A 1127 -48.80 -50.91 18.43
C ASP A 1127 -48.40 -49.67 17.64
N VAL A 1128 -47.45 -48.91 18.16
CA VAL A 1128 -47.07 -47.63 17.59
C VAL A 1128 -45.74 -47.73 16.83
N VAL A 1129 -44.77 -48.45 17.37
CA VAL A 1129 -43.45 -48.55 16.75
C VAL A 1129 -43.56 -49.33 15.44
N ILE A 1130 -42.85 -48.86 14.42
CA ILE A 1130 -42.85 -49.46 13.09
C ILE A 1130 -41.66 -50.40 12.98
N GLY A 1131 -41.93 -51.65 12.58
CA GLY A 1131 -40.86 -52.62 12.41
C GLY A 1131 -40.36 -53.23 13.70
N ILE A 1132 -41.21 -53.33 14.72
CA ILE A 1132 -40.80 -53.89 16.01
C ILE A 1132 -41.02 -55.39 15.97
N VAL A 1133 -39.95 -56.15 16.19
CA VAL A 1133 -39.98 -57.60 16.07
C VAL A 1133 -40.39 -58.24 17.39
N ASN A 1134 -40.73 -59.53 17.34
CA ASN A 1134 -41.11 -60.30 18.51
C ASN A 1134 -39.92 -61.11 19.01
N ASN A 1135 -39.70 -61.08 20.33
CA ASN A 1135 -38.65 -61.87 20.95
C ASN A 1135 -38.96 -61.98 22.44
N THR A 1136 -38.06 -62.62 23.17
CA THR A 1136 -38.19 -62.81 24.61
C THR A 1136 -37.10 -62.02 25.34
N VAL A 1137 -37.45 -61.49 26.50
CA VAL A 1137 -36.53 -60.72 27.33
C VAL A 1137 -36.28 -61.52 28.61
N TYR A 1138 -35.04 -61.95 28.78
CA TYR A 1138 -34.68 -62.77 29.93
C TYR A 1138 -34.73 -61.95 31.22
N ASP A 1139 -35.23 -62.55 32.28
CA ASP A 1139 -35.36 -61.88 33.57
C ASP A 1139 -34.30 -62.42 34.53
N PRO A 1140 -33.30 -61.62 34.91
CA PRO A 1140 -32.26 -62.11 35.83
C PRO A 1140 -32.78 -62.45 37.22
N LEU A 1141 -33.89 -61.86 37.64
CA LEU A 1141 -34.38 -62.05 39.00
C LEU A 1141 -35.04 -63.40 39.19
N GLN A 1142 -35.61 -63.97 38.12
CA GLN A 1142 -36.37 -65.21 38.26
C GLN A 1142 -35.54 -66.38 38.79
N PRO A 1143 -34.36 -66.70 38.25
CA PRO A 1143 -33.64 -67.89 38.74
C PRO A 1143 -33.27 -67.81 40.22
N GLU A 1144 -33.01 -66.61 40.75
CA GLU A 1144 -32.65 -66.49 42.15
C GLU A 1144 -33.80 -66.93 43.05
N LEU A 1145 -35.03 -66.53 42.73
CA LEU A 1145 -36.18 -66.95 43.52
C LEU A 1145 -36.59 -68.38 43.23
N ASP A 1146 -36.45 -68.84 41.98
CA ASP A 1146 -36.82 -70.21 41.66
C ASP A 1146 -35.95 -71.23 42.38
N SER A 1147 -34.65 -70.96 42.48
CA SER A 1147 -33.72 -71.85 43.17
C SER A 1147 -33.67 -71.54 44.66
N PRO B 25 -44.42 42.04 -20.79
CA PRO B 25 -44.14 41.67 -19.40
C PRO B 25 -43.20 40.48 -19.27
N PRO B 26 -42.38 40.47 -18.22
CA PRO B 26 -41.44 39.34 -18.00
C PRO B 26 -42.11 38.13 -17.37
N ALA B 27 -43.04 37.53 -18.11
CA ALA B 27 -43.71 36.33 -17.64
C ALA B 27 -42.72 35.17 -17.52
N TYR B 28 -42.91 34.34 -16.50
CA TYR B 28 -42.02 33.21 -16.24
C TYR B 28 -42.78 31.90 -16.38
N THR B 29 -42.08 30.88 -16.84
CA THR B 29 -42.64 29.55 -17.01
C THR B 29 -41.63 28.51 -16.55
N ASN B 30 -42.12 27.47 -15.89
CA ASN B 30 -41.24 26.41 -15.39
C ASN B 30 -40.71 25.60 -16.56
N SER B 31 -39.39 25.37 -16.56
CA SER B 31 -38.75 24.62 -17.65
C SER B 31 -39.05 23.13 -17.61
N PHE B 32 -39.59 22.62 -16.49
CA PHE B 32 -39.97 21.22 -16.34
C PHE B 32 -38.72 20.37 -16.53
N THR B 33 -38.76 19.30 -17.33
CA THR B 33 -37.62 18.41 -17.52
C THR B 33 -37.02 18.57 -18.92
N ARG B 34 -36.97 19.80 -19.41
CA ARG B 34 -36.48 20.09 -20.75
C ARG B 34 -35.06 20.69 -20.68
N GLY B 35 -34.42 20.77 -21.84
CA GLY B 35 -33.11 21.38 -21.92
C GLY B 35 -31.95 20.44 -21.75
N VAL B 36 -32.10 19.18 -22.16
CA VAL B 36 -31.04 18.18 -22.05
C VAL B 36 -30.63 17.76 -23.46
N TYR B 37 -29.32 17.79 -23.72
CA TYR B 37 -28.76 17.44 -25.01
C TYR B 37 -27.71 16.36 -24.83
N TYR B 38 -27.37 15.69 -25.93
CA TYR B 38 -26.29 14.71 -25.91
C TYR B 38 -24.97 15.42 -25.68
N PRO B 39 -24.34 15.28 -24.50
CA PRO B 39 -23.11 16.03 -24.24
C PRO B 39 -21.97 15.71 -25.20
N ASP B 40 -21.87 14.47 -25.65
CA ASP B 40 -20.80 14.07 -26.56
C ASP B 40 -21.37 13.31 -27.75
N LYS B 41 -20.49 12.74 -28.57
CA LYS B 41 -20.87 11.94 -29.73
C LYS B 41 -20.55 10.47 -29.51
N VAL B 42 -20.75 9.99 -28.30
CA VAL B 42 -20.40 8.63 -27.93
C VAL B 42 -21.66 7.78 -27.89
N PHE B 43 -21.47 6.48 -28.08
CA PHE B 43 -22.58 5.52 -28.16
C PHE B 43 -22.70 4.68 -26.89
N ARG B 44 -22.53 5.31 -25.72
CA ARG B 44 -22.81 4.64 -24.47
C ARG B 44 -24.22 4.06 -24.48
N SER B 45 -24.32 2.74 -24.28
CA SER B 45 -25.59 2.05 -24.40
C SER B 45 -25.85 1.20 -23.17
N SER B 46 -27.07 1.30 -22.64
CA SER B 46 -27.50 0.53 -21.47
C SER B 46 -26.62 0.81 -20.26
N VAL B 47 -26.13 2.06 -20.15
CA VAL B 47 -25.32 2.49 -19.04
C VAL B 47 -25.91 3.78 -18.47
N LEU B 48 -25.45 4.13 -17.27
CA LEU B 48 -25.86 5.36 -16.59
C LEU B 48 -24.63 6.25 -16.47
N HIS B 49 -24.49 7.20 -17.39
CA HIS B 49 -23.37 8.12 -17.40
C HIS B 49 -23.67 9.34 -16.53
N SER B 50 -22.60 9.96 -16.03
CA SER B 50 -22.71 11.15 -15.18
C SER B 50 -21.74 12.20 -15.72
N THR B 51 -22.26 13.13 -16.52
CA THR B 51 -21.43 14.15 -17.14
C THR B 51 -21.42 15.43 -16.29
N GLN B 52 -20.52 16.34 -16.64
CA GLN B 52 -20.39 17.65 -16.00
C GLN B 52 -20.28 18.68 -17.12
N ASP B 53 -21.43 19.21 -17.54
CA ASP B 53 -21.49 20.17 -18.64
C ASP B 53 -22.55 21.21 -18.32
N LEU B 54 -22.68 22.19 -19.21
CA LEU B 54 -23.61 23.30 -19.04
C LEU B 54 -25.00 22.86 -19.49
N PHE B 55 -25.77 22.31 -18.56
CA PHE B 55 -27.14 21.90 -18.81
C PHE B 55 -28.13 22.92 -18.25
N LEU B 56 -29.34 22.89 -18.79
CA LEU B 56 -30.40 23.72 -18.26
C LEU B 56 -30.91 23.13 -16.96
N PRO B 57 -30.96 23.89 -15.87
CA PRO B 57 -31.41 23.34 -14.59
C PRO B 57 -32.83 22.80 -14.66
N PHE B 58 -33.06 21.69 -13.96
CA PHE B 58 -34.41 21.13 -13.89
C PHE B 58 -35.31 22.03 -13.07
N PHE B 59 -36.55 22.20 -13.56
CA PHE B 59 -37.57 23.00 -12.89
C PHE B 59 -37.07 24.42 -12.62
N SER B 60 -36.34 24.98 -13.59
CA SER B 60 -35.85 26.34 -13.50
C SER B 60 -36.90 27.30 -14.05
N ASN B 61 -36.53 28.58 -14.14
CA ASN B 61 -37.44 29.62 -14.62
C ASN B 61 -36.98 30.08 -15.99
N VAL B 62 -37.90 30.05 -16.95
CA VAL B 62 -37.64 30.44 -18.34
C VAL B 62 -38.40 31.73 -18.61
N THR B 63 -37.69 32.72 -19.15
CA THR B 63 -38.27 34.04 -19.43
C THR B 63 -39.14 33.94 -20.67
N TRP B 64 -40.44 33.71 -20.46
CA TRP B 64 -41.39 33.68 -21.55
C TRP B 64 -41.52 35.08 -22.16
N PHE B 65 -41.34 35.17 -23.47
CA PHE B 65 -41.43 36.43 -24.19
C PHE B 65 -42.52 36.33 -25.25
N HIS B 66 -43.04 37.49 -25.65
CA HIS B 66 -44.10 37.54 -26.65
C HIS B 66 -44.04 38.82 -27.45
N THR B 76 -53.01 40.17 -32.60
CA THR B 76 -52.74 41.57 -32.92
C THR B 76 -51.23 41.79 -32.99
N LYS B 77 -50.83 43.01 -33.35
CA LYS B 77 -49.42 43.35 -33.56
C LYS B 77 -48.77 43.63 -32.21
N ARG B 78 -48.34 42.56 -31.56
CA ARG B 78 -47.63 42.64 -30.28
C ARG B 78 -46.27 41.94 -30.36
N PHE B 79 -45.66 41.91 -31.54
CA PHE B 79 -44.39 41.23 -31.71
C PHE B 79 -43.27 42.01 -31.03
N ASP B 80 -42.49 41.32 -30.20
CA ASP B 80 -41.36 41.91 -29.49
C ASP B 80 -40.16 40.99 -29.58
N ASN B 81 -38.97 41.59 -29.60
CA ASN B 81 -37.72 40.83 -29.62
C ASN B 81 -36.58 41.66 -29.06
N PRO B 82 -36.58 41.97 -27.77
CA PRO B 82 -35.47 42.75 -27.20
C PRO B 82 -34.18 41.95 -27.17
N VAL B 83 -33.07 42.70 -27.16
CA VAL B 83 -31.76 42.07 -27.08
C VAL B 83 -31.54 41.55 -25.65
N LEU B 84 -31.06 40.31 -25.55
CA LEU B 84 -30.91 39.64 -24.27
C LEU B 84 -29.47 39.16 -24.09
N PRO B 85 -29.00 39.07 -22.85
CA PRO B 85 -27.65 38.58 -22.61
C PRO B 85 -27.51 37.11 -22.99
N PHE B 86 -26.29 36.75 -23.38
CA PHE B 86 -25.99 35.38 -23.79
C PHE B 86 -25.41 34.56 -22.64
N ASN B 87 -24.62 35.17 -21.77
CA ASN B 87 -24.01 34.51 -20.62
C ASN B 87 -23.17 33.33 -21.06
N ASP B 88 -23.63 32.11 -20.75
CA ASP B 88 -22.93 30.89 -21.11
C ASP B 88 -23.72 29.99 -22.04
N GLY B 89 -25.01 30.26 -22.25
CA GLY B 89 -25.83 29.46 -23.14
C GLY B 89 -27.26 29.94 -23.15
N VAL B 90 -28.03 29.50 -24.15
CA VAL B 90 -29.42 29.94 -24.31
C VAL B 90 -30.25 28.76 -24.79
N TYR B 91 -31.33 28.46 -24.08
CA TYR B 91 -32.32 27.47 -24.49
C TYR B 91 -33.48 28.20 -25.13
N PHE B 92 -33.63 28.02 -26.44
CA PHE B 92 -34.66 28.70 -27.22
C PHE B 92 -35.72 27.70 -27.65
N ALA B 93 -36.98 28.02 -27.36
CA ALA B 93 -38.10 27.16 -27.73
C ALA B 93 -39.23 28.03 -28.27
N SER B 94 -39.91 27.52 -29.30
CA SER B 94 -41.00 28.24 -29.96
C SER B 94 -42.17 27.27 -30.15
N THR B 95 -43.09 27.26 -29.19
CA THR B 95 -44.30 26.45 -29.26
C THR B 95 -45.30 27.17 -30.15
N GLU B 96 -45.17 26.97 -31.46
CA GLU B 96 -46.04 27.65 -32.41
C GLU B 96 -46.07 26.87 -33.71
N LYS B 97 -47.10 27.14 -34.51
CA LYS B 97 -47.22 26.59 -35.86
C LYS B 97 -47.33 27.70 -36.90
N SER B 98 -47.13 28.96 -36.52
CA SER B 98 -47.21 30.06 -37.46
C SER B 98 -46.07 30.04 -38.46
N ASN B 99 -44.98 29.35 -38.16
CA ASN B 99 -43.79 29.30 -39.00
C ASN B 99 -43.27 30.72 -39.27
N ILE B 100 -43.08 31.47 -38.19
CA ILE B 100 -42.60 32.84 -38.28
C ILE B 100 -41.23 33.01 -37.62
N ILE B 101 -40.76 32.03 -36.86
CA ILE B 101 -39.49 32.16 -36.14
C ILE B 101 -38.35 31.95 -37.14
N ARG B 102 -37.64 33.03 -37.46
CA ARG B 102 -36.44 32.99 -38.28
C ARG B 102 -35.20 32.90 -37.38
N GLY B 103 -34.03 33.09 -37.97
CA GLY B 103 -32.77 32.92 -37.28
C GLY B 103 -32.53 33.84 -36.11
N TRP B 104 -31.34 33.74 -35.50
CA TRP B 104 -31.01 34.48 -34.30
C TRP B 104 -29.75 35.31 -34.57
N ILE B 105 -29.77 36.57 -34.16
CA ILE B 105 -28.69 37.51 -34.42
C ILE B 105 -27.82 37.54 -33.16
N PHE B 106 -26.66 36.90 -33.23
CA PHE B 106 -25.73 36.92 -32.11
C PHE B 106 -24.80 38.12 -32.25
N GLY B 107 -23.76 38.18 -31.42
CA GLY B 107 -22.79 39.24 -31.51
C GLY B 107 -22.36 39.81 -30.16
N THR B 108 -21.47 40.80 -30.19
CA THR B 108 -20.97 41.46 -29.00
C THR B 108 -21.42 42.91 -28.91
N THR B 109 -21.17 43.70 -29.95
CA THR B 109 -21.65 45.07 -30.03
C THR B 109 -22.95 45.20 -30.81
N LEU B 110 -23.23 44.26 -31.71
CA LEU B 110 -24.48 44.12 -32.44
C LEU B 110 -24.71 45.22 -33.48
N ASP B 111 -23.73 46.10 -33.72
CA ASP B 111 -23.91 47.12 -34.76
C ASP B 111 -22.54 47.46 -35.35
N SER B 112 -22.19 46.75 -36.44
CA SER B 112 -21.08 47.12 -37.33
C SER B 112 -19.78 47.40 -36.59
N LYS B 113 -19.54 46.71 -35.48
CA LYS B 113 -18.29 46.89 -34.75
C LYS B 113 -17.61 45.55 -34.51
N THR B 114 -18.40 44.50 -34.33
CA THR B 114 -17.89 43.16 -34.14
C THR B 114 -18.65 42.18 -35.04
N GLN B 115 -18.01 41.05 -35.31
CA GLN B 115 -18.64 40.03 -36.14
C GLN B 115 -19.86 39.44 -35.44
N SER B 116 -20.92 39.21 -36.21
CA SER B 116 -22.17 38.72 -35.66
C SER B 116 -22.74 37.63 -36.56
N LEU B 117 -23.33 36.61 -35.94
CA LEU B 117 -23.93 35.51 -36.66
C LEU B 117 -25.40 35.79 -36.97
N LEU B 118 -25.90 35.17 -38.03
CA LEU B 118 -27.27 35.35 -38.48
C LEU B 118 -28.09 34.08 -38.43
N ILE B 119 -27.59 32.99 -39.04
CA ILE B 119 -28.31 31.72 -39.13
C ILE B 119 -29.71 31.98 -39.69
N VAL B 120 -29.79 32.82 -40.72
CA VAL B 120 -31.09 33.18 -41.28
C VAL B 120 -31.66 31.99 -42.05
N ASN B 121 -32.94 31.68 -41.78
CA ASN B 121 -33.65 30.61 -42.47
C ASN B 121 -34.18 31.14 -43.80
N ASN B 122 -33.26 31.29 -44.75
CA ASN B 122 -33.58 31.85 -46.06
C ASN B 122 -33.96 30.72 -47.01
N ALA B 123 -35.22 30.70 -47.43
CA ALA B 123 -35.76 29.70 -48.37
C ALA B 123 -35.52 28.32 -47.78
N THR B 124 -34.89 27.39 -48.50
CA THR B 124 -34.69 26.04 -48.00
C THR B 124 -33.34 25.86 -47.29
N ASN B 125 -32.32 26.60 -47.71
CA ASN B 125 -30.97 26.44 -47.18
C ASN B 125 -30.66 27.61 -46.25
N VAL B 126 -30.29 27.30 -45.01
CA VAL B 126 -29.97 28.32 -44.03
C VAL B 126 -28.66 28.99 -44.39
N VAL B 127 -28.59 30.30 -44.25
CA VAL B 127 -27.38 31.07 -44.48
C VAL B 127 -26.81 31.49 -43.13
N ILE B 128 -25.60 31.02 -42.83
CA ILE B 128 -24.92 31.34 -41.58
C ILE B 128 -23.71 32.21 -41.89
N LYS B 129 -23.89 33.53 -41.83
CA LYS B 129 -22.83 34.48 -42.13
C LYS B 129 -22.40 35.16 -40.83
N VAL B 130 -21.11 35.12 -40.55
CA VAL B 130 -20.57 35.77 -39.36
C VAL B 130 -19.86 37.05 -39.80
N CYS B 131 -20.61 38.15 -39.86
CA CYS B 131 -20.16 39.38 -40.50
C CYS B 131 -20.56 40.57 -39.65
N GLU B 132 -19.78 41.65 -39.75
CA GLU B 132 -20.06 42.88 -39.01
C GLU B 132 -21.13 43.69 -39.77
N PHE B 133 -22.34 43.16 -39.74
CA PHE B 133 -23.45 43.79 -40.44
C PHE B 133 -23.89 45.06 -39.75
N GLN B 134 -24.53 45.95 -40.52
CA GLN B 134 -25.17 47.15 -39.97
C GLN B 134 -26.61 46.80 -39.65
N PHE B 135 -26.85 46.39 -38.41
CA PHE B 135 -28.17 45.94 -37.99
C PHE B 135 -29.05 47.14 -37.66
N CYS B 136 -30.27 46.85 -37.23
CA CYS B 136 -31.25 47.86 -36.85
C CYS B 136 -31.75 47.59 -35.44
N ASN B 137 -32.48 48.56 -34.89
CA ASN B 137 -33.07 48.39 -33.58
C ASN B 137 -34.25 47.43 -33.60
N ASP B 138 -34.90 47.26 -34.76
CA ASP B 138 -36.00 46.32 -34.93
C ASP B 138 -35.75 45.48 -36.18
N PRO B 139 -34.78 44.57 -36.13
CA PRO B 139 -34.48 43.75 -37.31
C PRO B 139 -35.65 42.84 -37.67
N PHE B 140 -35.83 42.63 -38.98
CA PHE B 140 -36.85 41.72 -39.48
C PHE B 140 -36.51 41.37 -40.92
N LEU B 141 -36.83 40.14 -41.31
CA LEU B 141 -36.57 39.66 -42.66
C LEU B 141 -37.79 39.84 -43.56
N GLU B 156 -36.35 39.36 -48.07
CA GLU B 156 -35.59 40.60 -48.24
C GLU B 156 -34.31 40.57 -47.41
N PHE B 157 -33.67 41.72 -47.26
CA PHE B 157 -32.44 41.86 -46.50
C PHE B 157 -32.50 43.08 -45.59
N ARG B 158 -33.69 43.39 -45.08
CA ARG B 158 -33.87 44.52 -44.18
C ARG B 158 -33.04 44.37 -42.90
N VAL B 159 -32.61 43.15 -42.58
CA VAL B 159 -31.87 42.91 -41.35
C VAL B 159 -30.55 43.66 -41.35
N TYR B 160 -29.84 43.65 -42.48
CA TYR B 160 -28.49 44.18 -42.56
C TYR B 160 -28.34 45.09 -43.77
N SER B 161 -27.33 45.97 -43.71
CA SER B 161 -27.03 46.89 -44.79
C SER B 161 -25.56 46.95 -45.18
N SER B 162 -24.64 46.56 -44.30
CA SER B 162 -23.21 46.61 -44.57
C SER B 162 -22.65 45.20 -44.64
N ALA B 163 -21.36 45.10 -44.97
CA ALA B 163 -20.71 43.80 -45.11
C ALA B 163 -19.21 43.97 -44.89
N ASN B 164 -18.69 43.32 -43.86
CA ASN B 164 -17.26 43.31 -43.56
C ASN B 164 -16.61 42.10 -44.24
N ASN B 165 -15.41 41.74 -43.75
CA ASN B 165 -14.65 40.60 -44.32
C ASN B 165 -15.18 39.28 -43.76
N CYS B 166 -16.50 39.08 -43.83
CA CYS B 166 -17.08 37.84 -43.25
C CYS B 166 -16.34 36.62 -43.78
N THR B 167 -15.65 35.89 -42.90
CA THR B 167 -14.98 34.64 -43.32
C THR B 167 -15.90 33.49 -42.96
N PHE B 168 -15.69 32.30 -43.53
CA PHE B 168 -16.49 31.18 -43.04
C PHE B 168 -17.99 31.43 -43.26
N GLU B 169 -18.35 31.49 -44.54
CA GLU B 169 -19.75 31.44 -44.94
C GLU B 169 -20.23 29.99 -44.92
N TYR B 170 -21.49 29.79 -44.52
CA TYR B 170 -21.98 28.44 -44.26
C TYR B 170 -23.41 28.30 -44.76
N VAL B 171 -23.67 27.24 -45.55
CA VAL B 171 -25.00 26.91 -46.04
C VAL B 171 -25.14 25.39 -46.04
N SER B 172 -25.87 24.84 -45.07
CA SER B 172 -26.03 23.39 -45.01
C SER B 172 -27.46 22.88 -45.07
N GLN B 173 -28.31 23.36 -44.16
CA GLN B 173 -29.50 22.62 -43.76
C GLN B 173 -30.62 22.66 -44.80
N PRO B 174 -31.07 21.51 -45.30
CA PRO B 174 -32.30 21.43 -46.08
C PRO B 174 -33.50 21.30 -45.16
N PHE B 175 -34.40 22.27 -45.22
CA PHE B 175 -35.54 22.29 -44.31
C PHE B 175 -36.58 21.25 -44.75
N LEU B 176 -37.63 21.14 -43.94
CA LEU B 176 -38.70 20.17 -44.19
C LEU B 176 -39.43 20.47 -45.50
N ASN B 185 -52.85 22.11 -33.03
CA ASN B 185 -52.09 22.70 -31.92
C ASN B 185 -50.78 23.29 -32.42
N PHE B 186 -49.87 23.58 -31.48
CA PHE B 186 -48.57 24.14 -31.84
C PHE B 186 -47.72 23.13 -32.62
N LYS B 187 -47.84 21.85 -32.28
CA LYS B 187 -47.11 20.77 -32.95
C LYS B 187 -45.60 20.93 -32.82
N ASN B 188 -44.97 21.53 -33.83
CA ASN B 188 -43.52 21.67 -33.83
C ASN B 188 -43.05 22.50 -32.65
N LEU B 189 -41.97 22.04 -32.02
CA LEU B 189 -41.38 22.70 -30.86
C LEU B 189 -40.20 23.60 -31.20
N ARG B 190 -39.31 23.14 -32.07
CA ARG B 190 -38.12 23.88 -32.46
C ARG B 190 -37.28 24.26 -31.24
N GLU B 191 -36.82 23.24 -30.53
CA GLU B 191 -35.98 23.41 -29.36
C GLU B 191 -34.52 23.52 -29.78
N PHE B 192 -33.86 24.59 -29.37
CA PHE B 192 -32.48 24.86 -29.75
C PHE B 192 -31.66 25.20 -28.51
N VAL B 193 -30.39 24.82 -28.53
CA VAL B 193 -29.45 25.17 -27.47
C VAL B 193 -28.19 25.72 -28.13
N PHE B 194 -27.84 26.95 -27.81
CA PHE B 194 -26.64 27.60 -28.33
C PHE B 194 -25.61 27.69 -27.20
N LYS B 195 -24.44 27.10 -27.43
CA LYS B 195 -23.38 27.06 -26.43
C LYS B 195 -22.08 27.49 -27.09
N ASN B 196 -21.34 28.37 -26.42
CA ASN B 196 -20.07 28.90 -26.93
C ASN B 196 -18.98 28.57 -25.92
N ILE B 197 -18.22 27.50 -26.20
CA ILE B 197 -17.15 27.06 -25.32
C ILE B 197 -15.91 26.80 -26.15
N ASP B 198 -14.75 27.28 -25.67
CA ASP B 198 -13.47 27.08 -26.33
C ASP B 198 -13.48 27.60 -27.76
N GLY B 199 -14.22 28.68 -27.99
CA GLY B 199 -14.31 29.27 -29.31
C GLY B 199 -15.33 28.59 -30.21
N TYR B 200 -15.38 27.25 -30.16
CA TYR B 200 -16.27 26.50 -31.03
C TYR B 200 -17.73 26.76 -30.64
N PHE B 201 -18.49 27.31 -31.58
CA PHE B 201 -19.90 27.59 -31.38
C PHE B 201 -20.71 26.33 -31.71
N LYS B 202 -21.36 25.76 -30.70
CA LYS B 202 -22.13 24.53 -30.86
C LYS B 202 -23.61 24.83 -30.87
N ILE B 203 -24.35 24.14 -31.73
CA ILE B 203 -25.80 24.28 -31.85
C ILE B 203 -26.43 22.89 -31.78
N TYR B 204 -27.39 22.73 -30.88
CA TYR B 204 -28.17 21.50 -30.75
C TYR B 204 -29.63 21.80 -31.05
N SER B 205 -30.32 20.83 -31.64
CA SER B 205 -31.70 21.04 -32.04
C SER B 205 -32.45 19.72 -32.09
N LYS B 206 -33.75 19.78 -31.80
CA LYS B 206 -34.63 18.63 -31.89
C LYS B 206 -36.06 19.12 -31.96
N HIS B 207 -36.85 18.56 -32.87
CA HIS B 207 -38.24 18.94 -33.06
C HIS B 207 -39.13 17.85 -32.49
N THR B 208 -40.02 18.22 -31.56
CA THR B 208 -40.95 17.29 -30.95
C THR B 208 -42.37 17.74 -31.23
N PRO B 209 -43.23 16.89 -31.81
CA PRO B 209 -44.61 17.29 -32.08
C PRO B 209 -45.47 17.08 -30.84
N ILE B 210 -46.27 18.09 -30.49
CA ILE B 210 -47.16 18.05 -29.34
C ILE B 210 -48.56 18.39 -29.80
N ASN B 211 -49.53 17.58 -29.36
CA ASN B 211 -50.94 17.87 -29.61
C ASN B 211 -51.57 18.63 -28.45
N LEU B 212 -50.97 19.76 -28.09
CA LEU B 212 -51.44 20.52 -26.94
C LEU B 212 -51.17 22.00 -27.16
N VAL B 213 -51.91 22.83 -26.42
CA VAL B 213 -51.76 24.28 -26.49
C VAL B 213 -50.93 24.81 -25.32
N ARG B 214 -50.83 24.07 -24.22
CA ARG B 214 -50.15 24.52 -23.01
C ARG B 214 -48.65 24.71 -23.27
N ASP B 215 -47.93 25.10 -22.21
CA ASP B 215 -46.52 25.43 -22.31
C ASP B 215 -45.70 24.15 -22.41
N LEU B 216 -44.38 24.24 -22.23
CA LEU B 216 -43.44 23.14 -22.37
C LEU B 216 -43.97 21.91 -21.63
N PRO B 217 -44.37 20.87 -22.36
CA PRO B 217 -45.09 19.76 -21.74
C PRO B 217 -44.17 18.83 -20.96
N GLN B 218 -44.80 17.99 -20.13
CA GLN B 218 -44.08 16.96 -19.43
C GLN B 218 -43.55 15.92 -20.40
N GLY B 219 -42.32 15.47 -20.17
CA GLY B 219 -41.70 14.50 -21.05
C GLY B 219 -40.22 14.76 -21.25
N PHE B 220 -39.51 13.77 -21.79
CA PHE B 220 -38.07 13.87 -21.97
C PHE B 220 -37.74 13.58 -23.43
N SER B 221 -36.92 14.44 -24.03
CA SER B 221 -36.46 14.25 -25.40
C SER B 221 -35.12 14.97 -25.55
N ALA B 222 -34.04 14.20 -25.64
CA ALA B 222 -32.72 14.80 -25.74
C ALA B 222 -32.54 15.49 -27.08
N LEU B 223 -31.67 16.49 -27.09
CA LEU B 223 -31.44 17.33 -28.27
C LEU B 223 -30.19 16.83 -28.99
N GLU B 224 -30.36 16.31 -30.20
CA GLU B 224 -29.23 15.85 -30.99
C GLU B 224 -28.47 17.03 -31.58
N PRO B 225 -27.14 16.98 -31.58
CA PRO B 225 -26.36 18.07 -32.17
C PRO B 225 -26.64 18.23 -33.66
N LEU B 226 -26.72 19.48 -34.11
CA LEU B 226 -26.92 19.78 -35.52
C LEU B 226 -25.62 20.13 -36.23
N VAL B 227 -24.92 21.16 -35.77
CA VAL B 227 -23.68 21.62 -36.38
C VAL B 227 -22.81 22.25 -35.30
N ASP B 228 -21.48 22.14 -35.49
CA ASP B 228 -20.52 22.82 -34.65
C ASP B 228 -19.58 23.63 -35.55
N LEU B 229 -19.37 24.89 -35.21
CA LEU B 229 -18.64 25.81 -36.06
C LEU B 229 -17.47 26.44 -35.31
N PRO B 230 -16.38 26.77 -36.01
CA PRO B 230 -15.25 27.44 -35.34
C PRO B 230 -15.61 28.83 -34.83
N ILE B 231 -16.13 29.68 -35.72
CA ILE B 231 -16.54 31.05 -35.39
C ILE B 231 -15.37 31.82 -34.80
N GLY B 232 -15.30 31.88 -33.47
CA GLY B 232 -14.22 32.60 -32.80
C GLY B 232 -14.62 33.96 -32.28
N ILE B 233 -15.79 34.05 -31.65
CA ILE B 233 -16.31 35.31 -31.12
C ILE B 233 -16.64 35.13 -29.65
N ASN B 234 -16.26 36.11 -28.83
CA ASN B 234 -16.69 36.19 -27.44
C ASN B 234 -18.10 36.76 -27.41
N ILE B 235 -19.07 35.89 -27.70
CA ILE B 235 -20.46 36.32 -27.81
C ILE B 235 -21.00 36.70 -26.44
N THR B 236 -21.67 37.85 -26.37
CA THR B 236 -22.22 38.35 -25.11
C THR B 236 -23.70 38.66 -25.17
N ARG B 237 -24.32 38.72 -26.35
CA ARG B 237 -25.74 39.02 -26.46
C ARG B 237 -26.27 38.44 -27.76
N PHE B 238 -27.59 38.32 -27.84
CA PHE B 238 -28.23 37.73 -29.00
C PHE B 238 -29.62 38.36 -29.17
N GLN B 239 -30.28 38.01 -30.26
CA GLN B 239 -31.60 38.53 -30.58
C GLN B 239 -32.31 37.54 -31.48
N THR B 240 -33.58 37.84 -31.78
CA THR B 240 -34.41 37.00 -32.63
C THR B 240 -34.87 37.80 -33.84
N LEU B 241 -34.87 37.15 -35.01
CA LEU B 241 -35.22 37.84 -36.25
C LEU B 241 -36.68 38.28 -36.25
N LEU B 242 -37.59 37.31 -36.18
CA LEU B 242 -39.03 37.56 -36.16
C LEU B 242 -39.47 38.38 -37.38
N ALA B 243 -39.33 37.74 -38.54
CA ALA B 243 -39.69 38.38 -39.79
C ALA B 243 -41.16 38.74 -39.82
N LEU B 244 -41.47 39.91 -40.37
CA LEU B 244 -42.82 40.43 -40.43
C LEU B 244 -43.34 40.37 -41.87
N HIS B 245 -44.54 39.82 -42.04
CA HIS B 245 -45.17 39.73 -43.36
C HIS B 245 -45.95 41.02 -43.62
N ARG B 246 -45.20 42.10 -43.83
CA ARG B 246 -45.80 43.41 -44.05
C ARG B 246 -46.36 43.52 -45.46
N ALA B 260 -49.17 37.32 -39.09
CA ALA B 260 -48.01 37.60 -38.25
C ALA B 260 -48.44 38.21 -36.92
N GLY B 261 -47.64 38.00 -35.88
CA GLY B 261 -47.96 38.52 -34.57
C GLY B 261 -47.07 37.90 -33.50
N ALA B 262 -47.57 37.92 -32.27
CA ALA B 262 -46.84 37.38 -31.14
C ALA B 262 -46.70 35.86 -31.27
N ALA B 263 -45.61 35.35 -30.69
CA ALA B 263 -45.30 33.92 -30.75
C ALA B 263 -44.65 33.53 -29.43
N ALA B 264 -44.05 32.34 -29.41
CA ALA B 264 -43.34 31.85 -28.23
C ALA B 264 -41.84 32.04 -28.42
N TYR B 265 -41.21 32.65 -27.43
CA TYR B 265 -39.77 32.93 -27.44
C TYR B 265 -39.15 32.54 -26.10
N TYR B 266 -39.43 31.31 -25.67
CA TYR B 266 -38.89 30.82 -24.40
C TYR B 266 -37.37 30.92 -24.38
N VAL B 267 -36.83 31.49 -23.30
CA VAL B 267 -35.41 31.71 -23.16
C VAL B 267 -34.97 31.19 -21.80
N GLY B 268 -33.95 30.32 -21.79
CA GLY B 268 -33.36 29.85 -20.57
C GLY B 268 -31.86 29.98 -20.60
N TYR B 269 -31.26 30.05 -19.41
CA TYR B 269 -29.82 30.22 -19.27
C TYR B 269 -29.22 28.96 -18.67
N LEU B 270 -28.21 28.42 -19.35
CA LEU B 270 -27.53 27.21 -18.88
C LEU B 270 -26.54 27.57 -17.78
N GLN B 271 -26.29 26.60 -16.91
CA GLN B 271 -25.36 26.74 -15.80
C GLN B 271 -24.58 25.45 -15.65
N PRO B 272 -23.38 25.50 -15.06
CA PRO B 272 -22.61 24.27 -14.85
C PRO B 272 -23.32 23.35 -13.87
N ARG B 273 -23.68 22.16 -14.37
CA ARG B 273 -24.46 21.20 -13.59
C ARG B 273 -23.97 19.80 -13.87
N THR B 274 -24.33 18.88 -12.97
CA THR B 274 -24.01 17.47 -13.11
C THR B 274 -25.29 16.70 -13.35
N PHE B 275 -25.33 15.92 -14.43
CA PHE B 275 -26.51 15.17 -14.81
C PHE B 275 -26.17 13.68 -14.92
N LEU B 276 -27.09 12.84 -14.45
CA LEU B 276 -26.95 11.39 -14.58
C LEU B 276 -27.85 10.94 -15.72
N LEU B 277 -27.32 10.99 -16.93
CA LEU B 277 -28.11 10.67 -18.12
C LEU B 277 -28.21 9.16 -18.29
N LYS B 278 -29.38 8.71 -18.74
CA LYS B 278 -29.68 7.29 -18.90
C LYS B 278 -29.78 6.96 -20.38
N TYR B 279 -29.05 5.93 -20.81
CA TYR B 279 -29.05 5.47 -22.20
C TYR B 279 -29.74 4.12 -22.31
N ASN B 280 -30.59 3.98 -23.32
CA ASN B 280 -31.28 2.73 -23.58
C ASN B 280 -30.44 1.89 -24.55
N GLU B 281 -31.05 0.83 -25.09
CA GLU B 281 -30.32 -0.11 -25.94
C GLU B 281 -29.80 0.58 -27.20
N ASN B 282 -30.58 1.49 -27.79
CA ASN B 282 -30.23 2.10 -29.06
C ASN B 282 -29.40 3.37 -28.90
N GLY B 283 -29.01 3.72 -27.67
CA GLY B 283 -28.12 4.83 -27.45
C GLY B 283 -28.78 6.19 -27.28
N THR B 284 -30.09 6.27 -27.47
CA THR B 284 -30.80 7.54 -27.30
C THR B 284 -31.17 7.74 -25.83
N ILE B 285 -30.96 8.97 -25.35
CA ILE B 285 -31.23 9.29 -23.95
C ILE B 285 -32.72 9.33 -23.72
N THR B 286 -33.18 8.63 -22.67
CA THR B 286 -34.59 8.54 -22.36
C THR B 286 -34.97 9.14 -21.01
N ASP B 287 -34.01 9.41 -20.13
CA ASP B 287 -34.29 10.02 -18.84
C ASP B 287 -32.98 10.53 -18.26
N ALA B 288 -33.10 11.50 -17.35
CA ALA B 288 -31.95 12.05 -16.65
C ALA B 288 -32.43 12.70 -15.36
N VAL B 289 -31.50 12.85 -14.42
CA VAL B 289 -31.79 13.45 -13.12
C VAL B 289 -30.73 14.51 -12.84
N ASP B 290 -31.16 15.68 -12.40
CA ASP B 290 -30.26 16.78 -12.05
C ASP B 290 -29.79 16.58 -10.62
N CYS B 291 -28.47 16.47 -10.44
CA CYS B 291 -27.93 16.24 -9.09
C CYS B 291 -27.71 17.55 -8.35
N ALA B 292 -28.70 18.43 -8.41
CA ALA B 292 -28.78 19.60 -7.54
C ALA B 292 -30.18 19.91 -7.07
N LEU B 293 -31.21 19.31 -7.68
CA LEU B 293 -32.59 19.71 -7.40
C LEU B 293 -32.97 19.44 -5.95
N ASP B 294 -32.98 18.18 -5.55
CA ASP B 294 -33.42 17.76 -4.23
C ASP B 294 -32.51 16.65 -3.74
N PRO B 295 -32.47 16.40 -2.43
CA PRO B 295 -31.61 15.32 -1.92
C PRO B 295 -31.93 13.95 -2.51
N LEU B 296 -33.16 13.71 -2.95
CA LEU B 296 -33.47 12.43 -3.59
C LEU B 296 -32.67 12.24 -4.86
N SER B 297 -32.63 13.26 -5.72
CA SER B 297 -31.84 13.16 -6.95
C SER B 297 -30.36 13.12 -6.66
N GLU B 298 -29.91 13.81 -5.60
CA GLU B 298 -28.51 13.73 -5.21
C GLU B 298 -28.14 12.31 -4.77
N THR B 299 -29.03 11.65 -4.03
CA THR B 299 -28.80 10.26 -3.65
C THR B 299 -28.82 9.35 -4.88
N LYS B 300 -29.73 9.62 -5.82
CA LYS B 300 -29.75 8.84 -7.06
C LYS B 300 -28.44 8.96 -7.81
N CYS B 301 -27.89 10.17 -7.90
CA CYS B 301 -26.62 10.37 -8.59
C CYS B 301 -25.46 9.77 -7.82
N THR B 302 -25.53 9.76 -6.48
CA THR B 302 -24.45 9.20 -5.69
C THR B 302 -24.27 7.71 -5.96
N LEU B 303 -25.37 6.97 -6.05
CA LEU B 303 -25.31 5.54 -6.31
C LEU B 303 -25.20 5.21 -7.79
N LYS B 304 -25.19 6.22 -8.67
CA LYS B 304 -25.14 6.01 -10.11
C LYS B 304 -26.27 5.10 -10.58
N SER B 305 -27.45 5.29 -10.01
CA SER B 305 -28.60 4.46 -10.35
C SER B 305 -29.87 5.29 -10.18
N PHE B 306 -30.89 4.92 -10.95
CA PHE B 306 -32.19 5.59 -10.90
C PHE B 306 -33.11 5.02 -9.83
N THR B 307 -32.69 3.97 -9.13
CA THR B 307 -33.48 3.33 -8.10
C THR B 307 -32.71 3.36 -6.79
N VAL B 308 -33.38 3.80 -5.72
CA VAL B 308 -32.79 3.91 -4.39
C VAL B 308 -33.54 2.97 -3.46
N GLU B 309 -32.81 2.09 -2.80
CA GLU B 309 -33.40 1.18 -1.84
C GLU B 309 -33.54 1.86 -0.48
N LYS B 310 -34.28 1.21 0.41
CA LYS B 310 -34.48 1.74 1.75
C LYS B 310 -33.16 1.79 2.52
N GLY B 311 -32.93 2.90 3.21
CA GLY B 311 -31.73 3.05 4.01
C GLY B 311 -31.33 4.51 4.11
N ILE B 312 -30.16 4.72 4.71
CA ILE B 312 -29.59 6.05 4.90
C ILE B 312 -28.29 6.11 4.12
N TYR B 313 -28.18 7.09 3.23
CA TYR B 313 -27.02 7.23 2.35
C TYR B 313 -26.36 8.58 2.59
N GLN B 314 -25.03 8.57 2.66
CA GLN B 314 -24.27 9.81 2.87
C GLN B 314 -23.99 10.45 1.53
N THR B 315 -24.58 11.63 1.29
CA THR B 315 -24.44 12.34 0.03
C THR B 315 -23.98 13.76 0.33
N SER B 316 -22.83 14.15 -0.23
CA SER B 316 -22.27 15.49 -0.11
C SER B 316 -21.93 15.83 1.33
N ASN B 317 -21.29 16.98 1.54
CA ASN B 317 -20.95 17.46 2.87
C ASN B 317 -21.44 18.89 3.01
N PHE B 318 -22.00 19.20 4.19
CA PHE B 318 -22.46 20.55 4.46
C PHE B 318 -21.30 21.44 4.90
N ARG B 319 -21.43 22.74 4.64
CA ARG B 319 -20.40 23.70 4.99
C ARG B 319 -21.01 25.08 5.06
N VAL B 320 -20.89 25.73 6.22
CA VAL B 320 -21.34 27.12 6.34
C VAL B 320 -20.42 28.01 5.52
N GLN B 321 -21.03 28.92 4.76
CA GLN B 321 -20.25 29.76 3.87
C GLN B 321 -20.08 31.16 4.45
N PRO B 322 -18.95 31.82 4.17
CA PRO B 322 -18.71 33.15 4.76
C PRO B 322 -19.68 34.19 4.25
N THR B 323 -19.93 35.20 5.09
CA THR B 323 -20.79 36.32 4.75
C THR B 323 -20.00 37.60 4.49
N GLU B 324 -19.12 37.99 5.40
CA GLU B 324 -18.30 39.19 5.26
C GLU B 324 -16.84 38.80 5.03
N SER B 325 -16.00 39.82 4.88
CA SER B 325 -14.56 39.64 4.71
C SER B 325 -13.83 40.71 5.51
N ILE B 326 -12.82 40.29 6.26
CA ILE B 326 -12.05 41.18 7.13
C ILE B 326 -10.64 41.29 6.55
N VAL B 327 -10.18 42.53 6.35
CA VAL B 327 -8.87 42.79 5.77
C VAL B 327 -8.09 43.63 6.76
N ARG B 328 -8.31 43.38 8.05
CA ARG B 328 -7.66 44.14 9.11
C ARG B 328 -6.14 44.13 8.95
N PHE B 329 -5.56 45.32 8.83
CA PHE B 329 -4.15 45.56 8.62
C PHE B 329 -3.67 46.66 9.57
N PRO B 330 -2.36 46.76 9.82
CA PRO B 330 -1.86 47.73 10.80
C PRO B 330 -2.17 49.17 10.43
N ASN B 331 -2.00 50.05 11.43
CA ASN B 331 -2.38 51.46 11.29
C ASN B 331 -1.47 52.20 10.30
N ILE B 332 -0.26 51.70 10.07
CA ILE B 332 0.77 52.48 9.38
C ILE B 332 0.29 52.86 7.99
N THR B 333 0.50 54.13 7.62
CA THR B 333 0.12 54.63 6.31
C THR B 333 1.19 55.47 5.63
N ASN B 334 2.22 55.90 6.36
CA ASN B 334 3.29 56.68 5.74
C ASN B 334 4.05 55.82 4.73
N LEU B 335 4.40 56.44 3.60
CA LEU B 335 5.02 55.70 2.51
C LEU B 335 6.44 55.28 2.85
N CYS B 336 6.87 54.19 2.23
CA CYS B 336 8.20 53.64 2.44
C CYS B 336 9.24 54.45 1.67
N PRO B 337 10.52 54.37 2.07
CA PRO B 337 11.58 55.11 1.37
C PRO B 337 11.98 54.48 0.04
N PHE B 338 11.01 54.39 -0.88
CA PHE B 338 11.31 53.97 -2.23
C PHE B 338 11.78 55.16 -3.06
N GLY B 339 12.80 54.93 -3.88
CA GLY B 339 13.48 55.98 -4.59
C GLY B 339 14.76 56.45 -3.93
N GLU B 340 14.94 56.17 -2.64
CA GLU B 340 16.22 56.45 -1.99
C GLU B 340 17.32 55.55 -2.57
N VAL B 341 17.01 54.28 -2.81
CA VAL B 341 17.93 53.35 -3.46
C VAL B 341 17.56 53.08 -4.90
N PHE B 342 16.54 53.76 -5.43
CA PHE B 342 16.11 53.60 -6.82
C PHE B 342 16.43 54.85 -7.63
N ASN B 343 15.96 56.02 -7.20
CA ASN B 343 16.30 57.28 -7.82
C ASN B 343 17.46 57.95 -7.08
N ALA B 344 18.61 57.28 -7.07
CA ALA B 344 19.78 57.79 -6.40
C ALA B 344 20.80 58.29 -7.42
N THR B 345 21.59 59.28 -7.01
CA THR B 345 22.61 59.83 -7.88
C THR B 345 23.66 58.78 -8.25
N ARG B 346 24.06 57.96 -7.28
CA ARG B 346 25.02 56.89 -7.53
C ARG B 346 24.68 55.69 -6.67
N PHE B 347 25.09 54.52 -7.12
CA PHE B 347 24.98 53.29 -6.35
C PHE B 347 26.36 52.86 -5.86
N ALA B 348 26.42 51.71 -5.19
CA ALA B 348 27.65 51.20 -4.64
C ALA B 348 28.28 50.18 -5.59
N SER B 349 29.45 49.68 -5.22
CA SER B 349 30.16 48.70 -6.00
C SER B 349 29.70 47.29 -5.63
N VAL B 350 29.93 46.35 -6.56
CA VAL B 350 29.54 44.97 -6.31
C VAL B 350 30.35 44.37 -5.16
N TYR B 351 31.61 44.80 -5.00
CA TYR B 351 32.43 44.28 -3.90
C TYR B 351 31.90 44.73 -2.55
N ALA B 352 31.35 45.94 -2.46
CA ALA B 352 30.81 46.48 -1.22
C ALA B 352 29.51 47.21 -1.54
N TRP B 353 28.40 46.50 -1.41
CA TRP B 353 27.08 47.06 -1.73
C TRP B 353 26.52 47.78 -0.50
N ASN B 354 25.25 48.17 -0.58
CA ASN B 354 24.55 48.82 0.52
C ASN B 354 23.32 47.99 0.88
N ARG B 355 23.12 47.78 2.17
CA ARG B 355 22.00 47.01 2.69
C ARG B 355 21.09 47.97 3.46
N LYS B 356 20.17 48.61 2.74
CA LYS B 356 19.21 49.51 3.36
C LYS B 356 18.12 48.70 4.06
N ARG B 357 17.88 49.01 5.34
CA ARG B 357 16.89 48.30 6.13
C ARG B 357 15.58 49.07 6.07
N ILE B 358 14.70 48.67 5.16
CA ILE B 358 13.38 49.28 5.10
C ILE B 358 12.61 48.91 6.38
N SER B 359 11.90 49.90 6.93
CA SER B 359 11.29 49.77 8.25
C SER B 359 9.80 50.02 8.16
N ASN B 360 9.12 50.17 9.30
CA ASN B 360 7.67 50.31 9.33
C ASN B 360 7.18 51.41 8.40
N CYS B 361 6.47 51.03 7.34
CA CYS B 361 5.84 51.95 6.41
C CYS B 361 5.04 51.13 5.40
N VAL B 362 4.19 51.82 4.64
CA VAL B 362 3.44 51.21 3.56
C VAL B 362 4.32 51.15 2.32
N ALA B 363 4.49 49.96 1.76
CA ALA B 363 5.34 49.73 0.60
C ALA B 363 4.45 49.38 -0.58
N ASP B 364 4.28 50.32 -1.51
CA ASP B 364 3.47 50.11 -2.71
C ASP B 364 4.38 49.58 -3.81
N TYR B 365 4.50 48.25 -3.88
CA TYR B 365 5.33 47.64 -4.91
C TYR B 365 4.75 47.79 -6.32
N SER B 366 3.46 48.13 -6.42
CA SER B 366 2.83 48.25 -7.73
C SER B 366 3.46 49.38 -8.54
N VAL B 367 3.78 50.49 -7.89
CA VAL B 367 4.38 51.63 -8.60
C VAL B 367 5.70 51.22 -9.23
N LEU B 368 6.53 50.48 -8.49
CA LEU B 368 7.78 49.99 -9.05
C LEU B 368 7.54 48.96 -10.15
N TYR B 369 6.54 48.09 -9.97
CA TYR B 369 6.34 47.00 -10.89
C TYR B 369 5.83 47.48 -12.26
N ASN B 370 4.79 48.33 -12.26
CA ASN B 370 4.15 48.69 -13.52
C ASN B 370 4.90 49.77 -14.28
N SER B 371 5.93 50.37 -13.69
CA SER B 371 6.70 51.41 -14.37
C SER B 371 7.35 50.86 -15.63
N ALA B 372 7.30 51.65 -16.71
CA ALA B 372 7.87 51.25 -17.99
C ALA B 372 9.37 51.52 -17.96
N SER B 373 10.08 50.65 -17.25
CA SER B 373 11.52 50.74 -17.06
C SER B 373 12.01 49.40 -16.55
N PHE B 374 13.27 49.35 -16.13
CA PHE B 374 13.88 48.16 -15.54
C PHE B 374 13.92 46.99 -16.53
N SER B 375 14.26 45.81 -16.02
CA SER B 375 14.39 44.60 -16.82
C SER B 375 14.60 43.43 -15.87
N THR B 376 14.32 42.23 -16.38
CA THR B 376 14.51 40.97 -15.64
C THR B 376 13.86 41.03 -14.25
N PHE B 377 12.63 41.55 -14.21
CA PHE B 377 11.86 41.63 -12.97
C PHE B 377 11.31 40.25 -12.63
N LYS B 378 12.20 39.43 -12.07
CA LYS B 378 11.88 38.06 -11.69
C LYS B 378 11.78 37.95 -10.18
N CYS B 379 10.62 37.58 -9.68
CA CYS B 379 10.36 37.46 -8.25
C CYS B 379 10.32 35.99 -7.87
N TYR B 380 11.10 35.62 -6.86
CA TYR B 380 11.29 34.23 -6.45
C TYR B 380 10.53 33.99 -5.15
N GLY B 381 9.60 33.04 -5.17
CA GLY B 381 8.75 32.78 -4.03
C GLY B 381 7.52 33.67 -3.94
N VAL B 382 7.47 34.75 -4.73
CA VAL B 382 6.33 35.66 -4.74
C VAL B 382 6.02 36.02 -6.18
N SER B 383 4.79 36.51 -6.39
CA SER B 383 4.40 36.97 -7.72
C SER B 383 4.26 38.48 -7.72
N PRO B 384 4.79 39.17 -8.74
CA PRO B 384 4.74 40.63 -8.73
C PRO B 384 3.32 41.19 -8.67
N THR B 385 2.35 40.52 -9.30
CA THR B 385 0.98 41.02 -9.25
C THR B 385 0.39 40.88 -7.84
N LYS B 386 0.76 39.82 -7.12
CA LYS B 386 0.31 39.60 -5.75
C LYS B 386 1.24 40.25 -4.73
N LEU B 387 2.24 41.00 -5.19
CA LEU B 387 3.20 41.61 -4.28
C LEU B 387 2.53 42.61 -3.34
N ASN B 388 1.44 43.24 -3.78
CA ASN B 388 0.77 44.24 -2.95
C ASN B 388 0.00 43.60 -1.81
N ASP B 389 -0.73 42.53 -2.09
CA ASP B 389 -1.61 41.94 -1.08
C ASP B 389 -0.82 41.34 0.08
N LEU B 390 0.30 40.69 -0.22
CA LEU B 390 1.12 40.08 0.82
C LEU B 390 1.66 41.13 1.79
N CYS B 391 1.79 40.74 3.06
CA CYS B 391 2.18 41.67 4.12
C CYS B 391 3.45 41.13 4.77
N PHE B 392 4.60 41.64 4.32
CA PHE B 392 5.91 41.05 4.61
C PHE B 392 6.49 41.64 5.90
N THR B 393 7.77 41.36 6.14
CA THR B 393 8.57 42.04 7.13
C THR B 393 10.04 41.93 6.70
N ASN B 394 10.87 42.82 7.25
CA ASN B 394 12.32 42.74 7.12
C ASN B 394 12.77 42.70 5.66
N VAL B 395 12.23 43.60 4.86
CA VAL B 395 12.67 43.73 3.46
C VAL B 395 13.96 44.53 3.44
N TYR B 396 15.03 43.91 2.94
CA TYR B 396 16.37 44.49 2.93
C TYR B 396 16.74 44.83 1.49
N ALA B 397 16.57 46.10 1.13
CA ALA B 397 16.91 46.56 -0.22
C ALA B 397 18.43 46.60 -0.38
N ASP B 398 18.93 45.92 -1.41
CA ASP B 398 20.35 45.87 -1.72
C ASP B 398 20.56 46.55 -3.07
N SER B 399 21.38 47.60 -3.09
CA SER B 399 21.62 48.38 -4.31
C SER B 399 23.11 48.38 -4.63
N PHE B 400 23.43 48.10 -5.89
CA PHE B 400 24.80 48.03 -6.39
C PHE B 400 24.75 47.86 -7.90
N VAL B 401 25.92 47.85 -8.53
CA VAL B 401 26.02 47.87 -9.99
C VAL B 401 27.01 46.80 -10.44
N ILE B 402 26.61 46.05 -11.47
CA ILE B 402 27.46 45.03 -12.09
C ILE B 402 27.61 45.36 -13.56
N ARG B 403 28.33 44.49 -14.27
CA ARG B 403 28.57 44.69 -15.69
C ARG B 403 27.38 44.24 -16.53
N GLY B 404 27.32 44.74 -17.76
CA GLY B 404 26.16 44.53 -18.60
C GLY B 404 25.91 43.09 -18.97
N ASP B 405 26.98 42.31 -19.18
CA ASP B 405 26.82 40.96 -19.70
C ASP B 405 26.12 40.04 -18.70
N GLU B 406 26.51 40.10 -17.43
CA GLU B 406 26.04 39.10 -16.47
C GLU B 406 24.53 39.15 -16.24
N VAL B 407 24.06 40.19 -15.56
CA VAL B 407 22.69 40.30 -15.07
C VAL B 407 22.13 38.95 -14.67
N ARG B 408 22.78 38.28 -13.71
CA ARG B 408 22.32 37.01 -13.17
C ARG B 408 22.07 37.02 -11.67
N GLN B 409 22.86 37.75 -10.89
CA GLN B 409 22.65 37.97 -9.46
C GLN B 409 22.72 36.66 -8.66
N ILE B 410 23.30 35.61 -9.23
CA ILE B 410 23.28 34.27 -8.63
C ILE B 410 21.83 33.95 -8.27
N ALA B 411 20.97 33.81 -9.28
CA ALA B 411 19.54 33.83 -9.01
C ALA B 411 19.08 32.60 -8.24
N PRO B 412 19.02 31.37 -8.82
CA PRO B 412 18.70 30.23 -7.95
C PRO B 412 19.87 29.81 -7.08
N GLY B 413 20.95 29.40 -7.75
CA GLY B 413 22.23 29.10 -7.13
C GLY B 413 23.38 29.39 -8.05
N GLN B 414 23.18 30.32 -9.01
CA GLN B 414 24.01 30.39 -10.21
C GLN B 414 25.49 30.32 -9.88
N THR B 415 26.21 29.51 -10.65
CA THR B 415 27.60 29.20 -10.41
C THR B 415 28.56 30.20 -11.03
N GLY B 416 28.05 31.27 -11.64
CA GLY B 416 28.89 32.30 -12.23
C GLY B 416 29.86 32.90 -11.25
N LYS B 417 31.13 33.01 -11.64
CA LYS B 417 32.18 33.43 -10.72
C LYS B 417 32.36 34.94 -10.64
N ILE B 418 31.57 35.72 -11.38
CA ILE B 418 31.62 37.17 -11.22
C ILE B 418 31.17 37.58 -9.83
N ALA B 419 30.07 37.00 -9.36
CA ALA B 419 29.55 37.26 -8.03
C ALA B 419 29.86 36.15 -7.04
N ASP B 420 30.62 35.14 -7.45
CA ASP B 420 31.02 34.08 -6.52
C ASP B 420 32.08 34.57 -5.54
N TYR B 421 32.79 35.63 -5.87
CA TYR B 421 33.72 36.27 -4.95
C TYR B 421 33.24 37.63 -4.48
N ASN B 422 32.08 38.09 -4.94
CA ASN B 422 31.58 39.43 -4.61
C ASN B 422 30.30 39.40 -3.78
N TYR B 423 29.26 38.72 -4.27
CA TYR B 423 27.95 38.78 -3.62
C TYR B 423 27.19 37.50 -3.95
N LYS B 424 26.97 36.66 -2.94
CA LYS B 424 26.24 35.41 -3.08
C LYS B 424 24.84 35.57 -2.52
N LEU B 425 23.85 35.07 -3.25
CA LEU B 425 22.47 35.17 -2.78
C LEU B 425 21.95 33.79 -2.42
N PRO B 426 21.29 33.64 -1.28
CA PRO B 426 20.91 32.31 -0.79
C PRO B 426 19.92 31.61 -1.70
N ASP B 427 19.95 30.28 -1.64
CA ASP B 427 19.08 29.46 -2.49
C ASP B 427 17.61 29.71 -2.17
N ASP B 428 17.25 29.68 -0.89
CA ASP B 428 15.88 29.94 -0.45
C ASP B 428 15.69 31.46 -0.33
N PHE B 429 15.54 32.10 -1.50
CA PHE B 429 15.45 33.54 -1.60
C PHE B 429 14.01 33.91 -1.93
N THR B 430 13.28 34.42 -0.93
CA THR B 430 11.91 34.88 -1.12
C THR B 430 11.91 36.40 -1.29
N GLY B 431 12.31 36.82 -2.49
CA GLY B 431 12.40 38.24 -2.81
C GLY B 431 12.21 38.49 -4.29
N CYS B 432 12.83 39.56 -4.79
CA CYS B 432 12.73 39.93 -6.19
C CYS B 432 14.06 40.50 -6.66
N VAL B 433 14.30 40.42 -7.96
CA VAL B 433 15.51 40.94 -8.58
C VAL B 433 15.10 41.89 -9.70
N ILE B 434 15.65 43.11 -9.68
CA ILE B 434 15.35 44.13 -10.68
C ILE B 434 16.66 44.70 -11.19
N ALA B 435 16.78 44.83 -12.51
CA ALA B 435 17.96 45.37 -13.16
C ALA B 435 17.58 46.59 -13.99
N TRP B 436 18.41 47.63 -13.91
CA TRP B 436 18.14 48.90 -14.58
C TRP B 436 19.31 49.29 -15.47
N ASN B 437 18.99 49.87 -16.62
CA ASN B 437 20.01 50.35 -17.55
C ASN B 437 20.55 51.70 -17.09
N SER B 438 21.87 51.86 -17.18
CA SER B 438 22.53 53.08 -16.70
C SER B 438 23.36 53.75 -17.78
N ASN B 439 23.24 53.33 -19.04
CA ASN B 439 24.07 53.91 -20.11
C ASN B 439 23.79 55.40 -20.26
N ASN B 440 22.51 55.79 -20.25
CA ASN B 440 22.16 57.20 -20.39
C ASN B 440 22.54 58.00 -19.16
N LEU B 441 22.35 57.43 -17.96
CA LEU B 441 22.57 58.14 -16.71
C LEU B 441 23.93 57.74 -16.14
N ASP B 442 24.98 58.32 -16.73
CA ASP B 442 26.34 58.22 -16.21
C ASP B 442 26.79 56.76 -16.10
N SER B 443 26.90 56.13 -17.26
CA SER B 443 27.35 54.74 -17.37
C SER B 443 28.70 54.54 -16.68
N ASN B 448 29.55 56.14 -13.56
CA ASN B 448 30.71 56.42 -12.73
C ASN B 448 30.73 55.50 -11.50
N TYR B 449 29.58 54.90 -11.21
CA TYR B 449 29.42 54.05 -10.04
C TYR B 449 29.73 52.58 -10.32
N ASN B 450 30.21 52.26 -11.53
CA ASN B 450 30.63 50.89 -11.81
C ASN B 450 31.81 50.49 -10.94
N TYR B 451 32.62 51.47 -10.53
CA TYR B 451 33.73 51.29 -9.59
C TYR B 451 34.61 50.09 -9.92
N LEU B 452 34.54 49.04 -9.12
CA LEU B 452 35.48 47.93 -9.22
C LEU B 452 34.78 46.65 -8.80
N TYR B 453 35.53 45.55 -8.81
CA TYR B 453 35.02 44.23 -8.47
C TYR B 453 36.16 43.36 -7.97
N ARG B 454 35.80 42.24 -7.36
CA ARG B 454 36.75 41.29 -6.80
C ARG B 454 37.16 40.31 -7.88
N LEU B 455 38.40 40.42 -8.36
CA LEU B 455 38.90 39.50 -9.38
C LEU B 455 39.00 38.09 -8.84
N PHE B 456 39.50 37.93 -7.62
CA PHE B 456 39.63 36.62 -6.99
C PHE B 456 39.75 36.80 -5.49
N ARG B 457 39.31 35.77 -4.76
CA ARG B 457 39.42 35.78 -3.31
C ARG B 457 39.79 34.42 -2.74
N LYS B 458 40.10 33.44 -3.60
CA LYS B 458 40.43 32.06 -3.24
C LYS B 458 39.55 31.51 -2.13
N SER B 459 38.27 31.88 -2.14
CA SER B 459 37.33 31.43 -1.12
C SER B 459 35.92 31.68 -1.63
N ASN B 460 35.02 30.74 -1.33
CA ASN B 460 33.63 30.89 -1.76
C ASN B 460 32.94 32.00 -0.95
N LEU B 461 31.87 32.53 -1.53
CA LEU B 461 31.10 33.61 -0.92
C LEU B 461 29.97 33.01 -0.11
N LYS B 462 30.03 33.16 1.22
CA LYS B 462 28.93 32.74 2.06
C LYS B 462 27.70 33.59 1.75
N PRO B 463 26.51 32.99 1.69
CA PRO B 463 25.32 33.74 1.27
C PRO B 463 25.08 34.97 2.15
N PHE B 464 24.83 36.10 1.51
CA PHE B 464 24.53 37.37 2.17
C PHE B 464 25.62 37.76 3.16
N GLU B 465 26.87 37.62 2.72
CA GLU B 465 28.02 38.13 3.47
C GLU B 465 28.77 39.12 2.60
N ARG B 466 29.26 40.19 3.22
CA ARG B 466 29.96 41.25 2.51
C ARG B 466 31.42 41.27 2.92
N ASP B 467 32.31 41.20 1.94
CA ASP B 467 33.74 41.31 2.16
C ASP B 467 34.23 42.60 1.52
N ILE B 468 34.96 43.41 2.30
CA ILE B 468 35.38 44.76 1.88
C ILE B 468 36.89 44.82 1.67
N SER B 469 37.67 44.47 2.68
CA SER B 469 39.12 44.60 2.62
C SER B 469 39.72 43.31 2.06
N THR B 470 40.27 43.40 0.85
CA THR B 470 40.95 42.27 0.20
C THR B 470 42.19 42.82 -0.49
N GLU B 471 43.32 42.80 0.23
CA GLU B 471 44.58 43.32 -0.27
C GLU B 471 45.62 42.24 -0.51
N ILE B 472 45.69 41.24 0.37
CA ILE B 472 46.69 40.19 0.27
C ILE B 472 46.13 39.04 -0.56
N TYR B 473 46.76 38.76 -1.69
CA TYR B 473 46.40 37.63 -2.52
C TYR B 473 47.67 37.05 -3.13
N GLN B 474 47.71 35.72 -3.25
CA GLN B 474 48.88 35.05 -3.79
C GLN B 474 48.47 33.71 -4.37
N ALA B 475 49.24 33.25 -5.35
CA ALA B 475 49.08 31.92 -5.93
C ALA B 475 50.32 31.06 -5.81
N GLY B 476 51.52 31.65 -5.86
CA GLY B 476 52.72 30.89 -5.67
C GLY B 476 52.96 30.55 -4.20
N SER B 477 53.94 29.68 -3.98
CA SER B 477 54.26 29.26 -2.62
C SER B 477 54.85 30.39 -1.79
N THR B 478 55.39 31.42 -2.44
CA THR B 478 55.98 32.53 -1.72
C THR B 478 54.90 33.31 -0.98
N PRO B 479 55.06 33.58 0.31
CA PRO B 479 54.06 34.37 1.03
C PRO B 479 53.93 35.78 0.46
N CYS B 480 52.70 36.29 0.51
CA CYS B 480 52.39 37.61 -0.06
C CYS B 480 52.72 38.69 0.96
N ASN B 481 54.02 38.99 1.05
CA ASN B 481 54.50 40.07 1.92
C ASN B 481 54.59 41.37 1.12
N GLY B 482 53.43 41.83 0.66
CA GLY B 482 53.35 43.02 -0.15
C GLY B 482 53.70 42.81 -1.60
N VAL B 483 53.78 41.56 -2.07
CA VAL B 483 54.12 41.24 -3.45
C VAL B 483 52.86 40.77 -4.15
N GLU B 484 52.52 41.42 -5.27
CA GLU B 484 51.30 41.11 -6.01
C GLU B 484 51.59 40.50 -7.37
N GLY B 485 52.43 41.16 -8.17
CA GLY B 485 52.66 40.69 -9.53
C GLY B 485 53.36 39.35 -9.59
N PHE B 486 54.40 39.19 -8.77
CA PHE B 486 55.21 37.97 -8.83
C PHE B 486 54.40 36.75 -8.40
N ASN B 487 53.69 36.84 -7.29
CA ASN B 487 52.88 35.71 -6.82
C ASN B 487 51.73 35.43 -7.78
N CYS B 488 50.95 36.45 -8.11
CA CYS B 488 49.83 36.32 -9.04
C CYS B 488 49.33 37.70 -9.44
N TYR B 489 48.46 38.29 -8.61
CA TYR B 489 47.92 39.62 -8.82
C TYR B 489 47.14 40.02 -7.58
N PHE B 490 47.04 41.33 -7.35
CA PHE B 490 46.31 41.82 -6.20
C PHE B 490 44.81 41.90 -6.50
N PRO B 491 43.96 41.73 -5.48
CA PRO B 491 42.50 41.70 -5.74
C PRO B 491 41.90 43.08 -5.87
N LEU B 492 40.57 43.15 -5.96
CA LEU B 492 39.83 44.41 -6.09
C LEU B 492 40.21 45.14 -7.38
N GLN B 493 40.13 44.41 -8.50
CA GLN B 493 40.43 44.99 -9.80
C GLN B 493 39.34 45.98 -10.21
N SER B 494 39.76 47.07 -10.85
CA SER B 494 38.87 48.16 -11.21
C SER B 494 38.23 47.91 -12.58
N TYR B 495 37.13 48.63 -12.82
CA TYR B 495 36.38 48.55 -14.07
C TYR B 495 36.16 49.95 -14.59
N GLY B 496 36.76 50.27 -15.73
CA GLY B 496 36.56 51.58 -16.32
C GLY B 496 35.60 51.59 -17.50
N PHE B 497 34.36 51.99 -17.23
CA PHE B 497 33.35 52.16 -18.28
C PHE B 497 32.48 53.37 -18.02
N GLN B 498 33.02 54.40 -17.38
CA GLN B 498 32.25 55.58 -17.04
C GLN B 498 31.59 56.25 -18.24
N PRO B 499 32.27 56.46 -19.38
CA PRO B 499 31.56 56.94 -20.56
C PRO B 499 31.30 55.82 -21.56
N THR B 500 31.98 55.87 -22.71
CA THR B 500 31.95 54.84 -23.74
C THR B 500 30.56 54.54 -24.27
N ASN B 501 30.46 53.59 -25.21
CA ASN B 501 29.18 53.22 -25.78
C ASN B 501 29.07 51.72 -26.04
N GLY B 502 29.93 50.89 -25.46
CA GLY B 502 29.90 49.46 -25.70
C GLY B 502 28.59 48.80 -25.38
N VAL B 503 27.88 48.32 -26.40
CA VAL B 503 26.57 47.70 -26.19
C VAL B 503 26.74 46.34 -25.52
N GLY B 504 25.78 46.00 -24.66
CA GLY B 504 25.82 44.75 -23.94
C GLY B 504 26.74 44.72 -22.74
N TYR B 505 27.60 45.72 -22.58
CA TYR B 505 28.52 45.79 -21.46
C TYR B 505 28.36 47.06 -20.64
N GLN B 506 27.38 47.90 -20.94
CA GLN B 506 27.15 49.09 -20.13
C GLN B 506 26.74 48.67 -18.72
N PRO B 507 27.22 49.37 -17.69
CA PRO B 507 26.87 48.98 -16.32
C PRO B 507 25.37 48.97 -16.09
N TYR B 508 24.90 47.99 -15.34
CA TYR B 508 23.49 47.84 -15.01
C TYR B 508 23.31 48.06 -13.52
N ARG B 509 22.37 48.96 -13.17
CA ARG B 509 22.05 49.27 -11.78
C ARG B 509 21.08 48.22 -11.27
N VAL B 510 21.60 47.22 -10.55
CA VAL B 510 20.81 46.09 -10.09
C VAL B 510 20.46 46.30 -8.63
N VAL B 511 19.16 46.20 -8.32
CA VAL B 511 18.65 46.28 -6.96
C VAL B 511 17.79 45.06 -6.70
N VAL B 512 18.01 44.42 -5.54
CA VAL B 512 17.25 43.24 -5.15
C VAL B 512 16.61 43.49 -3.80
N LEU B 513 15.36 43.05 -3.66
CA LEU B 513 14.62 43.15 -2.41
C LEU B 513 14.50 41.75 -1.83
N SER B 514 14.84 41.61 -0.55
CA SER B 514 14.83 40.31 0.12
C SER B 514 13.82 40.37 1.26
N PHE B 515 12.56 40.06 0.96
CA PHE B 515 11.54 40.00 1.99
C PHE B 515 11.76 38.79 2.88
N GLU B 516 11.34 38.91 4.13
CA GLU B 516 11.35 37.81 5.09
C GLU B 516 9.89 37.49 5.42
N LEU B 517 9.39 36.41 4.83
CA LEU B 517 7.98 36.06 4.91
C LEU B 517 7.74 35.17 6.13
N LEU B 518 6.57 34.52 6.19
CA LEU B 518 6.14 33.63 7.26
C LEU B 518 5.79 34.42 8.52
N HIS B 519 5.86 33.79 9.68
CA HIS B 519 5.43 34.42 10.92
C HIS B 519 6.43 35.49 11.34
N ALA B 520 5.91 36.68 11.67
CA ALA B 520 6.73 37.81 12.06
C ALA B 520 5.85 38.97 12.52
N PRO B 521 6.41 39.96 13.22
CA PRO B 521 5.60 41.15 13.58
C PRO B 521 5.09 41.93 12.39
N ALA B 522 5.70 41.76 11.21
CA ALA B 522 5.24 42.40 9.97
C ALA B 522 5.22 43.92 10.09
N THR B 523 6.42 44.47 10.30
CA THR B 523 6.60 45.91 10.39
C THR B 523 6.22 46.62 9.09
N VAL B 524 6.94 46.30 8.00
CA VAL B 524 6.71 46.97 6.73
C VAL B 524 5.93 46.07 5.78
N CYS B 525 4.82 46.59 5.25
CA CYS B 525 4.02 45.82 4.31
C CYS B 525 3.06 46.75 3.57
N GLY B 526 2.17 46.16 2.77
CA GLY B 526 1.56 46.84 1.65
C GLY B 526 0.35 47.72 1.91
N PRO B 527 -0.11 48.40 0.85
CA PRO B 527 -1.19 49.41 0.94
C PRO B 527 -2.59 48.82 0.77
N LYS B 528 -2.99 47.97 1.70
CA LYS B 528 -4.34 47.42 1.67
C LYS B 528 -5.29 48.36 2.41
N LYS B 529 -6.52 47.91 2.65
CA LYS B 529 -7.53 48.66 3.38
C LYS B 529 -7.78 47.97 4.73
N SER B 530 -8.75 48.49 5.48
CA SER B 530 -9.06 47.96 6.80
C SER B 530 -10.58 47.90 6.96
N THR B 531 -11.08 46.70 7.23
CA THR B 531 -12.50 46.47 7.45
C THR B 531 -12.75 46.30 8.95
N ASN B 532 -14.00 46.51 9.37
CA ASN B 532 -14.37 46.43 10.78
C ASN B 532 -14.18 45.00 11.28
N LEU B 533 -14.34 44.79 12.58
CA LEU B 533 -14.09 43.51 13.25
C LEU B 533 -15.42 42.97 13.75
N VAL B 534 -15.93 41.95 13.09
CA VAL B 534 -17.22 41.35 13.42
C VAL B 534 -16.98 40.04 14.16
N LYS B 535 -17.68 39.86 15.27
CA LYS B 535 -17.54 38.67 16.09
C LYS B 535 -18.66 37.67 15.83
N ASN B 536 -18.36 36.40 16.08
CA ASN B 536 -19.34 35.31 16.03
C ASN B 536 -20.01 35.23 14.66
N LYS B 537 -19.20 35.34 13.61
CA LYS B 537 -19.71 35.28 12.24
C LYS B 537 -18.69 34.61 11.34
N CYS B 538 -19.19 33.84 10.36
CA CYS B 538 -18.32 33.20 9.38
C CYS B 538 -17.76 34.26 8.44
N VAL B 539 -16.46 34.57 8.60
CA VAL B 539 -15.84 35.66 7.85
C VAL B 539 -14.56 35.15 7.20
N ASN B 540 -14.12 35.88 6.17
CA ASN B 540 -12.86 35.60 5.47
C ASN B 540 -11.80 36.54 6.00
N PHE B 541 -11.29 36.22 7.19
CA PHE B 541 -10.32 37.08 7.85
C PHE B 541 -8.98 37.08 7.13
N ASN B 542 -8.30 38.23 7.17
CA ASN B 542 -7.02 38.45 6.52
C ASN B 542 -6.07 39.16 7.49
N PHE B 543 -5.96 38.62 8.70
CA PHE B 543 -5.19 39.26 9.76
C PHE B 543 -3.70 39.34 9.45
N ASN B 544 -3.22 40.53 9.12
CA ASN B 544 -1.79 40.79 8.95
C ASN B 544 -1.19 39.88 7.88
N GLY B 545 -1.99 39.56 6.86
CA GLY B 545 -1.59 38.69 5.78
C GLY B 545 -2.03 37.24 5.95
N LEU B 546 -2.46 36.85 7.15
CA LEU B 546 -2.92 35.49 7.41
C LEU B 546 -4.33 35.31 6.87
N THR B 547 -4.45 34.68 5.72
CA THR B 547 -5.75 34.44 5.09
C THR B 547 -6.37 33.16 5.63
N GLY B 548 -7.70 33.13 5.65
CA GLY B 548 -8.42 31.97 6.12
C GLY B 548 -9.90 32.27 6.25
N THR B 549 -10.61 31.31 6.85
CA THR B 549 -12.03 31.43 7.08
C THR B 549 -12.36 30.83 8.44
N GLY B 550 -13.14 31.55 9.24
CA GLY B 550 -13.50 31.07 10.56
C GLY B 550 -14.37 32.07 11.28
N VAL B 551 -14.68 31.72 12.53
CA VAL B 551 -15.52 32.52 13.40
C VAL B 551 -14.61 33.15 14.44
N LEU B 552 -14.40 34.46 14.35
CA LEU B 552 -13.57 35.17 15.31
C LEU B 552 -14.40 35.55 16.52
N THR B 553 -13.96 35.12 17.70
CA THR B 553 -14.67 35.39 18.95
C THR B 553 -13.70 35.93 19.98
N GLU B 554 -14.23 36.74 20.91
CA GLU B 554 -13.41 37.28 21.98
C GLU B 554 -12.84 36.14 22.82
N SER B 555 -11.54 36.24 23.13
CA SER B 555 -10.82 35.15 23.74
C SER B 555 -10.98 35.17 25.27
N ASN B 556 -10.35 34.19 25.91
CA ASN B 556 -10.29 34.08 27.36
C ASN B 556 -8.90 33.76 27.87
N LYS B 557 -7.96 33.40 26.99
CA LYS B 557 -6.63 32.96 27.38
C LYS B 557 -5.79 34.12 27.91
N LYS B 558 -4.52 33.82 28.20
CA LYS B 558 -3.61 34.80 28.78
C LYS B 558 -2.42 35.01 27.85
N PHE B 559 -2.70 35.27 26.58
CA PHE B 559 -1.69 35.57 25.57
C PHE B 559 -0.61 36.48 26.12
N LEU B 560 0.64 36.04 26.06
CA LEU B 560 1.74 36.81 26.61
C LEU B 560 1.99 38.05 25.75
N PRO B 561 2.48 39.14 26.36
CA PRO B 561 2.59 40.40 25.61
C PRO B 561 3.49 40.34 24.40
N PHE B 562 4.45 39.42 24.35
CA PHE B 562 5.34 39.32 23.20
C PHE B 562 4.81 38.38 22.12
N GLN B 563 3.85 37.53 22.44
CA GLN B 563 3.35 36.54 21.49
C GLN B 563 2.33 37.18 20.54
N GLN B 564 2.37 36.75 19.28
CA GLN B 564 1.49 37.29 18.25
C GLN B 564 0.48 36.25 17.74
N PHE B 565 0.95 35.09 17.29
CA PHE B 565 0.08 34.06 16.74
C PHE B 565 -0.14 32.95 17.76
N GLY B 566 -1.39 32.54 17.92
CA GLY B 566 -1.77 31.51 18.87
C GLY B 566 -1.97 30.17 18.18
N ARG B 567 -1.45 29.11 18.81
CA ARG B 567 -1.60 27.74 18.33
C ARG B 567 -2.08 26.87 19.48
N ASP B 568 -2.24 25.59 19.19
CA ASP B 568 -2.73 24.62 20.18
C ASP B 568 -2.11 23.27 19.85
N ILE B 569 -2.70 22.19 20.40
CA ILE B 569 -2.26 20.85 20.04
C ILE B 569 -2.47 20.63 18.56
N ALA B 570 -1.56 19.87 17.95
CA ALA B 570 -1.52 19.58 16.51
C ALA B 570 -1.21 20.80 15.67
N ASP B 571 -0.90 21.95 16.29
CA ASP B 571 -0.39 23.13 15.61
C ASP B 571 -1.36 23.64 14.54
N THR B 572 -2.54 24.07 14.99
CA THR B 572 -3.48 24.81 14.16
C THR B 572 -3.64 26.21 14.72
N THR B 573 -4.11 27.13 13.87
CA THR B 573 -4.20 28.54 14.25
C THR B 573 -5.38 28.77 15.18
N ASP B 574 -5.16 28.63 16.48
CA ASP B 574 -6.24 28.78 17.46
C ASP B 574 -6.50 30.23 17.83
N ALA B 575 -5.52 31.12 17.68
CA ALA B 575 -5.68 32.50 18.11
C ALA B 575 -4.89 33.42 17.18
N VAL B 576 -5.20 34.71 17.26
CA VAL B 576 -4.56 35.73 16.43
C VAL B 576 -4.61 37.06 17.18
N ARG B 577 -3.71 37.96 16.81
CA ARG B 577 -3.63 39.29 17.40
C ARG B 577 -4.05 40.33 16.37
N ASP B 578 -4.90 41.27 16.79
CA ASP B 578 -5.43 42.27 15.89
C ASP B 578 -4.41 43.39 15.69
N PRO B 579 -3.99 43.66 14.44
CA PRO B 579 -2.90 44.62 14.24
C PRO B 579 -3.15 46.03 14.74
N GLN B 580 -4.36 46.57 14.57
CA GLN B 580 -4.61 47.96 14.98
C GLN B 580 -4.76 48.07 16.49
N THR B 581 -5.80 47.44 17.04
CA THR B 581 -6.03 47.41 18.48
C THR B 581 -5.68 46.01 18.97
N LEU B 582 -4.59 45.90 19.73
CA LEU B 582 -4.05 44.61 20.12
C LEU B 582 -5.03 43.86 21.01
N GLU B 583 -5.67 42.83 20.45
CA GLU B 583 -6.62 42.00 21.18
C GLU B 583 -6.59 40.61 20.58
N ILE B 584 -6.83 39.61 21.40
CA ILE B 584 -6.70 38.22 20.99
C ILE B 584 -8.07 37.68 20.62
N LEU B 585 -8.16 37.03 19.45
CA LEU B 585 -9.42 36.48 18.95
C LEU B 585 -9.21 35.01 18.63
N ASP B 586 -10.01 34.16 19.25
CA ASP B 586 -9.97 32.74 18.92
C ASP B 586 -10.61 32.49 17.56
N ILE B 587 -9.96 31.65 16.75
CA ILE B 587 -10.45 31.36 15.41
C ILE B 587 -10.90 29.90 15.33
N THR B 588 -12.17 29.66 15.62
CA THR B 588 -12.73 28.33 15.39
C THR B 588 -13.39 28.29 14.01
N PRO B 589 -13.12 27.27 13.21
CA PRO B 589 -13.65 27.26 11.84
C PRO B 589 -15.17 27.09 11.82
N CYS B 590 -15.77 27.59 10.73
CA CYS B 590 -17.20 27.49 10.57
C CYS B 590 -17.63 26.03 10.49
N SER B 591 -18.79 25.73 11.07
CA SER B 591 -19.21 24.36 11.29
C SER B 591 -19.44 23.64 9.96
N PHE B 592 -19.34 22.31 10.02
CA PHE B 592 -19.52 21.47 8.84
C PHE B 592 -19.83 20.05 9.31
N GLY B 593 -20.34 19.24 8.39
CA GLY B 593 -20.64 17.86 8.70
C GLY B 593 -20.87 17.00 7.48
N GLY B 594 -21.72 15.99 7.62
CA GLY B 594 -22.03 15.11 6.51
C GLY B 594 -23.52 14.98 6.28
N VAL B 595 -23.99 15.39 5.11
CA VAL B 595 -25.40 15.35 4.79
C VAL B 595 -25.78 13.90 4.48
N SER B 596 -26.77 13.39 5.20
CA SER B 596 -27.30 12.04 4.97
C SER B 596 -28.76 12.14 4.56
N VAL B 597 -29.19 11.21 3.72
CA VAL B 597 -30.54 11.23 3.18
C VAL B 597 -31.22 9.94 3.64
N ILE B 598 -32.04 10.04 4.69
CA ILE B 598 -32.85 8.91 5.15
C ILE B 598 -34.05 8.82 4.22
N THR B 599 -34.08 7.80 3.37
CA THR B 599 -35.13 7.66 2.39
C THR B 599 -35.68 6.24 2.39
N PRO B 600 -37.00 6.06 2.31
CA PRO B 600 -37.54 4.74 1.95
C PRO B 600 -37.25 4.45 0.48
N GLY B 601 -37.47 3.20 0.11
CA GLY B 601 -37.26 2.82 -1.28
C GLY B 601 -38.09 3.66 -2.22
N THR B 602 -37.49 4.05 -3.35
CA THR B 602 -38.22 4.86 -4.33
C THR B 602 -39.43 4.12 -4.89
N ASN B 603 -39.42 2.79 -4.81
CA ASN B 603 -40.61 2.03 -5.17
C ASN B 603 -41.76 2.36 -4.22
N THR B 604 -41.47 2.52 -2.93
CA THR B 604 -42.51 2.84 -1.96
C THR B 604 -42.96 4.29 -2.10
N SER B 605 -42.04 5.23 -1.90
CA SER B 605 -42.38 6.65 -1.94
C SER B 605 -41.14 7.45 -2.31
N ASN B 606 -41.38 8.67 -2.80
CA ASN B 606 -40.31 9.58 -3.21
C ASN B 606 -40.08 10.68 -2.19
N GLN B 607 -40.18 10.37 -0.91
CA GLN B 607 -39.96 11.33 0.16
C GLN B 607 -38.69 10.96 0.93
N VAL B 608 -37.98 11.98 1.39
CA VAL B 608 -36.72 11.81 2.09
C VAL B 608 -36.72 12.65 3.36
N ALA B 609 -35.69 12.46 4.17
CA ALA B 609 -35.52 13.21 5.41
C ALA B 609 -34.03 13.41 5.64
N VAL B 610 -33.55 14.63 5.43
CA VAL B 610 -32.12 14.92 5.50
C VAL B 610 -31.67 14.95 6.95
N LEU B 611 -30.48 14.44 7.22
CA LEU B 611 -29.87 14.45 8.54
C LEU B 611 -28.49 15.12 8.43
N TYR B 612 -28.38 16.35 8.91
CA TYR B 612 -27.08 17.02 8.97
C TYR B 612 -26.31 16.46 10.16
N GLN B 613 -25.10 15.95 9.89
CA GLN B 613 -24.43 15.07 10.83
C GLN B 613 -24.08 15.76 12.14
N ASP B 614 -23.55 16.99 12.07
CA ASP B 614 -22.99 17.62 13.25
C ASP B 614 -23.59 18.96 13.64
N VAL B 615 -24.20 19.69 12.69
CA VAL B 615 -24.75 21.01 13.03
C VAL B 615 -25.84 20.85 14.08
N ASN B 616 -25.82 21.72 15.08
CA ASN B 616 -26.68 21.52 16.24
C ASN B 616 -28.17 21.65 15.91
N CYS B 617 -28.67 22.87 15.75
CA CYS B 617 -30.01 23.07 15.22
C CYS B 617 -30.07 24.33 14.37
N THR B 618 -29.19 25.29 14.64
CA THR B 618 -29.30 26.63 14.08
C THR B 618 -28.34 26.87 12.93
N GLU B 619 -27.25 26.12 12.86
CA GLU B 619 -26.32 26.22 11.74
C GLU B 619 -26.90 25.67 10.44
N VAL B 620 -28.13 25.19 10.46
CA VAL B 620 -28.81 24.78 9.23
C VAL B 620 -29.02 26.01 8.35
N PRO B 621 -28.68 25.96 7.05
CA PRO B 621 -28.78 27.12 6.17
C PRO B 621 -30.22 27.51 5.85
N TYR B 636 -37.45 17.37 2.96
CA TYR B 636 -36.27 17.63 2.15
C TYR B 636 -35.33 18.60 2.87
N SER B 637 -35.04 19.72 2.22
CA SER B 637 -34.19 20.74 2.86
C SER B 637 -34.87 21.32 4.09
N THR B 638 -36.19 21.55 4.00
CA THR B 638 -36.96 22.03 5.14
C THR B 638 -38.39 21.55 4.97
N GLY B 639 -38.89 20.80 5.96
CA GLY B 639 -40.24 20.25 5.89
C GLY B 639 -41.07 20.58 7.11
N SER B 640 -40.74 21.70 7.77
CA SER B 640 -41.46 22.16 8.97
C SER B 640 -41.50 21.08 10.05
N ASN B 641 -40.49 20.20 10.08
CA ASN B 641 -40.41 19.14 11.07
C ASN B 641 -39.00 19.02 11.62
N VAL B 642 -38.36 20.15 11.92
CA VAL B 642 -37.00 20.12 12.45
C VAL B 642 -36.99 19.45 13.81
N PHE B 643 -36.01 18.58 14.03
CA PHE B 643 -35.96 17.81 15.27
C PHE B 643 -34.50 17.48 15.57
N GLN B 644 -34.08 17.75 16.80
CA GLN B 644 -32.69 17.58 17.22
C GLN B 644 -32.47 16.17 17.75
N THR B 645 -31.47 15.49 17.22
CA THR B 645 -31.04 14.18 17.70
C THR B 645 -29.65 14.28 18.30
N ARG B 646 -29.14 13.14 18.77
CA ARG B 646 -27.75 13.07 19.22
C ARG B 646 -26.76 12.97 18.07
N ALA B 647 -27.24 12.67 16.86
CA ALA B 647 -26.40 12.58 15.67
C ALA B 647 -26.65 13.72 14.71
N GLY B 648 -26.97 14.90 15.22
CA GLY B 648 -27.16 16.08 14.41
C GLY B 648 -28.62 16.39 14.16
N CYS B 649 -28.85 17.47 13.43
CA CYS B 649 -30.19 17.92 13.11
C CYS B 649 -30.85 17.01 12.08
N LEU B 650 -32.07 16.58 12.37
CA LEU B 650 -32.85 15.74 11.48
C LEU B 650 -34.03 16.54 10.97
N ILE B 651 -34.05 16.80 9.66
CA ILE B 651 -35.07 17.63 9.02
C ILE B 651 -35.90 16.75 8.10
N GLY B 652 -37.22 16.86 8.22
CA GLY B 652 -38.14 16.12 7.37
C GLY B 652 -38.80 14.93 8.03
N ALA B 653 -38.54 14.68 9.30
CA ALA B 653 -39.14 13.56 10.01
C ALA B 653 -39.73 14.05 11.32
N GLU B 654 -40.86 13.45 11.71
CA GLU B 654 -41.57 13.81 12.92
C GLU B 654 -41.25 12.81 14.03
N HIS B 655 -41.01 13.33 15.23
CA HIS B 655 -40.67 12.48 16.37
C HIS B 655 -41.93 11.79 16.88
N VAL B 656 -41.87 10.47 16.96
CA VAL B 656 -42.98 9.65 17.46
C VAL B 656 -42.55 9.03 18.77
N ASN B 657 -43.38 9.20 19.81
CA ASN B 657 -43.03 8.72 21.13
C ASN B 657 -43.04 7.19 21.20
N ASN B 658 -43.88 6.54 20.40
CA ASN B 658 -43.93 5.08 20.39
C ASN B 658 -42.63 4.51 19.85
N SER B 659 -42.34 3.27 20.25
CA SER B 659 -41.11 2.59 19.89
C SER B 659 -41.42 1.33 19.11
N TYR B 660 -40.71 1.13 18.00
CA TYR B 660 -40.83 -0.07 17.17
C TYR B 660 -39.44 -0.59 16.86
N GLU B 661 -39.38 -1.75 16.20
CA GLU B 661 -38.11 -2.29 15.76
C GLU B 661 -37.47 -1.38 14.72
N CYS B 662 -36.14 -1.26 14.78
CA CYS B 662 -35.43 -0.33 13.91
C CYS B 662 -35.56 -0.74 12.45
N ASP B 663 -35.90 0.23 11.61
CA ASP B 663 -35.97 0.03 10.16
C ASP B 663 -34.80 0.69 9.44
N ILE B 664 -34.56 1.96 9.68
CA ILE B 664 -33.40 2.67 9.13
C ILE B 664 -32.61 3.27 10.28
N PRO B 665 -31.44 2.73 10.61
CA PRO B 665 -30.62 3.31 11.69
C PRO B 665 -30.20 4.73 11.35
N ILE B 666 -30.14 5.58 12.37
CA ILE B 666 -29.81 6.99 12.17
C ILE B 666 -28.59 7.38 12.99
N GLY B 667 -28.69 7.24 14.31
CA GLY B 667 -27.64 7.71 15.22
C GLY B 667 -27.63 6.95 16.51
N ALA B 668 -27.46 7.67 17.62
CA ALA B 668 -27.33 7.06 18.94
C ALA B 668 -28.72 6.70 19.49
N GLY B 669 -29.26 5.61 18.96
CA GLY B 669 -30.52 5.07 19.40
C GLY B 669 -31.72 5.47 18.56
N ILE B 670 -31.59 6.49 17.73
CA ILE B 670 -32.70 6.96 16.92
C ILE B 670 -32.78 6.15 15.64
N CYS B 671 -33.99 5.78 15.24
CA CYS B 671 -34.24 5.06 14.00
C CYS B 671 -35.42 5.71 13.29
N ALA B 672 -35.46 5.56 11.96
CA ALA B 672 -36.49 6.15 11.14
C ALA B 672 -37.17 5.08 10.30
N SER B 673 -38.46 5.28 10.05
CA SER B 673 -39.24 4.34 9.25
C SER B 673 -40.38 5.09 8.57
N TYR B 674 -40.90 4.47 7.52
CA TYR B 674 -42.03 5.02 6.76
C TYR B 674 -43.32 4.42 7.31
N GLN B 675 -44.08 5.22 8.04
CA GLN B 675 -45.32 4.79 8.65
C GLN B 675 -46.50 5.42 7.91
N THR B 676 -47.49 4.59 7.55
CA THR B 676 -48.65 5.08 6.83
C THR B 676 -49.55 5.91 7.74
N GLN B 677 -50.04 5.30 8.82
CA GLN B 677 -50.92 6.00 9.74
C GLN B 677 -50.15 6.97 10.63
N SER B 689 -51.40 9.37 6.34
CA SER B 689 -50.61 10.54 5.99
C SER B 689 -49.37 10.14 5.19
N GLN B 690 -48.84 8.95 5.49
CA GLN B 690 -47.67 8.40 4.82
C GLN B 690 -46.47 9.34 4.92
N SER B 691 -46.02 9.54 6.17
CA SER B 691 -44.92 10.43 6.48
C SER B 691 -43.84 9.68 7.23
N ILE B 692 -42.60 10.15 7.09
CA ILE B 692 -41.46 9.53 7.76
C ILE B 692 -41.46 9.91 9.23
N ILE B 693 -41.29 8.93 10.11
CA ILE B 693 -41.26 9.15 11.54
C ILE B 693 -39.90 8.70 12.08
N ALA B 694 -39.47 9.35 13.16
CA ALA B 694 -38.24 9.02 13.85
C ALA B 694 -38.55 8.75 15.31
N TYR B 695 -38.04 7.64 15.83
CA TYR B 695 -38.37 7.20 17.17
C TYR B 695 -37.10 6.71 17.86
N THR B 696 -37.27 6.06 19.01
CA THR B 696 -36.20 5.36 19.70
C THR B 696 -36.42 3.86 19.51
N MET B 697 -35.39 3.16 19.04
CA MET B 697 -35.52 1.76 18.70
C MET B 697 -35.89 0.93 19.93
N SER B 698 -36.68 -0.11 19.71
CA SER B 698 -37.08 -1.03 20.75
C SER B 698 -36.18 -2.26 20.70
N LEU B 699 -35.65 -2.66 21.86
CA LEU B 699 -34.71 -3.77 21.89
C LEU B 699 -35.39 -5.10 21.60
N GLY B 700 -36.58 -5.32 22.15
CA GLY B 700 -37.29 -6.56 21.89
C GLY B 700 -38.61 -6.59 22.64
N ALA B 701 -39.34 -7.68 22.41
CA ALA B 701 -40.63 -7.86 23.06
C ALA B 701 -40.45 -8.19 24.54
N GLU B 702 -41.24 -7.55 25.39
CA GLU B 702 -41.14 -7.79 26.82
C GLU B 702 -41.66 -9.18 27.15
N ASN B 703 -40.86 -9.95 27.89
CA ASN B 703 -41.17 -11.33 28.22
C ASN B 703 -40.88 -11.56 29.71
N SER B 704 -41.45 -10.70 30.56
CA SER B 704 -41.29 -10.83 32.00
C SER B 704 -41.57 -12.26 32.43
N CYS B 705 -40.54 -12.94 32.93
CA CYS B 705 -40.62 -14.36 33.22
C CYS B 705 -40.83 -14.56 34.72
N ALA B 706 -41.78 -15.42 35.07
CA ALA B 706 -42.16 -15.65 36.46
C ALA B 706 -41.23 -16.70 37.06
N TYR B 707 -40.10 -16.23 37.59
CA TYR B 707 -39.23 -17.11 38.36
C TYR B 707 -39.91 -17.49 39.66
N SER B 708 -39.78 -18.77 40.02
CA SER B 708 -40.35 -19.26 41.27
C SER B 708 -39.69 -20.60 41.60
N ASN B 709 -39.28 -20.75 42.86
CA ASN B 709 -38.80 -22.03 43.33
C ASN B 709 -39.95 -23.05 43.33
N ASN B 710 -39.59 -24.32 43.52
CA ASN B 710 -40.50 -25.46 43.46
C ASN B 710 -41.52 -25.36 42.32
N SER B 711 -41.08 -24.89 41.16
CA SER B 711 -41.94 -24.78 39.99
C SER B 711 -41.07 -24.84 38.75
N ILE B 712 -41.16 -25.92 38.00
CA ILE B 712 -40.38 -26.10 36.78
C ILE B 712 -41.35 -26.32 35.63
N ALA B 713 -40.95 -25.88 34.44
CA ALA B 713 -41.74 -26.00 33.22
C ALA B 713 -41.07 -27.02 32.30
N ILE B 714 -41.79 -28.07 31.96
CA ILE B 714 -41.30 -29.15 31.11
C ILE B 714 -42.06 -29.10 29.79
N PRO B 715 -41.39 -29.10 28.65
CA PRO B 715 -42.10 -29.13 27.37
C PRO B 715 -42.87 -30.43 27.20
N THR B 716 -44.00 -30.35 26.50
CA THR B 716 -44.82 -31.51 26.22
C THR B 716 -44.92 -31.81 24.73
N ASN B 717 -44.24 -31.05 23.88
CA ASN B 717 -44.29 -31.23 22.44
C ASN B 717 -43.04 -30.60 21.85
N PHE B 718 -42.75 -30.91 20.60
CA PHE B 718 -41.56 -30.41 19.93
C PHE B 718 -41.94 -29.81 18.59
N THR B 719 -40.93 -29.26 17.91
CA THR B 719 -41.10 -28.67 16.60
C THR B 719 -39.75 -28.73 15.89
N ILE B 720 -39.64 -29.61 14.89
CA ILE B 720 -38.41 -29.74 14.13
C ILE B 720 -38.36 -28.59 13.12
N SER B 721 -37.42 -27.68 13.32
CA SER B 721 -37.28 -26.49 12.49
C SER B 721 -35.99 -26.56 11.71
N VAL B 722 -36.06 -26.31 10.41
CA VAL B 722 -34.89 -26.30 9.53
C VAL B 722 -34.58 -24.84 9.21
N THR B 723 -33.41 -24.39 9.62
CA THR B 723 -32.94 -23.05 9.32
C THR B 723 -31.99 -23.10 8.12
N THR B 724 -31.37 -21.97 7.80
CA THR B 724 -30.41 -21.90 6.72
C THR B 724 -29.28 -20.96 7.11
N GLU B 725 -28.13 -21.15 6.47
CA GLU B 725 -26.96 -20.34 6.75
C GLU B 725 -26.09 -20.31 5.50
N ILE B 726 -25.77 -19.11 5.02
CA ILE B 726 -25.01 -18.93 3.78
C ILE B 726 -23.65 -18.37 4.15
N LEU B 727 -22.60 -18.98 3.60
CA LEU B 727 -21.24 -18.54 3.88
C LEU B 727 -20.42 -18.47 2.60
N PRO B 728 -19.91 -17.29 2.25
CA PRO B 728 -18.98 -17.21 1.11
C PRO B 728 -17.72 -18.01 1.38
N VAL B 729 -17.20 -18.66 0.34
CA VAL B 729 -16.07 -19.57 0.45
C VAL B 729 -14.87 -19.07 -0.37
N SER B 730 -15.10 -18.81 -1.65
CA SER B 730 -14.02 -18.41 -2.55
C SER B 730 -14.45 -17.19 -3.36
N MET B 731 -13.56 -16.22 -3.46
CA MET B 731 -13.77 -15.04 -4.27
C MET B 731 -13.24 -15.28 -5.68
N THR B 732 -13.50 -14.34 -6.57
CA THR B 732 -13.08 -14.49 -7.96
C THR B 732 -11.56 -14.39 -8.08
N LYS B 733 -10.98 -15.26 -8.90
CA LYS B 733 -9.55 -15.29 -9.12
C LYS B 733 -9.23 -14.38 -10.31
N THR B 734 -8.52 -13.29 -10.05
CA THR B 734 -8.15 -12.33 -11.08
C THR B 734 -6.64 -12.11 -11.06
N SER B 735 -6.05 -12.06 -12.25
CA SER B 735 -4.63 -11.74 -12.43
C SER B 735 -4.54 -10.56 -13.39
N VAL B 736 -3.82 -9.52 -12.97
CA VAL B 736 -3.73 -8.27 -13.72
C VAL B 736 -2.29 -8.09 -14.19
N ASP B 737 -2.12 -7.91 -15.50
CA ASP B 737 -0.78 -7.70 -16.03
C ASP B 737 -0.27 -6.32 -15.64
N CYS B 738 1.05 -6.15 -15.78
CA CYS B 738 1.72 -4.93 -15.35
C CYS B 738 1.85 -3.93 -16.48
N THR B 739 2.58 -4.32 -17.53
CA THR B 739 2.88 -3.40 -18.62
C THR B 739 1.62 -3.05 -19.40
N MET B 740 0.77 -4.04 -19.70
CA MET B 740 -0.43 -3.77 -20.47
C MET B 740 -1.38 -2.83 -19.74
N TYR B 741 -1.28 -2.73 -18.41
CA TYR B 741 -2.09 -1.79 -17.67
C TYR B 741 -1.42 -0.43 -17.53
N ILE B 742 -0.13 -0.41 -17.20
CA ILE B 742 0.55 0.87 -16.97
C ILE B 742 0.91 1.53 -18.29
N CYS B 743 1.70 0.84 -19.11
CA CYS B 743 2.16 1.36 -20.41
C CYS B 743 1.62 0.45 -21.50
N GLY B 744 0.39 0.70 -21.93
CA GLY B 744 -0.24 -0.20 -22.90
C GLY B 744 0.55 -0.30 -24.18
N ASP B 745 1.24 -1.42 -24.40
CA ASP B 745 2.03 -1.65 -25.65
C ASP B 745 2.67 -0.35 -26.16
N SER B 746 3.34 0.41 -25.29
CA SER B 746 4.05 1.62 -25.73
C SER B 746 5.50 1.46 -25.30
N THR B 747 6.32 0.79 -26.12
CA THR B 747 7.69 0.50 -25.67
C THR B 747 8.40 1.75 -25.18
N GLU B 748 7.91 2.94 -25.53
CA GLU B 748 8.52 4.17 -25.02
C GLU B 748 8.22 4.35 -23.54
N CYS B 749 7.01 3.98 -23.11
CA CYS B 749 6.67 4.04 -21.69
C CYS B 749 7.28 2.90 -20.90
N SER B 750 7.50 1.74 -21.54
CA SER B 750 8.03 0.58 -20.82
C SER B 750 9.45 0.81 -20.34
N ASN B 751 10.25 1.56 -21.10
CA ASN B 751 11.64 1.81 -20.70
C ASN B 751 11.73 2.62 -19.42
N LEU B 752 10.72 3.43 -19.13
CA LEU B 752 10.66 4.20 -17.90
C LEU B 752 10.04 3.42 -16.74
N LEU B 753 9.52 2.22 -16.99
CA LEU B 753 8.96 1.39 -15.94
C LEU B 753 9.99 0.45 -15.32
N LEU B 754 11.08 0.16 -16.03
CA LEU B 754 12.13 -0.69 -15.48
C LEU B 754 12.86 -0.01 -14.33
N GLN B 755 12.84 1.32 -14.27
CA GLN B 755 13.53 2.04 -13.20
C GLN B 755 12.85 1.88 -11.85
N TYR B 756 11.60 1.41 -11.82
CA TYR B 756 10.85 1.26 -10.59
C TYR B 756 11.10 -0.08 -9.89
N GLY B 757 12.17 -0.77 -10.26
CA GLY B 757 12.51 -2.00 -9.55
C GLY B 757 11.55 -3.14 -9.84
N SER B 758 11.14 -3.84 -8.79
CA SER B 758 10.32 -5.03 -8.89
C SER B 758 8.96 -4.84 -8.21
N PHE B 759 8.36 -3.66 -8.37
CA PHE B 759 7.00 -3.46 -7.90
C PHE B 759 6.03 -4.38 -8.63
N CYS B 760 6.22 -4.53 -9.94
CA CYS B 760 5.37 -5.39 -10.74
C CYS B 760 5.42 -6.83 -10.27
N THR B 761 6.63 -7.33 -9.98
CA THR B 761 6.75 -8.70 -9.49
C THR B 761 6.04 -8.87 -8.16
N GLN B 762 6.11 -7.85 -7.30
CA GLN B 762 5.41 -7.91 -6.02
C GLN B 762 3.90 -8.01 -6.23
N LEU B 763 3.35 -7.16 -7.09
CA LEU B 763 1.92 -7.18 -7.34
C LEU B 763 1.48 -8.51 -7.94
N ASN B 764 2.24 -9.01 -8.93
CA ASN B 764 1.88 -10.27 -9.56
C ASN B 764 1.96 -11.43 -8.56
N ARG B 765 2.98 -11.43 -7.70
CA ARG B 765 3.10 -12.46 -6.69
C ARG B 765 1.94 -12.42 -5.71
N ALA B 766 1.54 -11.22 -5.29
CA ALA B 766 0.40 -11.10 -4.38
C ALA B 766 -0.88 -11.63 -5.03
N LEU B 767 -1.13 -11.25 -6.29
CA LEU B 767 -2.33 -11.73 -6.96
C LEU B 767 -2.31 -13.24 -7.18
N THR B 768 -1.13 -13.79 -7.51
CA THR B 768 -1.02 -15.24 -7.68
C THR B 768 -1.26 -15.96 -6.36
N GLY B 769 -0.72 -15.43 -5.27
CA GLY B 769 -0.98 -16.02 -3.96
C GLY B 769 -2.45 -15.96 -3.59
N ILE B 770 -3.12 -14.84 -3.91
CA ILE B 770 -4.56 -14.73 -3.64
C ILE B 770 -5.32 -15.78 -4.44
N ALA B 771 -4.97 -15.95 -5.71
CA ALA B 771 -5.66 -16.94 -6.54
C ALA B 771 -5.45 -18.36 -6.02
N VAL B 772 -4.21 -18.67 -5.62
CA VAL B 772 -3.91 -20.00 -5.09
C VAL B 772 -4.68 -20.25 -3.81
N GLU B 773 -4.74 -19.24 -2.92
CA GLU B 773 -5.51 -19.38 -1.69
C GLU B 773 -6.99 -19.58 -2.00
N GLN B 774 -7.51 -18.86 -3.01
CA GLN B 774 -8.90 -19.06 -3.40
C GLN B 774 -9.15 -20.48 -3.88
N ASP B 775 -8.19 -21.04 -4.64
CA ASP B 775 -8.31 -22.43 -5.05
C ASP B 775 -8.28 -23.37 -3.85
N LYS B 776 -7.48 -23.03 -2.83
CA LYS B 776 -7.35 -23.89 -1.66
C LYS B 776 -8.62 -23.90 -0.82
N ASN B 777 -9.34 -22.77 -0.75
CA ASN B 777 -10.48 -22.66 0.14
C ASN B 777 -11.57 -23.67 -0.22
N THR B 778 -11.85 -23.85 -1.50
CA THR B 778 -12.92 -24.77 -1.91
C THR B 778 -12.53 -26.22 -1.68
N GLN B 779 -11.23 -26.53 -1.71
CA GLN B 779 -10.77 -27.90 -1.57
C GLN B 779 -10.68 -28.36 -0.12
N GLU B 780 -10.95 -27.47 0.84
CA GLU B 780 -11.00 -27.87 2.24
C GLU B 780 -12.38 -27.68 2.86
N VAL B 781 -13.32 -27.06 2.15
CA VAL B 781 -14.69 -26.95 2.62
C VAL B 781 -15.54 -28.12 2.13
N PHE B 782 -15.41 -28.46 0.84
CA PHE B 782 -16.17 -29.55 0.24
C PHE B 782 -15.40 -30.87 0.18
N ALA B 783 -14.10 -30.82 -0.13
CA ALA B 783 -13.30 -32.03 -0.30
C ALA B 783 -12.76 -32.51 1.05
N GLN B 784 -13.68 -32.77 1.97
CA GLN B 784 -13.30 -33.30 3.28
C GLN B 784 -13.16 -34.83 3.24
N VAL B 785 -14.06 -35.52 2.55
CA VAL B 785 -14.02 -36.97 2.44
C VAL B 785 -13.90 -37.32 0.96
N LYS B 786 -12.80 -37.97 0.60
CA LYS B 786 -12.57 -38.42 -0.78
C LYS B 786 -13.03 -39.86 -0.97
N GLN B 787 -14.26 -40.14 -0.58
CA GLN B 787 -14.83 -41.49 -0.62
C GLN B 787 -16.24 -41.45 -1.20
N ILE B 788 -16.38 -40.81 -2.37
CA ILE B 788 -17.66 -40.48 -2.99
C ILE B 788 -18.64 -41.64 -2.90
N TYR B 789 -19.84 -41.36 -2.40
CA TYR B 789 -20.88 -42.36 -2.22
C TYR B 789 -21.96 -42.14 -3.27
N LYS B 790 -22.42 -43.24 -3.87
CA LYS B 790 -23.42 -43.16 -4.93
C LYS B 790 -24.73 -42.58 -4.38
N THR B 791 -25.38 -41.76 -5.20
CA THR B 791 -26.68 -41.23 -4.82
C THR B 791 -27.68 -42.37 -4.68
N PRO B 792 -28.37 -42.48 -3.54
CA PRO B 792 -29.23 -43.64 -3.32
C PRO B 792 -30.40 -43.63 -4.30
N PRO B 793 -30.86 -44.81 -4.73
CA PRO B 793 -32.11 -44.88 -5.50
C PRO B 793 -33.30 -44.71 -4.57
N ILE B 794 -33.71 -43.45 -4.38
CA ILE B 794 -34.49 -42.99 -3.23
C ILE B 794 -35.56 -43.99 -2.82
N LYS B 795 -35.54 -44.38 -1.55
CA LYS B 795 -36.43 -45.38 -0.98
C LYS B 795 -37.27 -44.74 0.13
N ASP B 796 -37.99 -45.59 0.85
CA ASP B 796 -38.76 -45.15 2.01
C ASP B 796 -37.81 -45.00 3.19
N PHE B 797 -37.36 -43.78 3.44
CA PHE B 797 -36.47 -43.50 4.57
C PHE B 797 -37.29 -43.34 5.84
N GLY B 798 -38.16 -44.30 6.13
CA GLY B 798 -39.04 -44.20 7.28
C GLY B 798 -40.09 -43.12 7.20
N GLY B 799 -40.26 -42.49 6.03
CA GLY B 799 -41.20 -41.39 5.85
C GLY B 799 -40.54 -40.08 5.51
N PHE B 800 -39.26 -39.91 5.79
CA PHE B 800 -38.56 -38.68 5.46
C PHE B 800 -38.41 -38.55 3.95
N ASN B 801 -38.42 -37.31 3.47
CA ASN B 801 -38.40 -37.00 2.04
C ASN B 801 -37.21 -36.07 1.77
N PHE B 802 -36.23 -36.57 1.02
CA PHE B 802 -35.03 -35.82 0.68
C PHE B 802 -35.02 -35.38 -0.78
N SER B 803 -36.18 -35.39 -1.45
CA SER B 803 -36.22 -35.05 -2.86
C SER B 803 -35.83 -33.60 -3.12
N GLN B 804 -35.92 -32.74 -2.11
CA GLN B 804 -35.59 -31.33 -2.29
C GLN B 804 -34.12 -31.02 -2.08
N ILE B 805 -33.33 -31.99 -1.63
CA ILE B 805 -31.90 -31.77 -1.43
C ILE B 805 -31.03 -32.75 -2.20
N LEU B 806 -31.56 -33.87 -2.66
CA LEU B 806 -30.78 -34.79 -3.47
C LEU B 806 -30.75 -34.33 -4.92
N PRO B 807 -29.70 -34.68 -5.66
CA PRO B 807 -29.62 -34.24 -7.07
C PRO B 807 -30.78 -34.76 -7.90
N ASP B 808 -31.24 -33.93 -8.83
CA ASP B 808 -32.35 -34.28 -9.70
C ASP B 808 -31.83 -34.93 -10.97
N PRO B 809 -32.19 -36.19 -11.26
CA PRO B 809 -31.65 -36.86 -12.45
C PRO B 809 -32.28 -36.39 -13.74
N SER B 810 -33.53 -35.90 -13.67
CA SER B 810 -34.24 -35.51 -14.89
C SER B 810 -33.59 -34.28 -15.53
N LYS B 811 -33.16 -33.32 -14.72
CA LYS B 811 -32.61 -32.08 -15.26
C LYS B 811 -31.26 -32.34 -15.92
N PRO B 812 -30.89 -31.52 -16.91
CA PRO B 812 -29.55 -31.65 -17.51
C PRO B 812 -28.43 -31.43 -16.52
N SER B 813 -28.62 -30.58 -15.53
CA SER B 813 -27.63 -30.35 -14.49
C SER B 813 -27.97 -31.20 -13.27
N LYS B 814 -26.97 -31.93 -12.77
CA LYS B 814 -27.16 -32.84 -11.63
C LYS B 814 -27.05 -32.03 -10.33
N ARG B 815 -28.06 -31.20 -10.10
CA ARG B 815 -28.14 -30.36 -8.91
C ARG B 815 -29.53 -30.47 -8.31
N SER B 816 -29.61 -30.32 -6.99
CA SER B 816 -30.87 -30.41 -6.29
C SER B 816 -31.72 -29.19 -6.59
N PRO B 817 -33.05 -29.27 -6.37
CA PRO B 817 -33.89 -28.09 -6.59
C PRO B 817 -33.46 -26.88 -5.78
N ILE B 818 -33.00 -27.09 -4.55
CA ILE B 818 -32.54 -25.96 -3.73
C ILE B 818 -31.24 -25.40 -4.31
N GLU B 819 -30.35 -26.27 -4.78
CA GLU B 819 -29.13 -25.79 -5.44
C GLU B 819 -29.46 -25.03 -6.71
N ASP B 820 -30.47 -25.50 -7.46
CA ASP B 820 -30.92 -24.78 -8.64
C ASP B 820 -31.43 -23.40 -8.26
N LEU B 821 -32.23 -23.32 -7.20
CA LEU B 821 -32.74 -22.02 -6.74
C LEU B 821 -31.61 -21.09 -6.34
N LEU B 822 -30.59 -21.62 -5.65
CA LEU B 822 -29.44 -20.80 -5.27
C LEU B 822 -28.66 -20.34 -6.49
N PHE B 823 -28.49 -21.21 -7.47
CA PHE B 823 -27.70 -20.85 -8.66
C PHE B 823 -28.42 -19.83 -9.52
N ASN B 824 -29.74 -19.93 -9.62
CA ASN B 824 -30.53 -18.99 -10.41
C ASN B 824 -30.87 -17.71 -9.65
N LYS B 825 -30.26 -17.50 -8.49
CA LYS B 825 -30.50 -16.30 -7.70
C LYS B 825 -29.27 -15.41 -7.54
N VAL B 826 -28.07 -15.96 -7.68
CA VAL B 826 -26.83 -15.19 -7.59
C VAL B 826 -26.39 -14.84 -9.01
N THR B 827 -26.29 -13.54 -9.29
CA THR B 827 -25.88 -13.08 -10.61
C THR B 827 -24.89 -11.92 -10.50
N GLN B 853 -9.56 -12.65 -20.18
CA GLN B 853 -8.92 -11.44 -20.68
C GLN B 853 -9.95 -10.49 -21.28
N LYS B 854 -10.23 -9.38 -20.60
CA LYS B 854 -11.22 -8.47 -21.15
C LYS B 854 -10.61 -7.35 -21.98
N PHE B 855 -9.95 -6.37 -21.34
CA PHE B 855 -9.21 -5.40 -22.12
C PHE B 855 -7.78 -5.15 -21.66
N ASN B 856 -7.63 -4.69 -20.42
CA ASN B 856 -6.38 -4.10 -19.93
C ASN B 856 -5.60 -5.07 -19.05
N GLY B 857 -5.17 -6.18 -19.63
CA GLY B 857 -4.41 -7.14 -18.85
C GLY B 857 -5.18 -7.83 -17.76
N LEU B 858 -6.51 -7.64 -17.70
CA LEU B 858 -7.32 -8.20 -16.64
C LEU B 858 -7.83 -9.57 -17.09
N THR B 859 -7.35 -10.61 -16.45
CA THR B 859 -7.77 -11.97 -16.74
C THR B 859 -8.44 -12.58 -15.51
N VAL B 860 -9.40 -13.45 -15.75
CA VAL B 860 -10.13 -14.14 -14.69
C VAL B 860 -9.79 -15.62 -14.81
N LEU B 861 -8.89 -16.09 -13.96
CA LEU B 861 -8.48 -17.48 -14.01
C LEU B 861 -9.64 -18.37 -13.55
N PRO B 862 -9.94 -19.46 -14.27
CA PRO B 862 -11.04 -20.32 -13.86
C PRO B 862 -10.68 -21.07 -12.58
N PRO B 863 -11.67 -21.40 -11.76
CA PRO B 863 -11.39 -22.17 -10.54
C PRO B 863 -10.94 -23.58 -10.87
N LEU B 864 -10.12 -24.14 -9.97
CA LEU B 864 -9.63 -25.50 -10.17
C LEU B 864 -10.77 -26.51 -10.13
N LEU B 865 -11.72 -26.34 -9.21
CA LEU B 865 -12.86 -27.22 -9.06
C LEU B 865 -14.06 -26.61 -9.78
N THR B 866 -14.45 -27.23 -10.89
CA THR B 866 -15.63 -26.76 -11.61
C THR B 866 -16.89 -27.03 -10.80
N ASP B 867 -17.97 -26.34 -11.18
CA ASP B 867 -19.22 -26.44 -10.42
C ASP B 867 -19.77 -27.86 -10.41
N GLU B 868 -19.53 -28.62 -11.49
CA GLU B 868 -19.97 -30.02 -11.51
C GLU B 868 -19.26 -30.84 -10.44
N MET B 869 -17.95 -30.63 -10.27
CA MET B 869 -17.22 -31.38 -9.25
C MET B 869 -17.63 -30.94 -7.84
N ILE B 870 -17.92 -29.65 -7.65
CA ILE B 870 -18.39 -29.19 -6.35
C ILE B 870 -19.75 -29.79 -6.03
N ALA B 871 -20.64 -29.86 -7.03
CA ALA B 871 -21.93 -30.50 -6.81
C ALA B 871 -21.77 -31.99 -6.55
N GLN B 872 -20.78 -32.62 -7.20
CA GLN B 872 -20.50 -34.03 -6.93
C GLN B 872 -20.04 -34.23 -5.49
N TYR B 873 -19.16 -33.35 -5.00
CA TYR B 873 -18.72 -33.43 -3.62
C TYR B 873 -19.89 -33.24 -2.66
N THR B 874 -20.75 -32.26 -2.94
CA THR B 874 -21.91 -32.01 -2.10
C THR B 874 -22.85 -33.22 -2.08
N SER B 875 -23.07 -33.83 -3.24
CA SER B 875 -23.93 -35.00 -3.30
C SER B 875 -23.32 -36.19 -2.58
N ALA B 876 -21.99 -36.34 -2.66
CA ALA B 876 -21.32 -37.40 -1.92
C ALA B 876 -21.46 -37.20 -0.43
N LEU B 877 -21.34 -35.96 0.04
CA LEU B 877 -21.55 -35.69 1.45
C LEU B 877 -22.99 -35.95 1.86
N LEU B 878 -23.95 -35.54 1.02
CA LEU B 878 -25.36 -35.73 1.35
C LEU B 878 -25.73 -37.19 1.42
N ALA B 879 -25.23 -38.00 0.47
CA ALA B 879 -25.55 -39.43 0.45
C ALA B 879 -24.80 -40.23 1.50
N GLY B 880 -23.84 -39.60 2.20
CA GLY B 880 -23.12 -40.27 3.24
C GLY B 880 -23.81 -40.18 4.59
N THR B 881 -24.38 -39.01 4.90
CA THR B 881 -25.07 -38.84 6.18
C THR B 881 -26.43 -39.50 6.20
N ILE B 882 -26.96 -39.91 5.05
CA ILE B 882 -28.24 -40.62 5.00
C ILE B 882 -28.05 -42.11 5.23
N CYS B 883 -27.10 -42.72 4.52
CA CYS B 883 -26.85 -44.14 4.70
C CYS B 883 -26.11 -44.43 6.00
N SER B 884 -25.13 -43.59 6.34
CA SER B 884 -24.25 -43.86 7.48
C SER B 884 -24.53 -42.96 8.67
N GLY B 885 -24.64 -41.66 8.47
CA GLY B 885 -24.82 -40.73 9.57
C GLY B 885 -23.55 -39.94 9.85
N TRP B 886 -22.97 -40.13 11.04
CA TRP B 886 -21.69 -39.51 11.37
C TRP B 886 -20.51 -40.47 11.29
N THR B 887 -20.76 -41.76 11.07
CA THR B 887 -19.69 -42.74 11.08
C THR B 887 -18.84 -42.70 9.81
N PHE B 888 -19.35 -42.09 8.73
CA PHE B 888 -18.60 -42.02 7.49
C PHE B 888 -17.56 -40.90 7.48
N GLY B 889 -17.62 -39.98 8.44
CA GLY B 889 -16.66 -38.91 8.57
C GLY B 889 -15.57 -39.15 9.59
N ALA B 890 -15.65 -40.23 10.36
CA ALA B 890 -14.65 -40.56 11.37
C ALA B 890 -14.27 -42.03 11.27
N GLY B 891 -14.10 -42.51 10.04
CA GLY B 891 -13.79 -43.90 9.79
C GLY B 891 -14.58 -44.45 8.63
N PRO B 892 -14.71 -45.77 8.55
CA PRO B 892 -15.48 -46.37 7.46
C PRO B 892 -16.98 -46.10 7.62
N ALA B 893 -17.68 -46.16 6.50
CA ALA B 893 -19.12 -45.90 6.50
C ALA B 893 -19.87 -47.13 7.00
N LEU B 894 -20.67 -46.94 8.04
CA LEU B 894 -21.50 -47.99 8.63
C LEU B 894 -22.95 -47.71 8.33
N GLN B 895 -23.58 -48.58 7.54
CA GLN B 895 -24.98 -48.38 7.18
C GLN B 895 -25.88 -48.50 8.40
N ILE B 896 -27.00 -47.79 8.37
CA ILE B 896 -27.96 -47.77 9.47
C ILE B 896 -29.27 -47.20 8.93
N PRO B 897 -30.42 -47.76 9.30
CA PRO B 897 -31.68 -47.17 8.85
C PRO B 897 -31.83 -45.75 9.36
N PHE B 898 -32.39 -44.89 8.51
CA PHE B 898 -32.54 -43.47 8.86
C PHE B 898 -33.38 -43.24 10.12
N PRO B 899 -34.50 -43.94 10.35
CA PRO B 899 -35.17 -43.77 11.65
C PRO B 899 -34.26 -44.09 12.83
N MET B 900 -33.40 -45.10 12.69
CA MET B 900 -32.50 -45.45 13.80
C MET B 900 -31.44 -44.37 13.98
N GLN B 901 -30.97 -43.78 12.89
CA GLN B 901 -30.04 -42.66 12.99
C GLN B 901 -30.69 -41.46 13.67
N MET B 902 -31.94 -41.18 13.33
CA MET B 902 -32.66 -40.08 14.00
C MET B 902 -32.86 -40.39 15.47
N ALA B 903 -33.09 -41.66 15.82
CA ALA B 903 -33.17 -42.04 17.22
C ALA B 903 -31.83 -41.83 17.92
N TYR B 904 -30.73 -42.15 17.24
CA TYR B 904 -29.40 -41.90 17.80
C TYR B 904 -29.21 -40.42 18.09
N ARG B 905 -29.61 -39.57 17.14
CA ARG B 905 -29.43 -38.13 17.32
C ARG B 905 -30.35 -37.59 18.41
N PHE B 906 -31.57 -38.11 18.50
CA PHE B 906 -32.47 -37.74 19.58
C PHE B 906 -31.88 -38.10 20.93
N ASN B 907 -31.32 -39.30 21.05
CA ASN B 907 -30.63 -39.69 22.28
C ASN B 907 -29.42 -38.81 22.54
N GLY B 908 -28.76 -38.36 21.47
CA GLY B 908 -27.62 -37.46 21.64
C GLY B 908 -28.02 -36.11 22.23
N ILE B 909 -29.16 -35.57 21.79
CA ILE B 909 -29.58 -34.26 22.30
C ILE B 909 -30.25 -34.34 23.67
N GLY B 910 -30.48 -35.54 24.19
CA GLY B 910 -31.05 -35.68 25.52
C GLY B 910 -32.33 -36.46 25.58
N VAL B 911 -33.18 -36.32 24.56
CA VAL B 911 -34.46 -37.00 24.54
C VAL B 911 -34.24 -38.51 24.35
N THR B 912 -35.15 -39.31 24.90
CA THR B 912 -35.01 -40.75 24.81
C THR B 912 -35.37 -41.24 23.41
N GLN B 913 -35.07 -42.51 23.15
CA GLN B 913 -35.32 -43.08 21.83
C GLN B 913 -36.81 -43.24 21.55
N ASN B 914 -37.58 -43.59 22.57
CA ASN B 914 -39.00 -43.89 22.36
C ASN B 914 -39.79 -42.69 21.88
N VAL B 915 -39.27 -41.47 22.07
CA VAL B 915 -40.00 -40.29 21.64
C VAL B 915 -40.07 -40.23 20.12
N LEU B 916 -38.97 -40.57 19.44
CA LEU B 916 -38.97 -40.53 17.98
C LEU B 916 -39.83 -41.65 17.40
N TYR B 917 -39.65 -42.88 17.87
CA TYR B 917 -40.38 -44.00 17.29
C TYR B 917 -41.88 -43.86 17.49
N GLU B 918 -42.31 -43.40 18.67
CA GLU B 918 -43.73 -43.22 18.92
C GLU B 918 -44.30 -42.02 18.17
N ASN B 919 -43.45 -41.14 17.66
CA ASN B 919 -43.88 -39.96 16.91
C ASN B 919 -43.15 -39.86 15.59
N GLN B 920 -42.99 -40.99 14.89
CA GLN B 920 -42.18 -40.99 13.67
C GLN B 920 -42.89 -40.27 12.54
N LYS B 921 -44.20 -40.50 12.37
CA LYS B 921 -44.93 -39.85 11.29
C LYS B 921 -44.98 -38.34 11.48
N LEU B 922 -45.21 -37.89 12.72
CA LEU B 922 -45.25 -36.45 12.98
C LEU B 922 -43.89 -35.81 12.73
N ILE B 923 -42.81 -36.47 13.14
CA ILE B 923 -41.48 -35.91 12.93
C ILE B 923 -41.16 -35.85 11.44
N ALA B 924 -41.51 -36.90 10.68
CA ALA B 924 -41.27 -36.89 9.25
C ALA B 924 -42.07 -35.79 8.56
N ASN B 925 -43.34 -35.60 8.95
CA ASN B 925 -44.15 -34.54 8.36
C ASN B 925 -43.58 -33.17 8.68
N GLN B 926 -43.12 -32.97 9.92
CA GLN B 926 -42.52 -31.70 10.29
C GLN B 926 -41.24 -31.44 9.50
N PHE B 927 -40.43 -32.47 9.30
CA PHE B 927 -39.20 -32.32 8.53
C PHE B 927 -39.50 -31.94 7.08
N ASN B 928 -40.48 -32.63 6.46
CA ASN B 928 -40.84 -32.32 5.08
C ASN B 928 -41.39 -30.90 4.97
N SER B 929 -42.26 -30.49 5.90
CA SER B 929 -42.81 -29.14 5.86
C SER B 929 -41.72 -28.10 6.06
N ALA B 930 -40.76 -28.37 6.95
CA ALA B 930 -39.67 -27.43 7.17
C ALA B 930 -38.81 -27.28 5.92
N ILE B 931 -38.52 -28.40 5.23
CA ILE B 931 -37.74 -28.32 4.00
C ILE B 931 -38.49 -27.52 2.94
N GLY B 932 -39.78 -27.79 2.77
CA GLY B 932 -40.57 -27.04 1.81
C GLY B 932 -40.63 -25.56 2.12
N LYS B 933 -40.82 -25.22 3.40
CA LYS B 933 -40.85 -23.82 3.80
C LYS B 933 -39.49 -23.15 3.59
N ILE B 934 -38.41 -23.90 3.80
CA ILE B 934 -37.07 -23.35 3.55
C ILE B 934 -36.93 -23.00 2.07
N GLN B 935 -37.36 -23.91 1.19
CA GLN B 935 -37.26 -23.61 -0.25
C GLN B 935 -38.12 -22.41 -0.61
N ASP B 936 -39.35 -22.35 -0.10
CA ASP B 936 -40.25 -21.26 -0.44
C ASP B 936 -39.72 -19.92 0.05
N SER B 937 -39.21 -19.88 1.29
CA SER B 937 -38.68 -18.63 1.84
C SER B 937 -37.39 -18.22 1.14
N LEU B 938 -36.57 -19.19 0.73
CA LEU B 938 -35.38 -18.86 -0.03
C LEU B 938 -35.75 -18.25 -1.38
N SER B 939 -36.78 -18.79 -2.03
CA SER B 939 -37.19 -18.26 -3.33
C SER B 939 -37.80 -16.88 -3.19
N SER B 940 -38.74 -16.70 -2.26
CA SER B 940 -39.53 -15.48 -2.21
C SER B 940 -38.72 -14.29 -1.68
N THR B 941 -37.96 -14.50 -0.61
CA THR B 941 -37.29 -13.38 0.05
C THR B 941 -36.17 -12.85 -0.83
N PRO B 942 -36.15 -11.54 -1.14
CA PRO B 942 -35.11 -11.00 -2.02
C PRO B 942 -33.72 -11.03 -1.41
N SER B 943 -33.58 -10.53 -0.19
CA SER B 943 -32.28 -10.43 0.47
C SER B 943 -31.96 -11.68 1.30
N ALA B 944 -32.01 -12.84 0.64
CA ALA B 944 -31.65 -14.10 1.29
C ALA B 944 -30.17 -14.43 1.05
N LEU B 945 -29.77 -14.51 -0.21
CA LEU B 945 -28.37 -14.75 -0.58
C LEU B 945 -27.58 -13.46 -0.63
N GLY B 946 -27.62 -12.70 0.47
CA GLY B 946 -26.98 -11.40 0.48
C GLY B 946 -25.46 -11.46 0.41
N LYS B 947 -24.86 -12.44 1.10
CA LYS B 947 -23.41 -12.43 1.29
C LYS B 947 -22.67 -12.78 -0.01
N LEU B 948 -23.12 -13.82 -0.71
CA LEU B 948 -22.47 -14.18 -1.97
C LEU B 948 -22.63 -13.07 -3.01
N GLN B 949 -23.84 -12.51 -3.11
CA GLN B 949 -24.06 -11.41 -4.05
C GLN B 949 -23.25 -10.20 -3.65
N ASP B 950 -23.10 -9.95 -2.35
CA ASP B 950 -22.27 -8.84 -1.88
C ASP B 950 -20.82 -9.04 -2.27
N VAL B 951 -20.31 -10.27 -2.13
CA VAL B 951 -18.92 -10.54 -2.51
C VAL B 951 -18.73 -10.33 -4.01
N VAL B 952 -19.68 -10.85 -4.81
CA VAL B 952 -19.57 -10.72 -6.25
C VAL B 952 -19.61 -9.25 -6.65
N ASN B 953 -20.54 -8.48 -6.07
CA ASN B 953 -20.67 -7.07 -6.40
C ASN B 953 -19.43 -6.29 -5.98
N GLN B 954 -18.89 -6.58 -4.80
CA GLN B 954 -17.69 -5.88 -4.35
C GLN B 954 -16.51 -6.17 -5.26
N ASN B 955 -16.32 -7.42 -5.64
CA ASN B 955 -15.22 -7.76 -6.54
C ASN B 955 -15.39 -7.10 -7.90
N ALA B 956 -16.61 -7.14 -8.45
CA ALA B 956 -16.85 -6.55 -9.76
C ALA B 956 -16.64 -5.04 -9.73
N GLN B 957 -17.09 -4.37 -8.67
CA GLN B 957 -16.94 -2.92 -8.58
C GLN B 957 -15.50 -2.53 -8.32
N ALA B 958 -14.77 -3.34 -7.55
CA ALA B 958 -13.35 -3.08 -7.34
C ALA B 958 -12.57 -3.22 -8.65
N LEU B 959 -12.91 -4.23 -9.46
CA LEU B 959 -12.27 -4.36 -10.76
C LEU B 959 -12.66 -3.22 -11.70
N ASN B 960 -13.92 -2.78 -11.62
CA ASN B 960 -14.38 -1.69 -12.48
C ASN B 960 -13.67 -0.38 -12.15
N THR B 961 -13.42 -0.12 -10.87
CA THR B 961 -12.74 1.12 -10.48
C THR B 961 -11.31 1.15 -11.03
N LEU B 962 -10.63 0.02 -11.00
CA LEU B 962 -9.24 -0.02 -11.45
C LEU B 962 -9.12 0.36 -12.93
N VAL B 963 -9.94 -0.25 -13.78
CA VAL B 963 -9.88 0.07 -15.21
C VAL B 963 -10.38 1.49 -15.46
N LYS B 964 -11.38 1.94 -14.69
CA LYS B 964 -11.89 3.29 -14.84
C LYS B 964 -10.89 4.36 -14.42
N GLN B 965 -9.81 3.98 -13.72
CA GLN B 965 -8.76 4.91 -13.35
C GLN B 965 -7.77 5.17 -14.47
N LEU B 966 -7.89 4.48 -15.59
CA LEU B 966 -7.03 4.68 -16.74
C LEU B 966 -7.35 5.96 -17.51
N SER B 967 -8.45 6.63 -17.19
CA SER B 967 -8.87 7.84 -17.89
C SER B 967 -8.70 9.08 -17.02
N SER B 968 -7.60 9.14 -16.27
CA SER B 968 -7.30 10.26 -15.39
C SER B 968 -5.96 10.87 -15.78
N ASN B 969 -5.90 12.21 -15.76
CA ASN B 969 -4.68 12.90 -16.18
C ASN B 969 -3.55 12.68 -15.19
N PHE B 970 -3.86 12.65 -13.88
CA PHE B 970 -2.87 12.49 -12.82
C PHE B 970 -1.85 13.62 -12.80
N GLY B 971 -2.15 14.74 -13.47
CA GLY B 971 -1.25 15.88 -13.55
C GLY B 971 -0.77 16.17 -14.96
N ALA B 972 -0.71 15.15 -15.82
CA ALA B 972 -0.30 15.36 -17.19
C ALA B 972 -1.40 16.06 -17.99
N ILE B 973 -1.09 16.38 -19.24
CA ILE B 973 -2.06 17.07 -20.08
C ILE B 973 -3.24 16.16 -20.40
N SER B 974 -2.96 14.92 -20.79
CA SER B 974 -4.01 13.98 -21.18
C SER B 974 -3.71 12.61 -20.60
N SER B 975 -4.75 11.79 -20.51
CA SER B 975 -4.65 10.44 -19.97
C SER B 975 -4.35 9.40 -21.03
N VAL B 976 -4.14 9.81 -22.28
CA VAL B 976 -3.84 8.90 -23.38
C VAL B 976 -2.33 8.92 -23.61
N LEU B 977 -1.71 7.75 -23.54
CA LEU B 977 -0.26 7.66 -23.71
C LEU B 977 0.16 8.05 -25.12
N ASN B 978 -0.60 7.62 -26.12
CA ASN B 978 -0.24 7.94 -27.51
C ASN B 978 -0.38 9.43 -27.78
N ASP B 979 -1.35 10.11 -27.17
CA ASP B 979 -1.51 11.54 -27.36
C ASP B 979 -0.30 12.30 -26.84
N ILE B 980 0.24 11.89 -25.69
CA ILE B 980 1.36 12.62 -25.08
C ILE B 980 2.59 12.54 -25.95
N LEU B 981 2.91 11.34 -26.46
CA LEU B 981 4.13 11.17 -27.24
C LEU B 981 4.05 11.89 -28.58
N SER B 982 2.88 11.89 -29.22
CA SER B 982 2.71 12.51 -30.52
C SER B 982 2.46 14.02 -30.43
N ARG B 983 2.61 14.60 -29.25
CA ARG B 983 2.33 16.03 -29.08
C ARG B 983 3.35 16.74 -28.20
N LEU B 984 4.51 16.14 -27.93
CA LEU B 984 5.49 16.75 -27.04
C LEU B 984 6.88 16.26 -27.41
N ASP B 985 7.88 17.06 -27.00
CA ASP B 985 9.27 16.67 -27.15
C ASP B 985 9.60 15.57 -26.15
N PRO B 986 10.66 14.79 -26.42
CA PRO B 986 10.96 13.61 -25.59
C PRO B 986 11.13 13.94 -24.11
N PRO B 987 11.76 15.06 -23.73
CA PRO B 987 11.89 15.33 -22.28
C PRO B 987 10.56 15.53 -21.57
N GLU B 988 9.74 16.46 -22.06
CA GLU B 988 8.45 16.71 -21.41
C GLU B 988 7.52 15.51 -21.54
N ALA B 989 7.59 14.79 -22.66
CA ALA B 989 6.83 13.55 -22.79
C ALA B 989 7.26 12.54 -21.74
N GLU B 990 8.57 12.44 -21.48
CA GLU B 990 9.05 11.56 -20.42
C GLU B 990 8.52 11.98 -19.06
N VAL B 991 8.50 13.30 -18.80
CA VAL B 991 8.02 13.79 -17.50
C VAL B 991 6.54 13.42 -17.31
N GLN B 992 5.72 13.70 -18.33
CA GLN B 992 4.30 13.42 -18.21
C GLN B 992 4.03 11.92 -18.14
N ILE B 993 4.79 11.14 -18.90
CA ILE B 993 4.64 9.68 -18.85
C ILE B 993 5.05 9.16 -17.49
N ASP B 994 6.05 9.77 -16.86
CA ASP B 994 6.43 9.38 -15.49
C ASP B 994 5.31 9.70 -14.51
N ARG B 995 4.67 10.85 -14.67
CA ARG B 995 3.52 11.19 -13.82
C ARG B 995 2.39 10.17 -13.98
N LEU B 996 2.08 9.81 -15.23
CA LEU B 996 1.04 8.82 -15.49
C LEU B 996 1.43 7.46 -14.92
N ILE B 997 2.71 7.09 -15.03
CA ILE B 997 3.19 5.83 -14.49
C ILE B 997 3.01 5.81 -12.98
N THR B 998 3.37 6.91 -12.30
CA THR B 998 3.21 6.96 -10.85
C THR B 998 1.75 6.83 -10.46
N GLY B 999 0.85 7.52 -11.17
CA GLY B 999 -0.56 7.42 -10.85
C GLY B 999 -1.10 6.00 -11.03
N ARG B 1000 -0.77 5.37 -12.17
CA ARG B 1000 -1.27 4.04 -12.44
C ARG B 1000 -0.68 3.01 -11.48
N LEU B 1001 0.60 3.19 -11.09
CA LEU B 1001 1.21 2.30 -10.12
C LEU B 1001 0.54 2.44 -8.76
N GLN B 1002 0.22 3.67 -8.35
CA GLN B 1002 -0.52 3.86 -7.11
C GLN B 1002 -1.88 3.18 -7.16
N SER B 1003 -2.58 3.31 -8.29
CA SER B 1003 -3.88 2.67 -8.43
C SER B 1003 -3.76 1.15 -8.34
N LEU B 1004 -2.76 0.57 -9.00
CA LEU B 1004 -2.56 -0.87 -8.96
C LEU B 1004 -2.23 -1.34 -7.54
N GLN B 1005 -1.37 -0.59 -6.85
CA GLN B 1005 -1.03 -0.95 -5.47
C GLN B 1005 -2.25 -0.91 -4.57
N THR B 1006 -3.08 0.12 -4.73
CA THR B 1006 -4.30 0.20 -3.93
C THR B 1006 -5.23 -0.97 -4.21
N TYR B 1007 -5.39 -1.32 -5.50
CA TYR B 1007 -6.24 -2.46 -5.84
C TYR B 1007 -5.70 -3.75 -5.24
N VAL B 1008 -4.38 -3.94 -5.30
CA VAL B 1008 -3.77 -5.16 -4.76
C VAL B 1008 -3.96 -5.24 -3.25
N THR B 1009 -3.76 -4.13 -2.54
CA THR B 1009 -3.93 -4.14 -1.10
C THR B 1009 -5.38 -4.42 -0.71
N GLN B 1010 -6.33 -3.77 -1.38
CA GLN B 1010 -7.74 -4.06 -1.13
C GLN B 1010 -8.06 -5.53 -1.39
N GLN B 1011 -7.53 -6.08 -2.47
CA GLN B 1011 -7.77 -7.49 -2.77
C GLN B 1011 -7.19 -8.39 -1.69
N LEU B 1012 -6.00 -8.05 -1.17
CA LEU B 1012 -5.40 -8.85 -0.10
C LEU B 1012 -6.26 -8.84 1.14
N ILE B 1013 -6.76 -7.67 1.53
CA ILE B 1013 -7.61 -7.59 2.72
C ILE B 1013 -8.90 -8.37 2.52
N ARG B 1014 -9.54 -8.20 1.35
CA ARG B 1014 -10.77 -8.92 1.08
C ARG B 1014 -10.53 -10.43 1.04
N ALA B 1015 -9.37 -10.85 0.52
CA ALA B 1015 -9.03 -12.27 0.49
C ALA B 1015 -8.81 -12.81 1.89
N ALA B 1016 -8.24 -12.01 2.78
CA ALA B 1016 -8.11 -12.44 4.17
C ALA B 1016 -9.48 -12.61 4.82
N GLU B 1017 -10.39 -11.67 4.56
CA GLU B 1017 -11.75 -11.80 5.10
C GLU B 1017 -12.44 -13.05 4.56
N ILE B 1018 -12.31 -13.29 3.25
CA ILE B 1018 -12.94 -14.46 2.64
C ILE B 1018 -12.29 -15.74 3.15
N ARG B 1019 -11.00 -15.73 3.41
CA ARG B 1019 -10.33 -16.91 3.97
C ARG B 1019 -10.84 -17.21 5.37
N ALA B 1020 -11.04 -16.18 6.19
CA ALA B 1020 -11.63 -16.40 7.51
C ALA B 1020 -13.03 -16.99 7.39
N SER B 1021 -13.84 -16.45 6.48
CA SER B 1021 -15.18 -16.98 6.29
C SER B 1021 -15.15 -18.43 5.82
N ALA B 1022 -14.21 -18.75 4.93
CA ALA B 1022 -14.12 -20.12 4.40
C ALA B 1022 -13.62 -21.08 5.46
N ASN B 1023 -12.71 -20.64 6.34
CA ASN B 1023 -12.29 -21.48 7.45
C ASN B 1023 -13.46 -21.76 8.39
N LEU B 1024 -14.27 -20.74 8.68
CA LEU B 1024 -15.47 -20.96 9.48
C LEU B 1024 -16.41 -21.93 8.80
N ALA B 1025 -16.59 -21.80 7.48
CA ALA B 1025 -17.48 -22.70 6.75
C ALA B 1025 -16.97 -24.13 6.78
N ALA B 1026 -15.67 -24.32 6.61
CA ALA B 1026 -15.10 -25.68 6.65
C ALA B 1026 -15.25 -26.30 8.03
N THR B 1027 -15.00 -25.52 9.08
CA THR B 1027 -15.20 -26.03 10.43
C THR B 1027 -16.67 -26.40 10.66
N LYS B 1028 -17.59 -25.54 10.21
CA LYS B 1028 -19.01 -25.82 10.36
C LYS B 1028 -19.39 -27.10 9.62
N MET B 1029 -18.89 -27.28 8.41
CA MET B 1029 -19.19 -28.48 7.64
C MET B 1029 -18.66 -29.72 8.36
N SER B 1030 -17.40 -29.69 8.78
CA SER B 1030 -16.79 -30.86 9.40
C SER B 1030 -17.42 -31.20 10.75
N GLU B 1031 -17.94 -30.19 11.47
CA GLU B 1031 -18.48 -30.42 12.79
C GLU B 1031 -20.00 -30.53 12.83
N CYS B 1032 -20.68 -30.29 11.72
CA CYS B 1032 -22.14 -30.43 11.74
C CYS B 1032 -22.67 -31.38 10.68
N VAL B 1033 -22.05 -31.43 9.49
CA VAL B 1033 -22.48 -32.39 8.48
C VAL B 1033 -21.99 -33.79 8.83
N LEU B 1034 -20.76 -33.90 9.32
CA LEU B 1034 -20.15 -35.19 9.64
C LEU B 1034 -20.38 -35.61 11.09
N GLY B 1035 -21.15 -34.84 11.85
CA GLY B 1035 -21.41 -35.19 13.23
C GLY B 1035 -22.44 -34.27 13.83
N GLN B 1036 -22.83 -34.58 15.06
CA GLN B 1036 -23.81 -33.80 15.81
C GLN B 1036 -23.07 -32.97 16.86
N SER B 1037 -23.30 -31.66 16.83
CA SER B 1037 -22.57 -30.73 17.67
C SER B 1037 -23.41 -30.28 18.87
N LYS B 1038 -22.77 -30.22 20.03
CA LYS B 1038 -23.40 -29.72 21.24
C LYS B 1038 -23.12 -28.24 21.48
N ARG B 1039 -22.36 -27.59 20.60
CA ARG B 1039 -22.12 -26.16 20.72
C ARG B 1039 -23.41 -25.40 20.47
N VAL B 1040 -23.72 -24.45 21.36
CA VAL B 1040 -24.98 -23.73 21.28
C VAL B 1040 -24.90 -22.67 20.20
N ASP B 1041 -25.92 -22.63 19.34
CA ASP B 1041 -26.10 -21.66 18.27
C ASP B 1041 -25.04 -21.76 17.19
N PHE B 1042 -24.13 -22.74 17.27
CA PHE B 1042 -23.16 -22.92 16.20
C PHE B 1042 -23.83 -23.36 14.91
N CYS B 1043 -24.81 -24.26 15.00
CA CYS B 1043 -25.52 -24.79 13.84
C CYS B 1043 -27.02 -24.75 14.14
N GLY B 1044 -27.66 -23.64 13.79
CA GLY B 1044 -29.08 -23.48 13.97
C GLY B 1044 -29.44 -22.99 15.37
N LYS B 1045 -30.68 -22.53 15.51
CA LYS B 1045 -31.20 -22.03 16.77
C LYS B 1045 -32.00 -23.15 17.43
N GLY B 1046 -31.36 -23.87 18.34
CA GLY B 1046 -31.99 -24.96 19.04
C GLY B 1046 -30.98 -26.07 19.27
N TYR B 1047 -31.49 -27.25 19.59
CA TYR B 1047 -30.64 -28.42 19.80
C TYR B 1047 -30.35 -29.06 18.45
N HIS B 1048 -29.09 -28.98 18.01
CA HIS B 1048 -28.73 -29.44 16.68
C HIS B 1048 -28.99 -30.93 16.53
N LEU B 1049 -29.62 -31.31 15.41
CA LEU B 1049 -29.86 -32.70 15.06
C LEU B 1049 -28.95 -33.16 13.92
N MET B 1050 -28.99 -32.49 12.77
CA MET B 1050 -28.15 -32.83 11.63
C MET B 1050 -28.22 -31.70 10.63
N SER B 1051 -27.29 -31.70 9.68
CA SER B 1051 -27.19 -30.63 8.70
C SER B 1051 -26.97 -31.21 7.32
N PHE B 1052 -27.30 -30.42 6.30
CA PHE B 1052 -27.16 -30.82 4.91
C PHE B 1052 -26.42 -29.73 4.14
N PRO B 1053 -25.34 -30.06 3.44
CA PRO B 1053 -24.65 -29.06 2.63
C PRO B 1053 -25.29 -28.91 1.25
N GLN B 1054 -25.29 -27.68 0.76
CA GLN B 1054 -25.86 -27.34 -0.54
C GLN B 1054 -24.96 -26.32 -1.21
N SER B 1055 -24.38 -26.70 -2.34
CA SER B 1055 -23.44 -25.81 -3.02
C SER B 1055 -24.15 -24.59 -3.58
N ALA B 1056 -23.46 -23.46 -3.53
CA ALA B 1056 -23.95 -22.19 -4.05
C ALA B 1056 -22.82 -21.52 -4.79
N PRO B 1057 -23.13 -20.61 -5.72
CA PRO B 1057 -22.06 -19.90 -6.45
C PRO B 1057 -21.17 -19.12 -5.50
N HIS B 1058 -19.89 -19.53 -5.44
CA HIS B 1058 -18.89 -18.90 -4.59
C HIS B 1058 -19.32 -18.93 -3.13
N GLY B 1059 -19.74 -20.10 -2.66
CA GLY B 1059 -20.14 -20.24 -1.28
C GLY B 1059 -20.78 -21.60 -1.03
N VAL B 1060 -21.29 -21.76 0.18
CA VAL B 1060 -21.96 -22.98 0.60
C VAL B 1060 -23.14 -22.61 1.49
N VAL B 1061 -24.20 -23.39 1.41
CA VAL B 1061 -25.43 -23.16 2.17
C VAL B 1061 -25.71 -24.40 3.01
N PHE B 1062 -25.90 -24.19 4.31
CA PHE B 1062 -26.24 -25.26 5.23
C PHE B 1062 -27.71 -25.17 5.59
N LEU B 1063 -28.33 -26.34 5.78
CA LEU B 1063 -29.72 -26.45 6.20
C LEU B 1063 -29.72 -27.11 7.58
N HIS B 1064 -29.62 -26.30 8.61
CA HIS B 1064 -29.50 -26.82 9.98
C HIS B 1064 -30.85 -27.33 10.46
N VAL B 1065 -30.96 -28.64 10.64
CA VAL B 1065 -32.14 -29.26 11.22
C VAL B 1065 -31.95 -29.27 12.73
N THR B 1066 -32.90 -28.69 13.46
CA THR B 1066 -32.76 -28.50 14.90
C THR B 1066 -34.06 -28.92 15.60
N TYR B 1067 -33.91 -29.30 16.86
CA TYR B 1067 -35.01 -29.73 17.71
C TYR B 1067 -35.34 -28.58 18.66
N VAL B 1068 -36.56 -28.05 18.55
CA VAL B 1068 -36.99 -26.90 19.33
C VAL B 1068 -38.19 -27.30 20.18
N PRO B 1069 -38.12 -27.18 21.50
CA PRO B 1069 -39.27 -27.53 22.35
C PRO B 1069 -40.42 -26.55 22.17
N ALA B 1070 -41.60 -27.00 22.57
CA ALA B 1070 -42.81 -26.18 22.48
C ALA B 1070 -43.86 -26.73 23.44
N GLN B 1071 -44.94 -25.96 23.59
CA GLN B 1071 -46.09 -26.33 24.41
C GLN B 1071 -45.67 -26.60 25.86
N GLU B 1072 -45.24 -25.52 26.51
CA GLU B 1072 -44.77 -25.61 27.89
C GLU B 1072 -45.93 -25.96 28.83
N LYS B 1073 -45.58 -26.56 29.96
CA LYS B 1073 -46.55 -26.87 31.01
C LYS B 1073 -45.78 -27.06 32.30
N ASN B 1074 -46.04 -26.20 33.29
CA ASN B 1074 -45.26 -26.18 34.52
C ASN B 1074 -45.92 -26.97 35.63
N PHE B 1075 -45.10 -27.62 36.45
CA PHE B 1075 -45.55 -28.42 37.58
C PHE B 1075 -44.72 -28.06 38.81
N THR B 1076 -45.22 -28.45 39.97
CA THR B 1076 -44.43 -28.36 41.19
C THR B 1076 -43.28 -29.36 41.15
N THR B 1077 -42.18 -29.01 41.80
CA THR B 1077 -40.97 -29.84 41.76
C THR B 1077 -40.23 -29.72 43.08
N ALA B 1078 -39.46 -30.76 43.40
CA ALA B 1078 -38.62 -30.78 44.58
C ALA B 1078 -37.27 -31.38 44.22
N PRO B 1079 -36.19 -30.92 44.87
CA PRO B 1079 -34.86 -31.48 44.57
C PRO B 1079 -34.76 -32.98 44.83
N ALA B 1080 -35.41 -33.49 45.88
CA ALA B 1080 -35.30 -34.89 46.23
C ALA B 1080 -36.60 -35.33 46.90
N ILE B 1081 -36.65 -36.61 47.28
CA ILE B 1081 -37.84 -37.21 47.89
C ILE B 1081 -37.38 -38.09 49.06
N CYS B 1082 -37.81 -37.74 50.27
CA CYS B 1082 -37.45 -38.51 51.46
C CYS B 1082 -38.47 -39.62 51.64
N HIS B 1083 -38.05 -40.86 51.34
CA HIS B 1083 -38.97 -41.99 51.43
C HIS B 1083 -39.16 -42.43 52.88
N ASP B 1084 -38.11 -42.90 53.52
CA ASP B 1084 -38.11 -43.16 54.96
C ASP B 1084 -36.68 -42.95 55.45
N GLY B 1085 -36.39 -41.74 55.90
CA GLY B 1085 -35.03 -41.38 56.26
C GLY B 1085 -34.17 -41.10 55.04
N LYS B 1086 -34.02 -42.10 54.17
CA LYS B 1086 -33.20 -41.94 52.98
C LYS B 1086 -33.80 -40.92 52.03
N ALA B 1087 -32.93 -40.24 51.29
CA ALA B 1087 -33.31 -39.24 50.31
C ALA B 1087 -33.02 -39.78 48.91
N HIS B 1088 -34.04 -39.80 48.06
CA HIS B 1088 -33.94 -40.34 46.71
C HIS B 1088 -33.80 -39.20 45.72
N PHE B 1089 -32.73 -39.22 44.94
CA PHE B 1089 -32.48 -38.25 43.90
C PHE B 1089 -32.71 -38.88 42.53
N PRO B 1090 -33.19 -38.12 41.54
CA PRO B 1090 -33.45 -38.71 40.23
C PRO B 1090 -32.16 -39.10 39.53
N ARG B 1091 -32.18 -40.26 38.87
CA ARG B 1091 -31.00 -40.73 38.15
C ARG B 1091 -30.78 -39.91 36.90
N GLU B 1092 -31.75 -39.89 36.00
CA GLU B 1092 -31.71 -39.06 34.79
C GLU B 1092 -33.11 -38.47 34.58
N GLY B 1093 -33.33 -37.31 35.16
CA GLY B 1093 -34.63 -36.67 35.06
C GLY B 1093 -34.85 -35.70 36.20
N VAL B 1094 -36.08 -35.22 36.29
CA VAL B 1094 -36.49 -34.23 37.28
C VAL B 1094 -37.84 -34.64 37.85
N PHE B 1095 -37.96 -34.57 39.18
CA PHE B 1095 -39.24 -34.85 39.82
C PHE B 1095 -40.24 -33.75 39.51
N VAL B 1096 -41.46 -34.13 39.18
CA VAL B 1096 -42.56 -33.20 38.95
C VAL B 1096 -43.79 -33.71 39.68
N SER B 1097 -44.84 -32.90 39.67
CA SER B 1097 -46.09 -33.27 40.32
C SER B 1097 -47.24 -32.53 39.68
N ASN B 1098 -48.28 -33.27 39.30
CA ASN B 1098 -49.46 -32.67 38.68
C ASN B 1098 -50.44 -32.12 39.71
N GLY B 1099 -50.14 -32.25 40.99
CA GLY B 1099 -50.98 -31.68 42.03
C GLY B 1099 -51.20 -32.61 43.21
N THR B 1100 -51.27 -33.90 42.94
CA THR B 1100 -51.47 -34.89 44.00
C THR B 1100 -50.43 -36.00 43.98
N HIS B 1101 -49.96 -36.41 42.81
CA HIS B 1101 -49.01 -37.50 42.66
C HIS B 1101 -47.67 -36.97 42.16
N TRP B 1102 -46.60 -37.68 42.52
CA TRP B 1102 -45.24 -37.30 42.15
C TRP B 1102 -44.71 -38.26 41.09
N PHE B 1103 -44.12 -37.71 40.03
CA PHE B 1103 -43.57 -38.48 38.93
C PHE B 1103 -42.13 -38.04 38.67
N VAL B 1104 -41.41 -38.87 37.93
CA VAL B 1104 -40.07 -38.55 37.46
C VAL B 1104 -40.09 -38.57 35.93
N THR B 1105 -39.70 -37.45 35.32
CA THR B 1105 -39.72 -37.31 33.87
C THR B 1105 -38.41 -36.71 33.40
N GLN B 1106 -38.03 -37.03 32.17
CA GLN B 1106 -36.84 -36.44 31.58
C GLN B 1106 -37.01 -34.94 31.43
N ARG B 1107 -35.91 -34.21 31.54
CA ARG B 1107 -35.93 -32.76 31.58
C ARG B 1107 -36.07 -32.11 30.21
N ASN B 1108 -36.53 -32.85 29.20
CA ASN B 1108 -36.71 -32.29 27.87
C ASN B 1108 -38.02 -32.71 27.21
N PHE B 1109 -38.83 -33.53 27.87
CA PHE B 1109 -40.09 -33.98 27.29
C PHE B 1109 -40.92 -34.59 28.40
N TYR B 1110 -42.20 -34.20 28.49
CA TYR B 1110 -43.06 -34.65 29.57
C TYR B 1110 -43.43 -36.10 29.36
N GLU B 1111 -42.70 -37.01 30.01
CA GLU B 1111 -42.98 -38.43 29.99
C GLU B 1111 -43.01 -38.90 31.44
N PRO B 1112 -44.12 -38.69 32.15
CA PRO B 1112 -44.17 -39.04 33.56
C PRO B 1112 -44.00 -40.53 33.80
N GLN B 1113 -43.28 -40.86 34.86
CA GLN B 1113 -43.02 -42.25 35.23
C GLN B 1113 -43.22 -42.41 36.73
N ILE B 1114 -43.64 -43.62 37.12
CA ILE B 1114 -43.77 -43.92 38.54
C ILE B 1114 -42.38 -43.94 39.17
N ILE B 1115 -42.24 -43.30 40.33
CA ILE B 1115 -40.95 -43.15 40.99
C ILE B 1115 -40.62 -44.50 41.63
N THR B 1116 -39.79 -45.29 40.96
CA THR B 1116 -39.34 -46.57 41.46
C THR B 1116 -37.91 -46.44 41.99
N THR B 1117 -37.32 -47.56 42.38
CA THR B 1117 -35.95 -47.56 42.87
C THR B 1117 -34.92 -47.76 41.76
N ASP B 1118 -35.36 -48.06 40.53
CA ASP B 1118 -34.46 -48.24 39.41
C ASP B 1118 -34.18 -46.96 38.63
N ASN B 1119 -34.87 -45.86 38.97
CA ASN B 1119 -34.61 -44.57 38.36
C ASN B 1119 -34.26 -43.51 39.39
N THR B 1120 -34.06 -43.91 40.65
CA THR B 1120 -33.61 -43.00 41.70
C THR B 1120 -32.52 -43.69 42.51
N PHE B 1121 -31.65 -42.89 43.12
CA PHE B 1121 -30.58 -43.41 43.96
C PHE B 1121 -30.56 -42.69 45.30
N VAL B 1122 -30.10 -43.40 46.32
CA VAL B 1122 -30.15 -42.95 47.71
C VAL B 1122 -28.82 -42.30 48.06
N SER B 1123 -28.87 -41.13 48.70
CA SER B 1123 -27.68 -40.38 49.09
C SER B 1123 -27.78 -39.91 50.55
N GLY B 1124 -28.15 -40.82 51.44
CA GLY B 1124 -28.15 -40.51 52.86
C GLY B 1124 -29.48 -39.98 53.36
N ASN B 1125 -29.43 -39.53 54.62
CA ASN B 1125 -30.64 -39.07 55.30
C ASN B 1125 -31.14 -37.76 54.66
N CYS B 1126 -32.41 -37.46 54.95
CA CYS B 1126 -33.12 -36.34 54.31
C CYS B 1126 -33.25 -35.14 55.24
N ASP B 1127 -32.24 -34.88 56.07
CA ASP B 1127 -32.22 -33.71 56.94
C ASP B 1127 -31.22 -32.67 56.47
N VAL B 1128 -30.72 -32.79 55.24
CA VAL B 1128 -29.72 -31.85 54.72
C VAL B 1128 -30.14 -31.18 53.42
N VAL B 1129 -31.10 -31.72 52.68
CA VAL B 1129 -31.56 -31.12 51.44
C VAL B 1129 -32.71 -30.16 51.75
N ILE B 1130 -32.62 -28.95 51.22
CA ILE B 1130 -33.61 -27.91 51.47
C ILE B 1130 -34.77 -28.10 50.52
N GLY B 1131 -35.96 -28.34 51.07
CA GLY B 1131 -37.16 -28.48 50.27
C GLY B 1131 -37.39 -29.88 49.73
N ILE B 1132 -37.26 -30.89 50.58
CA ILE B 1132 -37.41 -32.28 50.18
C ILE B 1132 -38.81 -32.75 50.58
N VAL B 1133 -39.54 -33.30 49.62
CA VAL B 1133 -40.94 -33.69 49.80
C VAL B 1133 -41.02 -35.09 50.41
N ASN B 1134 -42.22 -35.45 50.88
CA ASN B 1134 -42.44 -36.66 51.66
C ASN B 1134 -43.18 -37.75 50.87
N ASN B 1135 -42.89 -37.87 49.58
CA ASN B 1135 -43.55 -38.88 48.77
C ASN B 1135 -42.96 -40.26 49.05
N THR B 1136 -43.54 -41.28 48.44
CA THR B 1136 -43.13 -42.66 48.63
C THR B 1136 -42.59 -43.22 47.32
N VAL B 1137 -41.56 -44.06 47.42
CA VAL B 1137 -40.92 -44.67 46.27
C VAL B 1137 -41.36 -46.12 46.18
N TYR B 1138 -41.86 -46.51 45.01
CA TYR B 1138 -42.44 -47.84 44.81
C TYR B 1138 -41.32 -48.82 44.48
N ASP B 1139 -41.05 -49.74 45.40
CA ASP B 1139 -40.03 -50.76 45.16
C ASP B 1139 -40.57 -51.78 44.16
N PRO B 1140 -39.85 -52.04 43.06
CA PRO B 1140 -40.38 -52.94 42.03
C PRO B 1140 -40.31 -54.42 42.37
N LEU B 1141 -39.81 -54.78 43.56
CA LEU B 1141 -39.70 -56.18 43.97
C LEU B 1141 -40.73 -56.58 45.02
N GLN B 1142 -41.25 -55.63 45.80
CA GLN B 1142 -42.20 -55.97 46.85
C GLN B 1142 -43.47 -56.66 46.33
N PRO B 1143 -44.15 -56.17 45.29
CA PRO B 1143 -45.38 -56.87 44.86
C PRO B 1143 -45.14 -58.30 44.40
N GLU B 1144 -44.00 -58.57 43.76
CA GLU B 1144 -43.70 -59.94 43.34
C GLU B 1144 -43.29 -60.80 44.52
N LEU B 1145 -42.51 -60.25 45.45
CA LEU B 1145 -42.08 -61.01 46.61
C LEU B 1145 -43.27 -61.39 47.50
N ASP B 1146 -44.19 -60.46 47.70
CA ASP B 1146 -45.37 -60.72 48.52
C ASP B 1146 -46.55 -61.12 47.64
N PRO C 26 37.57 28.83 38.06
CA PRO C 26 37.58 29.17 39.49
C PRO C 26 36.26 28.84 40.17
N ALA C 27 36.23 27.74 40.92
CA ALA C 27 35.03 27.28 41.62
C ALA C 27 33.86 27.10 40.65
N TYR C 28 34.03 26.18 39.71
CA TYR C 28 33.02 25.91 38.69
C TYR C 28 31.71 25.46 39.31
N THR C 29 30.67 26.28 39.17
CA THR C 29 29.34 25.94 39.62
C THR C 29 28.57 25.26 38.50
N ASN C 30 27.74 24.29 38.88
CA ASN C 30 26.92 23.57 37.91
C ASN C 30 25.76 24.43 37.45
N SER C 31 25.32 24.19 36.22
CA SER C 31 24.28 25.01 35.61
C SER C 31 22.89 24.68 36.15
N PHE C 32 22.67 23.44 36.55
CA PHE C 32 21.35 22.96 37.02
C PHE C 32 20.36 23.13 35.88
N THR C 33 19.17 23.66 36.11
CA THR C 33 18.10 23.70 35.12
C THR C 33 17.55 25.12 34.95
N ARG C 34 18.44 26.09 34.85
CA ARG C 34 18.08 27.47 34.55
C ARG C 34 18.70 27.86 33.21
N GLY C 35 17.94 28.61 32.42
CA GLY C 35 18.39 29.01 31.09
C GLY C 35 17.44 28.59 29.99
N VAL C 36 16.16 28.43 30.33
CA VAL C 36 15.12 28.04 29.39
C VAL C 36 14.30 29.26 29.03
N TYR C 37 14.12 29.51 27.73
CA TYR C 37 13.35 30.66 27.28
C TYR C 37 12.27 30.25 26.30
N TYR C 38 11.63 31.23 25.66
CA TYR C 38 10.58 30.95 24.68
C TYR C 38 11.19 31.06 23.28
N PRO C 39 11.29 29.95 22.53
CA PRO C 39 11.96 30.03 21.22
C PRO C 39 11.29 30.97 20.24
N ASP C 40 9.97 31.11 20.28
CA ASP C 40 9.27 31.96 19.33
C ASP C 40 8.04 32.55 20.00
N LYS C 41 7.52 33.63 19.40
CA LYS C 41 6.38 34.35 19.96
C LYS C 41 5.08 33.72 19.46
N VAL C 42 4.84 32.50 19.91
CA VAL C 42 3.62 31.75 19.62
C VAL C 42 3.07 31.22 20.92
N PHE C 43 1.79 31.50 21.18
CA PHE C 43 1.14 31.10 22.42
C PHE C 43 0.62 29.68 22.26
N ARG C 44 1.19 28.75 23.00
CA ARG C 44 0.73 27.36 23.06
C ARG C 44 0.44 26.99 24.50
N SER C 45 -0.65 26.27 24.71
CA SER C 45 -1.12 25.91 26.05
C SER C 45 -1.36 24.41 26.12
N SER C 46 -0.98 23.81 27.26
CA SER C 46 -1.15 22.38 27.54
C SER C 46 -0.75 21.52 26.34
N VAL C 47 0.52 21.65 25.96
CA VAL C 47 1.06 20.98 24.79
C VAL C 47 2.53 20.65 25.08
N LEU C 48 3.04 19.63 24.39
CA LEU C 48 4.43 19.20 24.53
C LEU C 48 5.09 19.29 23.15
N HIS C 49 5.72 20.43 22.86
CA HIS C 49 6.34 20.70 21.58
C HIS C 49 7.86 20.59 21.71
N SER C 50 8.47 19.95 20.71
CA SER C 50 9.92 19.78 20.67
C SER C 50 10.51 20.75 19.66
N THR C 51 11.48 21.55 20.11
CA THR C 51 12.13 22.55 19.27
C THR C 51 13.60 22.22 19.10
N GLN C 52 14.09 22.37 17.86
CA GLN C 52 15.51 22.23 17.56
C GLN C 52 16.13 23.62 17.60
N ASP C 53 16.37 24.10 18.82
CA ASP C 53 16.88 25.44 19.05
C ASP C 53 18.01 25.39 20.08
N LEU C 54 18.89 26.37 20.01
CA LEU C 54 20.05 26.43 20.92
C LEU C 54 19.57 26.74 22.33
N PHE C 55 19.66 25.75 23.21
CA PHE C 55 19.38 25.93 24.63
C PHE C 55 20.63 25.59 25.43
N LEU C 56 20.70 26.15 26.63
CA LEU C 56 21.80 25.83 27.54
C LEU C 56 21.60 24.41 28.08
N PRO C 57 22.54 23.49 27.86
CA PRO C 57 22.34 22.12 28.31
C PRO C 57 22.17 22.04 29.83
N PHE C 58 21.30 21.13 30.26
CA PHE C 58 21.03 20.98 31.68
C PHE C 58 22.23 20.33 32.37
N PHE C 59 22.48 20.76 33.60
CA PHE C 59 23.57 20.24 34.43
C PHE C 59 24.92 20.42 33.74
N SER C 60 25.15 21.60 33.19
CA SER C 60 26.42 21.94 32.57
C SER C 60 27.33 22.58 33.61
N ASN C 61 28.42 23.20 33.16
CA ASN C 61 29.35 23.90 34.05
C ASN C 61 29.50 25.33 33.57
N VAL C 62 29.30 26.28 34.49
CA VAL C 62 29.44 27.71 34.21
C VAL C 62 30.55 28.24 35.10
N THR C 63 31.48 28.97 34.49
CA THR C 63 32.61 29.53 35.23
C THR C 63 32.13 30.59 36.21
N TRP C 64 32.71 30.57 37.41
CA TRP C 64 32.36 31.52 38.46
C TRP C 64 33.35 32.69 38.45
N PHE C 65 33.29 33.46 37.38
CA PHE C 65 34.16 34.63 37.24
C PHE C 65 33.76 35.68 38.27
N HIS C 66 34.75 36.22 38.98
CA HIS C 66 34.52 37.15 40.07
C HIS C 66 34.86 38.57 39.64
N ALA C 67 34.02 39.52 40.05
CA ALA C 67 34.21 40.94 39.72
C ALA C 67 33.83 41.76 40.95
N ILE C 68 34.82 42.06 41.79
CA ILE C 68 34.60 42.82 43.01
C ILE C 68 34.50 44.31 42.68
N ASP C 80 40.32 41.71 36.49
CA ASP C 80 39.02 41.51 37.13
C ASP C 80 37.99 41.01 36.12
N ASN C 81 37.94 41.64 34.96
CA ASN C 81 37.01 41.28 33.89
C ASN C 81 37.80 41.04 32.60
N PRO C 82 38.37 39.84 32.45
CA PRO C 82 39.11 39.55 31.21
C PRO C 82 38.18 39.39 30.02
N VAL C 83 38.75 39.13 28.85
CA VAL C 83 37.96 38.99 27.62
C VAL C 83 37.35 37.59 27.60
N LEU C 84 36.04 37.51 27.83
CA LEU C 84 35.34 36.24 27.76
C LEU C 84 35.08 35.88 26.31
N PRO C 85 35.51 34.73 25.83
CA PRO C 85 35.38 34.34 24.40
C PRO C 85 33.95 33.94 24.00
N PHE C 86 33.14 34.94 23.68
CA PHE C 86 31.78 34.73 23.18
C PHE C 86 31.80 33.83 21.95
N ASN C 87 31.30 32.60 22.09
CA ASN C 87 31.31 31.67 20.97
C ASN C 87 29.98 31.66 20.22
N ASP C 88 28.90 31.26 20.89
CA ASP C 88 27.60 31.18 20.23
C ASP C 88 26.45 31.58 21.14
N GLY C 89 26.72 32.09 22.32
CA GLY C 89 25.68 32.44 23.28
C GLY C 89 26.24 32.49 24.69
N VAL C 90 25.63 33.33 25.52
CA VAL C 90 26.13 33.58 26.87
C VAL C 90 24.97 33.55 27.85
N TYR C 91 25.10 32.74 28.89
CA TYR C 91 24.18 32.76 30.03
C TYR C 91 24.79 33.67 31.10
N PHE C 92 24.07 34.73 31.44
CA PHE C 92 24.60 35.81 32.27
C PHE C 92 23.66 36.01 33.47
N ALA C 93 23.87 35.22 34.52
CA ALA C 93 23.02 35.32 35.71
C ALA C 93 23.43 36.50 36.58
N SER C 94 24.66 36.45 37.11
CA SER C 94 25.32 37.58 37.77
C SER C 94 24.40 38.27 38.80
N THR C 95 24.08 37.51 39.85
CA THR C 95 23.30 38.09 40.94
C THR C 95 24.07 39.22 41.61
N GLU C 96 23.37 40.32 41.91
CA GLU C 96 23.99 41.50 42.49
C GLU C 96 22.89 42.40 43.03
N LYS C 97 23.29 43.35 43.87
CA LYS C 97 22.36 44.31 44.44
C LYS C 97 22.90 45.73 44.29
N SER C 98 24.23 45.87 44.21
CA SER C 98 24.85 47.18 44.14
C SER C 98 24.80 47.80 42.75
N ASN C 99 24.30 47.07 41.76
CA ASN C 99 24.21 47.55 40.38
C ASN C 99 25.56 47.96 39.83
N ILE C 100 26.63 47.28 40.27
CA ILE C 100 27.96 47.57 39.74
C ILE C 100 28.07 47.14 38.29
N ILE C 101 27.30 46.12 37.88
CA ILE C 101 27.28 45.67 36.49
C ILE C 101 26.41 46.65 35.72
N ARG C 102 27.06 47.53 34.94
CA ARG C 102 26.33 48.54 34.19
C ARG C 102 25.77 47.97 32.89
N GLY C 103 26.65 47.52 31.99
CA GLY C 103 26.21 47.00 30.71
C GLY C 103 27.02 45.81 30.23
N TRP C 104 27.18 45.69 28.91
CA TRP C 104 27.93 44.58 28.33
C TRP C 104 28.62 45.04 27.05
N ILE C 105 29.86 44.60 26.87
CA ILE C 105 30.60 44.81 25.62
C ILE C 105 30.31 43.64 24.70
N PHE C 106 30.18 43.92 23.41
CA PHE C 106 29.99 42.87 22.41
C PHE C 106 30.62 43.36 21.11
N GLY C 107 31.87 42.96 20.86
CA GLY C 107 32.57 43.38 19.67
C GLY C 107 33.23 42.21 18.97
N THR C 108 33.45 42.38 17.67
CA THR C 108 34.09 41.34 16.87
C THR C 108 35.60 41.39 17.02
N THR C 109 36.22 42.54 16.72
CA THR C 109 37.64 42.74 16.94
C THR C 109 37.96 43.72 18.04
N LEU C 110 36.99 44.55 18.44
CA LEU C 110 37.10 45.49 19.56
C LEU C 110 38.12 46.59 19.32
N ASP C 111 38.71 46.67 18.13
CA ASP C 111 39.65 47.74 17.80
C ASP C 111 39.14 48.63 16.69
N SER C 112 38.83 48.09 15.53
CA SER C 112 38.38 48.85 14.37
C SER C 112 37.70 47.90 13.40
N LYS C 113 37.48 48.39 12.17
CA LYS C 113 36.91 47.61 11.06
C LYS C 113 35.45 47.26 11.32
N THR C 114 35.20 46.27 12.17
CA THR C 114 33.85 45.84 12.47
C THR C 114 33.18 46.83 13.43
N GLN C 115 31.86 46.71 13.55
CA GLN C 115 31.08 47.55 14.45
C GLN C 115 31.04 46.91 15.82
N SER C 116 31.09 47.73 16.86
CA SER C 116 31.07 47.26 18.24
C SER C 116 29.72 47.57 18.88
N LEU C 117 29.07 46.53 19.40
CA LEU C 117 27.80 46.69 20.09
C LEU C 117 28.04 47.04 21.55
N LEU C 118 27.41 48.12 22.00
CA LEU C 118 27.56 48.61 23.37
C LEU C 118 26.18 48.86 23.96
N ILE C 119 25.93 48.30 25.14
CA ILE C 119 24.60 48.27 25.73
C ILE C 119 24.62 48.94 27.10
N VAL C 120 25.38 50.04 27.22
CA VAL C 120 25.44 50.81 28.47
C VAL C 120 24.04 50.98 29.04
N ASN C 121 23.88 50.66 30.32
CA ASN C 121 22.58 50.64 30.97
C ASN C 121 22.69 51.42 32.27
N ASN C 122 22.19 52.66 32.24
CA ASN C 122 22.16 53.52 33.41
C ASN C 122 20.96 53.14 34.29
N ALA C 123 20.61 54.00 35.24
CA ALA C 123 19.50 53.71 36.14
C ALA C 123 18.21 53.49 35.37
N THR C 124 17.93 54.35 34.37
CA THR C 124 16.74 54.20 33.56
C THR C 124 17.07 53.91 32.11
N ASN C 125 17.87 54.75 31.45
CA ASN C 125 18.14 54.56 30.03
C ASN C 125 19.05 53.36 29.79
N VAL C 126 18.73 52.59 28.76
CA VAL C 126 19.50 51.40 28.40
C VAL C 126 20.08 51.59 27.00
N VAL C 127 20.41 52.83 26.66
CA VAL C 127 20.82 53.24 25.31
C VAL C 127 21.83 52.28 24.71
N ILE C 128 21.61 51.90 23.45
CA ILE C 128 22.45 50.95 22.72
C ILE C 128 22.99 51.64 21.48
N LYS C 129 24.25 51.37 21.16
CA LYS C 129 24.88 51.91 19.96
C LYS C 129 25.79 50.85 19.35
N VAL C 130 26.02 50.97 18.04
CA VAL C 130 26.88 50.05 17.31
C VAL C 130 28.08 50.77 16.71
N CYS C 131 28.38 51.97 17.20
CA CYS C 131 29.47 52.76 16.65
C CYS C 131 30.81 52.07 16.87
N GLU C 132 31.70 52.22 15.88
CA GLU C 132 33.03 51.63 15.95
C GLU C 132 33.82 52.21 17.11
N PHE C 133 34.09 51.39 18.13
CA PHE C 133 34.76 51.85 19.33
C PHE C 133 35.84 50.87 19.74
N GLN C 134 37.00 51.40 20.15
CA GLN C 134 38.09 50.57 20.65
C GLN C 134 37.84 50.09 22.07
N PHE C 135 36.95 50.76 22.81
CA PHE C 135 36.53 50.43 24.17
C PHE C 135 37.60 50.69 25.22
N CYS C 136 38.79 51.16 24.83
CA CYS C 136 39.85 51.53 25.76
C CYS C 136 40.23 50.40 26.70
N ASN C 137 39.73 50.45 27.93
CA ASN C 137 40.07 49.48 28.96
C ASN C 137 38.85 49.29 29.85
N ASP C 138 39.06 48.70 31.03
CA ASP C 138 37.95 48.41 31.92
C ASP C 138 37.31 49.72 32.42
N PRO C 139 35.99 49.86 32.31
CA PRO C 139 35.34 51.08 32.78
C PRO C 139 35.16 51.12 34.29
N PHE C 140 34.47 52.14 34.77
CA PHE C 140 34.13 52.27 36.18
C PHE C 140 32.63 52.05 36.40
N GLU C 156 30.33 59.17 31.40
CA GLU C 156 31.56 58.41 31.22
C GLU C 156 31.45 57.50 30.00
N PHE C 157 32.38 57.67 29.05
CA PHE C 157 32.40 56.92 27.80
C PHE C 157 33.83 56.40 27.59
N ARG C 158 34.09 55.19 28.06
CA ARG C 158 35.41 54.56 27.88
C ARG C 158 35.44 53.83 26.54
N VAL C 159 35.43 54.63 25.47
CA VAL C 159 35.37 54.10 24.11
C VAL C 159 36.36 54.85 23.22
N TYR C 160 36.34 54.56 21.92
CA TYR C 160 37.19 55.27 20.98
C TYR C 160 36.89 56.77 20.95
N SER C 161 35.69 57.18 21.36
CA SER C 161 35.27 58.58 21.37
C SER C 161 35.37 59.22 19.98
N SER C 162 35.19 58.41 18.94
CA SER C 162 35.27 58.87 17.57
C SER C 162 33.98 58.65 16.77
N ALA C 163 33.05 57.85 17.27
CA ALA C 163 31.74 57.61 16.68
C ALA C 163 31.82 56.84 15.37
N ASN C 164 32.20 57.52 14.29
CA ASN C 164 32.30 56.94 12.95
C ASN C 164 30.98 56.33 12.50
N ASN C 165 30.87 55.00 12.59
CA ASN C 165 29.70 54.28 12.07
C ASN C 165 28.61 54.22 13.15
N CYS C 166 28.09 55.40 13.48
CA CYS C 166 27.00 55.52 14.46
C CYS C 166 25.65 55.39 13.75
N THR C 167 25.34 54.14 13.38
CA THR C 167 24.13 53.86 12.59
C THR C 167 22.95 53.47 13.48
N PHE C 168 23.11 52.41 14.27
CA PHE C 168 22.02 51.88 15.09
C PHE C 168 22.11 52.51 16.48
N GLU C 169 21.10 53.29 16.85
CA GLU C 169 21.10 54.03 18.10
C GLU C 169 19.76 53.91 18.82
N TYR C 170 19.21 52.71 18.88
CA TYR C 170 17.98 52.49 19.62
C TYR C 170 18.23 52.62 21.12
N VAL C 171 17.28 53.20 21.84
CA VAL C 171 17.48 53.52 23.24
C VAL C 171 16.51 52.77 24.16
N SER C 172 15.41 52.23 23.65
CA SER C 172 14.36 51.62 24.48
C SER C 172 13.84 52.63 25.51
N GLN C 173 14.40 52.58 26.74
CA GLN C 173 14.36 53.56 27.84
C GLN C 173 13.62 53.11 29.10
N PRO C 174 12.39 52.50 29.01
CA PRO C 174 11.60 52.28 30.23
C PRO C 174 12.35 51.75 31.45
N PHE C 175 12.96 50.57 31.35
CA PHE C 175 13.67 49.96 32.47
C PHE C 175 14.31 48.66 32.00
N LEU C 176 15.24 48.17 32.81
CA LEU C 176 15.86 46.87 32.62
C LEU C 176 15.81 46.00 33.88
N MET C 177 15.83 46.61 35.05
CA MET C 177 15.76 45.86 36.31
C MET C 177 14.34 45.91 36.88
N LYS C 187 16.78 39.29 45.02
CA LYS C 187 15.60 39.63 44.25
C LYS C 187 15.98 40.31 42.93
N ASN C 188 17.26 40.28 42.59
CA ASN C 188 17.79 40.93 41.41
C ASN C 188 18.61 39.96 40.56
N LEU C 189 18.06 38.77 40.35
CA LEU C 189 18.69 37.80 39.46
C LEU C 189 18.51 38.27 38.01
N ARG C 190 19.62 38.63 37.36
CA ARG C 190 19.54 39.24 36.04
C ARG C 190 19.01 38.26 35.00
N GLU C 191 19.61 37.07 34.94
CA GLU C 191 19.11 35.96 34.13
C GLU C 191 19.01 36.36 32.65
N PHE C 192 20.16 36.71 32.07
CA PHE C 192 20.25 37.18 30.70
C PHE C 192 20.78 36.09 29.77
N VAL C 193 20.27 36.10 28.54
CA VAL C 193 20.69 35.19 27.48
C VAL C 193 20.87 35.99 26.20
N PHE C 194 22.01 35.81 25.54
CA PHE C 194 22.34 36.54 24.32
C PHE C 194 22.68 35.57 23.21
N LYS C 195 22.33 35.92 21.98
CA LYS C 195 22.62 35.09 20.81
C LYS C 195 22.34 35.88 19.55
N ASN C 196 23.09 35.56 18.49
CA ASN C 196 22.92 36.15 17.17
C ASN C 196 22.42 35.08 16.21
N ILE C 197 21.29 35.33 15.56
CA ILE C 197 20.67 34.38 14.64
C ILE C 197 20.26 35.14 13.39
N ASP C 198 20.97 34.90 12.28
CA ASP C 198 20.63 35.44 10.97
C ASP C 198 20.47 36.97 11.01
N GLY C 199 21.48 37.63 11.58
CA GLY C 199 21.44 39.07 11.71
C GLY C 199 20.33 39.57 12.61
N TYR C 200 20.18 38.94 13.77
CA TYR C 200 19.15 39.34 14.73
C TYR C 200 19.68 39.08 16.14
N PHE C 201 19.88 40.15 16.90
CA PHE C 201 20.29 40.02 18.29
C PHE C 201 19.05 39.88 19.18
N LYS C 202 19.01 38.82 19.98
CA LYS C 202 17.88 38.53 20.84
C LYS C 202 18.35 38.44 22.28
N ILE C 203 17.68 39.16 23.17
CA ILE C 203 18.02 39.20 24.59
C ILE C 203 16.82 38.71 25.38
N TYR C 204 17.05 37.72 26.26
CA TYR C 204 16.01 37.14 27.10
C TYR C 204 16.33 37.44 28.56
N SER C 205 15.35 37.96 29.28
CA SER C 205 15.56 38.43 30.64
C SER C 205 14.43 37.99 31.55
N LYS C 206 14.72 37.89 32.84
CA LYS C 206 13.76 37.56 33.88
C LYS C 206 14.41 37.84 35.23
N HIS C 207 13.59 38.25 36.19
CA HIS C 207 14.06 38.55 37.55
C HIS C 207 13.52 37.51 38.51
N THR C 208 14.42 36.89 39.28
CA THR C 208 14.06 35.85 40.22
C THR C 208 14.27 36.34 41.65
N PRO C 209 13.26 36.24 42.51
CA PRO C 209 13.40 36.68 43.93
C PRO C 209 14.22 35.70 44.77
N ILE C 210 15.54 35.80 44.64
CA ILE C 210 16.47 34.92 45.35
C ILE C 210 17.33 35.78 46.26
N ASN C 211 17.27 35.50 47.57
CA ASN C 211 18.11 36.20 48.53
C ASN C 211 18.64 35.26 49.61
N LEU C 212 18.62 33.95 49.38
CA LEU C 212 19.05 32.98 50.38
C LEU C 212 19.95 31.88 49.83
N VAL C 213 20.07 31.72 48.52
CA VAL C 213 20.88 30.67 47.93
C VAL C 213 22.15 31.29 47.37
N ARG C 214 23.30 30.85 47.87
CA ARG C 214 24.58 31.37 47.38
C ARG C 214 24.85 30.90 45.95
N ASP C 215 24.69 29.59 45.70
CA ASP C 215 24.91 29.03 44.38
C ASP C 215 23.67 29.26 43.52
N LEU C 216 23.60 28.57 42.38
CA LEU C 216 22.49 28.75 41.46
C LEU C 216 21.19 28.29 42.12
N PRO C 217 20.10 29.05 41.99
CA PRO C 217 18.85 28.70 42.66
C PRO C 217 18.09 27.55 42.02
N GLN C 218 18.34 26.32 42.47
CA GLN C 218 17.66 25.12 41.98
C GLN C 218 16.20 25.39 41.68
N GLY C 219 15.80 25.13 40.44
CA GLY C 219 14.44 25.40 40.01
C GLY C 219 14.38 25.60 38.51
N PHE C 220 13.35 26.33 38.08
CA PHE C 220 13.13 26.62 36.68
C PHE C 220 12.84 28.10 36.50
N SER C 221 13.17 28.62 35.31
CA SER C 221 13.01 30.04 35.01
C SER C 221 12.55 30.19 33.57
N ALA C 222 11.25 30.44 33.38
CA ALA C 222 10.71 30.70 32.05
C ALA C 222 11.11 32.11 31.60
N LEU C 223 12.19 32.20 30.83
CA LEU C 223 12.78 33.49 30.46
C LEU C 223 11.92 34.13 29.36
N GLU C 224 11.11 35.11 29.75
CA GLU C 224 10.34 35.86 28.76
C GLU C 224 11.28 36.73 27.93
N PRO C 225 11.14 36.74 26.61
CA PRO C 225 12.03 37.57 25.79
C PRO C 225 11.85 39.05 26.10
N LEU C 226 12.95 39.79 26.00
CA LEU C 226 12.97 41.21 26.33
C LEU C 226 12.93 42.10 25.09
N VAL C 227 13.82 41.86 24.12
CA VAL C 227 13.88 42.67 22.92
C VAL C 227 14.51 41.83 21.82
N ASP C 228 14.26 42.22 20.57
CA ASP C 228 14.68 41.50 19.38
C ASP C 228 15.29 42.46 18.36
N LEU C 229 16.23 43.28 18.81
CA LEU C 229 16.81 44.30 17.95
C LEU C 229 17.58 43.65 16.79
N PRO C 230 17.27 43.99 15.54
CA PRO C 230 18.00 43.41 14.40
C PRO C 230 19.32 44.13 14.17
N ILE C 231 20.42 43.48 14.53
CA ILE C 231 21.77 43.95 14.29
C ILE C 231 22.59 42.77 13.77
N GLY C 232 23.85 43.01 13.47
CA GLY C 232 24.71 41.91 13.07
C GLY C 232 26.21 42.15 13.17
N ILE C 233 26.88 41.24 13.87
CA ILE C 233 28.34 41.26 14.01
C ILE C 233 28.73 39.87 14.53
N ASN C 234 29.97 39.47 14.22
CA ASN C 234 30.42 38.15 14.66
C ASN C 234 30.57 38.08 16.17
N ILE C 235 31.09 39.15 16.78
CA ILE C 235 31.30 39.23 18.23
C ILE C 235 32.11 38.04 18.72
N THR C 236 33.40 38.01 18.38
CA THR C 236 34.25 36.91 18.83
C THR C 236 34.51 36.99 20.33
N ARG C 237 34.70 38.18 20.87
CA ARG C 237 35.01 38.37 22.28
C ARG C 237 34.01 39.36 22.89
N PHE C 238 33.86 39.26 24.21
CA PHE C 238 32.97 40.16 24.93
C PHE C 238 33.43 40.24 26.38
N GLN C 239 33.03 41.31 27.07
CA GLN C 239 33.39 41.52 28.45
C GLN C 239 32.31 42.34 29.14
N THR C 240 32.00 42.00 30.38
CA THR C 240 30.98 42.71 31.13
C THR C 240 31.43 44.12 31.44
N LEU C 241 30.50 45.07 31.32
CA LEU C 241 30.77 46.48 31.60
C LEU C 241 30.53 46.73 33.09
N LEU C 242 31.61 46.74 33.85
CA LEU C 242 31.52 47.02 35.29
C LEU C 242 31.62 48.52 35.56
N ALA C 262 30.66 44.65 44.09
CA ALA C 262 31.20 43.38 44.58
C ALA C 262 30.23 42.24 44.33
N ALA C 263 30.41 41.57 43.19
CA ALA C 263 29.55 40.45 42.82
C ALA C 263 30.35 39.53 41.91
N ALA C 264 29.66 38.55 41.31
CA ALA C 264 30.28 37.63 40.37
C ALA C 264 29.34 37.40 39.19
N TYR C 265 29.92 37.13 38.04
CA TYR C 265 29.15 36.88 36.82
C TYR C 265 29.56 35.55 36.21
N TYR C 266 28.57 34.73 35.91
CA TYR C 266 28.78 33.45 35.24
C TYR C 266 28.54 33.59 33.74
N VAL C 267 29.15 32.69 32.97
CA VAL C 267 28.97 32.64 31.54
C VAL C 267 28.63 31.21 31.14
N GLY C 268 27.53 31.04 30.39
CA GLY C 268 27.13 29.73 29.93
C GLY C 268 26.99 29.65 28.42
N TYR C 269 27.86 28.86 27.79
CA TYR C 269 27.88 28.80 26.34
C TYR C 269 26.68 28.01 25.80
N LEU C 270 26.25 28.39 24.60
CA LEU C 270 25.03 27.89 24.00
C LEU C 270 25.36 26.82 22.96
N GLN C 271 24.64 25.70 23.01
CA GLN C 271 24.79 24.65 22.03
C GLN C 271 23.45 24.26 21.44
N PRO C 272 23.42 23.78 20.20
CA PRO C 272 22.16 23.36 19.54
C PRO C 272 21.65 22.00 20.02
N ARG C 273 20.94 22.01 21.12
CA ARG C 273 20.39 20.80 21.73
C ARG C 273 18.88 20.79 21.58
N THR C 274 18.34 19.69 21.05
CA THR C 274 16.89 19.55 20.94
C THR C 274 16.28 19.45 22.33
N PHE C 275 15.19 20.19 22.55
CA PHE C 275 14.54 20.26 23.85
C PHE C 275 13.06 19.96 23.71
N LEU C 276 12.49 19.36 24.77
CA LEU C 276 11.06 19.14 24.89
C LEU C 276 10.52 20.13 25.91
N LEU C 277 9.52 20.92 25.51
CA LEU C 277 9.03 22.02 26.32
C LEU C 277 7.56 21.77 26.65
N LYS C 278 7.24 21.83 27.94
CA LYS C 278 5.87 21.60 28.42
C LYS C 278 5.23 22.94 28.76
N TYR C 279 4.57 23.53 27.76
CA TYR C 279 3.81 24.75 28.00
C TYR C 279 2.64 24.46 28.93
N ASN C 280 2.44 25.33 29.90
CA ASN C 280 1.36 25.16 30.87
C ASN C 280 0.04 25.61 30.27
N GLU C 281 -1.03 25.46 31.04
CA GLU C 281 -2.34 25.91 30.58
C GLU C 281 -2.42 27.43 30.43
N ASN C 282 -1.51 28.17 31.06
CA ASN C 282 -1.44 29.61 30.90
C ASN C 282 -0.39 30.06 29.89
N GLY C 283 0.27 29.11 29.23
CA GLY C 283 1.24 29.45 28.21
C GLY C 283 2.66 29.68 28.71
N THR C 284 2.99 29.23 29.91
CA THR C 284 4.31 29.40 30.49
C THR C 284 5.01 28.06 30.59
N ILE C 285 6.30 28.03 30.24
CA ILE C 285 7.07 26.79 30.20
C ILE C 285 7.41 26.41 31.64
N THR C 286 6.63 25.49 32.21
CA THR C 286 6.84 25.10 33.60
C THR C 286 8.03 24.16 33.76
N ASP C 287 8.25 23.27 32.80
CA ASP C 287 9.33 22.30 32.90
C ASP C 287 9.77 21.88 31.50
N ALA C 288 10.98 21.33 31.44
CA ALA C 288 11.55 20.87 30.18
C ALA C 288 12.60 19.81 30.47
N VAL C 289 12.95 19.05 29.44
CA VAL C 289 13.98 18.02 29.51
C VAL C 289 14.92 18.20 28.34
N ASP C 290 16.22 18.11 28.62
CA ASP C 290 17.25 18.20 27.59
C ASP C 290 17.36 16.83 26.93
N CYS C 291 17.10 16.78 25.62
CA CYS C 291 17.14 15.51 24.89
C CYS C 291 18.57 15.24 24.38
N ALA C 292 19.53 15.43 25.28
CA ALA C 292 20.92 15.04 25.05
C ALA C 292 21.63 14.49 26.28
N LEU C 293 21.06 14.65 27.48
CA LEU C 293 21.82 14.42 28.71
C LEU C 293 22.08 12.93 28.95
N ASP C 294 21.01 12.16 29.12
CA ASP C 294 21.11 10.76 29.48
C ASP C 294 20.07 9.97 28.70
N PRO C 295 20.26 8.66 28.54
CA PRO C 295 19.29 7.86 27.78
C PRO C 295 17.87 7.92 28.32
N LEU C 296 17.69 8.12 29.63
CA LEU C 296 16.35 8.28 30.16
C LEU C 296 15.66 9.51 29.58
N SER C 297 16.37 10.64 29.53
CA SER C 297 15.80 11.84 28.93
C SER C 297 15.57 11.66 27.43
N GLU C 298 16.45 10.92 26.76
CA GLU C 298 16.24 10.63 25.34
C GLU C 298 14.98 9.79 25.13
N THR C 299 14.75 8.81 26.01
CA THR C 299 13.51 8.04 25.94
C THR C 299 12.30 8.91 26.22
N LYS C 300 12.40 9.81 27.19
CA LYS C 300 11.33 10.78 27.42
C LYS C 300 11.15 11.70 26.21
N CYS C 301 12.20 11.86 25.41
CA CYS C 301 12.17 12.72 24.23
C CYS C 301 11.65 12.01 23.00
N THR C 302 11.60 10.68 23.00
CA THR C 302 11.01 9.92 21.92
C THR C 302 9.58 9.47 22.20
N LEU C 303 9.17 9.45 23.46
CA LEU C 303 7.79 9.15 23.84
C LEU C 303 6.91 10.39 23.90
N LYS C 304 7.50 11.58 23.76
CA LYS C 304 6.77 12.84 23.76
C LYS C 304 5.92 13.01 25.01
N SER C 305 6.52 12.69 26.16
CA SER C 305 5.86 12.87 27.45
C SER C 305 6.93 12.93 28.54
N PHE C 306 6.52 13.43 29.69
CA PHE C 306 7.43 13.52 30.84
C PHE C 306 7.40 12.27 31.71
N THR C 307 6.48 11.33 31.45
CA THR C 307 6.37 10.11 32.21
C THR C 307 6.60 8.92 31.28
N VAL C 308 7.45 7.99 31.70
CA VAL C 308 7.77 6.79 30.93
C VAL C 308 7.47 5.59 31.81
N GLU C 309 6.57 4.73 31.34
CA GLU C 309 6.20 3.55 32.09
C GLU C 309 7.24 2.45 31.91
N LYS C 310 7.05 1.36 32.66
CA LYS C 310 7.99 0.25 32.64
C LYS C 310 8.01 -0.41 31.27
N GLY C 311 9.20 -0.84 30.85
CA GLY C 311 9.36 -1.51 29.57
C GLY C 311 10.64 -1.15 28.86
N ILE C 312 10.89 -1.79 27.72
CA ILE C 312 12.06 -1.53 26.90
C ILE C 312 11.62 -0.74 25.67
N TYR C 313 12.31 0.37 25.40
CA TYR C 313 11.91 1.30 24.36
C TYR C 313 13.04 1.47 23.35
N GLN C 314 12.67 1.55 22.07
CA GLN C 314 13.64 1.83 21.02
C GLN C 314 13.93 3.32 20.97
N THR C 315 15.22 3.68 21.09
CA THR C 315 15.63 5.08 21.15
C THR C 315 16.86 5.26 20.27
N SER C 316 16.67 5.87 19.10
CA SER C 316 17.75 6.20 18.18
C SER C 316 18.61 4.99 17.83
N ASN C 317 19.80 5.24 17.30
CA ASN C 317 20.74 4.18 16.95
C ASN C 317 22.13 4.56 17.44
N PHE C 318 23.11 3.71 17.13
CA PHE C 318 24.49 3.90 17.56
C PHE C 318 25.41 3.67 16.36
N ARG C 319 25.76 4.74 15.66
CA ARG C 319 26.65 4.66 14.51
C ARG C 319 28.04 5.14 14.91
N VAL C 320 29.04 4.37 14.53
CA VAL C 320 30.43 4.72 14.84
C VAL C 320 30.92 5.74 13.82
N GLN C 321 31.30 6.91 14.29
CA GLN C 321 31.73 7.97 13.40
C GLN C 321 33.11 7.66 12.81
N PRO C 322 33.39 8.13 11.60
CA PRO C 322 34.72 7.91 11.02
C PRO C 322 35.80 8.63 11.80
N THR C 323 37.00 8.06 11.78
CA THR C 323 38.13 8.59 12.51
C THR C 323 39.21 9.18 11.61
N GLU C 324 39.21 8.88 10.32
CA GLU C 324 40.24 9.37 9.41
C GLU C 324 39.66 9.48 8.01
N SER C 325 40.32 10.27 7.17
CA SER C 325 39.95 10.45 5.77
C SER C 325 40.98 9.78 4.88
N ILE C 326 40.51 9.00 3.91
CA ILE C 326 41.37 8.25 3.01
C ILE C 326 41.02 8.60 1.58
N VAL C 327 42.03 8.96 0.79
CA VAL C 327 41.89 9.20 -0.64
C VAL C 327 42.99 8.42 -1.35
N ARG C 328 42.61 7.61 -2.34
CA ARG C 328 43.56 6.79 -3.09
C ARG C 328 43.31 7.01 -4.58
N PHE C 329 44.20 7.78 -5.22
CA PHE C 329 44.11 8.06 -6.65
C PHE C 329 45.24 7.36 -7.38
N PRO C 330 45.04 7.00 -8.65
CA PRO C 330 46.06 6.25 -9.39
C PRO C 330 47.33 7.06 -9.62
N ASN C 331 48.44 6.34 -9.76
CA ASN C 331 49.76 6.94 -9.99
C ASN C 331 49.82 7.40 -11.44
N ILE C 332 49.39 8.63 -11.67
CA ILE C 332 49.47 9.27 -12.99
C ILE C 332 49.78 10.74 -12.76
N THR C 333 50.75 11.27 -13.51
CA THR C 333 51.20 12.65 -13.35
C THR C 333 51.15 13.46 -14.65
N ASN C 334 51.23 12.81 -15.81
CA ASN C 334 51.25 13.55 -17.06
C ASN C 334 49.93 14.28 -17.28
N LEU C 335 50.04 15.52 -17.76
CA LEU C 335 48.89 16.39 -17.92
C LEU C 335 48.03 15.94 -19.12
N CYS C 336 46.75 16.28 -19.05
CA CYS C 336 45.85 16.05 -20.17
C CYS C 336 45.96 17.18 -21.18
N PRO C 337 45.89 16.88 -22.47
CA PRO C 337 45.99 17.92 -23.51
C PRO C 337 44.67 18.64 -23.75
N PHE C 338 44.20 19.36 -22.74
CA PHE C 338 42.97 20.13 -22.89
C PHE C 338 43.17 21.33 -23.80
N GLY C 339 44.36 21.94 -23.77
CA GLY C 339 44.62 23.08 -24.64
C GLY C 339 44.66 22.71 -26.10
N GLU C 340 45.00 21.45 -26.41
CA GLU C 340 45.13 21.03 -27.80
C GLU C 340 43.83 21.18 -28.59
N VAL C 341 42.69 21.18 -27.91
CA VAL C 341 41.40 21.34 -28.57
C VAL C 341 40.68 22.62 -28.11
N PHE C 342 41.41 23.54 -27.47
CA PHE C 342 40.82 24.76 -26.94
C PHE C 342 41.34 26.01 -27.63
N ASN C 343 42.66 26.23 -27.64
CA ASN C 343 43.24 27.45 -28.19
C ASN C 343 43.64 27.30 -29.65
N ALA C 344 43.40 26.15 -30.27
CA ALA C 344 43.71 25.97 -31.67
C ALA C 344 42.74 26.76 -32.54
N THR C 345 43.19 27.07 -33.76
CA THR C 345 42.39 27.84 -34.71
C THR C 345 42.09 27.03 -35.97
N ARG C 346 42.00 25.70 -35.84
CA ARG C 346 41.84 24.84 -37.01
C ARG C 346 40.82 23.73 -36.74
N PHE C 347 39.70 24.06 -36.09
CA PHE C 347 38.63 23.09 -35.97
C PHE C 347 37.87 22.96 -37.28
N ALA C 348 37.23 21.81 -37.47
CA ALA C 348 36.62 21.46 -38.74
C ALA C 348 35.16 21.94 -38.80
N SER C 349 34.42 21.43 -39.77
CA SER C 349 33.06 21.87 -40.02
C SER C 349 32.11 21.32 -38.96
N VAL C 350 30.87 21.83 -38.98
CA VAL C 350 29.87 21.44 -37.99
C VAL C 350 29.53 19.96 -38.14
N TYR C 351 29.33 19.50 -39.38
CA TYR C 351 28.99 18.11 -39.62
C TYR C 351 30.19 17.18 -39.52
N ALA C 352 31.40 17.71 -39.42
CA ALA C 352 32.60 16.89 -39.36
C ALA C 352 33.43 17.25 -38.12
N TRP C 353 32.76 17.31 -36.96
CA TRP C 353 33.42 17.68 -35.72
C TRP C 353 34.52 16.68 -35.39
N ASN C 354 35.74 17.19 -35.21
CA ASN C 354 36.85 16.33 -34.83
C ASN C 354 36.63 15.80 -33.42
N ARG C 355 36.82 14.49 -33.25
CA ARG C 355 36.61 13.83 -31.97
C ARG C 355 37.95 13.35 -31.43
N LYS C 356 38.25 13.73 -30.19
CA LYS C 356 39.51 13.39 -29.54
C LYS C 356 39.22 12.64 -28.25
N ARG C 357 39.89 11.52 -28.06
CA ARG C 357 39.72 10.66 -26.89
C ARG C 357 40.85 10.95 -25.91
N ILE C 358 40.50 11.57 -24.78
CA ILE C 358 41.47 11.89 -23.75
C ILE C 358 41.63 10.67 -22.86
N SER C 359 42.83 10.08 -22.84
CA SER C 359 43.06 8.83 -22.15
C SER C 359 44.39 8.87 -21.41
N ASN C 360 44.39 8.30 -20.20
CA ASN C 360 45.59 8.08 -19.39
C ASN C 360 46.33 9.40 -19.11
N CYS C 361 45.68 10.28 -18.36
CA CYS C 361 46.30 11.51 -17.90
C CYS C 361 45.49 12.08 -16.74
N VAL C 362 46.08 13.06 -16.06
CA VAL C 362 45.43 13.77 -14.96
C VAL C 362 44.82 15.05 -15.50
N ALA C 363 43.53 15.25 -15.25
CA ALA C 363 42.79 16.38 -15.78
C ALA C 363 42.84 17.57 -14.81
N ASP C 364 42.77 18.77 -15.37
CA ASP C 364 42.88 20.03 -14.64
C ASP C 364 41.75 20.98 -15.00
N TYR C 365 40.50 20.51 -14.87
CA TYR C 365 39.33 21.34 -15.18
C TYR C 365 39.32 22.67 -14.44
N SER C 366 40.10 22.82 -13.36
CA SER C 366 40.15 24.09 -12.66
C SER C 366 40.69 25.20 -13.56
N VAL C 367 41.68 24.87 -14.39
CA VAL C 367 42.23 25.85 -15.33
C VAL C 367 41.16 26.30 -16.32
N LEU C 368 40.37 25.34 -16.83
CA LEU C 368 39.32 25.68 -17.79
C LEU C 368 38.27 26.58 -17.14
N TYR C 369 37.90 26.28 -15.89
CA TYR C 369 36.91 27.11 -15.19
C TYR C 369 37.46 28.51 -14.90
N ASN C 370 38.74 28.60 -14.55
CA ASN C 370 39.33 29.89 -14.22
C ASN C 370 39.41 30.82 -15.42
N SER C 371 39.46 30.28 -16.63
CA SER C 371 39.53 31.10 -17.83
C SER C 371 38.23 31.87 -18.02
N ALA C 372 38.35 33.17 -18.30
CA ALA C 372 37.20 34.04 -18.50
C ALA C 372 36.77 34.13 -19.96
N SER C 373 37.51 33.50 -20.88
CA SER C 373 37.13 33.55 -22.29
C SER C 373 35.81 32.84 -22.54
N PHE C 374 35.58 31.71 -21.86
CA PHE C 374 34.38 30.91 -22.09
C PHE C 374 33.17 31.62 -21.50
N SER C 375 32.26 32.06 -22.37
CA SER C 375 31.05 32.73 -21.92
C SER C 375 30.04 31.73 -21.34
N THR C 376 29.91 30.56 -21.97
CA THR C 376 28.95 29.55 -21.55
C THR C 376 29.71 28.33 -21.02
N PHE C 377 29.37 27.90 -19.81
CA PHE C 377 29.99 26.73 -19.19
C PHE C 377 28.94 25.87 -18.50
N LYS C 378 27.81 25.65 -19.18
CA LYS C 378 26.71 24.87 -18.61
C LYS C 378 27.08 23.39 -18.61
N CYS C 379 27.31 22.83 -17.43
CA CYS C 379 27.64 21.42 -17.29
C CYS C 379 26.39 20.63 -16.95
N TYR C 380 26.11 19.59 -17.75
CA TYR C 380 24.92 18.78 -17.62
C TYR C 380 25.28 17.43 -17.01
N GLY C 381 24.60 17.08 -15.92
CA GLY C 381 24.82 15.82 -15.24
C GLY C 381 25.92 15.84 -14.20
N VAL C 382 26.70 16.92 -14.14
CA VAL C 382 27.79 17.05 -13.18
C VAL C 382 28.00 18.53 -12.88
N SER C 383 28.21 18.85 -11.61
CA SER C 383 28.46 20.23 -11.24
C SER C 383 29.86 20.65 -11.70
N PRO C 384 30.00 21.85 -12.28
CA PRO C 384 31.34 22.30 -12.72
C PRO C 384 32.36 22.36 -11.60
N THR C 385 31.94 22.73 -10.39
CA THR C 385 32.87 22.78 -9.26
C THR C 385 33.40 21.39 -8.92
N LYS C 386 32.54 20.38 -8.94
CA LYS C 386 32.91 19.03 -8.56
C LYS C 386 33.73 18.32 -9.64
N LEU C 387 33.90 18.92 -10.81
CA LEU C 387 34.62 18.26 -11.90
C LEU C 387 36.08 17.98 -11.52
N ASN C 388 36.61 18.73 -10.56
CA ASN C 388 38.02 18.65 -10.20
C ASN C 388 38.33 17.51 -9.24
N ASP C 389 37.32 16.74 -8.82
CA ASP C 389 37.56 15.68 -7.84
C ASP C 389 36.84 14.37 -8.16
N LEU C 390 36.36 14.20 -9.38
CA LEU C 390 35.70 12.97 -9.80
C LEU C 390 36.62 12.15 -10.68
N CYS C 391 36.29 10.87 -10.83
CA CYS C 391 37.02 10.00 -11.74
C CYS C 391 36.08 9.27 -12.68
N PHE C 392 36.39 9.32 -13.97
CA PHE C 392 35.56 8.79 -15.04
C PHE C 392 36.49 8.20 -16.10
N THR C 393 35.93 7.90 -17.28
CA THR C 393 36.67 7.29 -18.36
C THR C 393 36.35 7.98 -19.66
N ASN C 394 37.11 7.61 -20.70
CA ASN C 394 36.90 7.94 -22.11
C ASN C 394 36.31 9.33 -22.35
N VAL C 395 36.99 10.36 -21.84
CA VAL C 395 36.50 11.73 -21.97
C VAL C 395 36.68 12.17 -23.43
N TYR C 396 35.56 12.27 -24.15
CA TYR C 396 35.61 12.74 -25.53
C TYR C 396 35.59 14.27 -25.57
N ALA C 397 36.21 14.82 -26.60
CA ALA C 397 36.46 16.25 -26.72
C ALA C 397 36.03 16.76 -28.09
N ASP C 398 34.81 16.40 -28.49
CA ASP C 398 34.28 16.88 -29.77
C ASP C 398 34.18 18.41 -29.77
N SER C 399 34.55 19.02 -30.88
CA SER C 399 34.53 20.47 -31.02
C SER C 399 34.12 20.86 -32.43
N PHE C 400 33.51 22.03 -32.53
CA PHE C 400 33.06 22.56 -33.82
C PHE C 400 32.90 24.07 -33.70
N VAL C 401 32.60 24.70 -34.84
CA VAL C 401 32.39 26.14 -34.91
C VAL C 401 30.99 26.37 -35.46
N ILE C 402 30.15 27.08 -34.69
CA ILE C 402 28.77 27.36 -35.05
C ILE C 402 28.49 28.83 -34.82
N ARG C 403 27.31 29.26 -35.26
CA ARG C 403 26.87 30.63 -35.03
C ARG C 403 26.35 30.80 -33.61
N GLY C 404 26.13 32.06 -33.22
CA GLY C 404 25.65 32.34 -31.88
C GLY C 404 24.23 31.87 -31.63
N ASP C 405 23.37 31.96 -32.65
CA ASP C 405 21.95 31.69 -32.44
C ASP C 405 21.64 30.21 -32.24
N GLU C 406 22.55 29.31 -32.64
CA GLU C 406 22.33 27.88 -32.50
C GLU C 406 23.11 27.28 -31.33
N VAL C 407 23.61 28.12 -30.43
CA VAL C 407 24.26 27.60 -29.23
C VAL C 407 23.27 26.84 -28.37
N ARG C 408 22.02 27.31 -28.30
CA ARG C 408 21.00 26.61 -27.53
C ARG C 408 20.73 25.21 -28.09
N GLN C 409 20.86 25.04 -29.40
CA GLN C 409 20.61 23.74 -30.02
C GLN C 409 21.60 22.69 -29.57
N ILE C 410 22.76 23.08 -29.03
CA ILE C 410 23.73 22.13 -28.50
C ILE C 410 23.35 21.89 -27.04
N ALA C 411 22.38 20.98 -26.86
CA ALA C 411 21.84 20.65 -25.54
C ALA C 411 20.92 19.44 -25.67
N PRO C 412 20.89 18.56 -24.67
CA PRO C 412 19.97 17.41 -24.73
C PRO C 412 18.52 17.87 -24.58
N GLY C 413 17.70 17.50 -25.54
CA GLY C 413 16.29 17.83 -25.51
C GLY C 413 15.90 18.93 -26.49
N GLN C 414 16.76 19.93 -26.64
CA GLN C 414 16.49 21.02 -27.56
C GLN C 414 16.54 20.51 -29.00
N THR C 415 15.67 21.06 -29.85
CA THR C 415 15.57 20.64 -31.23
C THR C 415 15.70 21.85 -32.14
N GLY C 416 16.10 21.58 -33.38
CA GLY C 416 16.29 22.63 -34.36
C GLY C 416 16.99 22.09 -35.59
N LYS C 417 17.34 23.00 -36.49
CA LYS C 417 18.02 22.61 -37.72
C LYS C 417 19.34 21.91 -37.41
N ILE C 418 20.29 22.64 -36.82
CA ILE C 418 21.60 22.08 -36.53
C ILE C 418 21.50 20.97 -35.48
N ALA C 419 20.49 21.03 -34.61
CA ALA C 419 20.37 20.04 -33.54
C ALA C 419 20.16 18.63 -34.09
N ASP C 420 19.31 18.48 -35.11
CA ASP C 420 18.98 17.16 -35.65
C ASP C 420 19.58 16.91 -37.02
N TYR C 421 20.43 17.80 -37.52
CA TYR C 421 21.05 17.62 -38.83
C TYR C 421 22.57 17.65 -38.80
N ASN C 422 23.19 18.29 -37.79
CA ASN C 422 24.63 18.41 -37.71
C ASN C 422 25.21 17.69 -36.50
N TYR C 423 24.69 17.97 -35.30
CA TYR C 423 25.19 17.37 -34.07
C TYR C 423 24.01 17.12 -33.15
N LYS C 424 23.71 15.86 -32.89
CA LYS C 424 22.62 15.45 -32.02
C LYS C 424 23.20 14.88 -30.74
N LEU C 425 22.96 15.55 -29.62
CA LEU C 425 23.41 15.06 -28.34
C LEU C 425 22.44 14.00 -27.80
N PRO C 426 22.93 13.06 -27.00
CA PRO C 426 22.03 12.08 -26.38
C PRO C 426 21.07 12.75 -25.40
N ASP C 427 19.89 12.14 -25.26
CA ASP C 427 18.87 12.71 -24.37
C ASP C 427 19.37 12.75 -22.93
N ASP C 428 20.03 11.70 -22.48
CA ASP C 428 20.71 11.68 -21.18
C ASP C 428 22.18 11.97 -21.41
N PHE C 429 22.62 13.16 -21.00
CA PHE C 429 23.97 13.63 -21.27
C PHE C 429 24.67 13.95 -19.95
N THR C 430 25.94 13.57 -19.86
CA THR C 430 26.76 13.73 -18.66
C THR C 430 28.08 14.41 -19.02
N GLY C 431 28.00 15.51 -19.75
CA GLY C 431 29.16 16.25 -20.16
C GLY C 431 29.04 17.72 -19.81
N CYS C 432 29.74 18.55 -20.58
CA CYS C 432 29.75 20.00 -20.39
C CYS C 432 29.79 20.67 -21.76
N VAL C 433 28.99 21.71 -21.93
CA VAL C 433 28.93 22.46 -23.18
C VAL C 433 29.58 23.82 -22.95
N ILE C 434 30.61 24.12 -23.72
CA ILE C 434 31.39 25.36 -23.59
C ILE C 434 31.31 26.12 -24.90
N ALA C 435 30.93 27.39 -24.84
CA ALA C 435 30.85 28.24 -26.02
C ALA C 435 31.43 29.60 -25.70
N TRP C 436 32.17 30.16 -26.66
CA TRP C 436 32.75 31.48 -26.51
C TRP C 436 32.95 32.12 -27.89
N ASN C 437 32.79 33.43 -27.94
CA ASN C 437 32.93 34.16 -29.19
C ASN C 437 34.38 34.16 -29.64
N SER C 438 34.62 33.76 -30.89
CA SER C 438 35.96 33.65 -31.45
C SER C 438 35.98 34.19 -32.88
N ASN C 439 35.37 35.36 -33.07
CA ASN C 439 35.27 35.93 -34.41
C ASN C 439 36.65 36.27 -34.98
N ASN C 440 37.54 36.81 -34.17
CA ASN C 440 38.83 37.27 -34.67
C ASN C 440 39.69 36.15 -35.23
N LEU C 441 39.45 34.90 -34.81
CA LEU C 441 40.29 33.80 -35.23
C LEU C 441 39.99 33.33 -36.65
N ASP C 442 38.74 33.40 -37.09
CA ASP C 442 38.34 32.83 -38.37
C ASP C 442 37.43 33.78 -39.14
N SER C 443 37.79 35.06 -39.18
CA SER C 443 37.04 36.07 -39.93
C SER C 443 38.00 36.82 -40.83
N LYS C 444 37.88 36.60 -42.14
CA LYS C 444 38.72 37.29 -43.11
C LYS C 444 37.90 38.17 -44.04
N ASN C 450 34.96 29.06 -46.34
CA ASN C 450 33.98 29.28 -45.28
C ASN C 450 33.50 27.97 -44.68
N TYR C 451 32.97 28.05 -43.46
CA TYR C 451 32.47 26.85 -42.79
C TYR C 451 31.18 26.37 -43.44
N LEU C 452 30.90 25.08 -43.28
CA LEU C 452 29.85 24.40 -44.02
C LEU C 452 28.80 23.85 -43.07
N TYR C 453 27.58 23.70 -43.57
CA TYR C 453 26.45 23.20 -42.79
C TYR C 453 25.75 22.10 -43.58
N ARG C 454 25.31 21.06 -42.86
CA ARG C 454 24.52 19.98 -43.44
C ARG C 454 23.06 20.23 -43.06
N LEU C 455 22.40 21.09 -43.84
CA LEU C 455 21.06 21.56 -43.54
C LEU C 455 19.98 20.79 -44.31
N PHE C 456 20.27 19.56 -44.73
CA PHE C 456 19.29 18.76 -45.47
C PHE C 456 19.58 17.29 -45.22
N ARG C 457 18.59 16.56 -44.71
CA ARG C 457 18.72 15.13 -44.46
C ARG C 457 17.35 14.48 -44.60
N LYS C 458 17.34 13.26 -45.15
CA LYS C 458 16.09 12.53 -45.29
C LYS C 458 15.49 12.18 -43.93
N SER C 459 16.33 11.76 -42.98
CA SER C 459 15.89 11.40 -41.64
C SER C 459 16.56 12.33 -40.63
N ASN C 460 16.36 12.04 -39.34
CA ASN C 460 16.94 12.81 -38.26
C ASN C 460 18.21 12.14 -37.76
N LEU C 461 19.12 12.95 -37.25
CA LEU C 461 20.42 12.45 -36.81
C LEU C 461 20.29 11.69 -35.49
N LYS C 462 20.84 10.47 -35.47
CA LYS C 462 20.94 9.72 -34.22
C LYS C 462 21.97 10.37 -33.31
N PRO C 463 21.86 10.19 -31.99
CA PRO C 463 22.82 10.82 -31.08
C PRO C 463 24.24 10.30 -31.31
N PHE C 464 25.20 11.22 -31.25
CA PHE C 464 26.62 10.91 -31.44
C PHE C 464 26.86 10.19 -32.77
N GLU C 465 26.22 10.70 -33.82
CA GLU C 465 26.37 10.16 -35.17
C GLU C 465 26.97 11.22 -36.08
N ARG C 466 27.20 10.84 -37.34
CA ARG C 466 27.81 11.75 -38.31
C ARG C 466 27.23 11.46 -39.69
N ASP C 467 27.42 12.43 -40.59
CA ASP C 467 26.99 12.28 -41.98
C ASP C 467 28.00 13.04 -42.85
N ILE C 468 28.92 12.30 -43.45
CA ILE C 468 29.98 12.90 -44.24
C ILE C 468 29.77 12.75 -45.74
N SER C 469 28.98 11.78 -46.19
CA SER C 469 28.75 11.55 -47.61
C SER C 469 27.50 12.30 -48.04
N THR C 470 27.67 13.23 -48.98
CA THR C 470 26.57 14.03 -49.51
C THR C 470 26.32 13.63 -50.97
N GLU C 471 25.11 13.18 -51.26
CA GLU C 471 24.70 12.81 -52.63
C GLU C 471 23.36 13.48 -52.92
N ILE C 472 23.43 14.75 -53.35
CA ILE C 472 22.30 15.57 -53.82
C ILE C 472 20.99 15.24 -53.13
N TYR C 473 20.65 16.00 -52.08
CA TYR C 473 19.41 15.76 -51.34
C TYR C 473 18.21 15.86 -52.27
N GLN C 474 17.31 14.88 -52.18
CA GLN C 474 16.16 14.78 -53.06
C GLN C 474 14.92 15.26 -52.31
N ALA C 475 14.24 16.26 -52.89
CA ALA C 475 12.98 16.74 -52.32
C ALA C 475 11.80 15.86 -52.69
N GLY C 476 11.94 14.96 -53.65
CA GLY C 476 10.89 14.01 -53.95
C GLY C 476 10.42 14.00 -55.39
N SER C 477 11.25 14.44 -56.33
CA SER C 477 10.87 14.37 -57.75
C SER C 477 11.06 12.95 -58.27
N THR C 478 12.33 12.49 -58.32
CA THR C 478 12.89 11.16 -58.57
C THR C 478 14.35 11.26 -59.00
N PRO C 479 14.69 11.91 -60.14
CA PRO C 479 16.09 11.86 -60.60
C PRO C 479 16.96 12.95 -60.01
N CYS C 480 18.02 12.56 -59.31
CA CYS C 480 18.98 13.51 -58.75
C CYS C 480 20.42 13.03 -58.91
N ASN C 481 20.70 12.29 -59.99
CA ASN C 481 22.04 11.77 -60.22
C ASN C 481 22.93 12.89 -60.73
N GLY C 482 23.59 13.58 -59.81
CA GLY C 482 24.49 14.66 -60.17
C GLY C 482 23.80 15.88 -60.75
N VAL C 483 22.51 16.03 -60.52
CA VAL C 483 21.74 17.15 -61.07
C VAL C 483 20.91 17.79 -59.97
N GLU C 484 20.87 19.12 -59.99
CA GLU C 484 20.07 19.90 -59.05
C GLU C 484 18.74 20.34 -59.65
N GLY C 485 18.29 19.66 -60.70
CA GLY C 485 17.07 20.03 -61.40
C GLY C 485 15.81 19.96 -60.54
N PHE C 486 15.06 21.06 -60.52
CA PHE C 486 13.76 21.14 -59.86
C PHE C 486 13.87 20.84 -58.36
N ASN C 487 13.50 19.63 -57.96
CA ASN C 487 13.39 19.31 -56.54
C ASN C 487 14.74 19.14 -55.87
N CYS C 488 15.69 18.49 -56.56
CA CYS C 488 16.95 18.14 -55.92
C CYS C 488 17.78 19.38 -55.64
N TYR C 489 18.29 19.48 -54.41
CA TYR C 489 19.18 20.56 -53.99
C TYR C 489 20.42 19.96 -53.34
N PHE C 490 21.48 20.75 -53.31
CA PHE C 490 22.70 20.34 -52.64
C PHE C 490 22.48 20.36 -51.14
N PRO C 491 22.72 19.25 -50.42
CA PRO C 491 22.47 19.24 -48.97
C PRO C 491 23.32 20.24 -48.21
N LEU C 492 24.49 20.57 -48.71
CA LEU C 492 25.44 21.42 -47.98
C LEU C 492 25.25 22.88 -48.36
N GLN C 493 25.11 23.74 -47.36
CA GLN C 493 25.03 25.19 -47.56
C GLN C 493 25.99 25.87 -46.59
N SER C 494 26.56 26.98 -47.03
CA SER C 494 27.54 27.73 -46.27
C SER C 494 26.93 29.01 -45.70
N TYR C 495 27.46 29.47 -44.58
CA TYR C 495 27.00 30.67 -43.91
C TYR C 495 28.17 31.60 -43.68
N GLY C 496 27.94 32.90 -43.86
CA GLY C 496 28.97 33.90 -43.68
C GLY C 496 29.53 33.98 -42.29
N PHE C 497 30.86 34.01 -42.19
CA PHE C 497 31.58 34.13 -40.92
C PHE C 497 32.63 35.24 -41.00
N GLN C 498 32.23 36.37 -41.55
CA GLN C 498 33.07 37.53 -41.76
C GLN C 498 32.77 38.62 -40.73
N PRO C 499 33.70 39.57 -40.53
CA PRO C 499 33.41 40.68 -39.60
C PRO C 499 32.23 41.53 -40.01
N THR C 500 31.80 41.46 -41.28
CA THR C 500 30.63 42.21 -41.71
C THR C 500 29.38 41.75 -40.96
N ASN C 501 29.25 40.44 -40.74
CA ASN C 501 28.12 39.92 -39.99
C ASN C 501 28.21 40.32 -38.52
N GLY C 502 27.04 40.34 -37.87
CA GLY C 502 26.95 40.74 -36.49
C GLY C 502 27.33 39.63 -35.53
N VAL C 503 27.23 39.95 -34.23
CA VAL C 503 27.58 38.99 -33.19
C VAL C 503 26.62 37.80 -33.20
N GLY C 504 25.37 38.01 -33.61
CA GLY C 504 24.42 36.91 -33.65
C GLY C 504 24.84 35.79 -34.56
N TYR C 505 25.47 36.13 -35.68
CA TYR C 505 25.98 35.14 -36.63
C TYR C 505 27.50 35.06 -36.64
N GLN C 506 28.16 35.65 -35.64
CA GLN C 506 29.60 35.60 -35.56
C GLN C 506 30.07 34.18 -35.20
N PRO C 507 31.31 33.84 -35.54
CA PRO C 507 31.82 32.51 -35.18
C PRO C 507 31.84 32.29 -33.68
N TYR C 508 31.54 31.06 -33.28
CA TYR C 508 31.48 30.69 -31.86
C TYR C 508 32.07 29.30 -31.72
N ARG C 509 33.30 29.23 -31.22
CA ARG C 509 33.94 27.93 -31.00
C ARG C 509 33.31 27.23 -29.81
N VAL C 510 32.97 25.96 -29.98
CA VAL C 510 32.23 25.20 -28.99
C VAL C 510 32.96 23.90 -28.71
N VAL C 511 33.15 23.58 -27.43
CA VAL C 511 33.68 22.30 -26.99
C VAL C 511 32.60 21.61 -26.16
N VAL C 512 32.34 20.34 -26.46
CA VAL C 512 31.18 19.64 -25.92
C VAL C 512 31.64 18.43 -25.11
N LEU C 513 32.77 18.57 -24.42
CA LEU C 513 33.38 17.53 -23.61
C LEU C 513 32.35 16.64 -22.92
N SER C 514 32.49 15.33 -23.10
CA SER C 514 31.54 14.36 -22.57
C SER C 514 32.26 13.35 -21.70
N PHE C 515 31.71 13.08 -20.52
CA PHE C 515 32.26 12.11 -19.58
C PHE C 515 31.27 10.96 -19.41
N GLU C 516 31.80 9.76 -19.24
CA GLU C 516 30.98 8.56 -19.03
C GLU C 516 31.26 8.05 -17.62
N LEU C 517 30.51 8.57 -16.65
CA LEU C 517 30.64 8.16 -15.27
C LEU C 517 30.07 6.76 -15.07
N LEU C 518 30.18 6.26 -13.84
CA LEU C 518 29.66 4.95 -13.44
C LEU C 518 30.24 3.84 -14.32
N HIS C 519 31.55 3.71 -14.25
CA HIS C 519 32.28 2.70 -15.00
C HIS C 519 33.22 1.94 -14.07
N ALA C 520 33.43 0.66 -14.39
CA ALA C 520 34.33 -0.16 -13.59
C ALA C 520 35.77 0.36 -13.59
N PRO C 521 36.39 0.69 -14.74
CA PRO C 521 37.74 1.25 -14.70
C PRO C 521 37.76 2.76 -14.55
N ALA C 522 38.94 3.34 -14.40
CA ALA C 522 39.09 4.78 -14.29
C ALA C 522 40.49 5.15 -14.76
N THR C 523 40.58 5.78 -15.93
CA THR C 523 41.87 6.10 -16.54
C THR C 523 42.23 7.58 -16.42
N VAL C 524 41.33 8.48 -16.81
CA VAL C 524 41.55 9.91 -16.75
C VAL C 524 40.69 10.51 -15.64
N CYS C 525 41.32 11.23 -14.72
CA CYS C 525 40.57 11.96 -13.70
C CYS C 525 41.49 12.95 -13.01
N GLY C 526 40.87 13.88 -12.27
CA GLY C 526 41.54 15.05 -11.78
C GLY C 526 42.57 14.74 -10.70
N PRO C 527 43.23 15.79 -10.22
CA PRO C 527 44.33 15.60 -9.27
C PRO C 527 43.88 15.54 -7.81
N LYS C 528 44.27 14.48 -7.12
CA LYS C 528 44.06 14.38 -5.68
C LYS C 528 45.31 13.79 -5.05
N LYS C 529 45.56 14.15 -3.79
CA LYS C 529 46.75 13.73 -3.07
C LYS C 529 46.43 12.47 -2.30
N SER C 530 47.00 11.35 -2.74
CA SER C 530 46.82 10.08 -2.05
C SER C 530 47.44 10.17 -0.66
N THR C 531 46.61 10.16 0.37
CA THR C 531 47.08 10.42 1.73
C THR C 531 47.87 9.24 2.28
N ASN C 532 47.23 8.10 2.47
CA ASN C 532 47.84 6.91 3.03
C ASN C 532 46.79 5.80 3.04
N LEU C 533 47.23 4.60 3.44
CA LEU C 533 46.34 3.46 3.63
C LEU C 533 46.23 3.21 5.13
N VAL C 534 45.04 3.44 5.67
CA VAL C 534 44.73 3.21 7.08
C VAL C 534 43.79 2.01 7.14
N LYS C 535 44.26 0.92 7.73
CA LYS C 535 43.49 -0.32 7.79
C LYS C 535 42.91 -0.54 9.18
N ASN C 536 41.85 -1.35 9.23
CA ASN C 536 41.17 -1.70 10.47
C ASN C 536 40.61 -0.49 11.20
N LYS C 537 40.31 0.58 10.46
CA LYS C 537 39.75 1.80 11.02
C LYS C 537 38.58 2.26 10.17
N CYS C 538 37.58 2.86 10.82
CA CYS C 538 36.43 3.43 10.11
C CYS C 538 36.86 4.72 9.45
N VAL C 539 36.96 4.71 8.12
CA VAL C 539 37.48 5.85 7.37
C VAL C 539 36.54 6.18 6.21
N ASN C 540 36.68 7.40 5.70
CA ASN C 540 35.92 7.85 4.54
C ASN C 540 36.80 7.68 3.31
N PHE C 541 36.82 6.46 2.78
CA PHE C 541 37.66 6.15 1.62
C PHE C 541 37.13 6.84 0.37
N ASN C 542 38.05 7.10 -0.57
CA ASN C 542 37.73 7.74 -1.83
C ASN C 542 38.44 7.02 -2.98
N PHE C 543 38.31 5.70 -3.02
CA PHE C 543 39.04 4.87 -3.97
C PHE C 543 38.61 5.15 -5.41
N ASN C 544 39.48 5.85 -6.16
CA ASN C 544 39.29 6.09 -7.59
C ASN C 544 37.93 6.70 -7.88
N GLY C 545 37.55 7.70 -7.09
CA GLY C 545 36.29 8.38 -7.23
C GLY C 545 35.15 7.76 -6.46
N LEU C 546 35.16 6.43 -6.28
CA LEU C 546 34.14 5.77 -5.49
C LEU C 546 34.28 6.18 -4.03
N THR C 547 33.23 6.80 -3.49
CA THR C 547 33.26 7.38 -2.15
C THR C 547 32.34 6.61 -1.22
N GLY C 548 32.77 6.45 0.03
CA GLY C 548 31.97 5.77 1.02
C GLY C 548 32.73 5.67 2.33
N THR C 549 32.07 5.05 3.31
CA THR C 549 32.64 4.85 4.63
C THR C 549 32.67 3.37 4.95
N GLY C 550 33.76 2.92 5.55
CA GLY C 550 33.89 1.52 5.89
C GLY C 550 35.23 1.25 6.55
N VAL C 551 35.45 -0.02 6.87
CA VAL C 551 36.67 -0.49 7.51
C VAL C 551 37.45 -1.30 6.48
N LEU C 552 38.66 -0.84 6.15
CA LEU C 552 39.49 -1.49 5.13
C LEU C 552 40.34 -2.55 5.81
N THR C 553 39.88 -3.80 5.77
CA THR C 553 40.60 -4.91 6.36
C THR C 553 41.08 -5.86 5.27
N GLU C 554 42.34 -6.29 5.37
CA GLU C 554 42.89 -7.20 4.36
C GLU C 554 42.13 -8.52 4.35
N SER C 555 41.78 -8.98 3.15
CA SER C 555 40.99 -10.18 2.97
C SER C 555 41.67 -11.10 1.95
N ASN C 556 41.28 -12.37 1.99
CA ASN C 556 41.85 -13.40 1.13
C ASN C 556 41.02 -13.66 -0.12
N LYS C 557 40.16 -12.72 -0.52
CA LYS C 557 39.35 -12.92 -1.72
C LYS C 557 40.23 -13.17 -2.93
N LYS C 558 39.84 -14.17 -3.73
CA LYS C 558 40.61 -14.57 -4.90
C LYS C 558 40.20 -13.68 -6.08
N PHE C 559 40.78 -12.48 -6.10
CA PHE C 559 40.52 -11.53 -7.17
C PHE C 559 41.28 -11.93 -8.43
N LEU C 560 40.56 -12.16 -9.51
CA LEU C 560 41.19 -12.38 -10.80
C LEU C 560 41.79 -11.07 -11.30
N PRO C 561 42.82 -11.15 -12.15
CA PRO C 561 43.54 -9.92 -12.54
C PRO C 561 42.65 -8.83 -13.14
N PHE C 562 41.65 -9.21 -13.92
CA PHE C 562 40.78 -8.20 -14.53
C PHE C 562 39.80 -7.59 -13.53
N GLN C 563 39.35 -8.37 -12.55
CA GLN C 563 38.31 -7.91 -11.63
C GLN C 563 38.83 -6.78 -10.75
N GLN C 564 37.93 -5.85 -10.43
CA GLN C 564 38.29 -4.67 -9.64
C GLN C 564 37.38 -4.51 -8.43
N PHE C 565 36.10 -4.87 -8.56
CA PHE C 565 35.11 -4.67 -7.52
C PHE C 565 34.70 -5.99 -6.89
N GLY C 566 33.93 -5.89 -5.81
CA GLY C 566 33.58 -7.03 -4.99
C GLY C 566 32.10 -7.14 -4.66
N ARG C 567 31.23 -6.86 -5.62
CA ARG C 567 29.79 -6.84 -5.37
C ARG C 567 29.31 -8.17 -4.78
N ASP C 568 28.37 -8.07 -3.83
CA ASP C 568 27.89 -9.20 -3.05
C ASP C 568 26.54 -9.68 -3.57
N ILE C 569 25.89 -10.56 -2.80
CA ILE C 569 24.61 -11.12 -3.20
C ILE C 569 23.57 -10.02 -3.36
N ALA C 570 23.52 -9.09 -2.41
CA ALA C 570 22.59 -7.96 -2.47
C ALA C 570 23.13 -6.81 -3.32
N ASP C 571 24.14 -7.06 -4.14
CA ASP C 571 24.76 -6.04 -4.99
C ASP C 571 25.30 -4.88 -4.15
N THR C 572 26.19 -5.23 -3.22
CA THR C 572 26.81 -4.27 -2.32
C THR C 572 28.33 -4.35 -2.45
N THR C 573 28.98 -3.19 -2.49
CA THR C 573 30.43 -3.16 -2.59
C THR C 573 31.07 -3.71 -1.33
N ASP C 574 31.97 -4.67 -1.50
CA ASP C 574 32.65 -5.30 -0.37
C ASP C 574 34.15 -5.50 -0.59
N ALA C 575 34.68 -5.20 -1.76
CA ALA C 575 36.11 -5.33 -2.00
C ALA C 575 36.55 -4.35 -3.07
N VAL C 576 37.70 -3.71 -2.85
CA VAL C 576 38.28 -2.78 -3.80
C VAL C 576 39.78 -3.06 -3.89
N ARG C 577 40.37 -2.62 -4.99
CA ARG C 577 41.80 -2.78 -5.26
C ARG C 577 42.47 -1.43 -5.18
N ASP C 578 43.52 -1.33 -4.35
CA ASP C 578 44.20 -0.06 -4.16
C ASP C 578 44.92 0.36 -5.43
N PRO C 579 44.70 1.58 -5.92
CA PRO C 579 45.37 2.00 -7.15
C PRO C 579 46.89 2.01 -7.06
N GLN C 580 47.45 2.33 -5.89
CA GLN C 580 48.90 2.41 -5.76
C GLN C 580 49.53 1.02 -5.79
N THR C 581 49.17 0.17 -4.84
CA THR C 581 49.67 -1.20 -4.77
C THR C 581 48.49 -2.15 -4.91
N LEU C 582 48.65 -3.18 -5.72
CA LEU C 582 47.56 -4.11 -6.00
C LEU C 582 47.31 -4.98 -4.77
N GLU C 583 46.34 -4.57 -3.96
CA GLU C 583 45.93 -5.33 -2.78
C GLU C 583 44.42 -5.38 -2.74
N ILE C 584 43.90 -6.51 -2.26
CA ILE C 584 42.46 -6.72 -2.15
C ILE C 584 42.05 -6.38 -0.72
N LEU C 585 41.24 -5.33 -0.58
CA LEU C 585 40.81 -4.83 0.72
C LEU C 585 39.32 -5.06 0.89
N ASP C 586 38.95 -5.70 2.00
CA ASP C 586 37.54 -5.96 2.31
C ASP C 586 36.92 -4.69 2.88
N ILE C 587 35.79 -4.29 2.32
CA ILE C 587 35.06 -3.10 2.77
C ILE C 587 33.92 -3.57 3.66
N THR C 588 33.90 -3.09 4.90
CA THR C 588 32.87 -3.50 5.85
C THR C 588 32.37 -2.30 6.64
N PRO C 589 31.06 -2.03 6.62
CA PRO C 589 30.54 -0.89 7.38
C PRO C 589 30.74 -1.07 8.88
N CYS C 590 30.90 0.06 9.57
CA CYS C 590 31.07 0.04 11.01
C CYS C 590 29.80 -0.51 11.67
N SER C 591 30.00 -1.36 12.69
CA SER C 591 28.87 -1.96 13.38
C SER C 591 27.99 -0.89 14.02
N PHE C 592 26.68 -0.99 13.82
CA PHE C 592 25.74 0.02 14.29
C PHE C 592 24.82 -0.51 15.38
N GLY C 593 24.08 -1.58 15.11
CA GLY C 593 23.11 -2.04 16.10
C GLY C 593 22.00 -1.03 16.30
N GLY C 594 21.44 -1.03 17.50
CA GLY C 594 20.39 -0.10 17.86
C GLY C 594 20.23 0.04 19.37
N VAL C 595 20.18 1.26 19.87
CA VAL C 595 20.11 1.49 21.31
C VAL C 595 18.67 1.31 21.77
N SER C 596 18.47 0.43 22.74
CA SER C 596 17.18 0.23 23.39
C SER C 596 17.34 0.48 24.88
N VAL C 597 16.51 1.37 25.42
CA VAL C 597 16.61 1.77 26.81
C VAL C 597 15.66 0.91 27.62
N ILE C 598 16.20 0.23 28.63
CA ILE C 598 15.42 -0.62 29.52
C ILE C 598 15.23 0.18 30.81
N THR C 599 14.02 0.72 31.01
CA THR C 599 13.77 1.59 32.14
C THR C 599 12.53 1.15 32.89
N PRO C 600 12.53 1.23 34.22
CA PRO C 600 11.32 1.01 34.99
C PRO C 600 10.42 2.23 34.93
N GLY C 601 9.29 2.15 35.63
CA GLY C 601 8.42 3.32 35.72
C GLY C 601 9.13 4.48 36.39
N THR C 602 9.00 5.67 35.79
CA THR C 602 9.60 6.85 36.39
C THR C 602 9.02 7.17 37.75
N ASN C 603 7.83 6.63 38.06
CA ASN C 603 7.28 6.78 39.42
C ASN C 603 8.17 6.09 40.44
N THR C 604 8.70 4.92 40.10
CA THR C 604 9.56 4.18 41.02
C THR C 604 10.98 4.74 41.05
N SER C 605 11.65 4.75 39.91
CA SER C 605 13.02 5.24 39.84
C SER C 605 13.29 5.74 38.42
N ASN C 606 14.33 6.55 38.29
CA ASN C 606 14.74 7.14 37.02
C ASN C 606 15.93 6.42 36.39
N GLN C 607 16.35 5.27 36.94
CA GLN C 607 17.48 4.54 36.39
C GLN C 607 17.12 3.91 35.05
N VAL C 608 18.15 3.59 34.27
CA VAL C 608 18.00 2.95 32.97
C VAL C 608 19.10 1.91 32.80
N ALA C 609 18.99 1.13 31.73
CA ALA C 609 19.99 0.12 31.40
C ALA C 609 19.99 -0.03 29.89
N VAL C 610 21.00 0.57 29.24
CA VAL C 610 21.05 0.59 27.78
C VAL C 610 21.41 -0.79 27.25
N LEU C 611 20.66 -1.25 26.26
CA LEU C 611 20.89 -2.53 25.60
C LEU C 611 21.20 -2.26 24.13
N TYR C 612 22.47 -2.41 23.76
CA TYR C 612 22.86 -2.27 22.36
C TYR C 612 22.45 -3.53 21.60
N GLN C 613 21.84 -3.33 20.44
CA GLN C 613 21.09 -4.42 19.80
C GLN C 613 22.00 -5.57 19.38
N ASP C 614 22.90 -5.33 18.44
CA ASP C 614 23.67 -6.41 17.82
C ASP C 614 25.15 -6.05 17.75
N VAL C 615 25.71 -5.59 18.86
CA VAL C 615 27.14 -5.30 18.93
C VAL C 615 27.75 -6.10 20.08
N ASN C 616 29.03 -6.40 19.95
CA ASN C 616 29.76 -7.03 21.04
C ASN C 616 30.12 -5.99 22.09
N CYS C 617 30.32 -6.46 23.33
CA CYS C 617 30.65 -5.54 24.41
C CYS C 617 32.04 -4.93 24.25
N THR C 618 32.89 -5.51 23.40
CA THR C 618 34.19 -4.91 23.13
C THR C 618 34.04 -3.64 22.29
N GLU C 619 33.22 -3.70 21.24
CA GLU C 619 32.99 -2.55 20.37
C GLU C 619 31.76 -1.82 20.90
N VAL C 620 31.97 -0.99 21.91
CA VAL C 620 30.89 -0.29 22.61
C VAL C 620 31.32 1.11 23.02
N PRO C 621 32.49 1.32 23.67
CA PRO C 621 32.83 2.67 24.13
C PRO C 621 32.82 3.72 23.03
N VAL C 622 32.12 4.83 23.27
CA VAL C 622 31.95 5.89 22.29
C VAL C 622 32.79 7.08 22.73
N ALA C 623 33.70 7.51 21.87
CA ALA C 623 34.47 8.72 22.15
C ALA C 623 33.57 9.95 22.14
N ILE C 624 32.61 10.00 21.23
CA ILE C 624 31.69 11.12 21.13
C ILE C 624 30.35 10.75 21.77
N THR C 630 28.58 14.78 25.81
CA THR C 630 28.00 13.76 24.96
C THR C 630 27.42 12.61 25.77
N PRO C 631 26.22 12.16 25.40
CA PRO C 631 25.59 11.06 26.14
C PRO C 631 26.37 9.76 25.98
N THR C 632 26.27 8.92 27.01
CA THR C 632 26.87 7.58 27.04
C THR C 632 28.38 7.63 26.80
N TRP C 633 29.08 8.22 27.78
CA TRP C 633 30.53 8.13 27.80
C TRP C 633 30.96 6.69 28.05
N ARG C 634 32.18 6.35 27.61
CA ARG C 634 32.73 5.01 27.68
C ARG C 634 31.68 3.95 27.34
N VAL C 635 31.52 2.91 28.16
CA VAL C 635 30.62 1.81 27.78
C VAL C 635 29.18 2.31 27.69
N TYR C 636 28.56 2.62 28.83
CA TYR C 636 27.46 3.58 28.82
C TYR C 636 27.69 4.66 29.87
N SER C 637 27.77 4.24 31.14
CA SER C 637 28.34 5.04 32.22
C SER C 637 29.03 4.12 33.20
N THR C 638 28.73 2.82 33.11
CA THR C 638 29.04 1.85 34.16
C THR C 638 29.91 0.74 33.57
N GLY C 639 31.21 0.80 33.87
CA GLY C 639 32.11 -0.26 33.42
C GLY C 639 31.98 -1.52 34.24
N SER C 640 31.45 -1.43 35.45
CA SER C 640 31.37 -2.60 36.32
C SER C 640 30.28 -3.56 35.87
N ASN C 641 29.12 -3.03 35.46
CA ASN C 641 27.97 -3.85 35.07
C ASN C 641 27.90 -3.88 33.54
N VAL C 642 28.64 -4.81 32.94
CA VAL C 642 28.63 -5.01 31.49
C VAL C 642 28.35 -6.50 31.27
N PHE C 643 27.10 -6.81 30.96
CA PHE C 643 26.64 -8.19 30.78
C PHE C 643 26.38 -8.43 29.31
N GLN C 644 27.03 -9.45 28.75
CA GLN C 644 26.88 -9.79 27.33
C GLN C 644 25.80 -10.85 27.20
N THR C 645 24.56 -10.40 26.98
CA THR C 645 23.46 -11.31 26.68
C THR C 645 23.54 -11.77 25.24
N ARG C 646 22.82 -12.84 24.91
CA ARG C 646 22.78 -13.29 23.53
C ARG C 646 22.00 -12.35 22.64
N ALA C 647 21.27 -11.39 23.21
CA ALA C 647 20.47 -10.44 22.44
C ALA C 647 21.14 -9.07 22.33
N GLY C 648 22.39 -8.97 22.71
CA GLY C 648 23.10 -7.71 22.58
C GLY C 648 24.16 -7.58 23.66
N CYS C 649 24.43 -6.33 24.06
CA CYS C 649 25.40 -6.03 25.11
C CYS C 649 24.70 -5.08 26.09
N LEU C 650 24.43 -5.57 27.29
CA LEU C 650 23.66 -4.84 28.29
C LEU C 650 24.61 -4.14 29.26
N ILE C 651 24.47 -2.82 29.38
CA ILE C 651 25.23 -2.03 30.34
C ILE C 651 24.25 -1.36 31.29
N GLY C 652 24.53 -1.44 32.59
CA GLY C 652 23.70 -0.84 33.61
C GLY C 652 22.80 -1.80 34.33
N ALA C 653 22.85 -3.10 34.02
CA ALA C 653 22.05 -4.11 34.68
C ALA C 653 22.97 -5.18 35.26
N GLU C 654 22.80 -5.48 36.54
CA GLU C 654 23.63 -6.46 37.22
C GLU C 654 23.07 -7.85 36.99
N HIS C 655 23.93 -8.77 36.55
CA HIS C 655 23.51 -10.14 36.28
C HIS C 655 23.38 -10.92 37.58
N VAL C 656 22.27 -11.65 37.71
CA VAL C 656 22.04 -12.50 38.87
C VAL C 656 21.68 -13.91 38.39
N ASN C 657 21.91 -14.89 39.26
CA ASN C 657 21.63 -16.29 38.96
C ASN C 657 20.27 -16.74 39.46
N ASN C 658 19.50 -15.86 40.09
CA ASN C 658 18.20 -16.24 40.66
C ASN C 658 17.12 -15.90 39.64
N SER C 659 16.58 -16.94 39.00
CA SER C 659 15.57 -16.75 37.97
C SER C 659 14.22 -16.41 38.60
N TYR C 660 13.58 -15.37 38.09
CA TYR C 660 12.25 -14.94 38.52
C TYR C 660 11.31 -14.91 37.33
N GLU C 661 10.08 -14.45 37.59
CA GLU C 661 9.13 -14.24 36.51
C GLU C 661 9.52 -13.03 35.68
N CYS C 662 9.33 -13.12 34.37
CA CYS C 662 9.76 -12.05 33.47
C CYS C 662 8.99 -10.77 33.74
N ASP C 663 9.71 -9.65 33.78
CA ASP C 663 9.12 -8.34 33.97
C ASP C 663 9.28 -7.45 32.74
N ILE C 664 10.51 -7.27 32.27
CA ILE C 664 10.80 -6.53 31.05
C ILE C 664 11.52 -7.45 30.09
N PRO C 665 10.85 -7.94 29.05
CA PRO C 665 11.50 -8.86 28.11
C PRO C 665 12.67 -8.19 27.41
N ILE C 666 13.71 -8.99 27.17
CA ILE C 666 14.92 -8.50 26.50
C ILE C 666 15.13 -9.31 25.23
N GLY C 667 15.21 -10.62 25.36
CA GLY C 667 15.43 -11.51 24.23
C GLY C 667 16.32 -12.67 24.64
N ALA C 668 16.20 -13.76 23.89
CA ALA C 668 17.01 -14.97 24.10
C ALA C 668 16.86 -15.54 25.50
N GLY C 669 15.71 -15.30 26.14
CA GLY C 669 15.41 -15.84 27.45
C GLY C 669 15.66 -14.87 28.60
N ILE C 670 16.41 -13.80 28.37
CA ILE C 670 16.76 -12.88 29.45
C ILE C 670 15.60 -11.91 29.68
N CYS C 671 15.49 -11.44 30.92
CA CYS C 671 14.50 -10.44 31.31
C CYS C 671 15.12 -9.53 32.36
N ALA C 672 14.55 -8.34 32.49
CA ALA C 672 15.06 -7.32 33.41
C ALA C 672 13.96 -6.86 34.35
N SER C 673 14.35 -6.49 35.56
CA SER C 673 13.41 -6.05 36.57
C SER C 673 14.12 -5.17 37.59
N TYR C 674 13.31 -4.41 38.33
CA TYR C 674 13.81 -3.53 39.37
C TYR C 674 13.60 -4.21 40.72
N GLN C 675 14.69 -4.43 41.46
CA GLN C 675 14.63 -5.11 42.74
C GLN C 675 15.82 -4.71 43.58
N THR C 676 15.66 -4.79 44.90
CA THR C 676 16.69 -4.39 45.86
C THR C 676 17.95 -5.24 45.74
N SER C 689 19.25 -0.94 48.62
CA SER C 689 19.86 -0.46 47.39
C SER C 689 19.17 -1.04 46.17
N GLN C 690 18.05 -0.43 45.77
CA GLN C 690 17.32 -0.89 44.61
C GLN C 690 18.14 -0.66 43.35
N SER C 691 18.17 -1.67 42.48
CA SER C 691 18.95 -1.60 41.26
C SER C 691 18.31 -2.46 40.18
N ILE C 692 18.61 -2.15 38.93
CA ILE C 692 18.12 -2.91 37.80
C ILE C 692 18.96 -4.17 37.65
N ILE C 693 18.30 -5.32 37.59
CA ILE C 693 18.99 -6.61 37.47
C ILE C 693 18.48 -7.32 36.23
N ALA C 694 19.31 -8.21 35.70
CA ALA C 694 18.98 -9.03 34.55
C ALA C 694 19.12 -10.50 34.92
N TYR C 695 18.11 -11.30 34.58
CA TYR C 695 18.08 -12.70 34.94
C TYR C 695 17.53 -13.51 33.78
N THR C 696 17.72 -14.82 33.87
CA THR C 696 17.06 -15.74 32.94
C THR C 696 15.62 -15.96 33.37
N MET C 697 14.71 -15.95 32.40
CA MET C 697 13.29 -16.06 32.71
C MET C 697 12.97 -17.45 33.24
N SER C 698 12.12 -17.50 34.27
CA SER C 698 11.65 -18.76 34.83
C SER C 698 10.33 -19.15 34.18
N LEU C 699 10.25 -20.38 33.68
CA LEU C 699 9.07 -20.81 32.95
C LEU C 699 7.85 -20.89 33.86
N GLY C 700 8.01 -21.44 35.06
CA GLY C 700 6.89 -21.58 35.96
C GLY C 700 7.31 -22.22 37.26
N ALA C 701 6.35 -22.32 38.18
CA ALA C 701 6.60 -22.94 39.47
C ALA C 701 6.97 -24.40 39.31
N GLU C 702 8.01 -24.82 40.03
CA GLU C 702 8.47 -26.20 39.94
C GLU C 702 7.45 -27.15 40.56
N ASN C 703 7.08 -28.18 39.82
CA ASN C 703 6.13 -29.19 40.29
C ASN C 703 6.57 -30.54 39.76
N SER C 704 6.54 -31.55 40.62
CA SER C 704 6.94 -32.90 40.27
C SER C 704 5.74 -33.82 40.38
N CYS C 705 5.28 -34.36 39.25
CA CYS C 705 4.28 -35.40 39.29
C CYS C 705 4.89 -36.67 39.86
N ALA C 706 4.05 -37.50 40.47
CA ALA C 706 4.47 -38.77 41.03
C ALA C 706 3.62 -39.84 40.35
N TYR C 707 4.07 -40.31 39.20
CA TYR C 707 3.35 -41.35 38.46
C TYR C 707 3.61 -42.68 39.13
N SER C 708 2.55 -43.29 39.68
CA SER C 708 2.63 -44.63 40.24
C SER C 708 1.39 -45.38 39.79
N ASN C 709 1.60 -46.52 39.14
CA ASN C 709 0.48 -47.35 38.74
C ASN C 709 -0.18 -47.94 39.99
N ASN C 710 -1.40 -48.45 39.81
CA ASN C 710 -2.27 -48.91 40.90
C ASN C 710 -2.50 -47.86 41.98
N SER C 711 -2.30 -46.58 41.66
CA SER C 711 -2.51 -45.50 42.62
C SER C 711 -3.20 -44.34 41.91
N ILE C 712 -4.24 -43.80 42.54
CA ILE C 712 -5.02 -42.71 41.95
C ILE C 712 -5.21 -41.62 43.01
N ALA C 713 -5.50 -40.41 42.53
CA ALA C 713 -5.77 -39.27 43.39
C ALA C 713 -7.17 -38.75 43.08
N ILE C 714 -7.99 -38.64 44.11
CA ILE C 714 -9.37 -38.19 43.95
C ILE C 714 -9.64 -37.01 44.87
N PRO C 715 -10.13 -35.90 44.35
CA PRO C 715 -10.42 -34.74 45.21
C PRO C 715 -11.56 -35.02 46.16
N THR C 716 -11.48 -34.40 47.34
CA THR C 716 -12.53 -34.49 48.35
C THR C 716 -13.22 -33.16 48.59
N ASN C 717 -12.89 -32.12 47.83
CA ASN C 717 -13.45 -30.80 48.03
C ASN C 717 -13.31 -30.02 46.72
N PHE C 718 -14.02 -28.91 46.64
CA PHE C 718 -14.04 -28.07 45.45
C PHE C 718 -13.82 -26.62 45.83
N THR C 719 -13.71 -25.76 44.81
CA THR C 719 -13.54 -24.32 45.01
C THR C 719 -14.17 -23.62 43.82
N ILE C 720 -15.38 -23.10 44.01
CA ILE C 720 -16.04 -22.36 42.94
C ILE C 720 -15.30 -21.04 42.72
N SER C 721 -14.72 -20.87 41.54
CA SER C 721 -13.90 -19.71 41.23
C SER C 721 -14.48 -18.98 40.02
N VAL C 722 -14.50 -17.66 40.11
CA VAL C 722 -14.96 -16.80 39.03
C VAL C 722 -13.75 -16.07 38.45
N THR C 723 -13.57 -16.18 37.14
CA THR C 723 -12.45 -15.55 36.45
C THR C 723 -12.97 -14.73 35.29
N THR C 724 -12.54 -13.47 35.23
CA THR C 724 -13.01 -12.56 34.18
C THR C 724 -12.26 -12.80 32.88
N GLU C 725 -12.85 -12.28 31.80
CA GLU C 725 -12.23 -12.33 30.48
C GLU C 725 -12.72 -11.14 29.69
N ILE C 726 -11.80 -10.24 29.34
CA ILE C 726 -12.14 -8.98 28.69
C ILE C 726 -11.84 -9.10 27.21
N LEU C 727 -12.83 -8.77 26.37
CA LEU C 727 -12.72 -8.91 24.93
C LEU C 727 -13.20 -7.62 24.26
N PRO C 728 -12.38 -7.00 23.41
CA PRO C 728 -12.88 -5.88 22.61
C PRO C 728 -13.91 -6.34 21.59
N VAL C 729 -14.86 -5.46 21.29
CA VAL C 729 -15.97 -5.76 20.40
C VAL C 729 -16.01 -4.81 19.21
N SER C 730 -15.97 -3.51 19.49
CA SER C 730 -16.08 -2.50 18.44
C SER C 730 -15.10 -1.37 18.70
N MET C 731 -14.74 -0.67 17.65
CA MET C 731 -13.85 0.49 17.71
C MET C 731 -14.64 1.75 17.38
N THR C 732 -13.94 2.88 17.44
CA THR C 732 -14.58 4.15 17.14
C THR C 732 -14.90 4.27 15.66
N LYS C 733 -16.10 4.78 15.36
CA LYS C 733 -16.57 4.91 13.99
C LYS C 733 -16.20 6.29 13.46
N THR C 734 -14.92 6.46 13.17
CA THR C 734 -14.41 7.71 12.64
C THR C 734 -14.54 7.74 11.12
N SER C 735 -14.88 8.91 10.60
CA SER C 735 -15.00 9.13 9.16
C SER C 735 -14.18 10.35 8.78
N VAL C 736 -13.49 10.26 7.64
CA VAL C 736 -12.56 11.30 7.20
C VAL C 736 -13.04 11.84 5.86
N ASP C 737 -13.19 13.15 5.76
CA ASP C 737 -13.48 13.81 4.49
C ASP C 737 -12.19 13.93 3.71
N CYS C 738 -12.08 13.18 2.61
CA CYS C 738 -10.85 13.18 1.82
C CYS C 738 -10.59 14.55 1.22
N THR C 739 -11.61 15.14 0.57
CA THR C 739 -11.42 16.42 -0.11
C THR C 739 -11.08 17.53 0.89
N MET C 740 -11.79 17.59 2.01
CA MET C 740 -11.52 18.66 2.98
C MET C 740 -10.18 18.46 3.67
N TYR C 741 -9.85 17.22 4.03
CA TYR C 741 -8.57 16.97 4.68
C TYR C 741 -7.41 17.32 3.76
N ILE C 742 -7.50 16.93 2.49
CA ILE C 742 -6.44 17.25 1.55
C ILE C 742 -6.30 18.76 1.38
N CYS C 743 -7.43 19.46 1.23
CA CYS C 743 -7.43 20.91 1.22
C CYS C 743 -8.84 21.41 1.51
N GLY C 744 -9.01 22.11 2.62
CA GLY C 744 -10.31 22.65 2.98
C GLY C 744 -10.53 24.03 2.39
N ASP C 745 -11.76 24.29 1.94
CA ASP C 745 -12.20 25.55 1.35
C ASP C 745 -11.15 26.15 0.41
N SER C 746 -10.82 25.38 -0.62
CA SER C 746 -9.88 25.80 -1.65
C SER C 746 -10.33 25.23 -2.98
N THR C 747 -10.86 26.09 -3.86
CA THR C 747 -11.39 25.62 -5.12
C THR C 747 -10.28 25.17 -6.07
N GLU C 748 -9.12 25.84 -6.04
CA GLU C 748 -8.03 25.47 -6.93
C GLU C 748 -7.51 24.08 -6.62
N CYS C 749 -7.24 23.80 -5.33
CA CYS C 749 -6.76 22.48 -4.95
C CYS C 749 -7.83 21.43 -5.17
N SER C 750 -9.10 21.77 -4.95
CA SER C 750 -10.18 20.82 -5.20
C SER C 750 -10.25 20.46 -6.68
N ASN C 751 -10.07 21.45 -7.56
CA ASN C 751 -10.04 21.16 -8.99
C ASN C 751 -8.84 20.31 -9.37
N LEU C 752 -7.68 20.60 -8.77
CA LEU C 752 -6.50 19.78 -9.00
C LEU C 752 -6.65 18.37 -8.46
N LEU C 753 -7.54 18.16 -7.49
CA LEU C 753 -7.75 16.83 -6.91
C LEU C 753 -8.57 15.95 -7.85
N LEU C 754 -9.41 16.52 -8.69
CA LEU C 754 -10.25 15.74 -9.58
C LEU C 754 -9.43 14.99 -10.63
N GLN C 755 -8.21 15.43 -10.91
CA GLN C 755 -7.36 14.75 -11.88
C GLN C 755 -6.85 13.41 -11.36
N TYR C 756 -6.85 13.20 -10.05
CA TYR C 756 -6.31 11.98 -9.45
C TYR C 756 -7.32 10.83 -9.40
N GLY C 757 -8.39 10.89 -10.18
CA GLY C 757 -9.35 9.80 -10.23
C GLY C 757 -10.34 9.80 -9.09
N SER C 758 -10.61 8.63 -8.52
CA SER C 758 -11.60 8.46 -7.47
C SER C 758 -10.98 7.88 -6.20
N PHE C 759 -9.80 8.38 -5.83
CA PHE C 759 -9.17 7.94 -4.59
C PHE C 759 -10.01 8.34 -3.38
N CYS C 760 -10.54 9.56 -3.39
CA CYS C 760 -11.35 10.04 -2.27
C CYS C 760 -12.61 9.19 -2.12
N THR C 761 -13.23 8.82 -3.24
CA THR C 761 -14.41 7.96 -3.19
C THR C 761 -14.07 6.60 -2.58
N GLN C 762 -12.92 6.04 -2.97
CA GLN C 762 -12.51 4.74 -2.42
C GLN C 762 -12.26 4.82 -0.92
N LEU C 763 -11.58 5.88 -0.47
CA LEU C 763 -11.34 6.05 0.96
C LEU C 763 -12.64 6.22 1.73
N ASN C 764 -13.56 7.04 1.19
CA ASN C 764 -14.84 7.23 1.85
C ASN C 764 -15.63 5.92 1.93
N ARG C 765 -15.61 5.15 0.84
CA ARG C 765 -16.31 3.87 0.85
C ARG C 765 -15.72 2.92 1.88
N ALA C 766 -14.39 2.85 1.96
CA ALA C 766 -13.76 1.97 2.93
C ALA C 766 -14.10 2.38 4.36
N LEU C 767 -14.04 3.69 4.65
CA LEU C 767 -14.34 4.15 5.99
C LEU C 767 -15.81 3.93 6.35
N THR C 768 -16.72 4.14 5.39
CA THR C 768 -18.13 3.87 5.63
C THR C 768 -18.38 2.39 5.89
N GLY C 769 -17.71 1.53 5.12
CA GLY C 769 -17.83 0.09 5.37
C GLY C 769 -17.31 -0.29 6.75
N ILE C 770 -16.20 0.32 7.17
CA ILE C 770 -15.66 0.06 8.49
C ILE C 770 -16.65 0.48 9.57
N ALA C 771 -17.26 1.66 9.39
CA ALA C 771 -18.24 2.13 10.37
C ALA C 771 -19.46 1.22 10.44
N VAL C 772 -19.94 0.77 9.27
CA VAL C 772 -21.09 -0.13 9.24
C VAL C 772 -20.74 -1.45 9.93
N GLU C 773 -19.55 -1.97 9.67
CA GLU C 773 -19.13 -3.21 10.33
C GLU C 773 -19.02 -3.02 11.84
N GLN C 774 -18.53 -1.86 12.28
CA GLN C 774 -18.49 -1.58 13.72
C GLN C 774 -19.89 -1.53 14.31
N ASP C 775 -20.85 -1.00 13.56
CA ASP C 775 -22.25 -1.05 13.99
C ASP C 775 -22.73 -2.49 14.09
N LYS C 776 -22.28 -3.34 13.17
CA LYS C 776 -22.72 -4.73 13.18
C LYS C 776 -22.07 -5.54 14.29
N ASN C 777 -20.88 -5.12 14.74
CA ASN C 777 -20.13 -5.93 15.71
C ASN C 777 -20.87 -6.06 17.03
N THR C 778 -21.45 -4.97 17.53
CA THR C 778 -22.15 -5.02 18.80
C THR C 778 -23.56 -5.60 18.67
N GLN C 779 -24.05 -5.81 17.46
CA GLN C 779 -25.35 -6.41 17.25
C GLN C 779 -25.30 -7.92 17.14
N GLU C 780 -24.10 -8.51 17.18
CA GLU C 780 -23.95 -9.95 17.23
C GLU C 780 -23.54 -10.45 18.60
N VAL C 781 -22.74 -9.66 19.34
CA VAL C 781 -22.32 -10.08 20.67
C VAL C 781 -23.50 -10.03 21.65
N PHE C 782 -24.28 -8.94 21.60
CA PHE C 782 -25.30 -8.69 22.60
C PHE C 782 -26.71 -9.06 22.14
N ALA C 783 -27.03 -8.81 20.87
CA ALA C 783 -28.39 -9.05 20.36
C ALA C 783 -28.56 -10.52 19.92
N GLN C 784 -28.33 -11.41 20.88
CA GLN C 784 -28.51 -12.84 20.63
C GLN C 784 -29.99 -13.21 20.71
N VAL C 785 -30.63 -12.93 21.84
CA VAL C 785 -32.05 -13.17 22.03
C VAL C 785 -32.79 -11.84 21.98
N LYS C 786 -33.82 -11.76 21.14
CA LYS C 786 -34.57 -10.54 20.94
C LYS C 786 -35.77 -10.43 21.88
N GLN C 787 -35.73 -11.12 23.02
CA GLN C 787 -36.82 -11.10 24.00
C GLN C 787 -36.24 -10.61 25.32
N ILE C 788 -36.82 -9.55 25.87
CA ILE C 788 -36.27 -8.88 27.05
C ILE C 788 -36.92 -9.48 28.29
N TYR C 789 -36.11 -10.10 29.14
CA TYR C 789 -36.59 -10.67 30.40
C TYR C 789 -36.23 -9.72 31.53
N LYS C 790 -37.24 -9.26 32.27
CA LYS C 790 -36.99 -8.39 33.40
C LYS C 790 -36.40 -9.19 34.56
N THR C 791 -35.52 -8.54 35.33
CA THR C 791 -34.94 -9.17 36.50
C THR C 791 -36.02 -9.39 37.55
N PRO C 792 -36.17 -10.60 38.08
CA PRO C 792 -37.23 -10.86 39.06
C PRO C 792 -37.05 -10.00 40.30
N PRO C 793 -38.14 -9.48 40.86
CA PRO C 793 -38.03 -8.60 42.04
C PRO C 793 -37.58 -9.34 43.29
N ILE C 794 -38.22 -10.47 43.59
CA ILE C 794 -37.86 -11.24 44.77
C ILE C 794 -36.51 -11.92 44.55
N LYS C 795 -35.81 -12.17 45.64
CA LYS C 795 -34.48 -12.79 45.62
C LYS C 795 -34.53 -14.03 46.52
N ASP C 796 -34.94 -15.16 45.95
CA ASP C 796 -34.99 -16.41 46.68
C ASP C 796 -34.19 -17.49 45.95
N PHE C 797 -32.97 -17.13 45.53
CA PHE C 797 -32.15 -17.99 44.69
C PHE C 797 -31.39 -19.06 45.47
N GLY C 798 -31.77 -19.31 46.72
CA GLY C 798 -31.12 -20.36 47.48
C GLY C 798 -29.78 -20.02 48.07
N GLY C 799 -29.54 -18.75 48.37
CA GLY C 799 -28.31 -18.29 48.96
C GLY C 799 -27.36 -17.59 48.01
N PHE C 800 -27.58 -17.73 46.71
CA PHE C 800 -26.76 -17.01 45.74
C PHE C 800 -27.15 -15.54 45.75
N ASN C 801 -26.14 -14.67 45.72
CA ASN C 801 -26.35 -13.25 45.95
C ASN C 801 -26.85 -12.54 44.70
N PHE C 802 -26.04 -12.53 43.64
CA PHE C 802 -26.35 -11.97 42.33
C PHE C 802 -26.50 -10.45 42.33
N SER C 803 -26.37 -9.78 43.48
CA SER C 803 -26.59 -8.34 43.54
C SER C 803 -25.47 -7.54 42.88
N GLN C 804 -24.33 -8.16 42.60
CA GLN C 804 -23.20 -7.44 42.02
C GLN C 804 -23.15 -7.53 40.50
N ILE C 805 -24.08 -8.24 39.88
CA ILE C 805 -24.14 -8.32 38.42
C ILE C 805 -25.48 -7.87 37.86
N LEU C 806 -26.56 -7.91 38.64
CA LEU C 806 -27.85 -7.39 38.19
C LEU C 806 -27.86 -5.87 38.25
N PRO C 807 -28.66 -5.23 37.39
CA PRO C 807 -28.70 -3.76 37.39
C PRO C 807 -29.18 -3.21 38.73
N ASP C 808 -28.60 -2.08 39.13
CA ASP C 808 -28.94 -1.43 40.39
C ASP C 808 -29.88 -0.27 40.13
N PRO C 809 -31.13 -0.31 40.61
CA PRO C 809 -32.10 0.76 40.37
C PRO C 809 -31.97 1.95 41.32
N SER C 810 -30.74 2.43 41.51
CA SER C 810 -30.47 3.58 42.36
C SER C 810 -29.94 4.75 41.56
N LYS C 811 -28.83 4.56 40.84
CA LYS C 811 -28.26 5.61 40.01
C LYS C 811 -29.09 5.78 38.73
N PRO C 812 -29.00 6.94 38.08
CA PRO C 812 -29.76 7.14 36.84
C PRO C 812 -29.42 6.13 35.75
N SER C 813 -28.17 5.70 35.66
CA SER C 813 -27.78 4.67 34.70
C SER C 813 -28.06 3.30 35.29
N LYS C 814 -28.77 2.46 34.52
CA LYS C 814 -29.16 1.13 34.99
C LYS C 814 -28.03 0.14 34.69
N ARG C 815 -26.93 0.32 35.43
CA ARG C 815 -25.73 -0.50 35.29
C ARG C 815 -25.38 -1.15 36.61
N SER C 816 -24.93 -2.40 36.55
CA SER C 816 -24.51 -3.11 37.74
C SER C 816 -23.22 -2.50 38.28
N PRO C 817 -22.93 -2.71 39.58
CA PRO C 817 -21.69 -2.13 40.15
C PRO C 817 -20.43 -2.55 39.40
N ILE C 818 -20.35 -3.79 38.94
CA ILE C 818 -19.19 -4.22 38.16
C ILE C 818 -19.15 -3.48 36.84
N GLU C 819 -20.30 -3.30 36.20
CA GLU C 819 -20.36 -2.52 34.97
C GLU C 819 -19.94 -1.08 35.22
N ASP C 820 -20.35 -0.52 36.36
CA ASP C 820 -19.93 0.84 36.72
C ASP C 820 -18.43 0.93 36.88
N LEU C 821 -17.82 -0.05 37.54
CA LEU C 821 -16.37 -0.06 37.70
C LEU C 821 -15.66 -0.17 36.35
N LEU C 822 -16.16 -1.05 35.48
CA LEU C 822 -15.55 -1.20 34.16
C LEU C 822 -15.67 0.07 33.34
N PHE C 823 -16.81 0.75 33.41
CA PHE C 823 -17.00 1.99 32.67
C PHE C 823 -16.11 3.09 33.23
N ASN C 824 -15.95 3.15 34.55
CA ASN C 824 -15.11 4.19 35.15
C ASN C 824 -13.64 3.96 34.84
N LYS C 825 -13.19 2.71 34.85
CA LYS C 825 -11.77 2.43 34.66
C LYS C 825 -11.30 2.83 33.27
N VAL C 826 -12.11 2.57 32.25
CA VAL C 826 -11.75 2.91 30.87
C VAL C 826 -12.15 4.35 30.62
N THR C 827 -11.16 5.23 30.48
CA THR C 827 -11.39 6.65 30.23
C THR C 827 -10.51 7.11 29.07
N LEU C 828 -11.02 8.07 28.31
CA LEU C 828 -10.29 8.60 27.17
C LEU C 828 -9.23 9.60 27.62
N ASP C 848 -9.70 21.26 23.53
CA ASP C 848 -10.05 19.84 23.51
C ASP C 848 -9.37 19.14 22.33
N LEU C 849 -8.89 17.92 22.59
CA LEU C 849 -8.22 17.15 21.54
C LEU C 849 -9.19 16.81 20.40
N ILE C 850 -10.41 16.40 20.74
CA ILE C 850 -11.40 16.05 19.73
C ILE C 850 -11.82 17.28 18.94
N CYS C 851 -11.97 18.42 19.62
CA CYS C 851 -12.39 19.64 18.94
C CYS C 851 -11.37 20.08 17.89
N ALA C 852 -10.08 20.01 18.23
CA ALA C 852 -9.04 20.37 17.27
C ALA C 852 -9.01 19.42 16.08
N GLN C 853 -9.15 18.11 16.34
CA GLN C 853 -9.17 17.15 15.25
C GLN C 853 -10.39 17.35 14.36
N LYS C 854 -11.56 17.58 14.96
CA LYS C 854 -12.79 17.71 14.20
C LYS C 854 -12.71 18.83 13.17
N PHE C 855 -11.90 19.86 13.45
CA PHE C 855 -11.76 21.00 12.55
C PHE C 855 -11.08 20.65 11.24
N ASN C 856 -10.44 19.48 11.14
CA ASN C 856 -9.68 19.10 9.95
C ASN C 856 -10.42 18.08 9.10
N GLY C 857 -11.75 18.18 9.03
CA GLY C 857 -12.55 17.26 8.23
C GLY C 857 -12.85 15.94 8.89
N LEU C 858 -12.42 15.73 10.13
CA LEU C 858 -12.67 14.48 10.83
C LEU C 858 -13.96 14.55 11.63
N THR C 859 -14.66 13.43 11.70
CA THR C 859 -15.90 13.33 12.46
C THR C 859 -15.97 11.95 13.12
N VAL C 860 -16.65 11.89 14.26
CA VAL C 860 -16.82 10.66 15.01
C VAL C 860 -18.31 10.36 15.04
N LEU C 861 -18.74 9.40 14.24
CA LEU C 861 -20.16 9.03 14.20
C LEU C 861 -20.53 8.28 15.47
N PRO C 862 -21.62 8.66 16.14
CA PRO C 862 -22.01 7.95 17.36
C PRO C 862 -22.46 6.53 17.05
N PRO C 863 -22.27 5.60 17.97
CA PRO C 863 -22.72 4.22 17.73
C PRO C 863 -24.24 4.13 17.68
N LEU C 864 -24.73 3.16 16.92
CA LEU C 864 -26.17 2.96 16.80
C LEU C 864 -26.79 2.56 18.13
N LEU C 865 -26.12 1.70 18.89
CA LEU C 865 -26.62 1.24 20.18
C LEU C 865 -25.91 2.02 21.29
N THR C 866 -26.67 2.79 22.04
CA THR C 866 -26.12 3.50 23.19
C THR C 866 -25.74 2.52 24.29
N ASP C 867 -24.92 2.99 25.23
CA ASP C 867 -24.49 2.13 26.32
C ASP C 867 -25.66 1.72 27.20
N GLU C 868 -26.71 2.53 27.26
CA GLU C 868 -27.90 2.14 28.02
C GLU C 868 -28.57 0.92 27.41
N MET C 869 -28.68 0.89 26.09
CA MET C 869 -29.28 -0.28 25.44
C MET C 869 -28.36 -1.49 25.47
N ILE C 870 -27.04 -1.27 25.46
CA ILE C 870 -26.12 -2.39 25.67
C ILE C 870 -26.31 -2.97 27.06
N ALA C 871 -26.46 -2.11 28.08
CA ALA C 871 -26.72 -2.60 29.43
C ALA C 871 -28.06 -3.32 29.52
N GLN C 872 -29.07 -2.81 28.82
CA GLN C 872 -30.37 -3.48 28.80
C GLN C 872 -30.27 -4.86 28.16
N TYR C 873 -29.53 -4.97 27.05
CA TYR C 873 -29.33 -6.26 26.40
C TYR C 873 -28.58 -7.21 27.32
N THR C 874 -27.56 -6.72 28.01
CA THR C 874 -26.81 -7.56 28.94
C THR C 874 -27.69 -8.03 30.08
N SER C 875 -28.50 -7.14 30.64
CA SER C 875 -29.42 -7.52 31.71
C SER C 875 -30.51 -8.47 31.23
N ALA C 876 -30.84 -8.43 29.94
CA ALA C 876 -31.79 -9.39 29.39
C ALA C 876 -31.18 -10.79 29.35
N LEU C 877 -29.92 -10.89 28.95
CA LEU C 877 -29.23 -12.17 28.96
C LEU C 877 -28.93 -12.65 30.36
N LEU C 878 -28.81 -11.73 31.33
CA LEU C 878 -28.50 -12.09 32.70
C LEU C 878 -29.73 -12.45 33.50
N ALA C 879 -30.89 -11.91 33.15
CA ALA C 879 -32.15 -12.25 33.80
C ALA C 879 -32.81 -13.46 33.19
N GLY C 880 -32.27 -13.98 32.08
CA GLY C 880 -32.77 -15.21 31.49
C GLY C 880 -31.95 -16.40 31.94
N THR C 881 -30.64 -16.20 32.10
CA THR C 881 -29.78 -17.26 32.61
C THR C 881 -30.17 -17.64 34.04
N ILE C 882 -30.48 -16.64 34.86
CA ILE C 882 -30.86 -16.90 36.24
C ILE C 882 -32.18 -17.66 36.32
N CYS C 883 -33.16 -17.25 35.50
CA CYS C 883 -34.50 -17.81 35.59
C CYS C 883 -34.61 -19.17 34.91
N SER C 884 -34.24 -19.24 33.63
CA SER C 884 -34.45 -20.45 32.85
C SER C 884 -33.18 -21.27 32.64
N GLY C 885 -32.02 -20.64 32.60
CA GLY C 885 -30.78 -21.36 32.38
C GLY C 885 -30.36 -21.28 30.92
N TRP C 886 -30.10 -22.45 30.33
CA TRP C 886 -29.76 -22.53 28.91
C TRP C 886 -30.98 -22.81 28.03
N THR C 887 -32.15 -22.99 28.62
CA THR C 887 -33.33 -23.38 27.85
C THR C 887 -33.90 -22.22 27.04
N PHE C 888 -33.55 -20.98 27.38
CA PHE C 888 -34.05 -19.83 26.64
C PHE C 888 -33.20 -19.47 25.43
N GLY C 889 -32.05 -20.13 25.26
CA GLY C 889 -31.23 -19.92 24.08
C GLY C 889 -31.54 -20.91 22.98
N ALA C 890 -32.20 -22.01 23.32
CA ALA C 890 -32.58 -23.00 22.32
C ALA C 890 -33.96 -22.72 21.75
N GLY C 891 -34.97 -22.65 22.62
CA GLY C 891 -36.31 -22.32 22.22
C GLY C 891 -36.98 -21.37 23.19
N PRO C 892 -38.20 -21.69 23.59
CA PRO C 892 -38.88 -20.87 24.59
C PRO C 892 -38.22 -21.00 25.96
N ALA C 893 -38.38 -19.97 26.77
CA ALA C 893 -37.79 -19.94 28.11
C ALA C 893 -38.62 -20.84 29.04
N LEU C 894 -37.96 -21.81 29.66
CA LEU C 894 -38.59 -22.74 30.60
C LEU C 894 -38.08 -22.41 31.99
N GLN C 895 -38.97 -21.94 32.86
CA GLN C 895 -38.57 -21.57 34.21
C GLN C 895 -38.11 -22.79 34.99
N ILE C 896 -37.12 -22.59 35.86
CA ILE C 896 -36.57 -23.65 36.69
C ILE C 896 -35.91 -23.02 37.91
N PRO C 897 -36.09 -23.56 39.11
CA PRO C 897 -35.42 -22.99 40.27
C PRO C 897 -33.91 -23.02 40.10
N PHE C 898 -33.26 -21.96 40.58
CA PHE C 898 -31.80 -21.85 40.42
C PHE C 898 -31.02 -22.98 41.07
N PRO C 899 -31.32 -23.44 42.29
CA PRO C 899 -30.59 -24.62 42.80
C PRO C 899 -30.68 -25.82 41.88
N MET C 900 -31.84 -26.05 41.26
CA MET C 900 -31.96 -27.17 40.34
C MET C 900 -31.22 -26.91 39.04
N GLN C 901 -31.14 -25.64 38.61
CA GLN C 901 -30.31 -25.31 37.45
C GLN C 901 -28.84 -25.59 37.72
N MET C 902 -28.37 -25.23 38.91
CA MET C 902 -26.98 -25.52 39.26
C MET C 902 -26.74 -27.00 39.45
N ALA C 903 -27.79 -27.75 39.84
CA ALA C 903 -27.67 -29.20 39.89
C ALA C 903 -27.59 -29.80 38.49
N TYR C 904 -28.32 -29.21 37.54
CA TYR C 904 -28.19 -29.60 36.14
C TYR C 904 -26.77 -29.33 35.65
N ARG C 905 -26.21 -28.18 36.01
CA ARG C 905 -24.87 -27.83 35.55
C ARG C 905 -23.80 -28.65 36.26
N PHE C 906 -24.08 -29.14 37.47
CA PHE C 906 -23.13 -30.02 38.13
C PHE C 906 -23.08 -31.39 37.46
N ASN C 907 -24.22 -31.89 36.98
CA ASN C 907 -24.23 -33.12 36.20
C ASN C 907 -23.56 -32.95 34.85
N GLY C 908 -23.41 -31.70 34.38
CA GLY C 908 -22.74 -31.44 33.13
C GLY C 908 -21.25 -31.69 33.13
N ILE C 909 -20.64 -31.76 34.31
CA ILE C 909 -19.20 -31.97 34.43
C ILE C 909 -18.89 -33.28 35.14
N GLY C 910 -19.86 -34.21 35.18
CA GLY C 910 -19.62 -35.52 35.75
C GLY C 910 -19.83 -35.62 37.25
N VAL C 911 -20.23 -34.54 37.92
CA VAL C 911 -20.46 -34.56 39.35
C VAL C 911 -21.94 -34.74 39.64
N THR C 912 -22.26 -35.65 40.55
CA THR C 912 -23.64 -36.01 40.81
C THR C 912 -24.39 -34.85 41.51
N GLN C 913 -25.70 -35.02 41.61
CA GLN C 913 -26.54 -33.96 42.19
C GLN C 913 -26.35 -33.84 43.69
N ASN C 914 -25.98 -34.94 44.36
CA ASN C 914 -25.82 -34.90 45.81
C ASN C 914 -24.76 -33.91 46.24
N VAL C 915 -23.75 -33.68 45.40
CA VAL C 915 -22.66 -32.77 45.78
C VAL C 915 -23.18 -31.36 45.98
N LEU C 916 -24.14 -30.93 45.16
CA LEU C 916 -24.67 -29.57 45.31
C LEU C 916 -25.67 -29.46 46.45
N TYR C 917 -26.68 -30.35 46.46
CA TYR C 917 -27.76 -30.20 47.44
C TYR C 917 -27.25 -30.37 48.87
N GLU C 918 -26.35 -31.32 49.09
CA GLU C 918 -25.78 -31.48 50.43
C GLU C 918 -24.79 -30.38 50.79
N ASN C 919 -24.29 -29.63 49.80
CA ASN C 919 -23.34 -28.55 50.03
C ASN C 919 -23.84 -27.25 49.41
N GLN C 920 -25.12 -26.95 49.59
CA GLN C 920 -25.71 -25.78 48.94
C GLN C 920 -25.21 -24.48 49.57
N LYS C 921 -25.17 -24.42 50.91
CA LYS C 921 -24.74 -23.21 51.58
C LYS C 921 -23.28 -22.92 51.30
N LEU C 922 -22.42 -23.95 51.33
CA LEU C 922 -21.01 -23.75 51.06
C LEU C 922 -20.78 -23.25 49.64
N ILE C 923 -21.50 -23.83 48.67
CA ILE C 923 -21.32 -23.42 47.28
C ILE C 923 -21.83 -21.99 47.08
N ALA C 924 -22.95 -21.64 47.71
CA ALA C 924 -23.45 -20.27 47.60
C ALA C 924 -22.47 -19.27 48.21
N ASN C 925 -21.91 -19.61 49.37
CA ASN C 925 -20.93 -18.72 50.00
C ASN C 925 -19.69 -18.55 49.13
N GLN C 926 -19.21 -19.65 48.53
CA GLN C 926 -18.06 -19.55 47.65
C GLN C 926 -18.38 -18.71 46.42
N PHE C 927 -19.58 -18.87 45.87
CA PHE C 927 -20.02 -18.06 44.75
C PHE C 927 -19.99 -16.58 45.08
N ASN C 928 -20.61 -16.21 46.21
CA ASN C 928 -20.64 -14.80 46.61
C ASN C 928 -19.24 -14.26 46.86
N SER C 929 -18.40 -15.04 47.55
CA SER C 929 -17.03 -14.60 47.83
C SER C 929 -16.24 -14.41 46.54
N ALA C 930 -16.41 -15.33 45.57
CA ALA C 930 -15.70 -15.20 44.31
C ALA C 930 -16.14 -13.96 43.55
N ILE C 931 -17.44 -13.67 43.54
CA ILE C 931 -17.91 -12.48 42.84
C ILE C 931 -17.38 -11.21 43.52
N GLY C 932 -17.39 -11.19 44.86
CA GLY C 932 -16.83 -10.05 45.57
C GLY C 932 -15.36 -9.86 45.30
N LYS C 933 -14.60 -10.96 45.28
CA LYS C 933 -13.18 -10.89 44.96
C LYS C 933 -12.96 -10.39 43.54
N ILE C 934 -13.83 -10.79 42.61
CA ILE C 934 -13.72 -10.31 41.24
C ILE C 934 -13.93 -8.80 41.18
N GLN C 935 -14.94 -8.31 41.89
CA GLN C 935 -15.16 -6.86 41.90
C GLN C 935 -13.98 -6.12 42.52
N ASP C 936 -13.46 -6.65 43.63
CA ASP C 936 -12.31 -6.01 44.27
C ASP C 936 -11.09 -6.01 43.36
N SER C 937 -10.84 -7.12 42.66
CA SER C 937 -9.70 -7.19 41.75
C SER C 937 -9.86 -6.21 40.60
N LEU C 938 -11.07 -6.09 40.06
CA LEU C 938 -11.31 -5.11 38.98
C LEU C 938 -11.10 -3.69 39.48
N SER C 939 -11.56 -3.39 40.69
CA SER C 939 -11.43 -2.03 41.21
C SER C 939 -10.00 -1.69 41.58
N SER C 940 -9.23 -2.66 42.05
CA SER C 940 -7.90 -2.36 42.58
C SER C 940 -6.85 -2.27 41.46
N THR C 941 -6.68 -3.35 40.70
CA THR C 941 -5.64 -3.38 39.68
C THR C 941 -6.02 -2.47 38.51
N PRO C 942 -5.19 -1.50 38.15
CA PRO C 942 -5.54 -0.59 37.04
C PRO C 942 -5.25 -1.15 35.66
N SER C 943 -4.54 -2.27 35.55
CA SER C 943 -4.17 -2.86 34.27
C SER C 943 -5.13 -3.97 33.84
N ALA C 944 -6.24 -4.15 34.54
CA ALA C 944 -7.18 -5.21 34.19
C ALA C 944 -7.78 -4.98 32.82
N LEU C 945 -8.31 -3.78 32.58
CA LEU C 945 -8.96 -3.46 31.30
C LEU C 945 -7.91 -2.88 30.34
N GLY C 946 -6.97 -3.75 29.97
CA GLY C 946 -5.91 -3.37 29.07
C GLY C 946 -6.26 -3.54 27.61
N LYS C 947 -7.06 -4.57 27.30
CA LYS C 947 -7.42 -4.83 25.90
C LYS C 947 -8.31 -3.73 25.34
N LEU C 948 -9.24 -3.22 26.14
CA LEU C 948 -10.11 -2.15 25.66
C LEU C 948 -9.39 -0.81 25.59
N GLN C 949 -8.45 -0.58 26.51
CA GLN C 949 -7.72 0.69 26.49
C GLN C 949 -6.73 0.75 25.33
N ASP C 950 -6.15 -0.38 24.94
CA ASP C 950 -5.20 -0.39 23.84
C ASP C 950 -5.87 0.00 22.52
N VAL C 951 -7.12 -0.44 22.32
CA VAL C 951 -7.83 -0.09 21.09
C VAL C 951 -8.04 1.41 21.01
N VAL C 952 -8.50 2.02 22.10
CA VAL C 952 -8.71 3.46 22.13
C VAL C 952 -7.40 4.20 21.93
N ASN C 953 -6.33 3.73 22.58
CA ASN C 953 -5.02 4.38 22.43
C ASN C 953 -4.54 4.30 20.99
N GLN C 954 -4.69 3.15 20.34
CA GLN C 954 -4.27 3.00 18.96
C GLN C 954 -5.07 3.91 18.03
N ASN C 955 -6.39 3.96 18.23
CA ASN C 955 -7.22 4.81 17.38
C ASN C 955 -6.86 6.29 17.56
N ALA C 956 -6.69 6.71 18.80
CA ALA C 956 -6.33 8.11 19.05
C ALA C 956 -4.96 8.44 18.51
N GLN C 957 -4.00 7.51 18.63
CA GLN C 957 -2.67 7.75 18.11
C GLN C 957 -2.68 7.85 16.59
N ALA C 958 -3.43 6.98 15.92
CA ALA C 958 -3.53 7.05 14.46
C ALA C 958 -4.18 8.36 14.03
N LEU C 959 -5.25 8.77 14.72
CA LEU C 959 -5.90 10.03 14.37
C LEU C 959 -4.98 11.22 14.60
N ASN C 960 -4.21 11.20 15.70
CA ASN C 960 -3.26 12.27 15.95
C ASN C 960 -2.17 12.31 14.88
N THR C 961 -1.68 11.14 14.47
CA THR C 961 -0.65 11.09 13.43
C THR C 961 -1.19 11.61 12.10
N LEU C 962 -2.46 11.32 11.81
CA LEU C 962 -3.06 11.83 10.58
C LEU C 962 -3.11 13.36 10.57
N VAL C 963 -3.46 13.96 11.71
CA VAL C 963 -3.58 15.41 11.77
C VAL C 963 -2.21 16.07 11.67
N LYS C 964 -1.22 15.51 12.37
CA LYS C 964 0.12 16.10 12.41
C LYS C 964 0.82 16.04 11.06
N GLN C 965 0.33 15.25 10.11
CA GLN C 965 0.90 15.22 8.77
C GLN C 965 0.47 16.40 7.92
N LEU C 966 -0.52 17.17 8.36
CA LEU C 966 -0.96 18.35 7.62
C LEU C 966 0.10 19.45 7.67
N SER C 967 0.83 19.57 8.77
CA SER C 967 1.87 20.58 8.91
C SER C 967 3.23 20.06 8.45
N SER C 968 3.26 19.54 7.23
CA SER C 968 4.49 19.06 6.62
C SER C 968 4.65 19.69 5.25
N ASN C 969 5.87 20.12 4.94
CA ASN C 969 6.13 20.78 3.67
C ASN C 969 5.93 19.82 2.50
N PHE C 970 6.39 18.58 2.65
CA PHE C 970 6.35 17.58 1.57
C PHE C 970 7.13 18.05 0.34
N GLY C 971 8.11 18.91 0.55
CA GLY C 971 8.88 19.48 -0.54
C GLY C 971 8.34 20.77 -1.10
N ALA C 972 7.15 21.21 -0.68
CA ALA C 972 6.57 22.44 -1.19
C ALA C 972 7.15 23.64 -0.45
N ILE C 973 6.70 24.83 -0.86
CA ILE C 973 7.20 26.06 -0.25
C ILE C 973 6.76 26.16 1.20
N SER C 974 5.47 25.93 1.46
CA SER C 974 4.92 26.06 2.81
C SER C 974 3.89 24.95 3.04
N SER C 975 3.70 24.63 4.32
CA SER C 975 2.71 23.61 4.68
C SER C 975 1.29 24.15 4.52
N VAL C 976 1.09 25.42 4.82
CA VAL C 976 -0.25 26.02 4.73
C VAL C 976 -0.59 26.24 3.27
N LEU C 977 -1.76 25.74 2.85
CA LEU C 977 -2.18 25.91 1.47
C LEU C 977 -2.55 27.37 1.17
N ASN C 978 -3.11 28.08 2.15
CA ASN C 978 -3.48 29.47 1.92
C ASN C 978 -2.26 30.35 1.71
N ASP C 979 -1.17 30.05 2.42
CA ASP C 979 0.06 30.80 2.20
C ASP C 979 0.59 30.59 0.78
N ILE C 980 0.54 29.36 0.28
CA ILE C 980 0.98 29.08 -1.08
C ILE C 980 0.06 29.75 -2.10
N LEU C 981 -1.26 29.69 -1.86
CA LEU C 981 -2.21 30.18 -2.86
C LEU C 981 -2.09 31.68 -3.06
N SER C 982 -2.13 32.45 -1.99
CA SER C 982 -2.01 33.91 -2.11
C SER C 982 -0.57 34.38 -1.98
N ARG C 983 0.34 33.68 -2.67
CA ARG C 983 1.73 34.11 -2.77
C ARG C 983 2.32 33.99 -4.17
N LEU C 984 1.77 33.15 -5.05
CA LEU C 984 2.39 32.86 -6.32
C LEU C 984 1.33 32.83 -7.41
N ASP C 985 1.79 33.00 -8.65
CA ASP C 985 0.93 32.88 -9.82
C ASP C 985 0.48 31.42 -9.98
N PRO C 986 -0.66 31.20 -10.63
CA PRO C 986 -1.22 29.84 -10.74
C PRO C 986 -0.25 28.84 -11.35
N PRO C 987 0.58 29.22 -12.34
CA PRO C 987 1.52 28.22 -12.89
C PRO C 987 2.44 27.57 -11.86
N GLU C 988 2.82 28.26 -10.81
CA GLU C 988 3.67 27.68 -9.76
C GLU C 988 2.88 27.18 -8.57
N ALA C 989 1.78 27.86 -8.24
CA ALA C 989 0.88 27.37 -7.20
C ALA C 989 0.34 26.00 -7.55
N GLU C 990 0.14 25.72 -8.84
CA GLU C 990 -0.30 24.38 -9.25
C GLU C 990 0.72 23.32 -8.86
N VAL C 991 2.00 23.59 -9.08
CA VAL C 991 3.04 22.62 -8.74
C VAL C 991 3.11 22.42 -7.23
N GLN C 992 3.11 23.53 -6.47
CA GLN C 992 3.20 23.40 -5.02
C GLN C 992 2.01 22.66 -4.45
N ILE C 993 0.80 23.00 -4.92
CA ILE C 993 -0.40 22.33 -4.47
C ILE C 993 -0.40 20.88 -4.88
N ASP C 994 0.17 20.54 -6.04
CA ASP C 994 0.26 19.14 -6.45
C ASP C 994 1.16 18.35 -5.52
N ARG C 995 2.30 18.93 -5.13
CA ARG C 995 3.16 18.27 -4.16
C ARG C 995 2.44 18.04 -2.84
N LEU C 996 1.75 19.07 -2.35
CA LEU C 996 0.99 18.93 -1.10
C LEU C 996 -0.10 17.88 -1.25
N ILE C 997 -0.78 17.85 -2.39
CA ILE C 997 -1.85 16.88 -2.62
C ILE C 997 -1.31 15.47 -2.58
N THR C 998 -0.16 15.23 -3.23
CA THR C 998 0.44 13.91 -3.20
C THR C 998 0.79 13.49 -1.78
N GLY C 999 1.38 14.40 -1.00
CA GLY C 999 1.71 14.06 0.38
C GLY C 999 0.49 13.71 1.21
N ARG C 1000 -0.55 14.54 1.14
CA ARG C 1000 -1.74 14.30 1.94
C ARG C 1000 -2.46 13.04 1.49
N LEU C 1001 -2.48 12.77 0.17
CA LEU C 1001 -3.10 11.54 -0.32
C LEU C 1001 -2.36 10.31 0.20
N GLN C 1002 -1.04 10.33 0.19
CA GLN C 1002 -0.28 9.19 0.72
C GLN C 1002 -0.57 9.00 2.20
N SER C 1003 -0.61 10.10 2.96
CA SER C 1003 -0.90 9.98 4.39
C SER C 1003 -2.29 9.39 4.63
N LEU C 1004 -3.29 9.87 3.88
CA LEU C 1004 -4.64 9.36 4.06
C LEU C 1004 -4.74 7.89 3.68
N GLN C 1005 -4.06 7.49 2.60
CA GLN C 1005 -4.10 6.09 2.19
C GLN C 1005 -3.46 5.20 3.25
N THR C 1006 -2.34 5.63 3.83
CA THR C 1006 -1.73 4.85 4.90
C THR C 1006 -2.66 4.72 6.09
N TYR C 1007 -3.29 5.83 6.49
CA TYR C 1007 -4.22 5.78 7.62
C TYR C 1007 -5.39 4.84 7.34
N VAL C 1008 -5.94 4.91 6.13
CA VAL C 1008 -7.09 4.08 5.79
C VAL C 1008 -6.72 2.60 5.78
N THR C 1009 -5.55 2.27 5.24
CA THR C 1009 -5.13 0.87 5.22
C THR C 1009 -4.91 0.34 6.64
N GLN C 1010 -4.26 1.15 7.49
CA GLN C 1010 -4.08 0.74 8.87
C GLN C 1010 -5.41 0.54 9.58
N GLN C 1011 -6.37 1.44 9.32
CA GLN C 1011 -7.70 1.30 9.91
C GLN C 1011 -8.38 0.03 9.43
N LEU C 1012 -8.23 -0.32 8.15
CA LEU C 1012 -8.82 -1.55 7.63
C LEU C 1012 -8.24 -2.78 8.33
N ILE C 1013 -6.92 -2.82 8.49
CA ILE C 1013 -6.31 -3.96 9.16
C ILE C 1013 -6.77 -4.05 10.62
N ARG C 1014 -6.78 -2.92 11.32
CA ARG C 1014 -7.23 -2.90 12.70
C ARG C 1014 -8.69 -3.31 12.81
N ALA C 1015 -9.52 -2.90 11.86
CA ALA C 1015 -10.92 -3.28 11.87
C ALA C 1015 -11.09 -4.78 11.62
N ALA C 1016 -10.25 -5.36 10.77
CA ALA C 1016 -10.29 -6.81 10.58
C ALA C 1016 -9.94 -7.53 11.88
N GLU C 1017 -8.91 -7.05 12.59
CA GLU C 1017 -8.56 -7.66 13.87
C GLU C 1017 -9.70 -7.53 14.87
N ILE C 1018 -10.33 -6.35 14.93
CA ILE C 1018 -11.44 -6.13 15.85
C ILE C 1018 -12.63 -7.00 15.47
N ARG C 1019 -12.85 -7.22 14.17
CA ARG C 1019 -13.92 -8.10 13.74
C ARG C 1019 -13.67 -9.54 14.16
N ALA C 1020 -12.41 -10.01 14.07
CA ALA C 1020 -12.09 -11.34 14.57
C ALA C 1020 -12.35 -11.43 16.06
N SER C 1021 -11.95 -10.40 16.81
CA SER C 1021 -12.19 -10.40 18.25
C SER C 1021 -13.69 -10.40 18.57
N ALA C 1022 -14.48 -9.66 17.79
CA ALA C 1022 -15.92 -9.61 18.01
C ALA C 1022 -16.59 -10.94 17.68
N ASN C 1023 -16.11 -11.61 16.62
CA ASN C 1023 -16.62 -12.94 16.31
C ASN C 1023 -16.33 -13.91 17.44
N LEU C 1024 -15.10 -13.86 17.99
CA LEU C 1024 -14.78 -14.71 19.13
C LEU C 1024 -15.67 -14.38 20.33
N ALA C 1025 -15.93 -13.09 20.56
CA ALA C 1025 -16.77 -12.70 21.69
C ALA C 1025 -18.20 -13.18 21.51
N ALA C 1026 -18.73 -13.10 20.29
CA ALA C 1026 -20.09 -13.60 20.03
C ALA C 1026 -20.17 -15.11 20.23
N THR C 1027 -19.16 -15.83 19.75
CA THR C 1027 -19.12 -17.27 19.98
C THR C 1027 -19.06 -17.59 21.47
N LYS C 1028 -18.23 -16.86 22.21
CA LYS C 1028 -18.13 -17.08 23.64
C LYS C 1028 -19.46 -16.80 24.34
N MET C 1029 -20.14 -15.72 23.96
CA MET C 1029 -21.46 -15.45 24.52
C MET C 1029 -22.41 -16.61 24.25
N SER C 1030 -22.51 -17.02 22.98
CA SER C 1030 -23.47 -18.04 22.59
C SER C 1030 -23.20 -19.36 23.31
N GLU C 1031 -21.93 -19.71 23.52
CA GLU C 1031 -21.62 -21.01 24.09
C GLU C 1031 -21.58 -20.98 25.62
N CYS C 1032 -20.77 -20.09 26.20
CA CYS C 1032 -20.64 -20.04 27.65
C CYS C 1032 -21.91 -19.50 28.31
N VAL C 1033 -22.45 -18.40 27.78
CA VAL C 1033 -23.58 -17.75 28.44
C VAL C 1033 -24.86 -18.56 28.24
N LEU C 1034 -25.25 -18.76 26.99
CA LEU C 1034 -26.47 -19.50 26.68
C LEU C 1034 -26.21 -21.01 26.61
N GLY C 1035 -25.59 -21.55 27.65
CA GLY C 1035 -25.30 -22.96 27.67
C GLY C 1035 -24.18 -23.27 28.64
N GLN C 1036 -23.60 -24.45 28.47
CA GLN C 1036 -22.48 -24.92 29.29
C GLN C 1036 -21.51 -25.64 28.36
N SER C 1037 -20.35 -25.04 28.13
CA SER C 1037 -19.40 -25.56 27.15
C SER C 1037 -18.52 -26.64 27.76
N LYS C 1038 -18.32 -27.71 27.01
CA LYS C 1038 -17.39 -28.78 27.40
C LYS C 1038 -16.00 -28.58 26.82
N ARG C 1039 -15.79 -27.53 26.02
CA ARG C 1039 -14.47 -27.25 25.49
C ARG C 1039 -13.54 -26.77 26.60
N VAL C 1040 -12.34 -27.36 26.67
CA VAL C 1040 -11.43 -27.08 27.77
C VAL C 1040 -10.82 -25.71 27.58
N ASP C 1041 -10.79 -24.92 28.66
CA ASP C 1041 -10.16 -23.61 28.74
C ASP C 1041 -10.80 -22.57 27.83
N PHE C 1042 -11.94 -22.89 27.22
CA PHE C 1042 -12.65 -21.90 26.42
C PHE C 1042 -13.29 -20.85 27.31
N CYS C 1043 -14.17 -21.28 28.22
CA CYS C 1043 -14.84 -20.38 29.16
C CYS C 1043 -14.23 -20.60 30.54
N GLY C 1044 -13.12 -19.92 30.78
CA GLY C 1044 -12.46 -19.98 32.06
C GLY C 1044 -11.58 -21.21 32.22
N LYS C 1045 -10.81 -21.20 33.31
CA LYS C 1045 -9.91 -22.31 33.65
C LYS C 1045 -10.61 -23.22 34.65
N GLY C 1046 -10.74 -24.49 34.31
CA GLY C 1046 -11.43 -25.47 35.12
C GLY C 1046 -12.62 -26.05 34.38
N TYR C 1047 -13.51 -26.67 35.15
CA TYR C 1047 -14.73 -27.24 34.60
C TYR C 1047 -15.81 -26.17 34.56
N HIS C 1048 -16.25 -25.81 33.36
CA HIS C 1048 -17.17 -24.69 33.20
C HIS C 1048 -18.53 -25.01 33.82
N LEU C 1049 -19.10 -24.03 34.52
CA LEU C 1049 -20.43 -24.14 35.10
C LEU C 1049 -21.42 -23.21 34.41
N MET C 1050 -21.14 -21.92 34.38
CA MET C 1050 -22.00 -20.92 33.76
C MET C 1050 -21.26 -19.59 33.74
N SER C 1051 -21.74 -18.67 32.92
CA SER C 1051 -21.09 -17.39 32.73
C SER C 1051 -22.12 -16.26 32.78
N PHE C 1052 -21.64 -15.05 33.08
CA PHE C 1052 -22.48 -13.87 33.15
C PHE C 1052 -21.84 -12.76 32.32
N PRO C 1053 -22.49 -12.28 31.27
CA PRO C 1053 -21.93 -11.16 30.50
C PRO C 1053 -22.10 -9.83 31.22
N GLN C 1054 -21.16 -8.93 30.96
CA GLN C 1054 -21.18 -7.58 31.51
C GLN C 1054 -20.72 -6.61 30.44
N SER C 1055 -21.41 -5.48 30.34
CA SER C 1055 -21.06 -4.48 29.34
C SER C 1055 -19.83 -3.71 29.76
N ALA C 1056 -19.02 -3.34 28.78
CA ALA C 1056 -17.80 -2.57 28.98
C ALA C 1056 -17.67 -1.58 27.83
N PRO C 1057 -16.93 -0.48 28.02
CA PRO C 1057 -16.75 0.47 26.93
C PRO C 1057 -16.01 -0.14 25.75
N HIS C 1058 -16.70 -0.29 24.62
CA HIS C 1058 -16.14 -0.90 23.42
C HIS C 1058 -15.63 -2.31 23.69
N GLY C 1059 -16.46 -3.10 24.36
CA GLY C 1059 -16.09 -4.47 24.67
C GLY C 1059 -17.11 -5.11 25.58
N VAL C 1060 -16.78 -6.33 25.99
CA VAL C 1060 -17.62 -7.13 26.86
C VAL C 1060 -16.73 -7.89 27.84
N VAL C 1061 -17.22 -8.08 29.07
CA VAL C 1061 -16.49 -8.78 30.11
C VAL C 1061 -17.31 -9.97 30.56
N PHE C 1062 -16.72 -11.15 30.53
CA PHE C 1062 -17.38 -12.39 30.92
C PHE C 1062 -16.90 -12.80 32.31
N LEU C 1063 -17.85 -13.17 33.17
CA LEU C 1063 -17.55 -13.68 34.50
C LEU C 1063 -17.72 -15.19 34.47
N HIS C 1064 -16.63 -15.90 34.18
CA HIS C 1064 -16.66 -17.35 34.00
C HIS C 1064 -16.64 -18.02 35.37
N VAL C 1065 -17.75 -18.69 35.72
CA VAL C 1065 -17.82 -19.48 36.94
C VAL C 1065 -17.38 -20.89 36.61
N THR C 1066 -16.44 -21.42 37.39
CA THR C 1066 -15.84 -22.71 37.11
C THR C 1066 -15.75 -23.53 38.39
N TYR C 1067 -15.68 -24.84 38.22
CA TYR C 1067 -15.58 -25.80 39.32
C TYR C 1067 -14.15 -26.34 39.33
N VAL C 1068 -13.41 -26.03 40.38
CA VAL C 1068 -12.00 -26.42 40.49
C VAL C 1068 -11.82 -27.37 41.66
N PRO C 1069 -11.47 -28.63 41.43
CA PRO C 1069 -11.26 -29.56 42.54
C PRO C 1069 -10.03 -29.20 43.37
N ALA C 1070 -10.06 -29.62 44.62
CA ALA C 1070 -8.97 -29.36 45.56
C ALA C 1070 -9.01 -30.40 46.67
N GLN C 1071 -8.01 -30.35 47.55
CA GLN C 1071 -7.90 -31.26 48.70
C GLN C 1071 -7.86 -32.71 48.24
N GLU C 1072 -6.78 -33.05 47.55
CA GLU C 1072 -6.60 -34.39 47.02
C GLU C 1072 -6.42 -35.41 48.15
N LYS C 1073 -6.79 -36.65 47.86
CA LYS C 1073 -6.51 -37.79 48.73
C LYS C 1073 -5.92 -38.91 47.89
N ASN C 1074 -4.84 -39.50 48.37
CA ASN C 1074 -4.12 -40.53 47.62
C ASN C 1074 -4.68 -41.91 47.97
N PHE C 1075 -5.06 -42.67 46.94
CA PHE C 1075 -5.69 -43.97 47.09
C PHE C 1075 -4.97 -44.99 46.23
N THR C 1076 -5.38 -46.25 46.36
CA THR C 1076 -4.91 -47.34 45.52
C THR C 1076 -6.09 -47.88 44.72
N THR C 1077 -5.91 -48.01 43.42
CA THR C 1077 -6.99 -48.32 42.50
C THR C 1077 -6.70 -49.61 41.75
N ALA C 1078 -7.77 -50.26 41.28
CA ALA C 1078 -7.67 -51.48 40.50
C ALA C 1078 -8.52 -51.36 39.24
N PRO C 1079 -8.05 -51.90 38.11
CA PRO C 1079 -8.86 -51.86 36.88
C PRO C 1079 -10.20 -52.55 37.02
N ALA C 1080 -10.26 -53.66 37.75
CA ALA C 1080 -11.49 -54.42 37.92
C ALA C 1080 -11.37 -55.24 39.19
N ILE C 1081 -12.46 -55.95 39.53
CA ILE C 1081 -12.51 -56.79 40.71
C ILE C 1081 -13.07 -58.14 40.30
N CYS C 1082 -12.30 -59.21 40.53
CA CYS C 1082 -12.74 -60.56 40.23
C CYS C 1082 -13.47 -61.11 41.46
N HIS C 1083 -14.80 -61.16 41.39
CA HIS C 1083 -15.58 -61.62 42.53
C HIS C 1083 -15.50 -63.13 42.68
N ASP C 1084 -16.03 -63.87 41.71
CA ASP C 1084 -15.88 -65.33 41.67
C ASP C 1084 -15.88 -65.76 40.21
N GLY C 1085 -14.69 -65.88 39.64
CA GLY C 1085 -14.56 -66.25 38.24
C GLY C 1085 -15.16 -65.26 37.27
N LYS C 1086 -15.45 -64.04 37.72
CA LYS C 1086 -16.06 -63.02 36.87
C LYS C 1086 -15.47 -61.67 37.22
N ALA C 1087 -15.18 -60.88 36.20
CA ALA C 1087 -14.59 -59.56 36.38
C ALA C 1087 -15.68 -58.50 36.39
N HIS C 1088 -15.71 -57.69 37.45
CA HIS C 1088 -16.70 -56.63 37.61
C HIS C 1088 -16.00 -55.29 37.37
N PHE C 1089 -16.35 -54.62 36.29
CA PHE C 1089 -15.86 -53.29 35.98
C PHE C 1089 -16.82 -52.24 36.51
N PRO C 1090 -16.36 -51.04 36.86
CA PRO C 1090 -17.26 -50.02 37.38
C PRO C 1090 -18.17 -49.49 36.27
N ARG C 1091 -19.47 -49.39 36.58
CA ARG C 1091 -20.42 -48.83 35.64
C ARG C 1091 -20.06 -47.39 35.31
N GLU C 1092 -20.10 -46.52 36.32
CA GLU C 1092 -19.59 -45.15 36.20
C GLU C 1092 -18.82 -44.83 37.47
N GLY C 1093 -17.55 -44.45 37.31
CA GLY C 1093 -16.71 -44.19 38.46
C GLY C 1093 -15.38 -44.92 38.42
N VAL C 1094 -14.81 -45.20 39.59
CA VAL C 1094 -13.50 -45.83 39.69
C VAL C 1094 -13.43 -46.59 41.01
N PHE C 1095 -12.75 -47.74 40.99
CA PHE C 1095 -12.54 -48.49 42.21
C PHE C 1095 -11.45 -47.84 43.06
N VAL C 1096 -11.74 -47.67 44.34
CA VAL C 1096 -10.82 -47.00 45.25
C VAL C 1096 -10.91 -47.66 46.61
N SER C 1097 -9.75 -47.99 47.18
CA SER C 1097 -9.65 -48.59 48.51
C SER C 1097 -8.76 -47.72 49.39
N ASN C 1098 -9.16 -47.53 50.64
CA ASN C 1098 -8.35 -46.73 51.55
C ASN C 1098 -7.30 -47.55 52.28
N GLY C 1099 -7.14 -48.83 51.93
CA GLY C 1099 -6.11 -49.66 52.50
C GLY C 1099 -6.55 -51.06 52.87
N THR C 1100 -7.80 -51.21 53.31
CA THR C 1100 -8.31 -52.53 53.68
C THR C 1100 -9.64 -52.84 53.01
N HIS C 1101 -10.47 -51.82 52.77
CA HIS C 1101 -11.80 -52.00 52.22
C HIS C 1101 -11.89 -51.35 50.85
N TRP C 1102 -12.54 -52.04 49.92
CA TRP C 1102 -12.68 -51.55 48.54
C TRP C 1102 -14.03 -50.89 48.34
N PHE C 1103 -14.01 -49.75 47.65
CA PHE C 1103 -15.21 -48.98 47.36
C PHE C 1103 -15.21 -48.58 45.89
N VAL C 1104 -16.31 -47.97 45.45
CA VAL C 1104 -16.42 -47.39 44.12
C VAL C 1104 -16.94 -45.97 44.27
N THR C 1105 -16.15 -45.00 43.81
CA THR C 1105 -16.46 -43.60 43.95
C THR C 1105 -16.51 -42.93 42.58
N GLN C 1106 -17.02 -41.70 42.55
CA GLN C 1106 -16.99 -40.91 41.34
C GLN C 1106 -15.57 -40.42 41.06
N ARG C 1107 -15.35 -39.98 39.83
CA ARG C 1107 -14.00 -39.58 39.43
C ARG C 1107 -13.67 -38.14 39.80
N ASN C 1108 -14.68 -37.28 39.92
CA ASN C 1108 -14.48 -35.87 40.25
C ASN C 1108 -14.78 -35.56 41.71
N PHE C 1109 -15.10 -36.56 42.52
CA PHE C 1109 -15.39 -36.35 43.93
C PHE C 1109 -15.16 -37.65 44.67
N TYR C 1110 -15.07 -37.56 45.99
CA TYR C 1110 -14.84 -38.73 46.84
C TYR C 1110 -16.15 -39.06 47.55
N GLU C 1111 -16.90 -40.00 46.98
CA GLU C 1111 -18.14 -40.51 47.56
C GLU C 1111 -18.06 -42.02 47.58
N PRO C 1112 -17.32 -42.60 48.53
CA PRO C 1112 -17.18 -44.05 48.56
C PRO C 1112 -18.50 -44.74 48.81
N GLN C 1113 -18.69 -45.87 48.14
CA GLN C 1113 -19.90 -46.67 48.27
C GLN C 1113 -19.54 -48.14 48.24
N ILE C 1114 -20.43 -48.97 48.81
CA ILE C 1114 -20.21 -50.41 48.80
C ILE C 1114 -20.31 -50.91 47.36
N ILE C 1115 -19.38 -51.79 46.99
CA ILE C 1115 -19.31 -52.31 45.63
C ILE C 1115 -20.38 -53.40 45.49
N THR C 1116 -21.51 -53.04 44.89
CA THR C 1116 -22.61 -53.96 44.65
C THR C 1116 -22.69 -54.30 43.17
N THR C 1117 -23.71 -55.09 42.82
CA THR C 1117 -23.94 -55.43 41.42
C THR C 1117 -24.64 -54.32 40.65
N ASP C 1118 -25.10 -53.28 41.33
CA ASP C 1118 -25.68 -52.12 40.67
C ASP C 1118 -24.63 -51.10 40.26
N ASN C 1119 -23.54 -50.99 41.01
CA ASN C 1119 -22.45 -50.08 40.68
C ASN C 1119 -21.46 -50.68 39.69
N THR C 1120 -21.58 -51.97 39.37
CA THR C 1120 -20.64 -52.65 38.50
C THR C 1120 -21.39 -53.49 37.47
N PHE C 1121 -20.70 -53.80 36.38
CA PHE C 1121 -21.21 -54.68 35.33
C PHE C 1121 -20.14 -55.68 34.96
N VAL C 1122 -20.57 -56.91 34.70
CA VAL C 1122 -19.67 -58.04 34.49
C VAL C 1122 -19.28 -58.12 33.02
N SER C 1123 -18.03 -58.55 32.77
CA SER C 1123 -17.55 -58.76 31.41
C SER C 1123 -16.43 -59.80 31.45
N GLY C 1124 -16.76 -61.04 31.08
CA GLY C 1124 -15.75 -62.07 30.93
C GLY C 1124 -15.24 -62.64 32.25
N ASN C 1125 -14.08 -63.27 32.16
CA ASN C 1125 -13.42 -63.88 33.31
C ASN C 1125 -12.27 -63.00 33.80
N CYS C 1126 -11.80 -63.29 35.01
CA CYS C 1126 -10.75 -62.50 35.65
C CYS C 1126 -9.38 -63.13 35.41
N ASP C 1127 -9.03 -63.28 34.13
CA ASP C 1127 -7.68 -63.72 33.76
C ASP C 1127 -7.10 -62.99 32.56
N VAL C 1128 -7.81 -62.01 32.00
CA VAL C 1128 -7.28 -61.20 30.91
C VAL C 1128 -6.91 -59.79 31.36
N VAL C 1129 -7.58 -59.24 32.37
CA VAL C 1129 -7.29 -57.90 32.83
C VAL C 1129 -5.99 -57.91 33.62
N ILE C 1130 -5.09 -56.98 33.29
CA ILE C 1130 -3.82 -56.86 33.98
C ILE C 1130 -4.01 -56.03 35.23
N GLY C 1131 -3.70 -56.60 36.39
CA GLY C 1131 -3.80 -55.88 37.65
C GLY C 1131 -5.12 -56.04 38.39
N ILE C 1132 -5.94 -57.02 38.02
CA ILE C 1132 -7.21 -57.22 38.71
C ILE C 1132 -6.95 -57.68 40.14
N VAL C 1133 -7.89 -57.37 41.04
CA VAL C 1133 -7.76 -57.71 42.44
C VAL C 1133 -8.92 -58.59 42.87
N ASN C 1134 -8.88 -59.06 44.11
CA ASN C 1134 -9.91 -59.95 44.66
C ASN C 1134 -10.71 -59.20 45.72
N ASN C 1135 -12.03 -59.23 45.59
CA ASN C 1135 -12.92 -58.62 46.57
C ASN C 1135 -14.32 -59.20 46.38
N THR C 1136 -15.16 -58.98 47.38
CA THR C 1136 -16.53 -59.48 47.35
C THR C 1136 -17.46 -58.38 46.85
N VAL C 1137 -18.24 -58.71 45.82
CA VAL C 1137 -19.25 -57.81 45.28
C VAL C 1137 -20.59 -58.18 45.89
N TYR C 1138 -21.05 -57.36 46.83
CA TYR C 1138 -22.27 -57.66 47.57
C TYR C 1138 -23.50 -57.59 46.67
N ASP C 1139 -24.40 -58.56 46.84
CA ASP C 1139 -25.61 -58.63 46.03
C ASP C 1139 -26.78 -58.10 46.85
N PRO C 1140 -27.43 -57.01 46.43
CA PRO C 1140 -28.54 -56.46 47.24
C PRO C 1140 -29.71 -57.40 47.38
N LEU C 1141 -29.86 -58.39 46.49
CA LEU C 1141 -30.98 -59.32 46.59
C LEU C 1141 -30.78 -60.34 47.71
N GLN C 1142 -29.54 -60.64 48.06
CA GLN C 1142 -29.27 -61.66 49.06
C GLN C 1142 -29.89 -61.36 50.43
N PRO C 1143 -29.74 -60.16 51.01
CA PRO C 1143 -30.39 -59.89 52.30
C PRO C 1143 -31.91 -59.81 52.21
N GLU C 1144 -32.48 -59.72 51.01
CA GLU C 1144 -33.92 -59.62 50.84
C GLU C 1144 -34.45 -60.86 50.12
N LEU C 1145 -34.02 -62.04 50.54
CA LEU C 1145 -34.42 -63.30 49.92
C LEU C 1145 -35.93 -63.44 49.80
C1 NAG D . 45.43 27.70 -24.60
C2 NAG D . 44.17 27.46 -23.75
C3 NAG D . 44.17 28.35 -22.51
C4 NAG D . 45.46 28.28 -21.71
C5 NAG D . 46.68 28.44 -22.63
C6 NAG D . 48.00 28.02 -22.02
C7 NAG D . 42.46 28.85 -24.94
C8 NAG D . 41.10 28.77 -25.61
N2 NAG D . 42.92 27.69 -24.46
O3 NAG D . 43.06 28.00 -21.74
O4 NAG D . 45.28 29.24 -20.67
O5 NAG D . 46.56 27.61 -23.76
O6 NAG D . 48.81 29.15 -21.75
O7 NAG D . 43.05 29.92 -24.89
C1 NAG D . 46.04 30.47 -20.82
C2 NAG D . 45.09 31.67 -20.87
C3 NAG D . 45.93 32.97 -20.90
C4 NAG D . 46.90 33.00 -19.73
C5 NAG D . 47.76 31.72 -19.76
C6 NAG D . 48.76 31.62 -18.63
C7 NAG D . 42.92 31.92 -22.02
C8 NAG D . 42.32 32.31 -20.69
N2 NAG D . 44.24 31.64 -22.02
O3 NAG D . 45.05 34.06 -20.86
O4 NAG D . 47.69 34.15 -19.86
O5 NAG D . 46.90 30.60 -19.71
O6 NAG D . 48.06 31.64 -17.40
O7 NAG D . 42.23 31.87 -23.03
C1 NAG E . -14.02 -27.66 51.79
C2 NAG E . -14.11 -28.14 53.25
C3 NAG E . -14.96 -27.16 54.06
C4 NAG E . -14.49 -25.72 53.88
C5 NAG E . -14.36 -25.40 52.39
C6 NAG E . -13.82 -24.02 52.09
C7 NAG E . -13.99 -30.57 53.63
C8 NAG E . -14.81 -31.84 53.64
N2 NAG E . -14.68 -29.46 53.32
O3 NAG E . -14.94 -27.57 55.39
O4 NAG E . -15.43 -24.90 54.51
O5 NAG E . -13.50 -26.35 51.78
O6 NAG E . -13.43 -23.94 50.73
O7 NAG E . -12.79 -30.57 53.90
C1 NAG E . -14.80 -24.13 55.55
C2 NAG E . -15.54 -22.79 55.69
C3 NAG E . -14.92 -21.98 56.83
C4 NAG E . -14.86 -22.81 58.11
C5 NAG E . -14.15 -24.14 57.82
C6 NAG E . -14.05 -25.07 59.01
C7 NAG E . -16.59 -21.67 53.78
C8 NAG E . -16.32 -20.89 52.52
N2 NAG E . -15.50 -22.04 54.47
O3 NAG E . -15.67 -20.82 57.00
O4 NAG E . -14.17 -22.06 59.08
O5 NAG E . -14.84 -24.81 56.78
O6 NAG E . -15.34 -25.38 59.48
O7 NAG E . -17.74 -21.94 54.13
C1 NAG F . 11.75 58.30 -9.68
C2 NAG F . 11.95 58.36 -11.19
C3 NAG F . 10.57 58.64 -11.76
C4 NAG F . 9.49 57.68 -11.24
C5 NAG F . 9.71 57.22 -9.77
C6 NAG F . 9.02 55.91 -9.47
C7 NAG F . 13.91 59.21 -12.44
C8 NAG F . 14.01 57.83 -13.06
N2 NAG F . 12.90 59.38 -11.56
O3 NAG F . 10.68 58.58 -13.16
O4 NAG F . 8.30 58.43 -11.29
O5 NAG F . 11.08 57.09 -9.43
O6 NAG F . 7.64 56.04 -9.69
O7 NAG F . 14.69 60.10 -12.73
C1 NAG F . 7.48 58.05 -12.43
C2 NAG F . 6.05 58.47 -12.11
C3 NAG F . 5.14 58.15 -13.30
C4 NAG F . 5.70 58.78 -14.57
C5 NAG F . 7.15 58.35 -14.76
C6 NAG F . 7.82 58.95 -15.97
C7 NAG F . 5.43 58.49 -9.73
C8 NAG F . 4.91 57.65 -8.59
N2 NAG F . 5.57 57.85 -10.91
O3 NAG F . 3.85 58.62 -13.01
O4 NAG F . 4.89 58.36 -15.64
O5 NAG F . 7.90 58.70 -13.60
O6 NAG F . 9.20 58.67 -15.94
O7 NAG F . 5.71 59.67 -9.58
C1 NAG G . -47.61 -31.46 18.77
C2 NAG G . -49.03 -32.00 18.96
C3 NAG G . -49.60 -32.51 17.63
C4 NAG G . -49.43 -31.47 16.52
C5 NAG G . -47.97 -31.01 16.48
C6 NAG G . -47.67 -29.95 15.45
C7 NAG G . -49.48 -32.96 21.20
C8 NAG G . -49.38 -34.21 22.02
N2 NAG G . -49.03 -33.07 19.92
O3 NAG G . -50.94 -32.85 17.84
O4 NAG G . -49.82 -32.10 15.32
O5 NAG G . -47.61 -30.51 17.75
O6 NAG G . -46.39 -29.41 15.67
O7 NAG G . -49.95 -31.93 21.65
C1 NAG G . -50.84 -31.32 14.66
C2 NAG G . -50.80 -31.65 13.16
C3 NAG G . -51.89 -30.87 12.43
C4 NAG G . -53.25 -31.12 13.08
C5 NAG G . -53.14 -30.82 14.58
C6 NAG G . -54.43 -31.04 15.34
C7 NAG G . -48.69 -32.25 12.01
C8 NAG G . -47.38 -31.70 11.50
N2 NAG G . -49.51 -31.34 12.60
O3 NAG G . -51.87 -31.26 11.08
O4 NAG G . -54.18 -30.29 12.44
O5 NAG G . -52.14 -31.62 15.15
O6 NAG G . -54.25 -30.75 16.70
O7 NAG G . -48.98 -33.43 11.90
C1 NAG H . -41.32 -35.75 -1.75
C2 NAG H . -42.28 -36.82 -2.27
C3 NAG H . -42.60 -36.55 -3.74
C4 NAG H . -43.05 -35.11 -3.96
C5 NAG H . -41.99 -34.18 -3.37
C6 NAG H . -42.31 -32.70 -3.52
C7 NAG H . -42.32 -39.18 -1.55
C8 NAG H . -41.50 -40.44 -1.51
N2 NAG H . -41.69 -38.13 -2.13
O3 NAG H . -43.58 -37.47 -4.13
O4 NAG H . -43.21 -34.92 -5.35
O5 NAG H . -41.85 -34.46 -2.00
O6 NAG H . -41.36 -31.94 -2.80
O7 NAG H . -43.44 -39.13 -1.09
C1 NAG H . -44.59 -34.62 -5.62
C2 NAG H . -44.65 -33.64 -6.82
C3 NAG H . -46.10 -33.39 -7.21
C4 NAG H . -46.84 -34.71 -7.42
C5 NAG H . -46.67 -35.58 -6.18
C6 NAG H . -47.37 -36.92 -6.26
C7 NAG H . -42.93 -31.90 -7.13
C8 NAG H . -42.42 -30.58 -6.61
N2 NAG H . -43.99 -32.40 -6.49
O3 NAG H . -46.10 -32.60 -8.37
O4 NAG H . -48.20 -34.39 -7.66
O5 NAG H . -45.30 -35.80 -5.95
O6 NAG H . -47.14 -37.65 -5.08
O7 NAG H . -42.38 -32.47 -8.07
C1 NAG I . -52.13 -36.84 38.52
C2 NAG I . -53.64 -36.69 38.75
C3 NAG I . -54.14 -37.91 39.52
C4 NAG I . -53.76 -39.20 38.81
C5 NAG I . -52.26 -39.20 38.45
C6 NAG I . -51.84 -40.37 37.60
C7 NAG I . -54.60 -34.44 38.93
C8 NAG I . -54.80 -33.26 39.85
N2 NAG I . -53.93 -35.47 39.46
O3 NAG I . -55.53 -37.78 39.65
O4 NAG I . -54.05 -40.26 39.70
O5 NAG I . -51.93 -38.00 37.76
O6 NAG I . -52.62 -40.40 36.43
O7 NAG I . -55.05 -34.43 37.79
C1 NAG I . -55.08 -41.11 39.13
C2 NAG I . -54.94 -42.50 39.75
C3 NAG I . -56.05 -43.40 39.22
C4 NAG I . -57.41 -42.76 39.43
C5 NAG I . -57.41 -41.36 38.82
C6 NAG I . -58.70 -40.59 39.01
C7 NAG I . -52.77 -43.45 40.44
C8 NAG I . -51.47 -44.01 39.91
N2 NAG I . -53.65 -43.06 39.49
O3 NAG I . -55.94 -44.64 39.88
O4 NAG I . -58.36 -43.60 38.81
O5 NAG I . -56.36 -40.59 39.41
O6 NAG I . -59.71 -41.17 38.22
O7 NAG I . -52.99 -43.34 41.64
C1 NAG J . -25.85 -9.60 48.55
C2 NAG J . -26.71 -9.49 49.81
C3 NAG J . -26.83 -8.03 50.24
C4 NAG J . -25.46 -7.36 50.31
C5 NAG J . -24.70 -7.60 49.01
C6 NAG J . -23.31 -7.02 48.98
C7 NAG J . -28.74 -10.74 50.46
C8 NAG J . -30.09 -11.21 49.98
N2 NAG J . -28.02 -10.03 49.57
O3 NAG J . -27.50 -8.00 51.47
O4 NAG J . -25.68 -5.99 50.53
O5 NAG J . -24.62 -8.99 48.79
O6 NAG J . -22.53 -7.64 49.97
O7 NAG J . -28.32 -11.01 51.58
C1 NAG J . -25.25 -5.64 51.86
C2 NAG J . -24.72 -4.20 51.85
C3 NAG J . -24.34 -3.78 53.27
C4 NAG J . -25.49 -4.02 54.23
C5 NAG J . -25.95 -5.48 54.11
C6 NAG J . -27.13 -5.82 55.01
C7 NAG J . -23.64 -3.36 49.81
C8 NAG J . -22.35 -3.36 49.02
N2 NAG J . -23.61 -4.07 50.95
O3 NAG J . -23.96 -2.43 53.23
O4 NAG J . -25.03 -3.72 55.53
O5 NAG J . -26.32 -5.74 52.77
O6 NAG J . -28.20 -4.97 54.71
O7 NAG J . -24.63 -2.75 49.41
C1 NAG K . -11.55 -46.83 55.49
C2 NAG K . -13.07 -46.79 55.32
C3 NAG K . -13.74 -47.23 56.63
C4 NAG K . -13.06 -48.39 57.37
C5 NAG K . -11.54 -48.41 57.18
C6 NAG K . -10.87 -49.71 57.61
C7 NAG K . -13.55 -44.85 53.83
C8 NAG K . -14.12 -43.46 53.85
N2 NAG K . -13.54 -45.46 55.03
O3 NAG K . -15.08 -47.51 56.35
O4 NAG K . -13.36 -48.16 58.72
O5 NAG K . -11.20 -48.15 55.83
O6 NAG K . -9.48 -49.60 57.45
O7 NAG K . -13.14 -45.37 52.81
C1 NAG K . -14.10 -49.25 59.31
C2 NAG K . -14.20 -48.95 60.82
C3 NAG K . -15.08 -49.98 61.52
C4 NAG K . -16.41 -50.11 60.80
C5 NAG K . -16.15 -50.41 59.33
C6 NAG K . -17.40 -50.61 58.51
C7 NAG K . -12.26 -47.81 61.84
C8 NAG K . -10.90 -48.02 62.43
N2 NAG K . -12.88 -48.92 61.42
O3 NAG K . -15.23 -49.58 62.85
O4 NAG K . -17.14 -51.13 61.43
O5 NAG K . -15.39 -49.36 58.77
O6 NAG K . -18.30 -49.56 58.77
O7 NAG K . -12.75 -46.68 61.74
C1 NAG L . -7.77 -64.30 43.74
C2 NAG L . -6.27 -64.22 43.44
C3 NAG L . -5.90 -65.29 42.43
C4 NAG L . -6.34 -66.66 42.93
C5 NAG L . -7.83 -66.62 43.29
C6 NAG L . -8.36 -67.91 43.88
C7 NAG L . -4.98 -62.13 43.54
C8 NAG L . -4.74 -60.80 42.86
N2 NAG L . -5.90 -62.92 42.96
O3 NAG L . -4.51 -65.22 42.23
O4 NAG L . -6.09 -67.59 41.90
O5 NAG L . -8.07 -65.59 44.22
O6 NAG L . -9.67 -67.72 44.36
O7 NAG L . -4.34 -62.45 44.54
C1 NAG L . -5.00 -68.45 42.30
C2 NAG L . -5.14 -69.78 41.55
C3 NAG L . -3.96 -70.70 41.89
C4 NAG L . -2.64 -69.97 41.66
C5 NAG L . -2.65 -68.65 42.41
C6 NAG L . -1.39 -67.81 42.23
C7 NAG L . -7.40 -70.60 40.99
C8 NAG L . -8.61 -71.30 41.54
N2 NAG L . -6.40 -70.42 41.86
O3 NAG L . -4.07 -71.86 41.11
O4 NAG L . -1.61 -70.83 42.11
O5 NAG L . -3.75 -67.88 41.99
O6 NAG L . -1.25 -67.48 40.86
O7 NAG L . -7.34 -70.24 39.82
C1 NAG M . -42.21 -36.00 56.54
C2 NAG M . -42.19 -34.61 57.18
C3 NAG M . -41.38 -34.66 58.47
C4 NAG M . -41.89 -35.77 59.38
C5 NAG M . -41.97 -37.10 58.61
C6 NAG M . -42.55 -38.25 59.40
C7 NAG M . -42.34 -32.64 55.69
C8 NAG M . -41.54 -31.75 54.78
N2 NAG M . -41.64 -33.64 56.28
O3 NAG M . -41.46 -33.40 59.08
O4 NAG M . -40.96 -35.88 60.44
O5 NAG M . -42.77 -36.91 57.45
O6 NAG M . -42.69 -39.37 58.56
O7 NAG M . -43.53 -32.47 55.88
C1 NAG M . -41.62 -35.53 61.68
C2 NAG M . -40.74 -36.04 62.82
C3 NAG M . -41.29 -35.58 64.17
C4 NAG M . -41.56 -34.07 64.15
C5 NAG M . -42.45 -33.73 62.96
C6 NAG M . -42.79 -32.27 62.84
C7 NAG M . -39.60 -38.16 62.26
C8 NAG M . -39.72 -39.65 62.32
N2 NAG M . -40.64 -37.47 62.78
O3 NAG M . -40.36 -35.94 65.16
O4 NAG M . -42.17 -33.74 65.38
O5 NAG M . -41.79 -34.13 61.78
O6 NAG M . -41.62 -31.50 62.72
O7 NAG M . -38.62 -37.61 61.76
C1 NAG N . -15.98 9.34 -49.80
C2 NAG N . -17.13 9.70 -48.84
C3 NAG N . -18.21 8.67 -49.16
C4 NAG N . -18.37 8.34 -50.65
C5 NAG N . -17.36 8.99 -51.63
C6 NAG N . -18.01 9.71 -52.79
C7 NAG N . -17.37 10.61 -46.60
C8 NAG N . -16.96 10.49 -45.15
N2 NAG N . -16.83 9.71 -47.44
O3 NAG N . -19.42 9.09 -48.58
O4 NAG N . -18.23 6.93 -50.69
O5 NAG N . -16.43 9.86 -51.02
O6 NAG N . -18.80 10.76 -52.31
O7 NAG N . -18.14 11.50 -46.96
C1 NAG N . -18.92 6.29 -51.78
C2 NAG N . -17.92 5.45 -52.56
C3 NAG N . -18.59 4.45 -53.50
C4 NAG N . -19.69 3.69 -52.78
C5 NAG N . -20.67 4.71 -52.19
C6 NAG N . -21.85 4.08 -51.50
C7 NAG N . -15.69 6.38 -53.14
C8 NAG N . -14.98 7.32 -54.08
N2 NAG N . -17.02 6.28 -53.33
O3 NAG N . -17.60 3.60 -54.00
O4 NAG N . -20.31 2.85 -53.73
O5 NAG N . -19.96 5.51 -51.26
O6 NAG N . -21.39 3.16 -50.53
O7 NAG N . -15.08 5.78 -52.26
C1 NAG O . -7.87 -56.45 15.16
C2 NAG O . -7.88 -57.97 15.31
C3 NAG O . -6.51 -58.48 15.76
C4 NAG O . -5.40 -57.91 14.89
C5 NAG O . -5.53 -56.39 14.84
C6 NAG O . -4.50 -55.68 14.00
C7 NAG O . -9.83 -59.29 16.05
C8 NAG O . -10.77 -59.53 17.21
N2 NAG O . -8.88 -58.37 16.27
O3 NAG O . -6.54 -59.88 15.73
O4 NAG O . -4.18 -58.33 15.46
O5 NAG O . -6.81 -56.07 14.33
O6 NAG O . -4.48 -56.23 12.71
O7 NAG O . -9.94 -59.90 14.99
C1 NAG O . -3.41 -59.03 14.45
C2 NAG O . -1.93 -58.99 14.84
C3 NAG O . -1.12 -59.66 13.71
C4 NAG O . -1.67 -61.05 13.37
C5 NAG O . -3.20 -61.04 13.25
C6 NAG O . -3.82 -62.40 13.14
C7 NAG O . -1.22 -57.08 16.23
C8 NAG O . -0.76 -55.64 16.19
N2 NAG O . -1.49 -57.63 15.03
O3 NAG O . 0.21 -59.70 14.13
O4 NAG O . -1.07 -61.39 12.15
O5 NAG O . -3.78 -60.39 14.38
O6 NAG O . -3.45 -63.18 14.25
O7 NAG O . -1.33 -57.70 17.28
C1 BMA O . -0.36 -62.65 12.23
C2 BMA O . 1.04 -62.44 11.68
C3 BMA O . 1.82 -63.78 11.69
C4 BMA O . 1.30 -64.83 12.70
C5 BMA O . 0.52 -64.24 13.89
C6 BMA O . 1.40 -63.92 15.10
O2 BMA O . 1.67 -61.44 12.44
O3 BMA O . 3.17 -63.45 11.88
O4 BMA O . 0.49 -65.71 11.95
O5 BMA O . -0.29 -63.12 13.57
O6 BMA O . 2.34 -62.95 14.74
C1 NAG P . 10.27 -48.09 23.67
C2 NAG P . 10.83 -49.19 24.59
C3 NAG P . 12.35 -49.15 24.50
C4 NAG P . 12.86 -49.13 23.05
C5 NAG P . 12.05 -48.17 22.19
C6 NAG P . 12.36 -48.25 20.72
C7 NAG P . 10.20 -50.02 26.81
C8 NAG P . 9.74 -49.60 28.18
N2 NAG P . 10.39 -49.01 25.94
O3 NAG P . 12.86 -50.24 25.22
O4 NAG P . 14.20 -48.71 23.11
O5 NAG P . 10.67 -48.41 22.37
O6 NAG P . 12.26 -49.59 20.29
O7 NAG P . 10.39 -51.20 26.53
C1 NAG P . 15.09 -49.82 22.89
C2 NAG P . 16.26 -49.35 22.01
C3 NAG P . 17.28 -50.47 21.86
C4 NAG P . 17.71 -50.99 23.22
C5 NAG P . 16.46 -51.40 24.01
C6 NAG P . 16.77 -51.91 25.40
C7 NAG P . 15.95 -47.65 20.25
C8 NAG P . 15.39 -47.41 18.87
N2 NAG P . 15.80 -48.91 20.73
O3 NAG P . 18.37 -49.95 21.14
O4 NAG P . 18.57 -52.08 23.01
O5 NAG P . 15.59 -50.30 24.12
O6 NAG P . 17.47 -50.93 26.12
C1 NAG Q . -23.21 -56.19 4.60
C2 NAG Q . -24.43 -56.36 3.67
C3 NAG Q . -24.03 -56.67 2.23
C4 NAG Q . -22.90 -55.76 1.74
C5 NAG Q . -21.75 -55.84 2.75
C6 NAG Q . -20.52 -55.05 2.37
C7 NAG Q . -26.47 -57.26 4.79
C8 NAG Q . -26.94 -55.83 4.96
N2 NAG Q . -25.28 -57.41 4.17
O3 NAG Q . -25.17 -56.55 1.44
O4 NAG Q . -22.52 -56.22 0.47
O5 NAG Q . -22.22 -55.38 3.99
O6 NAG Q . -19.60 -55.06 3.45
O7 NAG Q . -27.13 -58.19 5.18
C1 NAG Q . -22.68 -55.16 -0.50
C2 NAG Q . -21.61 -55.33 -1.60
C3 NAG Q . -21.80 -54.28 -2.67
C4 NAG Q . -23.23 -54.26 -3.19
C5 NAG Q . -24.18 -54.12 -1.99
C6 NAG Q . -25.65 -54.08 -2.35
C7 NAG Q . -19.45 -56.31 -0.90
C8 NAG Q . -18.12 -55.98 -0.29
N2 NAG Q . -20.29 -55.27 -1.04
O3 NAG Q . -20.89 -54.55 -3.71
O4 NAG Q . -23.35 -53.18 -4.08
O5 NAG Q . -23.95 -55.19 -1.09
O6 NAG Q . -25.94 -52.87 -3.00
O7 NAG Q . -19.73 -57.45 -1.24
C1 NAG R . -26.27 -66.78 16.71
C2 NAG R . -26.48 -68.24 16.25
C3 NAG R . -26.92 -69.05 17.46
C4 NAG R . -25.96 -68.90 18.63
C5 NAG R . -25.63 -67.41 18.87
C6 NAG R . -24.54 -67.19 19.90
C7 NAG R . -27.25 -68.89 14.01
C8 NAG R . -28.42 -68.86 13.07
N2 NAG R . -27.47 -68.31 15.21
O3 NAG R . -27.03 -70.39 17.05
O4 NAG R . -26.61 -69.46 19.76
O5 NAG R . -25.23 -66.79 17.67
O6 NAG R . -23.39 -67.90 19.52
O7 NAG R . -26.19 -69.41 13.70
C1 NAG R . -25.86 -70.59 20.24
C2 NAG R . -26.24 -70.82 21.70
C3 NAG R . -25.45 -72.02 22.24
C4 NAG R . -25.69 -73.24 21.36
C5 NAG R . -25.38 -72.89 19.90
C6 NAG R . -25.65 -74.02 18.93
C7 NAG R . -26.93 -69.00 23.21
C8 NAG R . -28.32 -69.57 23.13
N2 NAG R . -25.99 -69.66 22.50
O3 NAG R . -25.86 -72.24 23.56
O4 NAG R . -24.86 -74.27 21.83
O5 NAG R . -26.16 -71.76 19.50
O6 NAG R . -26.97 -74.48 19.11
O7 NAG R . -26.68 -68.00 23.87
C1 NAG S . 46.47 -10.59 -57.20
C2 NAG S . 45.12 -9.98 -56.76
C3 NAG S . 45.21 -8.46 -56.73
C4 NAG S . 46.43 -7.99 -55.94
C5 NAG S . 47.67 -8.66 -56.53
C6 NAG S . 48.96 -8.25 -55.85
C7 NAG S . 42.79 -10.60 -57.29
C8 NAG S . 41.87 -11.03 -58.41
N2 NAG S . 44.07 -10.38 -57.65
O3 NAG S . 44.01 -7.96 -56.18
O4 NAG S . 46.49 -6.59 -56.04
O5 NAG S . 47.52 -10.06 -56.43
O6 NAG S . 48.83 -8.36 -54.45
O7 NAG S . 42.39 -10.46 -56.14
C1 NAG T . 30.02 0.82 -41.97
C2 NAG T . 28.88 1.78 -41.60
C3 NAG T . 27.58 1.40 -42.30
C4 NAG T . 27.81 1.18 -43.79
C5 NAG T . 28.93 0.16 -43.97
C6 NAG T . 29.23 -0.18 -45.41
C7 NAG T . 29.04 2.82 -39.37
C8 NAG T . 28.72 2.61 -37.91
N2 NAG T . 28.69 1.81 -40.18
O3 NAG T . 26.64 2.41 -42.05
O4 NAG T . 26.59 0.72 -44.34
O5 NAG T . 30.11 0.68 -43.37
O6 NAG T . 29.49 1.00 -46.14
O7 NAG T . 29.59 3.84 -39.76
C1 NAG U . -38.25 -52.23 5.64
C2 NAG U . -39.41 -52.39 6.62
C3 NAG U . -40.40 -53.42 6.11
C4 NAG U . -40.81 -53.10 4.67
C5 NAG U . -39.56 -52.94 3.81
C6 NAG U . -39.84 -52.62 2.36
C7 NAG U . -38.94 -52.02 9.02
C8 NAG U . -39.56 -50.65 8.86
N2 NAG U . -38.91 -52.78 7.92
O3 NAG U . -41.50 -53.43 6.98
O4 NAG U . -41.62 -54.17 4.23
O5 NAG U . -38.76 -51.91 4.36
O6 NAG U . -40.34 -53.77 1.71
O7 NAG U . -38.51 -52.38 10.10
C1 NAG V . -46.01 -60.73 18.11
C2 NAG V . -46.60 -61.02 16.73
C3 NAG V . -48.02 -60.46 16.64
C4 NAG V . -48.86 -60.98 17.78
C5 NAG V . -48.16 -60.68 19.11
C6 NAG V . -48.90 -61.19 20.32
C7 NAG V . -44.97 -61.20 14.90
C8 NAG V . -44.18 -60.41 13.88
N2 NAG V . -45.77 -60.46 15.69
O3 NAG V . -48.54 -60.83 15.38
O4 NAG V . -50.12 -60.35 17.71
O5 NAG V . -46.87 -61.25 19.09
O6 NAG V . -49.09 -62.58 20.21
O7 NAG V . -44.86 -62.41 14.99
C1 NAG W . 21.82 -26.69 -38.21
C2 NAG W . 20.36 -26.78 -37.76
C3 NAG W . 19.68 -28.02 -38.33
C4 NAG W . 19.92 -28.14 -39.83
C5 NAG W . 21.43 -28.09 -40.08
C6 NAG W . 21.82 -28.24 -41.53
C7 NAG W . 19.82 -25.77 -35.57
C8 NAG W . 19.82 -26.02 -34.09
N2 NAG W . 20.27 -26.79 -36.33
O3 NAG W . 18.31 -27.94 -38.02
O4 NAG W . 19.35 -29.34 -40.26
O5 NAG W . 21.92 -26.85 -39.60
O6 NAG W . 23.21 -28.08 -41.67
O7 NAG W . 19.42 -24.71 -36.04
C1 NAG X . 39.11 -22.75 -5.06
C2 NAG X . 38.48 -24.15 -4.89
C3 NAG X . 39.41 -25.06 -4.11
C4 NAG X . 40.82 -25.05 -4.67
C5 NAG X . 41.30 -23.60 -4.72
C6 NAG X . 42.71 -23.43 -5.24
C7 NAG X . 36.02 -24.27 -4.86
C8 NAG X . 34.81 -24.14 -3.97
N2 NAG X . 37.20 -24.08 -4.25
O3 NAG X . 38.85 -26.35 -4.13
O4 NAG X . 41.62 -25.85 -3.83
O5 NAG X . 40.43 -22.86 -5.53
O6 NAG X . 42.78 -23.87 -6.57
O7 NAG X . 35.90 -24.53 -6.05
C1 NAG Y . -4.72 52.44 15.53
C2 NAG Y . -4.26 52.51 16.99
C3 NAG Y . -5.46 52.32 17.92
C4 NAG Y . -6.56 53.31 17.56
C5 NAG Y . -6.88 53.21 16.07
C6 NAG Y . -7.94 54.19 15.61
C7 NAG Y . -1.97 51.83 17.57
C8 NAG Y . -1.07 50.63 17.81
N2 NAG Y . -3.24 51.53 17.26
O3 NAG Y . -5.01 52.47 19.25
O4 NAG Y . -7.68 53.00 18.36
O5 NAG Y . -5.70 53.42 15.32
O6 NAG Y . -7.63 55.47 16.08
O7 NAG Y . -1.53 52.96 17.65
C1 NAG Z . -28.45 23.44 20.28
C2 NAG Z . -27.74 24.25 21.37
C3 NAG Z . -28.57 24.21 22.66
C4 NAG Z . -30.00 24.64 22.38
C5 NAG Z . -30.58 23.83 21.22
C6 NAG Z . -31.98 24.22 20.83
C7 NAG Z . -25.30 24.28 21.06
C8 NAG Z . -24.01 23.58 21.42
N2 NAG Z . -26.41 23.75 21.59
O3 NAG Z . -27.94 25.03 23.61
O4 NAG Z . -30.73 24.42 23.56
O5 NAG Z . -29.73 23.98 20.09
O6 NAG Z . -32.39 23.49 19.70
O7 NAG Z . -25.31 25.26 20.31
C1 NAG AA . -39.74 -21.12 48.09
C2 NAG AA . -39.32 -21.68 49.44
C3 NAG AA . -40.24 -21.15 50.54
C4 NAG AA . -40.34 -19.64 50.49
C5 NAG AA . -40.71 -19.20 49.06
C6 NAG AA . -40.80 -17.70 48.89
C7 NAG AA . -38.27 -23.90 49.28
C8 NAG AA . -38.56 -25.38 49.24
N2 NAG AA . -39.36 -23.12 49.39
O3 NAG AA . -39.74 -21.60 51.78
O4 NAG AA . -41.32 -19.25 51.42
O5 NAG AA . -39.74 -19.71 48.16
O6 NAG AA . -42.00 -17.23 49.47
O7 NAG AA . -37.13 -23.47 49.19
C1 NAG BA . -47.14 -21.64 35.39
C2 NAG BA . -47.53 -21.38 36.85
C3 NAG BA . -48.48 -20.21 37.00
C4 NAG BA . -47.97 -19.00 36.22
C5 NAG BA . -47.74 -19.41 34.78
C6 NAG BA . -47.28 -18.29 33.88
C7 NAG BA . -47.65 -23.24 38.48
C8 NAG BA . -48.46 -24.45 38.88
N2 NAG BA . -48.13 -22.57 37.42
O3 NAG BA . -48.62 -19.93 38.37
O4 NAG BA . -48.96 -17.99 36.33
O5 NAG BA . -46.76 -20.43 34.76
O6 NAG BA . -46.98 -18.78 32.60
O7 NAG BA . -46.64 -22.92 39.08
C1 NAG CA . -33.70 -0.67 -29.36
C2 NAG CA . -34.94 -0.53 -30.27
C3 NAG CA . -35.72 -1.84 -30.23
C4 NAG CA . -34.81 -3.02 -30.58
C5 NAG CA . -33.56 -2.99 -29.70
C6 NAG CA . -32.55 -4.07 -30.01
C7 NAG CA . -36.10 1.61 -30.67
C8 NAG CA . -35.53 1.57 -32.07
N2 NAG CA . -35.77 0.58 -29.88
O3 NAG CA . -36.79 -1.73 -31.12
O4 NAG CA . -35.56 -4.20 -30.37
O5 NAG CA . -32.92 -1.73 -29.84
O6 NAG CA . -31.37 -3.86 -29.28
O7 NAG CA . -36.81 2.54 -30.31
C1 NAG DA . -39.83 31.60 -10.80
C2 NAG DA . -39.32 31.93 -9.39
C3 NAG DA . -40.47 31.72 -8.40
C4 NAG DA . -41.69 32.54 -8.82
C5 NAG DA . -42.04 32.24 -10.28
C6 NAG DA . -43.20 33.07 -10.82
C7 NAG DA . -36.95 31.60 -8.87
C8 NAG DA . -35.91 30.56 -8.52
N2 NAG DA . -38.19 31.12 -9.04
O3 NAG DA . -40.01 32.07 -7.12
O4 NAG DA . -42.74 32.20 -7.95
O5 NAG DA . -40.90 32.46 -11.10
O6 NAG DA . -42.91 34.43 -10.68
O7 NAG DA . -36.65 32.78 -8.99
C1 NAG EA . 33.94 36.69 12.24
C2 NAG EA . 33.69 37.78 11.19
C3 NAG EA . 35.03 38.27 10.66
C4 NAG EA . 35.98 38.64 11.80
C5 NAG EA . 36.05 37.47 12.80
C6 NAG EA . 36.99 37.69 13.97
C7 NAG EA . 31.57 37.63 9.94
C8 NAG EA . 30.90 37.00 8.76
N2 NAG EA . 32.86 37.29 10.13
O3 NAG EA . 34.78 39.38 9.82
O4 NAG EA . 37.24 38.91 11.24
O5 NAG EA . 34.74 37.20 13.28
O6 NAG EA . 37.14 39.06 14.21
O7 NAG EA . 30.98 38.41 10.67
C1 NAG FA . -3.29 30.25 35.37
C2 NAG FA . -2.84 29.96 36.81
C3 NAG FA . -4.07 29.97 37.73
C4 NAG FA . -4.86 31.27 37.54
C5 NAG FA . -5.18 31.46 36.06
C6 NAG FA . -5.93 32.75 35.76
C7 NAG FA . -0.85 28.58 37.21
C8 NAG FA . -0.34 27.16 37.26
N2 NAG FA . -2.16 28.71 36.91
O3 NAG FA . -3.62 29.82 39.05
O4 NAG FA . -6.03 31.14 38.32
O5 NAG FA . -3.97 31.47 35.33
O6 NAG FA . -7.27 32.65 36.22
O7 NAG FA . -0.11 29.53 37.44
C1 NAG GA . 52.88 5.36 -7.73
C2 NAG GA . 53.40 3.93 -7.95
C3 NAG GA . 53.28 3.10 -6.67
C4 NAG GA . 53.89 3.84 -5.49
C5 NAG GA . 53.23 5.23 -5.38
C6 NAG GA . 53.73 6.06 -4.23
C7 NAG GA . 53.28 2.57 -10.00
C8 NAG GA . 52.32 1.99 -11.02
N2 NAG GA . 52.70 3.29 -9.02
O3 NAG GA . 53.90 1.87 -6.90
O4 NAG GA . 53.65 3.07 -4.34
O5 NAG GA . 53.47 5.93 -6.59
O6 NAG GA . 55.12 6.20 -4.31
O7 NAG GA . 54.48 2.40 -10.09
C1 NAG HA . 32.53 -11.15 21.09
C2 NAG HA . 32.54 -11.49 22.60
C3 NAG HA . 32.78 -12.98 22.78
C4 NAG HA . 31.79 -13.80 21.96
C5 NAG HA . 31.88 -13.34 20.50
C6 NAG HA . 30.94 -14.08 19.57
C7 NAG HA . 33.39 -10.12 24.48
C8 NAG HA . 32.01 -10.20 25.08
N2 NAG HA . 33.56 -10.75 23.30
O3 NAG HA . 32.68 -13.27 24.15
O4 NAG HA . 32.14 -15.15 22.11
O5 NAG HA . 31.59 -11.97 20.44
O6 NAG HA . 29.62 -13.94 20.03
O7 NAG HA . 34.28 -9.51 25.05
C1 NAG IA . 26.47 -16.89 39.18
C2 NAG IA . 27.27 -15.89 40.02
C3 NAG IA . 28.68 -15.76 39.46
C4 NAG IA . 29.34 -17.12 39.33
C5 NAG IA . 28.42 -18.04 38.51
C6 NAG IA . 28.96 -19.45 38.32
C7 NAG IA . 26.03 -14.09 41.16
C8 NAG IA . 25.41 -12.74 40.97
N2 NAG IA . 26.61 -14.61 40.07
O3 NAG IA . 29.41 -14.91 40.31
O4 NAG IA . 30.58 -16.94 38.70
O5 NAG IA . 27.16 -18.12 39.13
O6 NAG IA . 29.14 -20.06 39.58
O7 NAG IA . 26.01 -14.66 42.25
C1 NAG JA . 1.84 -52.00 38.69
C2 NAG JA . 1.18 -53.25 38.07
C3 NAG JA . 1.75 -54.52 38.70
C4 NAG JA . 3.28 -54.49 38.67
C5 NAG JA . 3.78 -53.17 39.27
C6 NAG JA . 5.29 -53.04 39.30
C7 NAG JA . -0.96 -53.08 39.35
C8 NAG JA . -2.46 -53.00 39.14
N2 NAG JA . -0.25 -53.17 38.20
O3 NAG JA . 1.23 -55.62 38.02
O4 NAG JA . 3.74 -55.61 39.40
O5 NAG JA . 3.23 -52.10 38.54
O6 NAG JA . 5.81 -53.22 38.00
O7 NAG JA . -0.48 -53.07 40.46
C1 NAG KA . -0.35 -38.85 47.50
C2 NAG KA . 1.13 -38.48 47.34
C3 NAG KA . 1.50 -37.39 48.35
C4 NAG KA . 0.54 -36.21 48.24
C5 NAG KA . -0.90 -36.73 48.39
C6 NAG KA . -1.96 -35.65 48.31
C7 NAG KA . 2.73 -40.16 46.53
C8 NAG KA . 3.53 -41.38 46.93
N2 NAG KA . 1.96 -39.63 47.51
O3 NAG KA . 2.83 -37.00 48.09
O4 NAG KA . 0.88 -35.31 49.27
O5 NAG KA . -1.14 -37.69 47.39
O6 NAG KA . -1.93 -34.86 49.47
O7 NAG KA . 2.79 -39.70 45.40
#